data_5NIL
#
_entry.id   5NIL
#
_cell.length_a   1.000
_cell.length_b   1.000
_cell.length_c   1.000
_cell.angle_alpha   90.00
_cell.angle_beta   90.00
_cell.angle_gamma   90.00
#
_symmetry.space_group_name_H-M   'P 1'
#
loop_
_entity.id
_entity.type
_entity.pdbx_description
1 polymer 'Outer membrane protein TolC'
2 polymer 'Macrolide export protein MacA'
3 polymer 'Macrolide export ATP-binding/permease protein MacB'
#
loop_
_entity_poly.entity_id
_entity_poly.type
_entity_poly.pdbx_seq_one_letter_code
_entity_poly.pdbx_strand_id
1 'polypeptide(L)'
;ENLMQVYQQARLSNPELRKSAADRDAAFEKINEARSPLLPQLGLGADYTYSNGYRDANGINSNATSASLQLTQSIFDMSK
WRALTLQEKAAGIQDVTYQTDQQTLILNTATAYFNVLNAIDVLSYTQAQKEAIYRQLDQTTQRFNVGLVAITDVQNARAQ
YDTVLANELTARNNLDNAVEQLRQITGNYYPELAALNVENFKTDKPQPVNALLKEAEKRNLSLLQARLSQDLAREQIRQA
QDGHLPTLDLTASTGISDTSYSGSKTRGAAGTQYDDSNMGQNKVGLSFSLPIYQGGMVNSQVKQAQYNFVGASEQLESAH
RSVVQTVRSSFNNINASISSINAYKQAVVSAQSSLDAMEAGYSVGTRTIVDVLDATTTLYNAKQELANARYNYLINQLNI
KSALGTLNEQDLLALNNALSKPVSTNPENVAPQTPEQNAIADGYAPDSPAPVVQQTSARTTTSNGHNPFRNDYKDDDDK
;
A,B,C
2 'polypeptide(L)'
;MKKRKTVKKRYVIALVIVIAGLITLWRILNAPVPTYQTLIVRPGDLQQSVLATGKLDALRKVDVGAQVSGQLKTLSVAIG
DKVKKDQLLGVIDPEQAENQIKEVEATLMELRAQRQQAEAELKLARVTYSRQQRLAQTQAVSQQDLDNAATEMAVKQAQI
GTIDAQIKRNQASLDTAKTNLDYTRIVAPMAGEVTQITTLQGQTVIAAQQAPNILTLADMSAMLVKAQVSEADVIHLKPG
QKAWFTVLGDQLTRYEGQIKDVLPTPEKVNDAIFYYARFEVPNPNGLLRLDMTAQVHIQLTDVKNVLTIPLSALGDPVGD
NRYKVKLLRNGETREREVTIGARNDTDVEIVKGLEAGDEVVIGEAKPGAAQ
;
D,E,F,G,H,I
3 'polypeptide(L)'
;MTPLLELKDIRRSYPAGDEQVEVLKGISLDIYAGEMVAIVGASGSGKSTLMNILGCLDKATSGTYRVAGQDVATLDADAL
AQLRREHFGFIFQRYHLLSHLTAEQNVEVPAVYAGLERKQRLLRAQELLQRLGLEDRTEYYPAQLSGGQQQRVSIARALM
NGGQVILADEPTGALDSHSGEEVMAILHQLRDRGHTVIIVTHDPQVAAQAERVIEIRDGEIVRNPPAIEKVNVTGGTEPV
VNTVSGWRQFVSGFNEALTMAWRALAANKMRTLLTMLGIIIGIASVVSIVVVGDAAKQMVLADIRSIGTNTIDVYPGKDF
GDDDPQYQQALKYDDLIAIQKQPWVASATPAVSQNLRLRYNNVDVAASANGVSGDYFNVYGMTFSEGNTFNQEQLNGRAQ
VVVLDSNTRRQLFPHKADVVGEVILVGNMPARVIGVAEEKQSMFGSSKVLRVWLPYSTMSGRVMGQSWLNSITVRVKEGF
DSAEAEQQLTRLLSLRHGKKDFFTWNMDGVLKTVEKTTRTLQLFLTLVAVISLVVGGIGVMNIMLVSVTERTREIGIRMA
VGARASDVLQQFLIEAVLVCLVGGALGITLSLLIAFTLQLFLPGWEIGFSPLALLLAFLCSTVTGILFGWLPARNAARLD
PVDALAREHHHHHH
;
J,K
#
# COMPACT_ATOMS: atom_id res chain seq x y z
N GLU A 1 -31.15 84.44 -74.75
CA GLU A 1 -30.70 83.33 -73.93
C GLU A 1 -31.81 82.87 -73.00
N ASN A 2 -32.38 83.81 -72.26
CA ASN A 2 -33.48 83.48 -71.38
C ASN A 2 -34.67 83.14 -72.23
N LEU A 3 -35.61 82.38 -71.69
CA LEU A 3 -36.73 81.90 -72.47
C LEU A 3 -37.48 83.05 -73.11
N MET A 4 -37.52 84.17 -72.42
CA MET A 4 -38.22 85.34 -72.93
C MET A 4 -37.53 85.84 -74.18
N GLN A 5 -36.22 85.99 -74.11
CA GLN A 5 -35.45 86.46 -75.25
C GLN A 5 -35.54 85.48 -76.39
N VAL A 6 -35.59 84.20 -76.04
CA VAL A 6 -35.67 83.16 -77.04
C VAL A 6 -36.97 83.31 -77.79
N TYR A 7 -38.04 83.63 -77.06
CA TYR A 7 -39.29 83.90 -77.72
C TYR A 7 -39.18 85.13 -78.60
N GLN A 8 -38.40 86.09 -78.14
CA GLN A 8 -38.31 87.36 -78.85
C GLN A 8 -37.71 87.16 -80.22
N GLN A 9 -36.57 86.49 -80.28
CA GLN A 9 -35.99 86.20 -81.59
C GLN A 9 -36.88 85.23 -82.35
N ALA A 10 -37.58 84.38 -81.61
CA ALA A 10 -38.44 83.38 -82.24
C ALA A 10 -39.57 84.04 -82.99
N ARG A 11 -39.96 85.23 -82.56
CA ARG A 11 -41.15 85.87 -83.11
C ARG A 11 -40.98 86.17 -84.59
N LEU A 12 -39.75 86.38 -85.03
CA LEU A 12 -39.51 86.61 -86.45
C LEU A 12 -38.98 85.38 -87.19
N SER A 13 -38.31 84.49 -86.45
CA SER A 13 -37.66 83.33 -87.04
C SER A 13 -38.66 82.34 -87.63
N ASN A 14 -39.85 82.31 -87.06
CA ASN A 14 -40.91 81.44 -87.54
C ASN A 14 -41.33 81.84 -88.93
N PRO A 15 -41.29 80.89 -89.85
CA PRO A 15 -41.87 81.13 -91.17
C PRO A 15 -43.40 80.98 -91.13
N GLU A 16 -43.87 79.90 -90.53
CA GLU A 16 -45.29 79.56 -90.60
C GLU A 16 -46.15 80.62 -89.96
N LEU A 17 -45.63 81.27 -88.94
CA LEU A 17 -46.40 82.33 -88.31
C LEU A 17 -46.48 83.48 -89.28
N ARG A 18 -45.34 83.84 -89.85
CA ARG A 18 -45.30 84.91 -90.82
C ARG A 18 -46.10 84.52 -92.03
N LYS A 19 -46.07 83.23 -92.35
CA LYS A 19 -46.81 82.71 -93.47
C LYS A 19 -48.28 82.96 -93.28
N SER A 20 -48.76 82.59 -92.10
CA SER A 20 -50.16 82.75 -91.76
C SER A 20 -50.55 84.21 -91.72
N ALA A 21 -49.61 85.04 -91.30
CA ALA A 21 -49.88 86.47 -91.21
C ALA A 21 -50.13 87.00 -92.60
N ALA A 22 -49.24 86.64 -93.51
CA ALA A 22 -49.35 87.07 -94.88
C ALA A 22 -50.64 86.51 -95.47
N ASP A 23 -51.02 85.34 -95.01
CA ASP A 23 -52.25 84.73 -95.49
C ASP A 23 -53.43 85.57 -95.05
N ARG A 24 -53.35 86.10 -93.85
CA ARG A 24 -54.39 86.98 -93.37
C ARG A 24 -54.40 88.21 -94.23
N ASP A 25 -53.21 88.60 -94.67
CA ASP A 25 -53.08 89.80 -95.50
C ASP A 25 -53.80 89.55 -96.81
N ALA A 26 -53.73 88.31 -97.27
CA ALA A 26 -54.39 87.93 -98.49
C ALA A 26 -55.89 87.97 -98.28
N ALA A 27 -56.33 87.46 -97.13
CA ALA A 27 -57.75 87.37 -96.86
C ALA A 27 -58.36 88.75 -96.78
N PHE A 28 -57.59 89.69 -96.24
CA PHE A 28 -58.06 91.06 -96.14
C PHE A 28 -58.06 91.72 -97.49
N GLU A 29 -56.99 91.53 -98.23
CA GLU A 29 -56.85 92.19 -99.51
C GLU A 29 -57.91 91.73 -100.49
N LYS A 30 -58.32 90.47 -100.34
CA LYS A 30 -59.28 89.89 -101.25
C LYS A 30 -60.65 90.53 -101.07
N ILE A 31 -60.84 91.12 -99.90
CA ILE A 31 -62.08 91.81 -99.61
C ILE A 31 -62.22 92.98 -100.56
N ASN A 32 -61.09 93.53 -100.99
CA ASN A 32 -61.10 94.66 -101.91
C ASN A 32 -61.71 94.29 -103.24
N GLU A 33 -61.24 93.18 -103.82
CA GLU A 33 -61.81 92.75 -105.08
C GLU A 33 -63.23 92.28 -104.83
N ALA A 34 -63.50 91.88 -103.60
CA ALA A 34 -64.87 91.52 -103.26
C ALA A 34 -65.74 92.77 -103.37
N ARG A 35 -65.14 93.92 -103.09
CA ARG A 35 -65.86 95.18 -103.20
C ARG A 35 -65.86 95.68 -104.64
N SER A 36 -64.93 95.17 -105.43
CA SER A 36 -64.69 95.64 -106.79
C SER A 36 -65.88 95.63 -107.77
N PRO A 37 -66.67 94.55 -107.83
CA PRO A 37 -67.64 94.45 -108.93
C PRO A 37 -68.64 95.60 -108.95
N LEU A 38 -68.96 96.14 -107.79
CA LEU A 38 -69.90 97.25 -107.71
C LEU A 38 -69.39 98.47 -108.48
N LEU A 39 -68.07 98.58 -108.60
CA LEU A 39 -67.46 99.69 -109.31
C LEU A 39 -67.73 99.62 -110.81
N PRO A 40 -67.82 100.78 -111.46
CA PRO A 40 -68.10 100.88 -112.90
C PRO A 40 -67.04 100.20 -113.76
N GLN A 41 -67.47 99.61 -114.86
CA GLN A 41 -66.55 98.90 -115.73
C GLN A 41 -66.35 99.65 -117.03
N LEU A 42 -65.31 100.47 -117.07
CA LEU A 42 -64.91 101.16 -118.27
C LEU A 42 -64.23 100.18 -119.21
N GLY A 43 -64.36 100.39 -120.52
CA GLY A 43 -63.72 99.51 -121.47
C GLY A 43 -63.67 100.00 -122.90
N LEU A 44 -62.92 99.28 -123.73
CA LEU A 44 -62.75 99.62 -125.14
C LEU A 44 -62.45 98.39 -125.98
N GLY A 45 -62.94 98.37 -127.21
CA GLY A 45 -62.74 97.23 -128.08
C GLY A 45 -62.85 97.57 -129.55
N ALA A 46 -62.11 98.57 -129.99
CA ALA A 46 -62.12 98.97 -131.40
C ALA A 46 -61.53 97.88 -132.28
N ASP A 47 -62.09 97.72 -133.49
CA ASP A 47 -61.55 96.77 -134.45
C ASP A 47 -62.01 97.03 -135.89
N TYR A 48 -61.23 96.52 -136.83
CA TYR A 48 -61.48 96.66 -138.27
C TYR A 48 -61.88 95.32 -138.87
N THR A 49 -62.67 95.35 -139.95
CA THR A 49 -63.09 94.11 -140.57
C THR A 49 -63.55 94.27 -142.02
N TYR A 50 -62.85 93.60 -142.94
CA TYR A 50 -63.30 93.52 -144.32
C TYR A 50 -64.48 92.56 -144.50
N SER A 51 -65.29 92.80 -145.51
CA SER A 51 -66.38 91.90 -145.85
C SER A 51 -66.57 91.81 -147.36
N ASN A 52 -66.85 90.60 -147.84
CA ASN A 52 -67.11 90.34 -149.24
C ASN A 52 -68.30 89.40 -149.42
N GLY A 53 -69.45 89.97 -149.75
CA GLY A 53 -70.65 89.18 -149.95
C GLY A 53 -70.59 88.40 -151.24
N TYR A 54 -71.39 87.33 -151.32
CA TYR A 54 -71.45 86.52 -152.53
C TYR A 54 -72.81 85.87 -152.63
N ARG A 55 -73.15 85.40 -153.81
CA ARG A 55 -74.40 84.67 -154.06
C ARG A 55 -75.62 85.55 -153.82
N ASP A 56 -76.46 85.66 -154.85
CA ASP A 56 -77.59 86.58 -154.86
C ASP A 56 -77.06 88.01 -154.73
N ALA A 57 -76.72 88.42 -153.52
CA ALA A 57 -76.14 89.74 -153.31
C ALA A 57 -74.63 89.69 -153.47
N ASN A 58 -74.19 89.07 -154.55
CA ASN A 58 -72.77 88.85 -154.79
C ASN A 58 -72.04 90.11 -155.22
N GLY A 59 -70.76 90.19 -154.87
CA GLY A 59 -69.85 91.17 -155.42
C GLY A 59 -69.81 92.54 -154.76
N ILE A 60 -70.61 92.74 -153.73
CA ILE A 60 -70.60 94.03 -153.03
C ILE A 60 -69.58 94.04 -151.89
N ASN A 61 -68.40 94.56 -152.20
CA ASN A 61 -67.32 94.64 -151.22
C ASN A 61 -67.53 95.75 -150.20
N SER A 62 -67.01 95.55 -148.99
CA SER A 62 -67.10 96.56 -147.96
C SER A 62 -66.05 96.32 -146.90
N ASN A 63 -65.89 97.28 -146.00
CA ASN A 63 -65.01 97.12 -144.85
C ASN A 63 -65.31 98.08 -143.69
N ALA A 64 -65.84 97.51 -142.61
CA ALA A 64 -66.18 98.25 -141.40
C ALA A 64 -64.95 98.61 -140.56
N THR A 65 -65.06 99.72 -139.83
CA THR A 65 -63.99 100.19 -138.98
C THR A 65 -64.58 100.64 -137.65
N SER A 66 -65.03 99.68 -136.85
CA SER A 66 -65.69 99.97 -135.58
C SER A 66 -64.74 100.48 -134.50
N ALA A 67 -65.22 101.39 -133.67
CA ALA A 67 -64.45 101.90 -132.54
C ALA A 67 -65.36 102.52 -131.49
N SER A 68 -65.45 101.92 -130.32
CA SER A 68 -66.32 102.43 -129.27
C SER A 68 -65.94 102.02 -127.85
N LEU A 69 -66.07 102.96 -126.93
CA LEU A 69 -65.93 102.71 -125.50
C LEU A 69 -67.18 102.04 -124.95
N GLN A 70 -67.05 101.27 -123.88
CA GLN A 70 -68.21 100.71 -123.21
C GLN A 70 -68.11 100.70 -121.69
N LEU A 71 -68.50 101.80 -121.07
CA LEU A 71 -68.72 101.82 -119.63
C LEU A 71 -69.98 101.03 -119.29
N THR A 72 -69.95 100.33 -118.16
CA THR A 72 -71.11 99.60 -117.68
C THR A 72 -71.24 99.70 -116.18
N GLN A 73 -72.47 99.69 -115.69
CA GLN A 73 -72.73 99.71 -114.26
C GLN A 73 -74.08 99.16 -113.90
N SER A 74 -74.09 97.96 -113.34
CA SER A 74 -75.29 97.39 -112.77
C SER A 74 -75.57 98.07 -111.45
N ILE A 75 -76.82 98.07 -111.04
CA ILE A 75 -77.18 98.66 -109.76
C ILE A 75 -77.69 97.64 -108.77
N PHE A 76 -78.75 96.93 -109.15
CA PHE A 76 -79.39 96.02 -108.21
C PHE A 76 -78.95 94.57 -108.37
N ASP A 77 -78.10 94.13 -107.44
CA ASP A 77 -77.72 92.72 -107.33
C ASP A 77 -77.11 92.45 -105.97
N MET A 78 -77.93 92.04 -105.02
CA MET A 78 -77.48 91.87 -103.65
C MET A 78 -76.49 90.73 -103.50
N SER A 79 -76.46 89.83 -104.47
CA SER A 79 -75.66 88.63 -104.38
C SER A 79 -74.19 88.95 -104.19
N LYS A 80 -73.75 90.04 -104.81
CA LYS A 80 -72.37 90.47 -104.68
C LYS A 80 -72.07 90.92 -103.26
N TRP A 81 -73.04 91.59 -102.64
CA TRP A 81 -72.90 92.06 -101.28
C TRP A 81 -72.74 90.86 -100.38
N ARG A 82 -73.45 89.81 -100.76
CA ARG A 82 -73.47 88.59 -99.99
C ARG A 82 -72.05 88.05 -99.99
N ALA A 83 -71.47 87.95 -101.19
CA ALA A 83 -70.14 87.41 -101.34
C ALA A 83 -69.15 88.26 -100.58
N LEU A 84 -69.43 89.56 -100.51
CA LEU A 84 -68.59 90.46 -99.76
C LEU A 84 -68.60 90.05 -98.29
N THR A 85 -69.79 89.80 -97.77
CA THR A 85 -69.92 89.39 -96.37
C THR A 85 -69.23 88.06 -96.14
N LEU A 86 -69.28 87.19 -97.14
CA LEU A 86 -68.61 85.91 -97.05
C LEU A 86 -67.13 86.15 -96.87
N GLN A 87 -66.62 87.05 -97.69
CA GLN A 87 -65.19 87.29 -97.71
C GLN A 87 -64.78 87.85 -96.36
N GLU A 88 -65.67 88.64 -95.78
CA GLU A 88 -65.42 89.26 -94.49
C GLU A 88 -65.26 88.19 -93.43
N LYS A 89 -66.24 87.30 -93.39
CA LYS A 89 -66.24 86.28 -92.39
C LYS A 89 -65.03 85.38 -92.57
N ALA A 90 -64.65 85.17 -93.82
CA ALA A 90 -63.47 84.38 -94.12
C ALA A 90 -62.24 85.05 -93.53
N ALA A 91 -62.23 86.37 -93.61
CA ALA A 91 -61.12 87.12 -93.05
C ALA A 91 -61.06 86.94 -91.55
N GLY A 92 -62.23 86.87 -90.93
CA GLY A 92 -62.28 86.67 -89.50
C GLY A 92 -61.73 85.29 -89.17
N ILE A 93 -62.04 84.34 -90.05
CA ILE A 93 -61.57 82.98 -89.87
C ILE A 93 -60.07 82.96 -89.86
N GLN A 94 -59.50 83.59 -90.88
CA GLN A 94 -58.08 83.53 -91.07
C GLN A 94 -57.42 84.21 -89.88
N ASP A 95 -58.08 85.22 -89.35
CA ASP A 95 -57.56 85.93 -88.20
C ASP A 95 -57.45 84.97 -87.02
N VAL A 96 -58.55 84.28 -86.76
CA VAL A 96 -58.59 83.42 -85.59
C VAL A 96 -57.52 82.34 -85.69
N THR A 97 -57.47 81.68 -86.84
CA THR A 97 -56.52 80.59 -86.98
C THR A 97 -55.11 81.12 -86.86
N TYR A 98 -54.91 82.37 -87.27
CA TYR A 98 -53.60 82.98 -87.13
C TYR A 98 -53.20 83.11 -85.66
N GLN A 99 -54.13 83.59 -84.85
CA GLN A 99 -53.83 83.77 -83.44
C GLN A 99 -53.51 82.42 -82.81
N THR A 100 -54.27 81.43 -83.27
CA THR A 100 -54.09 80.07 -82.79
C THR A 100 -52.67 79.65 -83.04
N ASP A 101 -52.22 79.91 -84.25
CA ASP A 101 -50.90 79.48 -84.64
C ASP A 101 -49.86 80.21 -83.82
N GLN A 102 -50.16 81.43 -83.41
CA GLN A 102 -49.23 82.13 -82.54
C GLN A 102 -49.07 81.37 -81.23
N GLN A 103 -50.19 80.94 -80.68
CA GLN A 103 -50.12 80.20 -79.43
C GLN A 103 -49.33 78.92 -79.63
N THR A 104 -49.49 78.35 -80.82
CA THR A 104 -48.81 77.11 -81.15
C THR A 104 -47.31 77.32 -81.13
N LEU A 105 -46.89 78.45 -81.68
CA LEU A 105 -45.47 78.75 -81.73
C LEU A 105 -44.95 78.88 -80.33
N ILE A 106 -45.77 79.48 -79.46
CA ILE A 106 -45.34 79.65 -78.09
C ILE A 106 -45.08 78.30 -77.44
N LEU A 107 -46.05 77.41 -77.62
CA LEU A 107 -46.00 76.11 -76.99
C LEU A 107 -44.78 75.33 -77.44
N ASN A 108 -44.61 75.25 -78.75
CA ASN A 108 -43.50 74.49 -79.29
C ASN A 108 -42.19 75.06 -78.80
N THR A 109 -42.18 76.39 -78.67
CA THR A 109 -40.97 77.08 -78.28
C THR A 109 -40.55 76.64 -76.90
N ALA A 110 -41.48 76.73 -75.96
CA ALA A 110 -41.15 76.37 -74.59
C ALA A 110 -40.78 74.91 -74.50
N THR A 111 -41.44 74.09 -75.32
CA THR A 111 -41.22 72.66 -75.28
C THR A 111 -39.77 72.34 -75.64
N ALA A 112 -39.37 72.83 -76.80
CA ALA A 112 -38.05 72.56 -77.28
C ALA A 112 -37.04 73.15 -76.31
N TYR A 113 -37.39 74.28 -75.71
CA TYR A 113 -36.47 74.90 -74.78
C TYR A 113 -36.22 73.98 -73.60
N PHE A 114 -37.25 73.28 -73.17
CA PHE A 114 -37.10 72.41 -72.02
C PHE A 114 -36.36 71.13 -72.36
N ASN A 115 -36.58 70.62 -73.57
CA ASN A 115 -36.02 69.33 -73.92
C ASN A 115 -34.51 69.34 -73.81
N VAL A 116 -33.91 70.48 -74.15
CA VAL A 116 -32.47 70.62 -74.04
C VAL A 116 -32.06 70.49 -72.60
N LEU A 117 -32.84 71.11 -71.73
CA LEU A 117 -32.52 71.15 -70.33
C LEU A 117 -32.50 69.74 -69.81
N ASN A 118 -33.42 68.94 -70.33
CA ASN A 118 -33.52 67.57 -69.89
C ASN A 118 -32.31 66.76 -70.38
N ALA A 119 -32.00 66.94 -71.65
CA ALA A 119 -30.97 66.15 -72.27
C ALA A 119 -29.61 66.41 -71.61
N ILE A 120 -29.40 67.64 -71.17
CA ILE A 120 -28.15 67.97 -70.50
C ILE A 120 -27.99 67.10 -69.27
N ASP A 121 -29.10 66.95 -68.59
CA ASP A 121 -29.15 66.27 -67.32
C ASP A 121 -28.80 64.82 -67.52
N VAL A 122 -29.54 64.22 -68.46
CA VAL A 122 -29.39 62.80 -68.71
C VAL A 122 -27.96 62.54 -69.12
N LEU A 123 -27.42 63.48 -69.88
CA LEU A 123 -26.06 63.36 -70.34
C LEU A 123 -25.09 63.27 -69.18
N SER A 124 -25.16 64.24 -68.30
CA SER A 124 -24.19 64.34 -67.23
C SER A 124 -24.23 63.08 -66.39
N TYR A 125 -25.43 62.73 -65.97
CA TYR A 125 -25.54 61.66 -64.99
C TYR A 125 -25.15 60.35 -65.63
N THR A 126 -25.44 60.25 -66.92
CA THR A 126 -25.04 59.08 -67.65
C THR A 126 -23.53 59.00 -67.65
N GLN A 127 -22.86 60.15 -67.72
CA GLN A 127 -21.40 60.15 -67.73
C GLN A 127 -20.89 59.60 -66.41
N ALA A 128 -21.53 60.02 -65.34
CA ALA A 128 -21.10 59.56 -64.03
C ALA A 128 -21.26 58.05 -63.96
N GLN A 129 -22.34 57.58 -64.58
CA GLN A 129 -22.59 56.16 -64.60
C GLN A 129 -21.47 55.47 -65.32
N LYS A 130 -20.97 56.14 -66.36
CA LYS A 130 -19.90 55.58 -67.14
C LYS A 130 -18.70 55.36 -66.26
N GLU A 131 -18.32 56.41 -65.52
CA GLU A 131 -17.10 56.30 -64.73
C GLU A 131 -17.24 55.20 -63.69
N ALA A 132 -18.43 55.12 -63.11
CA ALA A 132 -18.65 54.15 -62.05
C ALA A 132 -18.47 52.75 -62.57
N ILE A 133 -19.18 52.45 -63.65
CA ILE A 133 -19.15 51.12 -64.19
C ILE A 133 -17.74 50.81 -64.65
N TYR A 134 -17.05 51.83 -65.11
CA TYR A 134 -15.69 51.64 -65.58
C TYR A 134 -14.81 51.13 -64.46
N ARG A 135 -14.85 51.80 -63.33
CA ARG A 135 -13.97 51.38 -62.26
C ARG A 135 -14.43 50.05 -61.71
N GLN A 136 -15.71 49.72 -61.87
CA GLN A 136 -16.09 48.35 -61.57
C GLN A 136 -15.41 47.36 -62.47
N LEU A 137 -15.28 47.73 -63.74
CA LEU A 137 -14.63 46.83 -64.68
C LEU A 137 -13.19 46.66 -64.26
N ASP A 138 -12.60 47.73 -63.75
CA ASP A 138 -11.20 47.67 -63.39
C ASP A 138 -11.02 46.79 -62.16
N GLN A 139 -11.91 46.96 -61.19
CA GLN A 139 -11.81 46.20 -59.97
C GLN A 139 -11.97 44.71 -60.27
N THR A 140 -13.00 44.40 -61.04
CA THR A 140 -13.28 43.02 -61.34
C THR A 140 -12.12 42.45 -62.13
N THR A 141 -11.53 43.29 -62.96
CA THR A 141 -10.43 42.89 -63.81
C THR A 141 -9.27 42.43 -62.96
N GLN A 142 -8.91 43.31 -62.02
CA GLN A 142 -7.76 43.06 -61.19
C GLN A 142 -8.05 41.84 -60.36
N ARG A 143 -9.31 41.67 -60.00
CA ARG A 143 -9.72 40.54 -59.20
C ARG A 143 -9.49 39.25 -59.96
N PHE A 144 -9.66 39.30 -61.28
CA PHE A 144 -9.29 38.15 -62.07
C PHE A 144 -7.78 37.99 -62.09
N ASN A 145 -7.08 39.11 -62.10
CA ASN A 145 -5.63 39.07 -62.25
C ASN A 145 -4.95 38.39 -61.10
N VAL A 146 -5.56 38.47 -59.92
CA VAL A 146 -4.97 37.88 -58.75
C VAL A 146 -5.42 36.43 -58.69
N GLY A 147 -6.29 36.06 -59.63
CA GLY A 147 -6.72 34.69 -59.74
C GLY A 147 -8.03 34.34 -59.08
N LEU A 148 -8.83 35.33 -58.72
CA LEU A 148 -10.14 35.03 -58.15
C LEU A 148 -11.19 34.77 -59.23
N VAL A 149 -12.20 35.62 -59.28
CA VAL A 149 -13.44 35.28 -59.98
C VAL A 149 -13.23 34.98 -61.45
N ALA A 150 -14.08 34.10 -61.98
CA ALA A 150 -13.93 33.54 -63.32
C ALA A 150 -14.08 34.60 -64.41
N ILE A 151 -13.43 34.32 -65.54
CA ILE A 151 -13.33 35.25 -66.65
C ILE A 151 -14.69 35.69 -67.16
N THR A 152 -15.68 34.83 -66.95
CA THR A 152 -17.02 35.12 -67.44
C THR A 152 -17.53 36.41 -66.83
N ASP A 153 -17.23 36.63 -65.56
CA ASP A 153 -17.66 37.85 -64.92
C ASP A 153 -16.95 39.04 -65.52
N VAL A 154 -15.71 38.80 -65.93
CA VAL A 154 -14.90 39.86 -66.48
C VAL A 154 -15.55 40.33 -67.76
N GLN A 155 -15.92 39.38 -68.59
CA GLN A 155 -16.55 39.73 -69.84
C GLN A 155 -17.91 40.38 -69.57
N ASN A 156 -18.53 40.00 -68.46
CA ASN A 156 -19.80 40.61 -68.11
C ASN A 156 -19.63 42.09 -67.90
N ALA A 157 -18.67 42.43 -67.05
CA ALA A 157 -18.42 43.82 -66.73
C ALA A 157 -18.00 44.55 -67.99
N ARG A 158 -17.31 43.83 -68.86
CA ARG A 158 -16.91 44.36 -70.14
C ARG A 158 -18.16 44.83 -70.88
N ALA A 159 -19.15 43.95 -70.91
CA ALA A 159 -20.38 44.24 -71.62
C ALA A 159 -21.07 45.43 -70.99
N GLN A 160 -20.97 45.53 -69.68
CA GLN A 160 -21.59 46.64 -68.99
C GLN A 160 -20.99 47.93 -69.50
N TYR A 161 -19.67 47.96 -69.51
CA TYR A 161 -18.94 49.16 -69.88
C TYR A 161 -19.22 49.56 -71.32
N ASP A 162 -19.25 48.59 -72.21
CA ASP A 162 -19.48 48.92 -73.59
C ASP A 162 -20.89 49.45 -73.76
N THR A 163 -21.81 48.84 -73.05
CA THR A 163 -23.21 49.20 -73.17
C THR A 163 -23.38 50.64 -72.74
N VAL A 164 -22.83 50.96 -71.59
CA VAL A 164 -22.99 52.30 -71.07
C VAL A 164 -22.27 53.29 -71.97
N LEU A 165 -21.20 52.86 -72.63
CA LEU A 165 -20.58 53.76 -73.61
C LEU A 165 -21.57 54.11 -74.70
N ALA A 166 -22.27 53.08 -75.17
CA ALA A 166 -23.23 53.31 -76.23
C ALA A 166 -24.29 54.27 -75.73
N ASN A 167 -24.60 54.15 -74.45
CA ASN A 167 -25.56 55.04 -73.84
C ASN A 167 -25.05 56.47 -73.82
N GLU A 168 -23.73 56.63 -73.65
CA GLU A 168 -23.19 57.96 -73.67
C GLU A 168 -23.35 58.55 -75.04
N LEU A 169 -22.93 57.79 -76.04
CA LEU A 169 -22.89 58.35 -77.37
C LEU A 169 -24.29 58.70 -77.83
N THR A 170 -25.24 57.82 -77.55
CA THR A 170 -26.60 58.13 -77.94
C THR A 170 -27.11 59.33 -77.15
N ALA A 171 -26.61 59.48 -75.93
CA ALA A 171 -27.06 60.60 -75.11
C ALA A 171 -26.62 61.93 -75.70
N ARG A 172 -25.33 62.02 -75.97
CA ARG A 172 -24.72 63.22 -76.53
C ARG A 172 -25.41 63.52 -77.83
N ASN A 173 -25.76 62.43 -78.49
CA ASN A 173 -26.27 62.48 -79.83
C ASN A 173 -27.64 63.14 -79.79
N ASN A 174 -28.43 62.68 -78.84
CA ASN A 174 -29.75 63.25 -78.61
C ASN A 174 -29.64 64.70 -78.22
N LEU A 175 -28.55 65.01 -77.51
CA LEU A 175 -28.36 66.38 -77.08
C LEU A 175 -28.25 67.30 -78.27
N ASP A 176 -27.33 66.98 -79.16
CA ASP A 176 -27.12 67.85 -80.30
C ASP A 176 -28.35 67.86 -81.17
N ASN A 177 -29.07 66.74 -81.19
CA ASN A 177 -30.32 66.69 -81.92
C ASN A 177 -31.27 67.73 -81.40
N ALA A 178 -31.41 67.79 -80.09
CA ALA A 178 -32.33 68.74 -79.47
C ALA A 178 -31.88 70.16 -79.73
N VAL A 179 -30.57 70.35 -79.76
CA VAL A 179 -30.03 71.68 -80.00
C VAL A 179 -30.50 72.14 -81.37
N GLU A 180 -30.39 71.23 -82.32
CA GLU A 180 -30.83 71.52 -83.67
C GLU A 180 -32.33 71.73 -83.71
N GLN A 181 -33.04 71.04 -82.82
CA GLN A 181 -34.48 71.19 -82.78
C GLN A 181 -34.77 72.62 -82.41
N LEU A 182 -33.92 73.16 -81.57
CA LEU A 182 -34.11 74.52 -81.12
C LEU A 182 -33.78 75.49 -82.23
N ARG A 183 -32.71 75.20 -82.96
CA ARG A 183 -32.32 76.08 -84.04
C ARG A 183 -33.40 76.13 -85.09
N GLN A 184 -34.12 75.02 -85.22
CA GLN A 184 -35.13 74.89 -86.25
C GLN A 184 -36.20 75.94 -86.13
N ILE A 185 -36.50 76.34 -84.90
CA ILE A 185 -37.52 77.34 -84.67
C ILE A 185 -36.87 78.70 -84.53
N THR A 186 -35.58 78.69 -84.26
CA THR A 186 -34.88 79.92 -83.95
C THR A 186 -33.96 80.36 -85.07
N GLY A 187 -33.34 79.39 -85.75
CA GLY A 187 -32.37 79.71 -86.76
C GLY A 187 -31.05 80.06 -86.11
N ASN A 188 -30.92 79.71 -84.84
CA ASN A 188 -29.71 80.05 -84.10
C ASN A 188 -29.24 78.96 -83.18
N TYR A 189 -27.94 78.74 -83.19
CA TYR A 189 -27.28 77.81 -82.28
C TYR A 189 -26.95 78.52 -80.98
N TYR A 190 -27.34 77.94 -79.86
CA TYR A 190 -27.07 78.56 -78.56
C TYR A 190 -26.16 77.71 -77.68
N PRO A 191 -24.97 78.24 -77.36
CA PRO A 191 -23.98 77.61 -76.48
C PRO A 191 -24.51 77.32 -75.08
N GLU A 192 -25.41 78.16 -74.57
CA GLU A 192 -25.85 78.02 -73.19
C GLU A 192 -27.26 78.54 -72.94
N LEU A 193 -27.90 77.97 -71.93
CA LEU A 193 -29.25 78.36 -71.53
C LEU A 193 -29.39 78.35 -70.02
N ALA A 194 -30.30 79.18 -69.51
CA ALA A 194 -30.50 79.31 -68.07
C ALA A 194 -31.06 78.05 -67.42
N ALA A 195 -30.51 77.70 -66.26
CA ALA A 195 -31.02 76.60 -65.45
C ALA A 195 -32.27 77.04 -64.69
N LEU A 196 -33.14 76.08 -64.38
CA LEU A 196 -34.32 76.35 -63.58
C LEU A 196 -33.96 76.74 -62.15
N ASN A 197 -34.69 77.70 -61.61
CA ASN A 197 -34.58 78.03 -60.19
C ASN A 197 -35.42 77.07 -59.37
N VAL A 198 -34.92 75.86 -59.21
CA VAL A 198 -35.67 74.77 -58.59
C VAL A 198 -36.01 75.06 -57.12
N GLU A 199 -35.21 75.92 -56.51
CA GLU A 199 -35.37 76.25 -55.10
C GLU A 199 -36.67 76.99 -54.85
N ASN A 200 -37.21 77.59 -55.90
CA ASN A 200 -38.42 78.40 -55.76
C ASN A 200 -39.55 77.96 -56.66
N PHE A 201 -39.95 76.70 -56.53
CA PHE A 201 -41.03 76.16 -57.36
C PHE A 201 -42.40 76.70 -56.95
N LYS A 202 -43.30 76.78 -57.92
CA LYS A 202 -44.66 77.27 -57.71
C LYS A 202 -45.66 76.14 -57.57
N THR A 203 -46.06 75.84 -56.34
CA THR A 203 -47.02 74.77 -56.09
C THR A 203 -48.46 75.30 -56.14
N ASP A 204 -48.78 76.04 -57.19
CA ASP A 204 -50.12 76.62 -57.29
C ASP A 204 -51.18 75.56 -57.43
N LYS A 205 -52.27 75.71 -56.69
CA LYS A 205 -53.43 74.86 -56.89
C LYS A 205 -54.19 75.30 -58.13
N PRO A 206 -54.70 74.32 -58.86
CA PRO A 206 -55.57 74.57 -60.02
C PRO A 206 -56.88 75.20 -59.60
N GLN A 207 -57.44 76.04 -60.46
CA GLN A 207 -58.75 76.64 -60.21
C GLN A 207 -59.83 75.59 -60.28
N PRO A 208 -60.97 75.83 -59.61
CA PRO A 208 -62.05 74.87 -59.72
C PRO A 208 -62.47 74.73 -61.18
N VAL A 209 -62.77 73.50 -61.58
CA VAL A 209 -62.86 73.19 -62.99
C VAL A 209 -63.97 73.96 -63.73
N ASN A 210 -65.08 74.21 -63.05
CA ASN A 210 -66.23 74.79 -63.71
C ASN A 210 -65.99 76.19 -64.22
N ALA A 211 -65.20 76.95 -63.47
CA ALA A 211 -64.88 78.30 -63.88
C ALA A 211 -64.07 78.26 -65.15
N LEU A 212 -63.13 77.32 -65.20
CA LEU A 212 -62.29 77.14 -66.35
C LEU A 212 -63.12 76.72 -67.54
N LEU A 213 -64.17 75.96 -67.24
CA LEU A 213 -65.08 75.52 -68.27
C LEU A 213 -65.76 76.73 -68.87
N LYS A 214 -66.31 77.58 -68.01
CA LYS A 214 -67.04 78.74 -68.49
C LYS A 214 -66.13 79.64 -69.30
N GLU A 215 -64.90 79.79 -68.83
CA GLU A 215 -63.97 80.68 -69.50
C GLU A 215 -63.62 80.17 -70.88
N ALA A 216 -63.23 78.90 -70.93
CA ALA A 216 -62.79 78.33 -72.20
C ALA A 216 -63.94 78.28 -73.19
N GLU A 217 -65.14 78.03 -72.68
CA GLU A 217 -66.32 78.06 -73.53
C GLU A 217 -66.50 79.45 -74.08
N LYS A 218 -66.18 80.42 -73.24
CA LYS A 218 -66.33 81.81 -73.64
C LYS A 218 -65.29 82.22 -74.68
N ARG A 219 -64.13 81.57 -74.70
CA ARG A 219 -63.04 82.09 -75.54
C ARG A 219 -62.12 81.11 -76.28
N ASN A 220 -62.47 79.85 -76.42
CA ASN A 220 -61.64 79.00 -77.26
C ASN A 220 -61.66 79.41 -78.71
N LEU A 221 -60.49 79.40 -79.33
CA LEU A 221 -60.34 79.81 -80.70
C LEU A 221 -61.05 78.89 -81.66
N SER A 222 -60.99 77.60 -81.36
CA SER A 222 -61.46 76.60 -82.29
C SER A 222 -62.95 76.66 -82.46
N LEU A 223 -63.66 76.62 -81.35
CA LEU A 223 -65.11 76.63 -81.38
C LEU A 223 -65.61 77.95 -81.94
N LEU A 224 -64.85 79.01 -81.69
CA LEU A 224 -65.19 80.31 -82.23
C LEU A 224 -65.14 80.23 -83.73
N GLN A 225 -64.10 79.56 -84.22
CA GLN A 225 -63.96 79.38 -85.66
C GLN A 225 -65.12 78.58 -86.19
N ALA A 226 -65.59 77.63 -85.38
CA ALA A 226 -66.72 76.83 -85.81
C ALA A 226 -67.94 77.71 -85.96
N ARG A 227 -68.14 78.62 -85.02
CA ARG A 227 -69.31 79.47 -85.09
C ARG A 227 -69.24 80.36 -86.31
N LEU A 228 -68.03 80.81 -86.63
CA LEU A 228 -67.87 81.61 -87.82
C LEU A 228 -68.20 80.79 -89.05
N SER A 229 -67.86 79.51 -88.98
CA SER A 229 -68.13 78.61 -90.08
C SER A 229 -69.62 78.47 -90.27
N GLN A 230 -70.34 78.40 -89.17
CA GLN A 230 -71.79 78.26 -89.23
C GLN A 230 -72.40 79.49 -89.84
N ASP A 231 -71.94 80.64 -89.40
CA ASP A 231 -72.51 81.88 -89.89
C ASP A 231 -72.24 81.96 -91.38
N LEU A 232 -71.08 81.46 -91.77
CA LEU A 232 -70.73 81.45 -93.18
C LEU A 232 -71.68 80.56 -93.94
N ALA A 233 -72.10 79.47 -93.32
CA ALA A 233 -73.03 78.58 -93.99
C ALA A 233 -74.35 79.31 -94.19
N ARG A 234 -74.74 80.12 -93.22
CA ARG A 234 -75.98 80.88 -93.36
C ARG A 234 -75.86 81.85 -94.51
N GLU A 235 -74.69 82.45 -94.63
CA GLU A 235 -74.45 83.38 -95.72
C GLU A 235 -74.56 82.65 -97.04
N GLN A 236 -74.11 81.41 -97.05
CA GLN A 236 -74.20 80.60 -98.24
C GLN A 236 -75.65 80.35 -98.57
N ILE A 237 -76.47 80.26 -97.52
CA ILE A 237 -77.88 80.00 -97.70
C ILE A 237 -78.55 81.18 -98.39
N ARG A 238 -78.31 82.37 -97.87
CA ARG A 238 -78.91 83.53 -98.51
C ARG A 238 -78.34 83.71 -99.91
N GLN A 239 -77.10 83.29 -100.11
CA GLN A 239 -76.52 83.37 -101.44
C GLN A 239 -77.24 82.44 -102.41
N ALA A 240 -77.68 81.30 -101.89
CA ALA A 240 -78.51 80.42 -102.71
C ALA A 240 -79.84 81.08 -102.96
N GLN A 241 -80.29 81.88 -102.00
CA GLN A 241 -81.56 82.58 -102.13
C GLN A 241 -81.46 83.69 -103.15
N ASP A 242 -80.23 84.07 -103.48
CA ASP A 242 -79.98 85.21 -104.33
C ASP A 242 -80.35 84.95 -105.79
N GLY A 243 -80.62 83.69 -106.13
CA GLY A 243 -80.89 83.36 -107.52
C GLY A 243 -82.24 83.88 -107.97
N HIS A 244 -83.08 84.26 -107.02
CA HIS A 244 -84.38 84.82 -107.34
C HIS A 244 -84.31 86.31 -107.65
N LEU A 245 -83.15 86.91 -107.43
CA LEU A 245 -83.00 88.34 -107.66
C LEU A 245 -83.11 88.73 -109.13
N PRO A 246 -84.00 89.68 -109.43
CA PRO A 246 -84.01 90.37 -110.72
C PRO A 246 -82.71 91.15 -110.89
N THR A 247 -82.21 91.27 -112.11
CA THR A 247 -80.92 91.92 -112.30
C THR A 247 -81.00 93.27 -113.03
N LEU A 248 -81.10 94.34 -112.24
CA LEU A 248 -81.07 95.68 -112.81
C LEU A 248 -79.68 96.04 -113.29
N ASP A 249 -79.60 96.71 -114.43
CA ASP A 249 -78.33 97.03 -115.09
C ASP A 249 -78.36 98.42 -115.72
N LEU A 250 -77.18 98.95 -116.01
CA LEU A 250 -77.12 100.21 -116.76
C LEU A 250 -75.89 100.27 -117.67
N THR A 251 -76.12 100.03 -118.95
CA THR A 251 -75.11 100.19 -119.98
C THR A 251 -74.88 101.66 -120.32
N ALA A 252 -73.66 101.98 -120.71
CA ALA A 252 -73.28 103.32 -121.11
C ALA A 252 -72.08 103.31 -122.04
N SER A 253 -72.33 103.43 -123.35
CA SER A 253 -71.25 103.25 -124.32
C SER A 253 -71.35 104.19 -125.51
N THR A 254 -70.22 104.47 -126.14
CA THR A 254 -70.20 105.37 -127.29
C THR A 254 -68.97 105.19 -128.17
N GLY A 255 -69.10 105.56 -129.44
CA GLY A 255 -68.00 105.48 -130.39
C GLY A 255 -68.42 105.57 -131.84
N ILE A 256 -67.43 105.68 -132.73
CA ILE A 256 -67.69 105.83 -134.16
C ILE A 256 -67.35 104.57 -134.97
N SER A 257 -67.81 104.54 -136.21
CA SER A 257 -67.47 103.48 -137.14
C SER A 257 -67.51 103.99 -138.58
N ASP A 258 -66.58 103.51 -139.40
CA ASP A 258 -66.50 103.93 -140.80
C ASP A 258 -66.39 102.73 -141.73
N THR A 259 -67.52 102.29 -142.27
CA THR A 259 -67.52 101.16 -143.19
C THR A 259 -67.42 101.63 -144.63
N SER A 260 -66.21 101.66 -145.17
CA SER A 260 -66.06 102.09 -146.56
C SER A 260 -66.57 101.01 -147.52
N TYR A 261 -67.19 101.44 -148.61
CA TYR A 261 -67.71 100.51 -149.59
C TYR A 261 -66.83 100.39 -150.81
N SER A 262 -66.94 99.25 -151.49
CA SER A 262 -66.17 98.99 -152.70
C SER A 262 -66.81 97.88 -153.53
N GLY A 263 -66.30 97.68 -154.74
CA GLY A 263 -66.84 96.68 -155.64
C GLY A 263 -67.77 97.29 -156.67
N SER A 264 -67.92 96.59 -157.80
CA SER A 264 -68.69 97.10 -158.92
C SER A 264 -70.19 97.19 -158.61
N LYS A 265 -70.65 96.36 -157.69
CA LYS A 265 -72.07 96.29 -157.38
C LYS A 265 -72.58 97.59 -156.76
N THR A 266 -71.69 98.29 -156.08
CA THR A 266 -72.04 99.56 -155.46
C THR A 266 -72.35 100.59 -156.56
N ARG A 267 -71.73 100.41 -157.73
CA ARG A 267 -71.97 101.30 -158.86
C ARG A 267 -73.40 101.18 -159.35
N GLY A 268 -73.95 102.32 -159.77
CA GLY A 268 -75.30 102.35 -160.30
C GLY A 268 -76.34 102.47 -159.21
N ALA A 269 -76.99 103.63 -159.14
CA ALA A 269 -78.06 103.88 -158.18
C ALA A 269 -77.62 103.63 -156.74
N ALA A 270 -76.51 104.26 -156.34
CA ALA A 270 -76.00 104.10 -154.99
C ALA A 270 -77.02 104.58 -153.95
N GLY A 271 -77.79 105.60 -154.32
CA GLY A 271 -78.92 106.04 -153.53
C GLY A 271 -78.53 106.51 -152.14
N THR A 272 -77.31 107.06 -152.02
CA THR A 272 -76.76 107.52 -150.74
C THR A 272 -76.52 106.35 -149.77
N GLN A 273 -77.42 105.37 -149.80
CA GLN A 273 -77.35 104.21 -148.93
C GLN A 273 -76.08 103.41 -149.18
N TYR A 274 -75.58 103.47 -150.41
CA TYR A 274 -74.37 102.73 -150.77
C TYR A 274 -73.12 103.60 -150.66
N ASP A 275 -73.29 104.83 -150.16
CA ASP A 275 -72.16 105.70 -149.86
C ASP A 275 -71.46 105.25 -148.59
N ASP A 276 -70.18 105.58 -148.46
CA ASP A 276 -69.40 105.17 -147.30
C ASP A 276 -69.91 105.80 -146.00
N SER A 277 -69.99 104.99 -144.95
CA SER A 277 -70.48 105.42 -143.65
C SER A 277 -69.47 106.24 -142.86
N ASN A 278 -69.97 107.14 -142.02
CA ASN A 278 -69.13 108.00 -141.19
C ASN A 278 -69.72 108.23 -139.81
N MET A 279 -70.68 107.39 -139.43
CA MET A 279 -71.47 107.62 -138.23
C MET A 279 -70.79 107.34 -136.90
N GLY A 280 -71.21 108.06 -135.87
CA GLY A 280 -70.84 107.78 -134.49
C GLY A 280 -72.10 107.53 -133.70
N GLN A 281 -71.97 107.24 -132.40
CA GLN A 281 -73.14 106.90 -131.60
C GLN A 281 -72.93 107.08 -130.11
N ASN A 282 -74.02 107.37 -129.39
CA ASN A 282 -73.97 107.60 -127.94
C ASN A 282 -75.05 106.83 -127.17
N LYS A 283 -75.05 105.51 -127.31
CA LYS A 283 -76.03 104.67 -126.61
C LYS A 283 -75.85 104.67 -125.09
N VAL A 284 -76.95 104.79 -124.36
CA VAL A 284 -76.97 104.66 -122.90
C VAL A 284 -78.35 104.22 -122.40
N GLY A 285 -78.38 103.30 -121.44
CA GLY A 285 -79.66 102.86 -120.93
C GLY A 285 -79.69 101.63 -120.02
N LEU A 286 -80.86 101.36 -119.47
CA LEU A 286 -81.07 100.26 -118.55
C LEU A 286 -81.10 98.90 -119.23
N SER A 287 -80.77 97.85 -118.48
CA SER A 287 -80.83 96.49 -119.01
C SER A 287 -81.34 95.50 -117.97
N PHE A 288 -82.64 95.56 -117.69
CA PHE A 288 -83.26 94.68 -116.70
C PHE A 288 -83.47 93.25 -117.18
N SER A 289 -83.46 92.30 -116.25
CA SER A 289 -83.84 90.92 -116.55
C SER A 289 -84.27 90.16 -115.30
N LEU A 290 -85.21 89.23 -115.47
CA LEU A 290 -85.62 88.33 -114.40
C LEU A 290 -85.76 86.91 -114.94
N PRO A 291 -85.05 85.96 -114.31
CA PRO A 291 -84.86 84.58 -114.78
C PRO A 291 -86.13 83.76 -114.98
N ILE A 292 -87.15 83.98 -114.15
CA ILE A 292 -88.35 83.13 -114.09
C ILE A 292 -87.92 81.68 -113.80
N TYR A 293 -88.82 80.72 -113.96
CA TYR A 293 -88.48 79.31 -113.77
C TYR A 293 -87.53 78.80 -114.84
N GLN A 294 -86.57 78.00 -114.40
CA GLN A 294 -85.50 77.54 -115.27
C GLN A 294 -85.08 76.09 -115.00
N GLY A 295 -86.05 75.19 -114.89
CA GLY A 295 -85.70 73.79 -114.77
C GLY A 295 -85.21 73.39 -113.39
N GLY A 296 -85.49 74.21 -112.38
CA GLY A 296 -85.09 73.87 -111.03
C GLY A 296 -83.69 74.28 -110.65
N MET A 297 -83.12 75.23 -111.40
CA MET A 297 -81.80 75.78 -111.11
C MET A 297 -81.66 76.16 -109.65
N VAL A 298 -82.25 77.28 -109.30
CA VAL A 298 -82.17 77.82 -107.96
C VAL A 298 -83.17 77.09 -107.09
N ASN A 299 -82.86 75.85 -106.77
CA ASN A 299 -83.74 75.01 -105.97
C ASN A 299 -82.94 74.00 -105.17
N SER A 300 -82.26 73.13 -105.89
CA SER A 300 -81.44 72.11 -105.27
C SER A 300 -80.36 72.77 -104.44
N GLN A 301 -79.92 73.92 -104.92
CA GLN A 301 -78.87 74.67 -104.25
C GLN A 301 -79.29 75.04 -102.85
N VAL A 302 -80.58 75.27 -102.69
CA VAL A 302 -81.11 75.69 -101.41
C VAL A 302 -80.89 74.60 -100.38
N LYS A 303 -81.36 73.41 -100.70
CA LYS A 303 -81.24 72.27 -99.81
C LYS A 303 -79.79 71.92 -99.59
N GLN A 304 -78.99 72.16 -100.62
CA GLN A 304 -77.57 71.89 -100.50
C GLN A 304 -76.96 72.79 -99.44
N ALA A 305 -77.35 74.06 -99.48
CA ALA A 305 -76.87 75.02 -98.52
C ALA A 305 -77.36 74.65 -97.14
N GLN A 306 -78.56 74.08 -97.10
CA GLN A 306 -79.17 73.72 -95.83
C GLN A 306 -78.38 72.60 -95.17
N TYR A 307 -78.11 71.56 -95.94
CA TYR A 307 -77.37 70.43 -95.42
C TYR A 307 -75.99 70.89 -95.02
N ASN A 308 -75.45 71.84 -95.78
CA ASN A 308 -74.14 72.38 -95.47
C ASN A 308 -74.20 73.02 -94.10
N PHE A 309 -75.30 73.72 -93.87
CA PHE A 309 -75.51 74.42 -92.61
C PHE A 309 -75.55 73.48 -91.44
N VAL A 310 -76.44 72.50 -91.54
CA VAL A 310 -76.66 71.62 -90.41
C VAL A 310 -75.41 70.82 -90.13
N GLY A 311 -74.69 70.46 -91.19
CA GLY A 311 -73.50 69.64 -91.00
C GLY A 311 -72.45 70.49 -90.30
N ALA A 312 -72.42 71.76 -90.67
CA ALA A 312 -71.48 72.66 -90.04
C ALA A 312 -71.81 72.77 -88.56
N SER A 313 -73.10 72.79 -88.26
CA SER A 313 -73.53 72.92 -86.89
C SER A 313 -73.10 71.71 -86.10
N GLU A 314 -73.17 70.56 -86.76
CA GLU A 314 -72.77 69.33 -86.10
C GLU A 314 -71.29 69.38 -85.82
N GLN A 315 -70.54 69.98 -86.72
CA GLN A 315 -69.12 70.13 -86.48
C GLN A 315 -68.91 71.02 -85.28
N LEU A 316 -69.80 72.01 -85.13
CA LEU A 316 -69.67 72.96 -84.05
C LEU A 316 -69.83 72.25 -82.72
N GLU A 317 -70.90 71.49 -82.60
CA GLU A 317 -71.16 70.78 -81.37
C GLU A 317 -70.05 69.76 -81.11
N SER A 318 -69.53 69.21 -82.19
CA SER A 318 -68.47 68.23 -82.09
C SER A 318 -67.28 68.86 -81.40
N ALA A 319 -66.89 70.01 -81.91
CA ALA A 319 -65.74 70.72 -81.37
C ALA A 319 -66.02 71.13 -79.94
N HIS A 320 -67.29 71.41 -79.66
CA HIS A 320 -67.70 71.81 -78.33
C HIS A 320 -67.42 70.72 -77.29
N ARG A 321 -67.98 69.56 -77.56
CA ARG A 321 -67.82 68.45 -76.64
C ARG A 321 -66.35 68.11 -76.56
N SER A 322 -65.68 68.30 -77.69
CA SER A 322 -64.25 68.04 -77.78
C SER A 322 -63.45 68.89 -76.81
N VAL A 323 -63.68 70.18 -76.82
CA VAL A 323 -62.90 71.06 -75.96
C VAL A 323 -63.25 70.79 -74.51
N VAL A 324 -64.48 70.35 -74.26
CA VAL A 324 -64.81 69.98 -72.90
C VAL A 324 -63.90 68.85 -72.44
N GLN A 325 -63.82 67.84 -73.29
CA GLN A 325 -62.95 66.70 -73.07
C GLN A 325 -61.53 67.12 -72.78
N THR A 326 -61.03 67.99 -73.65
CA THR A 326 -59.65 68.37 -73.61
C THR A 326 -59.34 69.11 -72.33
N VAL A 327 -60.17 70.09 -72.00
CA VAL A 327 -59.87 70.93 -70.86
C VAL A 327 -59.90 70.12 -69.57
N ARG A 328 -60.86 69.20 -69.48
CA ARG A 328 -60.91 68.38 -68.28
C ARG A 328 -59.64 67.56 -68.19
N SER A 329 -59.25 67.00 -69.32
CA SER A 329 -58.07 66.15 -69.36
C SER A 329 -56.83 66.90 -68.94
N SER A 330 -56.79 68.18 -69.30
CA SER A 330 -55.65 69.01 -69.01
C SER A 330 -55.54 69.22 -67.52
N PHE A 331 -56.68 69.61 -66.94
CA PHE A 331 -56.76 69.83 -65.50
C PHE A 331 -56.22 68.62 -64.77
N ASN A 332 -56.73 67.48 -65.21
CA ASN A 332 -56.36 66.22 -64.63
C ASN A 332 -54.86 65.98 -64.72
N ASN A 333 -54.30 66.29 -65.87
CA ASN A 333 -52.89 66.07 -66.11
C ASN A 333 -52.07 66.92 -65.17
N ILE A 334 -52.58 68.11 -64.87
CA ILE A 334 -51.87 68.99 -63.96
C ILE A 334 -51.81 68.36 -62.60
N ASN A 335 -52.93 67.81 -62.17
CA ASN A 335 -52.94 67.19 -60.84
C ASN A 335 -51.93 66.04 -60.79
N ALA A 336 -51.87 65.30 -61.89
CA ALA A 336 -50.96 64.17 -61.97
C ALA A 336 -49.54 64.67 -61.82
N SER A 337 -49.28 65.82 -62.43
CA SER A 337 -47.96 66.39 -62.37
C SER A 337 -47.62 66.71 -60.94
N ILE A 338 -48.62 67.20 -60.21
CA ILE A 338 -48.38 67.58 -58.83
C ILE A 338 -47.91 66.38 -58.03
N SER A 339 -48.72 65.32 -58.10
CA SER A 339 -48.45 64.17 -57.28
C SER A 339 -47.10 63.55 -57.64
N SER A 340 -46.82 63.57 -58.94
CA SER A 340 -45.57 62.98 -59.39
C SER A 340 -44.41 63.75 -58.80
N ILE A 341 -44.54 65.07 -58.79
CA ILE A 341 -43.45 65.89 -58.27
C ILE A 341 -43.23 65.56 -56.81
N ASN A 342 -44.32 65.32 -56.11
CA ASN A 342 -44.21 64.98 -54.70
C ASN A 342 -43.36 63.73 -54.55
N ALA A 343 -43.76 62.72 -55.32
CA ALA A 343 -43.14 61.41 -55.20
C ALA A 343 -41.67 61.51 -55.46
N TYR A 344 -41.31 62.13 -56.57
CA TYR A 344 -39.91 62.22 -56.91
C TYR A 344 -39.12 63.04 -55.91
N LYS A 345 -39.74 64.04 -55.30
CA LYS A 345 -39.03 64.77 -54.25
C LYS A 345 -38.64 63.80 -53.17
N GLN A 346 -39.60 63.02 -52.72
CA GLN A 346 -39.30 62.12 -51.62
C GLN A 346 -38.23 61.11 -52.03
N ALA A 347 -38.29 60.68 -53.27
CA ALA A 347 -37.32 59.73 -53.76
C ALA A 347 -35.94 60.35 -53.71
N VAL A 348 -35.88 61.65 -53.96
CA VAL A 348 -34.63 62.36 -53.92
C VAL A 348 -34.08 62.35 -52.53
N VAL A 349 -34.92 62.68 -51.56
CA VAL A 349 -34.44 62.76 -50.20
C VAL A 349 -33.91 61.41 -49.77
N SER A 350 -34.65 60.38 -50.17
CA SER A 350 -34.31 59.03 -49.78
C SER A 350 -32.96 58.63 -50.32
N ALA A 351 -32.80 58.79 -51.63
CA ALA A 351 -31.59 58.35 -52.28
C ALA A 351 -30.42 59.14 -51.72
N GLN A 352 -30.68 60.39 -51.37
CA GLN A 352 -29.64 61.21 -50.78
C GLN A 352 -29.16 60.66 -49.47
N SER A 353 -30.10 60.34 -48.58
CA SER A 353 -29.69 59.85 -47.28
C SER A 353 -28.99 58.51 -47.44
N SER A 354 -29.42 57.73 -48.42
CA SER A 354 -28.77 56.46 -48.68
C SER A 354 -27.34 56.71 -49.09
N LEU A 355 -27.17 57.76 -49.88
CA LEU A 355 -25.86 58.13 -50.36
C LEU A 355 -24.96 58.45 -49.21
N ASP A 356 -25.46 59.34 -48.34
CA ASP A 356 -24.64 59.83 -47.25
C ASP A 356 -24.26 58.69 -46.36
N ALA A 357 -25.19 57.75 -46.25
CA ALA A 357 -24.96 56.58 -45.42
C ALA A 357 -23.79 55.79 -45.98
N MET A 358 -23.84 55.50 -47.26
CA MET A 358 -22.78 54.70 -47.85
C MET A 358 -21.46 55.46 -47.84
N GLU A 359 -21.55 56.79 -47.91
CA GLU A 359 -20.35 57.62 -47.84
C GLU A 359 -19.70 57.41 -46.50
N ALA A 360 -20.54 57.35 -45.47
CA ALA A 360 -20.05 57.07 -44.14
C ALA A 360 -19.50 55.67 -44.13
N GLY A 361 -20.01 54.83 -45.01
CA GLY A 361 -19.50 53.48 -45.13
C GLY A 361 -18.08 53.52 -45.64
N TYR A 362 -17.79 54.48 -46.52
CA TYR A 362 -16.44 54.61 -47.04
C TYR A 362 -15.59 55.38 -46.06
N SER A 363 -16.21 56.01 -45.09
CA SER A 363 -15.46 56.80 -44.12
C SER A 363 -14.52 55.89 -43.35
N VAL A 364 -14.93 54.64 -43.18
CA VAL A 364 -14.04 53.63 -42.66
C VAL A 364 -13.77 52.62 -43.75
N GLY A 365 -14.23 52.95 -44.95
CA GLY A 365 -13.89 52.21 -46.15
C GLY A 365 -14.57 50.87 -46.36
N THR A 366 -15.77 50.69 -45.82
CA THR A 366 -16.45 49.40 -45.94
C THR A 366 -16.76 49.02 -47.38
N ARG A 367 -16.83 50.00 -48.28
CA ARG A 367 -17.27 49.73 -49.64
C ARG A 367 -16.27 50.20 -50.71
N THR A 368 -16.78 50.63 -51.86
CA THR A 368 -15.96 51.27 -52.88
C THR A 368 -16.63 52.55 -53.37
N ILE A 369 -15.81 53.48 -53.83
CA ILE A 369 -16.29 54.78 -54.27
C ILE A 369 -17.28 54.67 -55.42
N VAL A 370 -17.13 53.60 -56.21
CA VAL A 370 -18.05 53.35 -57.28
C VAL A 370 -19.45 53.20 -56.74
N ASP A 371 -19.54 52.50 -55.61
CA ASP A 371 -20.82 52.19 -54.99
C ASP A 371 -21.46 53.49 -54.61
N VAL A 372 -20.59 54.37 -54.15
CA VAL A 372 -21.00 55.70 -53.73
C VAL A 372 -21.54 56.42 -54.93
N LEU A 373 -20.96 56.15 -56.08
CA LEU A 373 -21.38 56.84 -57.28
C LEU A 373 -22.57 56.14 -57.90
N ASP A 374 -22.92 54.99 -57.37
CA ASP A 374 -24.09 54.27 -57.80
C ASP A 374 -25.24 54.95 -57.11
N ALA A 375 -25.02 55.21 -55.82
CA ALA A 375 -26.01 55.94 -55.07
C ALA A 375 -26.12 57.32 -55.68
N THR A 376 -25.00 57.83 -56.16
CA THR A 376 -24.96 59.14 -56.80
C THR A 376 -25.75 59.09 -58.09
N THR A 377 -25.72 57.92 -58.70
CA THR A 377 -26.31 57.72 -60.00
C THR A 377 -27.79 57.84 -59.84
N THR A 378 -28.31 57.02 -58.94
CA THR A 378 -29.73 56.98 -58.68
C THR A 378 -30.13 58.35 -58.18
N LEU A 379 -29.17 58.99 -57.51
CA LEU A 379 -29.41 60.29 -56.91
C LEU A 379 -29.79 61.27 -57.99
N TYR A 380 -28.81 61.70 -58.76
CA TYR A 380 -29.07 62.75 -59.72
C TYR A 380 -30.11 62.34 -60.75
N ASN A 381 -30.14 61.06 -61.10
CA ASN A 381 -31.18 60.60 -62.00
C ASN A 381 -32.50 61.02 -61.39
N ALA A 382 -32.67 60.71 -60.12
CA ALA A 382 -33.91 61.05 -59.45
C ALA A 382 -34.08 62.57 -59.47
N LYS A 383 -32.97 63.29 -59.34
CA LYS A 383 -33.04 64.73 -59.18
C LYS A 383 -33.69 65.38 -60.36
N GLN A 384 -33.15 65.09 -61.53
CA GLN A 384 -33.60 65.85 -62.65
C GLN A 384 -34.61 65.10 -63.48
N GLU A 385 -34.92 63.88 -63.06
CA GLU A 385 -36.19 63.33 -63.46
C GLU A 385 -37.25 64.14 -62.73
N LEU A 386 -36.96 64.52 -61.49
CA LEU A 386 -37.85 65.41 -60.77
C LEU A 386 -37.90 66.76 -61.47
N ALA A 387 -36.76 67.18 -62.02
CA ALA A 387 -36.75 68.43 -62.75
C ALA A 387 -37.67 68.29 -63.93
N ASN A 388 -37.62 67.10 -64.55
CA ASN A 388 -38.43 66.81 -65.70
C ASN A 388 -39.88 66.96 -65.32
N ALA A 389 -40.20 66.49 -64.13
CA ALA A 389 -41.56 66.58 -63.66
C ALA A 389 -41.96 68.04 -63.53
N ARG A 390 -41.02 68.86 -63.07
CA ARG A 390 -41.35 70.27 -62.93
C ARG A 390 -41.62 70.89 -64.27
N TYR A 391 -40.86 70.48 -65.28
CA TYR A 391 -41.11 71.01 -66.60
C TYR A 391 -42.45 70.55 -67.08
N ASN A 392 -42.85 69.35 -66.68
CA ASN A 392 -44.15 68.86 -67.06
C ASN A 392 -45.22 69.73 -66.44
N TYR A 393 -44.95 70.20 -65.24
CA TYR A 393 -45.87 71.10 -64.55
C TYR A 393 -46.00 72.36 -65.37
N LEU A 394 -44.88 72.78 -65.94
CA LEU A 394 -44.87 73.99 -66.75
C LEU A 394 -45.69 73.80 -68.01
N ILE A 395 -45.46 72.67 -68.68
CA ILE A 395 -46.12 72.40 -69.93
C ILE A 395 -47.60 72.35 -69.70
N ASN A 396 -48.00 71.70 -68.62
CA ASN A 396 -49.41 71.61 -68.30
C ASN A 396 -49.98 72.98 -68.01
N GLN A 397 -49.15 73.84 -67.43
CA GLN A 397 -49.59 75.20 -67.17
C GLN A 397 -49.94 75.86 -68.49
N LEU A 398 -49.02 75.75 -69.44
CA LEU A 398 -49.25 76.38 -70.73
C LEU A 398 -50.40 75.74 -71.47
N ASN A 399 -50.63 74.46 -71.21
CA ASN A 399 -51.68 73.74 -71.92
C ASN A 399 -53.04 74.17 -71.43
N ILE A 400 -53.19 74.22 -70.11
CA ILE A 400 -54.47 74.63 -69.56
C ILE A 400 -54.72 76.07 -69.96
N LYS A 401 -53.64 76.85 -70.05
CA LYS A 401 -53.82 78.22 -70.46
C LYS A 401 -54.19 78.26 -71.94
N SER A 402 -53.77 77.23 -72.66
CA SER A 402 -53.96 77.15 -74.11
C SER A 402 -55.37 76.80 -74.48
N ALA A 403 -55.93 75.83 -73.76
CA ALA A 403 -57.25 75.34 -74.05
C ALA A 403 -58.26 76.46 -73.81
N LEU A 404 -57.87 77.39 -72.95
CA LEU A 404 -58.67 78.58 -72.72
C LEU A 404 -58.78 79.41 -73.99
N GLY A 405 -57.78 79.27 -74.85
CA GLY A 405 -57.67 80.11 -76.03
C GLY A 405 -56.98 81.40 -75.69
N THR A 406 -56.55 81.50 -74.43
CA THR A 406 -55.84 82.66 -73.95
C THR A 406 -54.40 82.69 -74.43
N LEU A 407 -53.47 82.46 -73.50
CA LEU A 407 -52.04 82.52 -73.74
C LEU A 407 -51.54 83.88 -74.21
N ASN A 408 -50.33 84.20 -73.78
CA ASN A 408 -49.67 85.45 -74.13
C ASN A 408 -48.21 85.37 -73.76
N GLU A 409 -47.48 86.44 -74.05
CA GLU A 409 -46.08 86.49 -73.66
C GLU A 409 -45.91 86.46 -72.14
N GLN A 410 -46.92 86.93 -71.41
CA GLN A 410 -46.78 87.19 -69.99
C GLN A 410 -46.56 85.93 -69.14
N ASP A 411 -47.30 84.86 -69.42
CA ASP A 411 -47.11 83.64 -68.67
C ASP A 411 -45.70 83.13 -68.91
N LEU A 412 -45.24 83.32 -70.13
CA LEU A 412 -43.89 82.94 -70.50
C LEU A 412 -42.90 83.82 -69.75
N LEU A 413 -43.29 85.04 -69.45
CA LEU A 413 -42.44 85.92 -68.67
C LEU A 413 -42.33 85.41 -67.25
N ALA A 414 -43.43 84.86 -66.74
CA ALA A 414 -43.38 84.23 -65.42
C ALA A 414 -42.45 83.02 -65.47
N LEU A 415 -42.48 82.35 -66.60
CA LEU A 415 -41.58 81.23 -66.81
C LEU A 415 -40.15 81.73 -66.79
N ASN A 416 -39.97 82.94 -67.31
CA ASN A 416 -38.65 83.54 -67.35
C ASN A 416 -38.22 83.86 -65.91
N ASN A 417 -39.20 84.17 -65.07
CA ASN A 417 -38.93 84.34 -63.66
C ASN A 417 -38.49 83.03 -63.05
N ALA A 418 -39.01 81.93 -63.57
CA ALA A 418 -38.63 80.61 -63.07
C ALA A 418 -37.17 80.28 -63.34
N LEU A 419 -36.60 80.86 -64.38
CA LEU A 419 -35.22 80.56 -64.77
C LEU A 419 -34.17 81.16 -63.84
N SER A 420 -33.00 80.54 -63.80
CA SER A 420 -31.92 81.00 -62.91
C SER A 420 -30.54 80.99 -63.58
N LYS A 421 -29.68 80.07 -63.14
CA LYS A 421 -28.26 80.06 -63.52
C LYS A 421 -28.00 79.70 -64.97
N PRO A 422 -27.00 80.34 -65.58
CA PRO A 422 -26.51 79.97 -66.91
C PRO A 422 -25.94 78.56 -66.93
N VAL A 423 -26.13 77.85 -68.03
CA VAL A 423 -25.60 76.49 -68.20
C VAL A 423 -25.21 76.21 -69.64
N SER A 424 -23.95 75.86 -69.86
CA SER A 424 -23.47 75.56 -71.20
C SER A 424 -24.17 74.34 -71.76
N THR A 425 -24.53 74.39 -73.05
CA THR A 425 -25.29 73.32 -73.66
C THR A 425 -24.47 72.08 -73.94
N ASN A 426 -23.28 72.24 -74.50
CA ASN A 426 -22.50 71.07 -74.88
C ASN A 426 -21.06 71.13 -74.44
N PRO A 427 -20.81 70.91 -73.14
CA PRO A 427 -19.45 70.61 -72.75
C PRO A 427 -19.01 69.31 -73.40
N GLU A 428 -17.75 69.20 -73.79
CA GLU A 428 -17.29 67.99 -74.46
C GLU A 428 -17.11 66.85 -73.47
N GLU B 1 -35.37 36.42 -105.08
CA GLU B 1 -34.89 35.82 -103.85
C GLU B 1 -33.88 36.73 -103.18
N ASN B 2 -32.80 37.02 -103.90
CA ASN B 2 -31.82 37.96 -103.40
C ASN B 2 -32.46 39.33 -103.42
N LEU B 3 -31.97 40.24 -102.60
CA LEU B 3 -32.60 41.54 -102.46
C LEU B 3 -32.70 42.24 -103.79
N MET B 4 -31.72 42.00 -104.66
CA MET B 4 -31.71 42.63 -105.96
C MET B 4 -32.87 42.13 -106.79
N GLN B 5 -33.03 40.81 -106.84
CA GLN B 5 -34.11 40.21 -107.62
C GLN B 5 -35.46 40.63 -107.06
N VAL B 6 -35.51 40.74 -105.75
CA VAL B 6 -36.75 41.13 -105.09
C VAL B 6 -37.11 42.52 -105.53
N TYR B 7 -36.14 43.40 -105.56
CA TYR B 7 -36.38 44.75 -106.04
C TYR B 7 -36.83 44.72 -107.48
N GLN B 8 -36.27 43.79 -108.25
CA GLN B 8 -36.57 43.77 -109.66
C GLN B 8 -38.01 43.42 -109.92
N GLN B 9 -38.46 42.31 -109.37
CA GLN B 9 -39.84 41.91 -109.58
C GLN B 9 -40.76 42.94 -108.95
N ALA B 10 -40.32 43.49 -107.83
CA ALA B 10 -41.14 44.48 -107.14
C ALA B 10 -41.24 45.77 -107.93
N ARG B 11 -40.24 46.02 -108.77
CA ARG B 11 -40.12 47.32 -109.41
C ARG B 11 -41.31 47.60 -110.32
N LEU B 12 -41.94 46.55 -110.83
CA LEU B 12 -43.15 46.71 -111.62
C LEU B 12 -44.42 46.46 -110.80
N SER B 13 -44.29 45.73 -109.69
CA SER B 13 -45.44 45.37 -108.88
C SER B 13 -46.09 46.58 -108.21
N ASN B 14 -45.30 47.60 -107.95
CA ASN B 14 -45.80 48.79 -107.26
C ASN B 14 -46.84 49.49 -108.09
N PRO B 15 -48.01 49.71 -107.51
CA PRO B 15 -49.02 50.54 -108.13
C PRO B 15 -48.70 52.02 -107.98
N GLU B 16 -48.39 52.46 -106.77
CA GLU B 16 -48.24 53.88 -106.51
C GLU B 16 -47.11 54.47 -107.30
N LEU B 17 -46.08 53.68 -107.54
CA LEU B 17 -44.99 54.16 -108.35
C LEU B 17 -45.49 54.35 -109.77
N ARG B 18 -46.17 53.33 -110.28
CA ARG B 18 -46.72 53.39 -111.61
C ARG B 18 -47.81 54.46 -111.65
N LYS B 19 -48.47 54.64 -110.53
CA LYS B 19 -49.50 55.65 -110.43
C LYS B 19 -48.89 57.02 -110.65
N SER B 20 -47.80 57.28 -109.96
CA SER B 20 -47.13 58.55 -110.07
C SER B 20 -46.56 58.71 -111.46
N ALA B 21 -46.18 57.58 -112.06
CA ALA B 21 -45.62 57.63 -113.41
C ALA B 21 -46.67 58.12 -114.38
N ALA B 22 -47.84 57.51 -114.28
CA ALA B 22 -48.95 57.89 -115.15
C ALA B 22 -49.34 59.32 -114.88
N ASP B 23 -49.19 59.74 -113.63
CA ASP B 23 -49.52 61.10 -113.28
C ASP B 23 -48.56 62.05 -113.95
N ARG B 24 -47.30 61.63 -114.07
CA ARG B 24 -46.34 62.43 -114.78
C ARG B 24 -46.73 62.49 -116.23
N ASP B 25 -47.32 61.39 -116.70
CA ASP B 25 -47.72 61.30 -118.08
C ASP B 25 -48.84 62.32 -118.32
N ALA B 26 -49.65 62.50 -117.29
CA ALA B 26 -50.73 63.46 -117.34
C ALA B 26 -50.17 64.87 -117.37
N ALA B 27 -49.20 65.12 -116.50
CA ALA B 27 -48.64 66.46 -116.39
C ALA B 27 -47.96 66.86 -117.67
N PHE B 28 -47.34 65.90 -118.33
CA PHE B 28 -46.70 66.17 -119.60
C PHE B 28 -47.73 66.38 -120.69
N GLU B 29 -48.71 65.50 -120.73
CA GLU B 29 -49.68 65.55 -121.79
C GLU B 29 -50.50 66.82 -121.73
N LYS B 30 -50.67 67.34 -120.53
CA LYS B 30 -51.52 68.50 -120.33
C LYS B 30 -50.85 69.74 -120.91
N ILE B 31 -49.54 69.65 -121.12
CA ILE B 31 -48.80 70.73 -121.73
C ILE B 31 -49.30 70.94 -123.14
N ASN B 32 -49.79 69.87 -123.76
CA ASN B 32 -50.31 69.96 -125.10
C ASN B 32 -51.53 70.86 -125.19
N GLU B 33 -52.49 70.64 -124.31
CA GLU B 33 -53.67 71.50 -124.31
C GLU B 33 -53.25 72.87 -123.82
N ALA B 34 -52.18 72.92 -123.05
CA ALA B 34 -51.66 74.21 -122.65
C ALA B 34 -51.19 74.98 -123.87
N ARG B 35 -50.70 74.24 -124.87
CA ARG B 35 -50.25 74.85 -126.11
C ARG B 35 -51.41 75.11 -127.04
N SER B 36 -52.50 74.41 -126.79
CA SER B 36 -53.65 74.38 -127.70
C SER B 36 -54.31 75.72 -128.06
N PRO B 37 -54.56 76.62 -127.07
CA PRO B 37 -55.38 77.79 -127.40
C PRO B 37 -54.81 78.66 -128.51
N LEU B 38 -53.49 78.69 -128.63
CA LEU B 38 -52.84 79.49 -129.66
C LEU B 38 -53.25 79.05 -131.06
N LEU B 39 -53.62 77.77 -131.18
CA LEU B 39 -54.00 77.19 -132.45
C LEU B 39 -55.33 77.75 -132.94
N PRO B 40 -55.54 77.76 -134.26
CA PRO B 40 -56.78 78.26 -134.86
C PRO B 40 -58.00 77.46 -134.48
N GLN B 41 -59.13 78.13 -134.33
CA GLN B 41 -60.36 77.49 -133.92
C GLN B 41 -61.36 77.44 -135.06
N LEU B 42 -61.30 76.34 -135.81
CA LEU B 42 -62.27 76.09 -136.87
C LEU B 42 -63.63 75.77 -136.26
N GLY B 43 -64.69 76.18 -136.92
CA GLY B 43 -66.02 75.97 -136.37
C GLY B 43 -67.16 76.06 -137.36
N LEU B 44 -68.35 75.66 -136.90
CA LEU B 44 -69.55 75.68 -137.71
C LEU B 44 -70.78 75.71 -136.82
N GLY B 45 -71.83 76.39 -137.28
CA GLY B 45 -73.04 76.51 -136.51
C GLY B 45 -74.27 76.90 -137.32
N ALA B 46 -74.69 76.01 -138.21
CA ALA B 46 -75.87 76.27 -139.02
C ALA B 46 -77.15 76.16 -138.20
N ASP B 47 -78.17 76.90 -138.61
CA ASP B 47 -79.46 76.86 -137.93
C ASP B 47 -80.60 77.45 -138.78
N TYR B 48 -81.82 77.18 -138.34
CA TYR B 48 -83.02 77.60 -139.04
C TYR B 48 -84.04 78.14 -138.05
N THR B 49 -84.82 79.14 -138.46
CA THR B 49 -85.72 79.78 -137.50
C THR B 49 -86.91 80.49 -138.13
N TYR B 50 -88.11 80.06 -137.76
CA TYR B 50 -89.33 80.76 -138.16
C TYR B 50 -89.52 82.06 -137.38
N SER B 51 -90.21 83.01 -137.99
CA SER B 51 -90.55 84.26 -137.33
C SER B 51 -91.92 84.75 -137.76
N ASN B 52 -92.65 85.32 -136.80
CA ASN B 52 -94.00 85.84 -137.02
C ASN B 52 -94.20 87.16 -136.28
N GLY B 53 -94.28 88.25 -137.02
CA GLY B 53 -94.49 89.56 -136.43
C GLY B 53 -95.91 89.79 -135.96
N TYR B 54 -96.09 90.77 -135.08
CA TYR B 54 -97.40 91.13 -134.58
C TYR B 54 -97.37 92.58 -134.13
N ARG B 55 -98.53 93.23 -134.12
CA ARG B 55 -98.66 94.60 -133.64
C ARG B 55 -97.75 95.54 -134.42
N ASP B 56 -98.31 96.22 -135.42
CA ASP B 56 -97.55 97.04 -136.37
C ASP B 56 -96.70 96.15 -137.28
N ALA B 57 -96.02 95.18 -136.69
CA ALA B 57 -95.22 94.21 -137.42
C ALA B 57 -96.10 93.07 -137.94
N ASN B 58 -97.38 93.14 -137.63
CA ASN B 58 -98.28 92.02 -137.85
C ASN B 58 -98.41 91.60 -139.31
N GLY B 59 -98.54 90.29 -139.50
CA GLY B 59 -98.89 89.71 -140.79
C GLY B 59 -97.76 89.42 -141.76
N ILE B 60 -96.53 89.73 -141.38
CA ILE B 60 -95.41 89.39 -142.23
C ILE B 60 -94.63 88.19 -141.69
N ASN B 61 -95.04 87.01 -142.11
CA ASN B 61 -94.37 85.78 -141.71
C ASN B 61 -93.06 85.60 -142.45
N SER B 62 -92.12 84.90 -141.84
CA SER B 62 -90.85 84.62 -142.50
C SER B 62 -90.18 83.43 -141.86
N ASN B 63 -89.14 82.93 -142.52
CA ASN B 63 -88.31 81.89 -141.91
C ASN B 63 -86.86 81.94 -142.38
N ALA B 64 -86.00 82.43 -141.49
CA ALA B 64 -84.57 82.55 -141.75
C ALA B 64 -83.88 81.19 -141.83
N THR B 65 -82.90 81.11 -142.73
CA THR B 65 -82.13 79.90 -142.94
C THR B 65 -80.64 80.24 -143.06
N SER B 66 -79.88 79.96 -142.01
CA SER B 66 -78.48 80.40 -141.97
C SER B 66 -77.49 79.27 -141.79
N ALA B 67 -76.32 79.42 -142.39
CA ALA B 67 -75.22 78.49 -142.22
C ALA B 67 -73.90 79.22 -142.40
N SER B 68 -72.90 78.86 -141.58
CA SER B 68 -71.62 79.58 -141.61
C SER B 68 -70.49 78.86 -140.89
N LEU B 69 -69.37 78.68 -141.59
CA LEU B 69 -68.14 78.25 -140.95
C LEU B 69 -67.54 79.42 -140.19
N GLN B 70 -66.81 79.13 -139.12
CA GLN B 70 -66.24 80.19 -138.29
C GLN B 70 -64.85 79.87 -137.78
N LEU B 71 -63.84 80.22 -138.56
CA LEU B 71 -62.47 80.20 -138.07
C LEU B 71 -62.24 81.39 -137.14
N THR B 72 -61.40 81.20 -136.14
CA THR B 72 -60.93 82.30 -135.29
C THR B 72 -59.49 82.10 -134.92
N GLN B 73 -58.75 83.19 -134.78
CA GLN B 73 -57.37 83.09 -134.36
C GLN B 73 -56.87 84.34 -133.65
N SER B 74 -56.64 84.19 -132.36
CA SER B 74 -56.00 85.24 -131.57
C SER B 74 -54.55 85.37 -131.97
N ILE B 75 -54.00 86.55 -131.81
CA ILE B 75 -52.61 86.78 -132.15
C ILE B 75 -51.80 87.17 -130.92
N PHE B 76 -52.36 88.00 -130.06
CA PHE B 76 -51.59 88.56 -128.96
C PHE B 76 -52.24 88.40 -127.59
N ASP B 77 -51.73 87.45 -126.81
CA ASP B 77 -52.11 87.28 -125.41
C ASP B 77 -51.07 86.43 -124.68
N MET B 78 -50.14 87.10 -124.03
CA MET B 78 -49.01 86.43 -123.40
C MET B 78 -49.45 85.52 -122.26
N SER B 79 -50.63 85.78 -121.72
CA SER B 79 -51.12 85.05 -120.56
C SER B 79 -51.19 83.57 -120.86
N LYS B 80 -51.50 83.24 -122.11
CA LYS B 80 -51.55 81.85 -122.53
C LYS B 80 -50.17 81.23 -122.48
N TRP B 81 -49.18 81.99 -122.93
CA TRP B 81 -47.79 81.55 -122.90
C TRP B 81 -47.38 81.38 -121.46
N ARG B 82 -47.92 82.26 -120.63
CA ARG B 82 -47.59 82.29 -119.22
C ARG B 82 -48.06 80.98 -118.61
N ALA B 83 -49.32 80.67 -118.86
CA ALA B 83 -49.94 79.48 -118.31
C ALA B 83 -49.24 78.25 -118.85
N LEU B 84 -48.71 78.38 -120.06
CA LEU B 84 -47.95 77.31 -120.65
C LEU B 84 -46.71 77.06 -119.80
N THR B 85 -46.02 78.13 -119.44
CA THR B 85 -44.83 77.99 -118.61
C THR B 85 -45.18 77.41 -117.26
N LEU B 86 -46.36 77.78 -116.77
CA LEU B 86 -46.85 77.22 -115.52
C LEU B 86 -46.94 75.73 -115.65
N GLN B 87 -47.54 75.30 -116.73
CA GLN B 87 -47.81 73.89 -116.95
C GLN B 87 -46.49 73.16 -117.03
N GLU B 88 -45.50 73.82 -117.61
CA GLU B 88 -44.18 73.25 -117.77
C GLU B 88 -43.58 72.97 -116.40
N LYS B 89 -43.62 74.00 -115.57
CA LYS B 89 -43.04 73.89 -114.25
C LYS B 89 -43.77 72.83 -113.44
N ALA B 90 -45.08 72.71 -113.67
CA ALA B 90 -45.86 71.71 -112.98
C ALA B 90 -45.40 70.33 -113.42
N ALA B 91 -45.02 70.22 -114.68
CA ALA B 91 -44.51 68.96 -115.19
C ALA B 91 -43.22 68.62 -114.48
N GLY B 92 -42.42 69.66 -114.22
CA GLY B 92 -41.18 69.43 -113.51
C GLY B 92 -41.47 68.95 -112.11
N ILE B 93 -42.54 69.51 -111.54
CA ILE B 93 -42.92 69.17 -110.18
C ILE B 93 -43.28 67.70 -110.08
N GLN B 94 -44.17 67.29 -110.97
CA GLN B 94 -44.69 65.95 -110.91
C GLN B 94 -43.53 65.00 -111.16
N ASP B 95 -42.59 65.45 -111.98
CA ASP B 95 -41.39 64.67 -112.25
C ASP B 95 -40.63 64.41 -110.96
N VAL B 96 -40.37 65.50 -110.23
CA VAL B 96 -39.55 65.40 -109.06
C VAL B 96 -40.19 64.49 -108.02
N THR B 97 -41.47 64.71 -107.78
CA THR B 97 -42.15 63.91 -106.76
C THR B 97 -42.16 62.45 -107.20
N TYR B 98 -42.22 62.23 -108.50
CA TYR B 98 -42.14 60.88 -109.01
C TYR B 98 -40.80 60.25 -108.66
N GLN B 99 -39.75 61.04 -108.74
CA GLN B 99 -38.44 60.54 -108.36
C GLN B 99 -38.43 60.17 -106.88
N THR B 100 -39.14 61.00 -106.12
CA THR B 100 -39.21 60.81 -104.68
C THR B 100 -39.80 59.46 -104.37
N ASP B 101 -40.93 59.18 -105.00
CA ASP B 101 -41.56 57.90 -104.78
C ASP B 101 -40.69 56.77 -105.29
N GLN B 102 -39.90 57.05 -106.32
CA GLN B 102 -38.98 56.04 -106.80
C GLN B 102 -37.98 55.63 -105.73
N GLN B 103 -37.58 56.58 -104.90
CA GLN B 103 -36.73 56.20 -103.79
C GLN B 103 -37.54 55.47 -102.73
N THR B 104 -38.77 55.96 -102.57
CA THR B 104 -39.63 55.52 -101.49
C THR B 104 -39.91 54.05 -101.61
N LEU B 105 -40.04 53.57 -102.84
CA LEU B 105 -40.28 52.15 -103.05
C LEU B 105 -39.08 51.35 -102.59
N ILE B 106 -37.91 51.92 -102.79
CA ILE B 106 -36.68 51.21 -102.47
C ILE B 106 -36.57 51.00 -100.98
N LEU B 107 -36.77 52.10 -100.26
CA LEU B 107 -36.56 52.08 -98.82
C LEU B 107 -37.41 51.01 -98.14
N ASN B 108 -38.70 51.03 -98.44
CA ASN B 108 -39.61 50.10 -97.83
C ASN B 108 -39.25 48.68 -98.21
N THR B 109 -38.78 48.54 -99.45
CA THR B 109 -38.49 47.24 -100.00
C THR B 109 -37.37 46.59 -99.22
N ALA B 110 -36.38 47.38 -98.83
CA ALA B 110 -35.35 46.85 -97.97
C ALA B 110 -35.92 46.56 -96.59
N THR B 111 -36.76 47.48 -96.14
CA THR B 111 -37.22 47.47 -94.77
C THR B 111 -37.93 46.18 -94.42
N ALA B 112 -38.93 45.85 -95.21
CA ALA B 112 -39.74 44.68 -94.92
C ALA B 112 -38.89 43.42 -95.00
N TYR B 113 -37.90 43.43 -95.88
CA TYR B 113 -37.05 42.28 -96.07
C TYR B 113 -36.33 41.99 -94.77
N PHE B 114 -35.71 43.03 -94.25
CA PHE B 114 -34.96 42.87 -93.01
C PHE B 114 -35.90 42.48 -91.90
N ASN B 115 -37.13 42.99 -91.94
CA ASN B 115 -38.09 42.64 -90.92
C ASN B 115 -38.39 41.16 -90.96
N VAL B 116 -38.41 40.60 -92.16
CA VAL B 116 -38.67 39.19 -92.30
C VAL B 116 -37.57 38.40 -91.66
N LEU B 117 -36.34 38.84 -91.93
CA LEU B 117 -35.20 38.15 -91.37
C LEU B 117 -35.31 38.13 -89.86
N ASN B 118 -35.60 39.30 -89.31
CA ASN B 118 -35.64 39.48 -87.87
C ASN B 118 -36.72 38.58 -87.27
N ALA B 119 -37.84 38.49 -87.97
CA ALA B 119 -38.93 37.69 -87.46
C ALA B 119 -38.51 36.24 -87.40
N ILE B 120 -37.75 35.81 -88.40
CA ILE B 120 -37.31 34.42 -88.44
C ILE B 120 -36.46 34.15 -87.21
N ASP B 121 -35.64 35.16 -86.93
CA ASP B 121 -34.69 35.09 -85.85
C ASP B 121 -35.41 34.84 -84.53
N VAL B 122 -36.25 35.80 -84.20
CA VAL B 122 -36.94 35.79 -82.93
C VAL B 122 -37.76 34.53 -82.83
N LEU B 123 -38.29 34.09 -83.95
CA LEU B 123 -39.07 32.88 -83.97
C LEU B 123 -38.28 31.69 -83.47
N SER B 124 -37.15 31.45 -84.11
CA SER B 124 -36.40 30.26 -83.78
C SER B 124 -35.98 30.30 -82.33
N TYR B 125 -35.59 31.49 -81.90
CA TYR B 125 -34.97 31.55 -80.59
C TYR B 125 -36.02 31.39 -79.53
N THR B 126 -37.19 31.90 -79.84
CA THR B 126 -38.31 31.75 -78.96
C THR B 126 -38.62 30.26 -78.85
N GLN B 127 -38.43 29.54 -79.94
CA GLN B 127 -38.69 28.10 -79.91
C GLN B 127 -37.76 27.43 -78.91
N ALA B 128 -36.48 27.81 -78.98
CA ALA B 128 -35.53 27.18 -78.08
C ALA B 128 -35.92 27.48 -76.65
N GLN B 129 -36.38 28.70 -76.44
CA GLN B 129 -36.81 29.10 -75.12
C GLN B 129 -37.95 28.22 -74.65
N LYS B 130 -38.81 27.86 -75.61
CA LYS B 130 -39.94 27.04 -75.31
C LYS B 130 -39.46 25.72 -74.77
N GLU B 131 -38.54 25.08 -75.50
CA GLU B 131 -38.12 23.76 -75.07
C GLU B 131 -37.49 23.82 -73.69
N ALA B 132 -36.72 24.88 -73.46
CA ALA B 132 -36.02 24.99 -72.19
C ALA B 132 -37.02 25.03 -71.05
N ILE B 133 -37.95 25.95 -71.19
CA ILE B 133 -38.90 26.17 -70.12
C ILE B 133 -39.72 24.91 -69.92
N TYR B 134 -39.97 24.20 -71.02
CA TYR B 134 -40.75 22.99 -70.95
C TYR B 134 -40.08 21.99 -70.04
N ARG B 135 -38.79 21.79 -70.25
CA ARG B 135 -38.10 20.83 -69.42
C ARG B 135 -37.96 21.31 -67.99
N GLN B 136 -37.97 22.62 -67.78
CA GLN B 136 -38.08 23.07 -66.41
C GLN B 136 -39.39 22.62 -65.79
N LEU B 137 -40.46 22.72 -66.56
CA LEU B 137 -41.75 22.30 -66.04
C LEU B 137 -41.72 20.83 -65.72
N ASP B 138 -41.04 20.07 -66.57
CA ASP B 138 -41.00 18.63 -66.37
C ASP B 138 -40.21 18.33 -65.11
N GLN B 139 -39.15 19.09 -64.89
CA GLN B 139 -38.30 18.82 -63.75
C GLN B 139 -39.05 19.12 -62.47
N THR B 140 -39.66 20.29 -62.43
CA THR B 140 -40.36 20.71 -61.23
C THR B 140 -41.50 19.75 -60.97
N THR B 141 -42.09 19.28 -62.06
CA THR B 141 -43.23 18.38 -61.97
C THR B 141 -42.82 17.10 -61.28
N GLN B 142 -41.75 16.52 -61.81
CA GLN B 142 -41.29 15.25 -61.31
C GLN B 142 -40.88 15.44 -59.86
N ARG B 143 -40.37 16.63 -59.58
CA ARG B 143 -39.94 16.94 -58.23
C ARG B 143 -41.10 16.95 -57.27
N PHE B 144 -42.25 17.43 -57.73
CA PHE B 144 -43.44 17.34 -56.90
C PHE B 144 -43.90 15.90 -56.78
N ASN B 145 -43.61 15.11 -57.80
CA ASN B 145 -44.08 13.72 -57.78
C ASN B 145 -43.46 12.92 -56.67
N VAL B 146 -42.28 13.33 -56.26
CA VAL B 146 -41.63 12.67 -55.15
C VAL B 146 -41.82 13.57 -53.94
N GLY B 147 -42.43 14.71 -54.19
CA GLY B 147 -42.84 15.61 -53.13
C GLY B 147 -41.81 16.48 -52.46
N LEU B 148 -40.76 16.86 -53.18
CA LEU B 148 -39.77 17.77 -52.61
C LEU B 148 -40.26 19.20 -52.39
N VAL B 149 -41.27 19.62 -53.15
CA VAL B 149 -41.63 21.03 -53.16
C VAL B 149 -43.14 21.30 -53.23
N ALA B 150 -43.52 22.52 -52.86
CA ALA B 150 -44.90 22.95 -52.85
C ALA B 150 -45.49 23.04 -54.25
N ILE B 151 -46.79 22.77 -54.35
CA ILE B 151 -47.50 22.74 -55.61
C ILE B 151 -47.47 24.09 -56.32
N THR B 152 -47.30 25.13 -55.52
CA THR B 152 -47.31 26.47 -56.04
C THR B 152 -46.22 26.66 -57.09
N ASP B 153 -45.07 26.04 -56.88
CA ASP B 153 -43.98 26.13 -57.84
C ASP B 153 -44.37 25.44 -59.11
N VAL B 154 -45.15 24.36 -58.96
CA VAL B 154 -45.55 23.58 -60.10
C VAL B 154 -46.41 24.44 -60.99
N GLN B 155 -47.36 25.12 -60.37
CA GLN B 155 -48.22 25.99 -61.13
C GLN B 155 -47.42 27.14 -61.72
N ASN B 156 -46.35 27.53 -61.04
CA ASN B 156 -45.52 28.61 -61.55
C ASN B 156 -44.91 28.22 -62.88
N ALA B 157 -44.28 27.05 -62.89
CA ALA B 157 -43.63 26.59 -64.10
C ALA B 157 -44.68 26.38 -65.17
N ARG B 158 -45.87 25.98 -64.74
CA ARG B 158 -46.98 25.83 -65.64
C ARG B 158 -47.22 27.15 -66.37
N ALA B 159 -47.29 28.20 -65.58
CA ALA B 159 -47.58 29.52 -66.11
C ALA B 159 -46.49 29.95 -67.07
N GLN B 160 -45.26 29.61 -66.72
CA GLN B 160 -44.14 29.98 -67.57
C GLN B 160 -44.33 29.34 -68.92
N TYR B 161 -44.75 28.08 -68.88
CA TYR B 161 -44.89 27.30 -70.09
C TYR B 161 -45.98 27.85 -70.97
N ASP B 162 -47.13 28.15 -70.39
CA ASP B 162 -48.21 28.64 -71.20
C ASP B 162 -47.83 29.99 -71.80
N THR B 163 -47.09 30.76 -71.00
CA THR B 163 -46.72 32.09 -71.43
C THR B 163 -45.83 32.01 -72.65
N VAL B 164 -44.82 31.16 -72.55
CA VAL B 164 -43.87 31.06 -73.63
C VAL B 164 -44.57 30.47 -74.86
N LEU B 165 -45.59 29.64 -74.65
CA LEU B 165 -46.33 29.16 -75.79
C LEU B 165 -47.00 30.32 -76.51
N ALA B 166 -47.58 31.22 -75.73
CA ALA B 166 -48.25 32.36 -76.32
C ALA B 166 -47.25 33.17 -77.10
N ASN B 167 -46.05 33.23 -76.57
CA ASN B 167 -44.98 33.94 -77.25
C ASN B 167 -44.63 33.25 -78.55
N GLU B 168 -44.74 31.92 -78.58
CA GLU B 168 -44.46 31.22 -79.82
C GLU B 168 -45.47 31.59 -80.86
N LEU B 169 -46.74 31.49 -80.47
CA LEU B 169 -47.78 31.66 -81.46
C LEU B 169 -47.75 33.07 -82.00
N THR B 170 -47.54 34.04 -81.12
CA THR B 170 -47.46 35.40 -81.60
C THR B 170 -46.22 35.58 -82.46
N ALA B 171 -45.17 34.80 -82.20
CA ALA B 171 -43.96 34.93 -82.99
C ALA B 171 -44.18 34.45 -84.42
N ARG B 172 -44.73 33.25 -84.53
CA ARG B 172 -45.06 32.65 -85.82
C ARG B 172 -45.98 33.59 -86.55
N ASN B 173 -46.82 34.20 -85.75
CA ASN B 173 -47.89 35.00 -86.26
C ASN B 173 -47.27 36.21 -86.92
N ASN B 174 -46.31 36.80 -86.22
CA ASN B 174 -45.58 37.94 -86.73
C ASN B 174 -44.81 37.57 -87.96
N LEU B 175 -44.36 36.32 -88.02
CA LEU B 175 -43.65 35.87 -89.20
C LEU B 175 -44.53 36.00 -90.41
N ASP B 176 -45.71 35.39 -90.33
CA ASP B 176 -46.59 35.40 -91.49
C ASP B 176 -47.01 36.83 -91.79
N ASN B 177 -47.09 37.63 -90.75
CA ASN B 177 -47.43 39.03 -90.92
C ASN B 177 -46.44 39.71 -91.82
N ALA B 178 -45.17 39.56 -91.47
CA ALA B 178 -44.11 40.20 -92.24
C ALA B 178 -44.10 39.65 -93.65
N VAL B 179 -44.43 38.37 -93.79
CA VAL B 179 -44.46 37.77 -95.11
C VAL B 179 -45.45 38.50 -95.98
N GLU B 180 -46.64 38.69 -95.42
CA GLU B 180 -47.69 39.37 -96.13
C GLU B 180 -47.29 40.81 -96.41
N GLN B 181 -46.50 41.39 -95.50
CA GLN B 181 -46.07 42.76 -95.68
C GLN B 181 -45.23 42.81 -96.92
N LEU B 182 -44.42 41.78 -97.09
CA LEU B 182 -43.55 41.72 -98.25
C LEU B 182 -44.38 41.55 -99.50
N ARG B 183 -45.42 40.74 -99.40
CA ARG B 183 -46.27 40.48 -100.55
C ARG B 183 -46.97 41.76 -100.96
N GLN B 184 -47.21 42.65 -100.00
CA GLN B 184 -47.92 43.86 -100.28
C GLN B 184 -47.19 44.71 -101.30
N ILE B 185 -45.87 44.65 -101.26
CA ILE B 185 -45.06 45.40 -102.19
C ILE B 185 -44.81 44.57 -103.44
N THR B 186 -44.92 43.27 -103.29
CA THR B 186 -44.53 42.36 -104.36
C THR B 186 -45.72 41.69 -105.03
N GLY B 187 -46.71 41.31 -104.23
CA GLY B 187 -47.81 40.54 -104.77
C GLY B 187 -47.41 39.08 -104.87
N ASN B 188 -46.31 38.72 -104.20
CA ASN B 188 -45.84 37.35 -104.26
C ASN B 188 -45.36 36.83 -102.92
N TYR B 189 -45.75 35.60 -102.63
CA TYR B 189 -45.22 34.86 -101.51
C TYR B 189 -43.79 34.44 -101.82
N TYR B 190 -42.97 34.28 -100.80
CA TYR B 190 -41.62 33.77 -100.99
C TYR B 190 -41.24 32.71 -99.96
N PRO B 191 -40.94 31.49 -100.43
CA PRO B 191 -40.50 30.37 -99.60
C PRO B 191 -39.21 30.63 -98.83
N GLU B 192 -38.30 31.41 -99.40
CA GLU B 192 -36.99 31.57 -98.79
C GLU B 192 -36.29 32.86 -99.18
N LEU B 193 -35.37 33.30 -98.34
CA LEU B 193 -34.61 34.53 -98.57
C LEU B 193 -33.18 34.35 -98.08
N ALA B 194 -32.25 35.06 -98.70
CA ALA B 194 -30.84 34.93 -98.38
C ALA B 194 -30.49 35.43 -96.99
N ALA B 195 -29.66 34.66 -96.28
CA ALA B 195 -29.14 35.07 -94.98
C ALA B 195 -28.03 36.10 -95.14
N LEU B 196 -27.87 36.96 -94.13
CA LEU B 196 -26.79 37.92 -94.13
C LEU B 196 -25.43 37.24 -93.97
N ASN B 197 -24.44 37.71 -94.72
CA ASN B 197 -23.07 37.27 -94.54
C ASN B 197 -22.37 38.11 -93.47
N VAL B 198 -22.68 37.81 -92.21
CA VAL B 198 -22.24 38.62 -91.09
C VAL B 198 -20.72 38.68 -90.95
N GLU B 199 -20.04 37.65 -91.44
CA GLU B 199 -18.61 37.52 -91.27
C GLU B 199 -17.83 38.62 -91.99
N ASN B 200 -18.44 39.18 -93.03
CA ASN B 200 -17.79 40.22 -93.82
C ASN B 200 -18.46 41.56 -93.65
N PHE B 201 -19.09 41.76 -92.50
CA PHE B 201 -19.88 42.96 -92.26
C PHE B 201 -19.07 44.24 -92.29
N LYS B 202 -19.60 45.23 -93.01
CA LYS B 202 -18.95 46.51 -93.17
C LYS B 202 -19.15 47.43 -91.97
N THR B 203 -18.18 48.27 -91.71
CA THR B 203 -18.27 49.23 -90.61
C THR B 203 -17.66 50.56 -91.02
N ASP B 204 -17.99 51.02 -92.22
CA ASP B 204 -17.40 52.23 -92.75
C ASP B 204 -17.75 53.46 -91.91
N LYS B 205 -16.77 54.31 -91.71
CA LYS B 205 -17.01 55.61 -91.11
C LYS B 205 -17.77 56.52 -92.07
N PRO B 206 -18.71 57.29 -91.54
CA PRO B 206 -19.43 58.33 -92.27
C PRO B 206 -18.49 59.44 -92.71
N GLN B 207 -18.78 60.07 -93.84
CA GLN B 207 -18.05 61.24 -94.29
C GLN B 207 -18.29 62.39 -93.32
N PRO B 208 -17.35 63.34 -93.26
CA PRO B 208 -17.55 64.47 -92.34
C PRO B 208 -18.83 65.21 -92.68
N VAL B 209 -19.54 65.63 -91.65
CA VAL B 209 -20.91 66.07 -91.81
C VAL B 209 -21.05 67.31 -92.69
N ASN B 210 -20.06 68.18 -92.67
CA ASN B 210 -20.15 69.43 -93.44
C ASN B 210 -20.13 69.16 -94.93
N ALA B 211 -19.31 68.20 -95.35
CA ALA B 211 -19.26 67.83 -96.74
C ALA B 211 -20.59 67.22 -97.13
N LEU B 212 -21.19 66.51 -96.19
CA LEU B 212 -22.49 65.91 -96.41
C LEU B 212 -23.55 66.98 -96.54
N LEU B 213 -23.31 68.11 -95.90
CA LEU B 213 -24.23 69.24 -95.98
C LEU B 213 -24.12 69.91 -97.33
N LYS B 214 -22.88 70.11 -97.80
CA LYS B 214 -22.69 70.71 -99.10
C LYS B 214 -23.29 69.80 -100.16
N GLU B 215 -23.17 68.49 -99.93
CA GLU B 215 -23.80 67.54 -100.82
C GLU B 215 -25.31 67.64 -100.72
N ALA B 216 -25.78 67.94 -99.52
CA ALA B 216 -27.21 68.02 -99.29
C ALA B 216 -27.82 69.19 -100.05
N GLU B 217 -27.05 70.26 -100.17
CA GLU B 217 -27.54 71.47 -100.80
C GLU B 217 -27.79 71.22 -102.27
N LYS B 218 -27.09 70.21 -102.79
CA LYS B 218 -27.21 69.87 -104.19
C LYS B 218 -28.63 69.50 -104.55
N ARG B 219 -29.05 68.31 -104.16
CA ARG B 219 -30.27 67.74 -104.73
C ARG B 219 -31.12 66.86 -103.84
N ASN B 220 -31.56 67.36 -102.69
CA ASN B 220 -32.76 66.79 -102.11
C ASN B 220 -33.94 67.10 -102.99
N LEU B 221 -34.78 66.10 -103.20
CA LEU B 221 -35.89 66.28 -104.09
C LEU B 221 -36.88 67.30 -103.55
N SER B 222 -37.01 67.32 -102.23
CA SER B 222 -38.03 68.13 -101.60
C SER B 222 -37.73 69.60 -101.79
N LEU B 223 -36.50 69.99 -101.45
CA LEU B 223 -36.13 71.40 -101.53
C LEU B 223 -36.18 71.88 -102.96
N LEU B 224 -35.84 70.99 -103.88
CA LEU B 224 -35.86 71.34 -105.28
C LEU B 224 -37.29 71.62 -105.69
N GLN B 225 -38.19 70.79 -105.18
CA GLN B 225 -39.59 70.96 -105.46
C GLN B 225 -40.06 72.28 -104.91
N ALA B 226 -39.49 72.66 -103.77
CA ALA B 226 -39.87 73.91 -103.16
C ALA B 226 -39.48 75.06 -104.04
N ARG B 227 -38.26 75.00 -104.57
CA ARG B 227 -37.79 76.09 -105.41
C ARG B 227 -38.64 76.18 -106.66
N LEU B 228 -39.07 75.03 -107.16
CA LEU B 228 -39.94 75.04 -108.31
C LEU B 228 -41.25 75.70 -107.95
N SER B 229 -41.68 75.49 -106.72
CA SER B 229 -42.93 76.09 -106.27
C SER B 229 -42.76 77.60 -106.23
N GLN B 230 -41.58 78.06 -105.85
CA GLN B 230 -41.34 79.48 -105.77
C GLN B 230 -41.39 80.10 -107.16
N ASP B 231 -40.71 79.45 -108.09
CA ASP B 231 -40.63 79.99 -109.43
C ASP B 231 -42.04 80.01 -110.01
N LEU B 232 -42.83 79.01 -109.63
CA LEU B 232 -44.20 78.96 -110.08
C LEU B 232 -44.98 80.12 -109.53
N ALA B 233 -44.67 80.51 -108.29
CA ALA B 233 -45.36 81.64 -107.71
C ALA B 233 -45.02 82.90 -108.49
N ARG B 234 -43.77 82.98 -108.93
CA ARG B 234 -43.37 84.14 -109.72
C ARG B 234 -44.15 84.17 -111.02
N GLU B 235 -44.36 82.99 -111.59
CA GLU B 235 -45.11 82.90 -112.82
C GLU B 235 -46.54 83.35 -112.59
N GLN B 236 -47.04 83.05 -111.41
CA GLN B 236 -48.38 83.48 -111.05
C GLN B 236 -48.40 84.99 -110.99
N ILE B 237 -47.29 85.57 -110.55
CA ILE B 237 -47.21 87.01 -110.43
C ILE B 237 -47.29 87.67 -111.79
N ARG B 238 -46.47 87.20 -112.72
CA ARG B 238 -46.51 87.79 -114.05
C ARG B 238 -47.87 87.53 -114.69
N GLN B 239 -48.48 86.40 -114.36
CA GLN B 239 -49.80 86.10 -114.91
C GLN B 239 -50.82 87.09 -114.39
N ALA B 240 -50.67 87.52 -113.15
CA ALA B 240 -51.52 88.56 -112.62
C ALA B 240 -51.23 89.86 -113.35
N GLN B 241 -49.98 90.03 -113.74
CA GLN B 241 -49.57 91.22 -114.47
C GLN B 241 -50.14 91.21 -115.89
N ASP B 242 -50.60 90.04 -116.31
CA ASP B 242 -51.03 89.84 -117.68
C ASP B 242 -52.42 90.39 -117.93
N GLY B 243 -53.06 90.88 -116.88
CA GLY B 243 -54.41 91.40 -117.02
C GLY B 243 -54.39 92.77 -117.70
N HIS B 244 -53.22 93.37 -117.76
CA HIS B 244 -53.07 94.67 -118.41
C HIS B 244 -52.90 94.54 -119.92
N LEU B 245 -52.75 93.31 -120.39
CA LEU B 245 -52.51 93.07 -121.81
C LEU B 245 -53.72 93.45 -122.66
N PRO B 246 -53.50 94.28 -123.67
CA PRO B 246 -54.48 94.43 -124.75
C PRO B 246 -54.64 93.11 -125.48
N THR B 247 -55.85 92.79 -125.94
CA THR B 247 -56.10 91.47 -126.50
C THR B 247 -56.27 91.47 -128.02
N LEU B 248 -55.16 91.57 -128.74
CA LEU B 248 -55.22 91.55 -130.20
C LEU B 248 -55.63 90.17 -130.70
N ASP B 249 -56.53 90.16 -131.68
CA ASP B 249 -57.22 88.96 -132.16
C ASP B 249 -57.55 89.10 -133.63
N LEU B 250 -57.98 88.01 -134.25
CA LEU B 250 -58.35 88.07 -135.67
C LEU B 250 -59.52 87.16 -136.04
N THR B 251 -60.64 87.80 -136.36
CA THR B 251 -61.81 87.11 -136.89
C THR B 251 -61.68 86.73 -138.36
N ALA B 252 -62.28 85.60 -138.73
CA ALA B 252 -62.27 85.13 -140.12
C ALA B 252 -63.31 84.04 -140.35
N SER B 253 -64.38 84.37 -141.06
CA SER B 253 -65.46 83.41 -141.28
C SER B 253 -66.33 83.74 -142.49
N THR B 254 -67.09 82.73 -142.94
CA THR B 254 -67.97 82.91 -144.08
C THR B 254 -69.27 82.14 -143.89
N GLY B 255 -70.33 82.56 -144.58
CA GLY B 255 -71.62 81.91 -144.44
C GLY B 255 -72.70 82.30 -145.42
N ILE B 256 -73.63 81.38 -145.64
CA ILE B 256 -74.76 81.61 -146.53
C ILE B 256 -76.04 81.93 -145.77
N SER B 257 -77.02 82.47 -146.49
CA SER B 257 -78.33 82.76 -145.90
C SER B 257 -79.41 82.63 -146.96
N ASP B 258 -80.62 82.33 -146.52
CA ASP B 258 -81.74 82.14 -147.44
C ASP B 258 -82.96 82.98 -147.02
N THR B 259 -83.60 82.56 -145.93
CA THR B 259 -84.73 83.29 -145.34
C THR B 259 -85.89 83.51 -146.30
N SER B 260 -86.93 82.69 -146.20
CA SER B 260 -88.06 82.83 -147.11
C SER B 260 -89.23 83.58 -146.46
N TYR B 261 -89.75 84.57 -147.19
CA TYR B 261 -90.93 85.31 -146.75
C TYR B 261 -92.22 84.58 -146.99
N SER B 262 -93.23 84.92 -146.18
CA SER B 262 -94.58 84.43 -146.36
C SER B 262 -95.57 85.38 -145.69
N GLY B 263 -96.85 85.25 -146.02
CA GLY B 263 -97.88 86.11 -145.46
C GLY B 263 -98.41 87.14 -146.43
N SER B 264 -99.68 87.49 -146.25
CA SER B 264 -100.37 88.39 -147.18
C SER B 264 -99.82 89.81 -147.15
N LYS B 265 -99.29 90.23 -146.00
CA LYS B 265 -98.76 91.58 -145.88
C LYS B 265 -97.55 91.79 -146.78
N THR B 266 -96.84 90.71 -147.07
CA THR B 266 -95.70 90.75 -147.97
C THR B 266 -96.17 91.11 -149.38
N ARG B 267 -97.40 90.71 -149.70
CA ARG B 267 -97.99 91.01 -151.00
C ARG B 267 -98.23 92.50 -151.16
N GLY B 268 -98.04 93.00 -152.38
CA GLY B 268 -98.28 94.39 -152.69
C GLY B 268 -97.17 95.30 -152.22
N ALA B 269 -96.55 95.99 -153.18
CA ALA B 269 -95.47 96.93 -152.90
C ALA B 269 -94.33 96.28 -152.12
N ALA B 270 -93.90 95.11 -152.56
CA ALA B 270 -92.82 94.40 -151.89
C ALA B 270 -91.53 95.21 -151.94
N GLY B 271 -91.34 95.96 -153.02
CA GLY B 271 -90.24 96.88 -153.15
C GLY B 271 -88.89 96.18 -153.09
N THR B 272 -88.84 94.95 -153.60
CA THR B 272 -87.63 94.11 -153.58
C THR B 272 -87.24 93.71 -152.14
N GLN B 273 -87.39 94.64 -151.22
CA GLN B 273 -87.05 94.43 -149.82
C GLN B 273 -87.90 93.33 -149.18
N TYR B 274 -89.11 93.16 -149.69
CA TYR B 274 -89.99 92.13 -149.17
C TYR B 274 -89.94 90.89 -150.05
N ASP B 275 -88.74 90.52 -150.47
CA ASP B 275 -88.54 89.36 -151.34
C ASP B 275 -87.51 88.42 -150.74
N ASP B 276 -87.63 87.14 -151.06
CA ASP B 276 -86.69 86.13 -150.59
C ASP B 276 -85.31 86.38 -151.18
N SER B 277 -84.26 86.13 -150.39
CA SER B 277 -82.91 86.48 -150.80
C SER B 277 -81.86 85.48 -150.33
N ASN B 278 -81.24 84.77 -151.27
CA ASN B 278 -80.25 83.77 -150.92
C ASN B 278 -78.83 84.32 -150.85
N MET B 279 -78.59 85.20 -149.89
CA MET B 279 -77.30 85.87 -149.72
C MET B 279 -76.21 85.00 -149.09
N GLY B 280 -74.96 85.34 -149.39
CA GLY B 280 -73.80 84.73 -148.75
C GLY B 280 -72.78 85.80 -148.41
N GLN B 281 -71.83 85.47 -147.54
CA GLN B 281 -70.90 86.47 -147.03
C GLN B 281 -69.53 85.88 -146.65
N ASN B 282 -68.49 86.72 -146.71
CA ASN B 282 -67.13 86.30 -146.40
C ASN B 282 -66.42 87.26 -145.44
N LYS B 283 -66.97 87.44 -144.25
CA LYS B 283 -66.42 88.40 -143.30
C LYS B 283 -65.03 88.01 -142.79
N VAL B 284 -64.12 88.98 -142.76
CA VAL B 284 -62.78 88.77 -142.21
C VAL B 284 -62.22 90.08 -141.67
N GLY B 285 -61.50 90.01 -140.56
CA GLY B 285 -60.93 91.23 -140.04
C GLY B 285 -60.31 91.17 -138.66
N LEU B 286 -59.82 92.31 -138.21
CA LEU B 286 -59.18 92.43 -136.93
C LEU B 286 -60.17 92.38 -135.79
N SER B 287 -59.70 91.93 -134.64
CA SER B 287 -60.45 92.06 -133.39
C SER B 287 -59.52 92.60 -132.33
N PHE B 288 -60.04 93.43 -131.44
CA PHE B 288 -59.20 94.02 -130.42
C PHE B 288 -60.01 94.55 -129.24
N SER B 289 -59.38 94.57 -128.07
CA SER B 289 -59.98 95.17 -126.88
C SER B 289 -58.95 95.49 -125.82
N LEU B 290 -59.29 96.41 -124.92
CA LEU B 290 -58.41 96.77 -123.81
C LEU B 290 -59.23 97.25 -122.62
N PRO B 291 -58.95 96.69 -121.44
CA PRO B 291 -59.72 96.87 -120.21
C PRO B 291 -59.85 98.31 -119.74
N ILE B 292 -58.82 99.12 -119.98
CA ILE B 292 -58.74 100.50 -119.50
C ILE B 292 -58.84 100.56 -117.98
N TYR B 293 -60.05 100.41 -117.46
CA TYR B 293 -60.25 100.31 -116.03
C TYR B 293 -61.43 99.42 -115.69
N GLN B 294 -61.26 98.53 -114.73
CA GLN B 294 -62.25 97.52 -114.44
C GLN B 294 -62.59 97.39 -112.96
N GLY B 295 -62.56 98.50 -112.23
CA GLY B 295 -63.00 98.44 -110.85
C GLY B 295 -61.97 97.84 -109.92
N GLY B 296 -60.73 97.75 -110.39
CA GLY B 296 -59.68 97.21 -109.56
C GLY B 296 -59.54 95.71 -109.65
N MET B 297 -60.06 95.12 -110.72
CA MET B 297 -59.87 93.70 -111.00
C MET B 297 -58.40 93.32 -110.84
N VAL B 298 -57.61 93.77 -111.79
CA VAL B 298 -56.21 93.45 -111.84
C VAL B 298 -55.46 94.41 -110.93
N ASN B 299 -55.60 94.20 -109.62
CA ASN B 299 -54.97 95.03 -108.62
C ASN B 299 -54.74 94.26 -107.35
N SER B 300 -55.84 93.84 -106.74
CA SER B 300 -55.78 93.03 -105.53
C SER B 300 -55.07 91.74 -105.84
N GLN B 301 -55.25 91.29 -107.08
CA GLN B 301 -54.65 90.05 -107.53
C GLN B 301 -53.14 90.11 -107.44
N VAL B 302 -52.62 91.30 -107.65
CA VAL B 302 -51.18 91.51 -107.61
C VAL B 302 -50.65 91.19 -106.22
N LYS B 303 -51.26 91.83 -105.23
CA LYS B 303 -50.83 91.65 -103.86
C LYS B 303 -51.04 90.22 -103.44
N GLN B 304 -52.09 89.61 -104.00
CA GLN B 304 -52.38 88.22 -103.69
C GLN B 304 -51.23 87.34 -104.15
N ALA B 305 -50.81 87.55 -105.38
CA ALA B 305 -49.74 86.76 -105.94
C ALA B 305 -48.47 87.01 -105.13
N GLN B 306 -48.32 88.24 -104.65
CA GLN B 306 -47.14 88.59 -103.89
C GLN B 306 -47.10 87.81 -102.58
N TYR B 307 -48.23 87.77 -101.90
CA TYR B 307 -48.30 87.04 -100.66
C TYR B 307 -48.05 85.56 -100.91
N ASN B 308 -48.52 85.10 -102.06
CA ASN B 308 -48.34 83.72 -102.42
C ASN B 308 -46.84 83.45 -102.55
N PHE B 309 -46.15 84.43 -103.12
CA PHE B 309 -44.73 84.31 -103.36
C PHE B 309 -43.96 84.23 -102.06
N VAL B 310 -44.20 85.21 -101.19
CA VAL B 310 -43.44 85.27 -99.96
C VAL B 310 -43.73 84.05 -99.10
N GLY B 311 -44.98 83.57 -99.14
CA GLY B 311 -45.33 82.44 -98.32
C GLY B 311 -44.61 81.22 -98.83
N ALA B 312 -44.51 81.15 -100.16
CA ALA B 312 -43.80 80.04 -100.76
C ALA B 312 -42.34 80.09 -100.34
N SER B 313 -41.80 81.30 -100.24
CA SER B 313 -40.40 81.45 -99.87
C SER B 313 -40.18 80.96 -98.46
N GLU B 314 -41.15 81.27 -97.61
CA GLU B 314 -41.09 80.84 -96.23
C GLU B 314 -41.11 79.32 -96.18
N GLN B 315 -41.90 78.73 -97.07
CA GLN B 315 -41.95 77.28 -97.11
C GLN B 315 -40.61 76.74 -97.53
N LEU B 316 -39.94 77.48 -98.40
CA LEU B 316 -38.64 77.03 -98.90
C LEU B 316 -37.65 76.99 -97.76
N GLU B 317 -37.61 78.06 -96.97
CA GLU B 317 -36.69 78.09 -95.86
C GLU B 317 -37.05 77.00 -94.86
N SER B 318 -38.34 76.72 -94.75
CA SER B 318 -38.79 75.69 -93.85
C SER B 318 -38.21 74.36 -94.28
N ALA B 319 -38.20 74.15 -95.59
CA ALA B 319 -37.64 72.94 -96.14
C ALA B 319 -36.15 72.89 -95.86
N HIS B 320 -35.53 74.05 -95.85
CA HIS B 320 -34.09 74.13 -95.62
C HIS B 320 -33.78 73.63 -94.21
N ARG B 321 -34.52 74.15 -93.25
CA ARG B 321 -34.33 73.79 -91.87
C ARG B 321 -34.59 72.30 -91.74
N SER B 322 -35.56 71.84 -92.51
CA SER B 322 -35.96 70.45 -92.48
C SER B 322 -34.83 69.54 -92.90
N VAL B 323 -34.22 69.83 -94.04
CA VAL B 323 -33.19 68.94 -94.54
C VAL B 323 -31.99 68.96 -93.63
N VAL B 324 -31.71 70.11 -93.03
CA VAL B 324 -30.56 70.17 -92.13
C VAL B 324 -30.80 69.23 -90.97
N GLN B 325 -31.99 69.37 -90.39
CA GLN B 325 -32.36 68.56 -89.25
C GLN B 325 -32.23 67.08 -89.56
N THR B 326 -32.84 66.70 -90.66
CA THR B 326 -32.92 65.30 -91.00
C THR B 326 -31.56 64.71 -91.27
N VAL B 327 -30.72 65.44 -92.01
CA VAL B 327 -29.45 64.87 -92.39
C VAL B 327 -28.56 64.70 -91.16
N ARG B 328 -28.59 65.69 -90.26
CA ARG B 328 -27.75 65.56 -89.09
C ARG B 328 -28.23 64.38 -88.27
N SER B 329 -29.55 64.27 -88.16
CA SER B 329 -30.14 63.22 -87.37
C SER B 329 -29.75 61.85 -87.91
N SER B 330 -29.65 61.77 -89.23
CA SER B 330 -29.33 60.51 -89.87
C SER B 330 -27.91 60.12 -89.56
N PHE B 331 -27.01 61.08 -89.72
CA PHE B 331 -25.61 60.87 -89.43
C PHE B 331 -25.47 60.31 -88.02
N ASN B 332 -26.17 60.98 -87.13
CA ASN B 332 -26.15 60.62 -85.74
C ASN B 332 -26.65 59.19 -85.52
N ASN B 333 -27.69 58.85 -86.25
CA ASN B 333 -28.26 57.52 -86.13
C ASN B 333 -27.25 56.48 -86.55
N ILE B 334 -26.44 56.83 -87.54
CA ILE B 334 -25.44 55.89 -88.01
C ILE B 334 -24.44 55.62 -86.92
N ASN B 335 -24.02 56.69 -86.26
CA ASN B 335 -23.05 56.53 -85.20
C ASN B 335 -23.61 55.63 -84.10
N ALA B 336 -24.89 55.86 -83.80
CA ALA B 336 -25.55 55.10 -82.76
C ALA B 336 -25.53 53.64 -83.13
N SER B 337 -25.76 53.37 -84.40
CA SER B 337 -25.80 52.01 -84.87
C SER B 337 -24.45 51.37 -84.66
N ILE B 338 -23.41 52.14 -84.91
CA ILE B 338 -22.07 51.59 -84.79
C ILE B 338 -21.82 51.13 -83.38
N SER B 339 -22.05 52.05 -82.45
CA SER B 339 -21.72 51.75 -81.07
C SER B 339 -22.57 50.61 -80.55
N SER B 340 -23.82 50.57 -80.99
CA SER B 340 -24.72 49.53 -80.54
C SER B 340 -24.19 48.19 -81.00
N ILE B 341 -23.73 48.16 -82.24
CA ILE B 341 -23.23 46.91 -82.79
C ILE B 341 -22.04 46.45 -81.98
N ASN B 342 -21.24 47.41 -81.54
CA ASN B 342 -20.08 47.06 -80.73
C ASN B 342 -20.54 46.35 -79.48
N ALA B 343 -21.49 46.99 -78.81
CA ALA B 343 -21.95 46.50 -77.53
C ALA B 343 -22.47 45.09 -77.66
N TYR B 344 -23.37 44.90 -78.62
CA TYR B 344 -23.96 43.59 -78.76
C TYR B 344 -22.95 42.55 -79.18
N LYS B 345 -21.91 42.94 -79.92
CA LYS B 345 -20.88 41.97 -80.23
C LYS B 345 -20.28 41.46 -78.96
N GLN B 346 -19.89 42.39 -78.10
CA GLN B 346 -19.22 41.96 -76.88
C GLN B 346 -20.14 41.12 -76.03
N ALA B 347 -21.42 41.48 -76.05
CA ALA B 347 -22.39 40.72 -75.28
C ALA B 347 -22.46 39.30 -75.80
N VAL B 348 -22.33 39.15 -77.12
CA VAL B 348 -22.39 37.84 -77.72
C VAL B 348 -21.22 37.02 -77.25
N VAL B 349 -20.04 37.64 -77.23
CA VAL B 349 -18.86 36.90 -76.83
C VAL B 349 -19.02 36.44 -75.39
N SER B 350 -19.60 37.32 -74.59
CA SER B 350 -19.74 37.07 -73.18
C SER B 350 -20.64 35.88 -72.94
N ALA B 351 -21.82 35.95 -73.53
CA ALA B 351 -22.80 34.91 -73.33
C ALA B 351 -22.27 33.60 -73.88
N GLN B 352 -21.45 33.69 -74.93
CA GLN B 352 -20.85 32.50 -75.49
C GLN B 352 -19.94 31.82 -74.50
N SER B 353 -19.03 32.58 -73.91
CA SER B 353 -18.10 31.99 -72.98
C SER B 353 -18.84 31.46 -71.77
N SER B 354 -19.90 32.16 -71.39
CA SER B 354 -20.71 31.71 -70.26
C SER B 354 -21.31 30.37 -70.59
N LEU B 355 -21.73 30.24 -71.84
CA LEU B 355 -22.34 29.02 -72.31
C LEU B 355 -21.37 27.89 -72.21
N ASP B 356 -20.18 28.10 -72.75
CA ASP B 356 -19.20 27.04 -72.82
C ASP B 356 -18.83 26.62 -71.41
N ALA B 357 -18.83 27.61 -70.53
CA ALA B 357 -18.50 27.35 -69.14
C ALA B 357 -19.52 26.41 -68.56
N MET B 358 -20.80 26.76 -68.70
CA MET B 358 -21.82 25.92 -68.11
C MET B 358 -21.88 24.55 -68.79
N GLU B 359 -21.51 24.50 -70.06
CA GLU B 359 -21.49 23.23 -70.78
C GLU B 359 -20.48 22.33 -70.12
N ALA B 360 -19.34 22.92 -69.77
CA ALA B 360 -18.33 22.19 -69.06
C ALA B 360 -18.89 21.80 -67.70
N GLY B 361 -19.81 22.62 -67.20
CA GLY B 361 -20.45 22.33 -65.93
C GLY B 361 -21.26 21.06 -66.04
N TYR B 362 -21.87 20.85 -67.19
CA TYR B 362 -22.63 19.63 -67.40
C TYR B 362 -21.71 18.49 -67.79
N SER B 363 -20.50 18.82 -68.18
CA SER B 363 -19.57 17.80 -68.63
C SER B 363 -19.28 16.81 -67.52
N VAL B 364 -19.30 17.31 -66.28
CA VAL B 364 -19.18 16.45 -65.13
C VAL B 364 -20.51 16.45 -64.40
N GLY B 365 -21.52 17.01 -65.06
CA GLY B 365 -22.88 16.91 -64.59
C GLY B 365 -23.32 17.80 -63.46
N THR B 366 -22.59 18.87 -63.18
CA THR B 366 -22.93 19.75 -62.07
C THR B 366 -24.29 20.43 -62.25
N ARG B 367 -24.76 20.54 -63.49
CA ARG B 367 -25.98 21.30 -63.77
C ARG B 367 -26.98 20.48 -64.59
N THR B 368 -28.20 20.99 -64.76
CA THR B 368 -29.11 20.41 -65.75
C THR B 368 -28.80 20.95 -67.13
N ILE B 369 -29.08 20.15 -68.14
CA ILE B 369 -28.92 20.57 -69.52
C ILE B 369 -29.78 21.77 -69.85
N VAL B 370 -30.89 21.88 -69.12
CA VAL B 370 -31.85 22.93 -69.36
C VAL B 370 -31.19 24.27 -69.16
N ASP B 371 -30.37 24.35 -68.12
CA ASP B 371 -29.71 25.57 -67.74
C ASP B 371 -28.78 25.99 -68.83
N VAL B 372 -28.16 24.98 -69.43
CA VAL B 372 -27.23 25.18 -70.49
C VAL B 372 -27.98 25.78 -71.65
N LEU B 373 -29.22 25.34 -71.80
CA LEU B 373 -30.03 25.83 -72.88
C LEU B 373 -30.59 27.21 -72.55
N ASP B 374 -30.51 27.59 -71.29
CA ASP B 374 -30.90 28.93 -70.88
C ASP B 374 -29.82 29.86 -71.35
N ALA B 375 -28.59 29.43 -71.12
CA ALA B 375 -27.47 30.19 -71.61
C ALA B 375 -27.57 30.24 -73.13
N THR B 376 -28.10 29.18 -73.71
CA THR B 376 -28.30 29.12 -75.16
C THR B 376 -29.32 30.16 -75.58
N THR B 377 -30.27 30.40 -74.69
CA THR B 377 -31.35 31.32 -74.97
C THR B 377 -30.77 32.70 -75.06
N THR B 378 -30.03 33.06 -74.02
CA THR B 378 -29.43 34.37 -73.96
C THR B 378 -28.51 34.50 -75.15
N LEU B 379 -27.93 33.37 -75.52
CA LEU B 379 -26.96 33.34 -76.60
C LEU B 379 -27.60 33.82 -77.88
N TYR B 380 -28.54 33.04 -78.40
CA TYR B 380 -29.10 33.39 -79.69
C TYR B 380 -29.83 34.73 -79.68
N ASN B 381 -30.48 35.04 -78.55
CA ASN B 381 -31.16 36.31 -78.47
C ASN B 381 -30.15 37.38 -78.73
N ALA B 382 -29.02 37.27 -78.06
CA ALA B 382 -27.96 38.23 -78.27
C ALA B 382 -27.51 38.21 -79.72
N LYS B 383 -27.51 37.02 -80.31
CA LYS B 383 -26.95 36.85 -81.64
C LYS B 383 -27.67 37.72 -82.62
N GLN B 384 -28.95 37.48 -82.76
CA GLN B 384 -29.59 38.17 -83.86
C GLN B 384 -30.33 39.40 -83.41
N GLU B 385 -30.27 39.72 -82.13
CA GLU B 385 -30.49 41.11 -81.80
C GLU B 385 -29.29 41.88 -82.34
N LEU B 386 -28.11 41.28 -82.27
CA LEU B 386 -26.96 41.89 -82.90
C LEU B 386 -27.16 41.96 -84.41
N ALA B 387 -27.78 40.93 -84.97
CA ALA B 387 -28.07 40.96 -86.39
C ALA B 387 -28.97 42.14 -86.66
N ASN B 388 -29.94 42.33 -85.76
CA ASN B 388 -30.91 43.39 -85.91
C ASN B 388 -30.16 44.70 -85.95
N ALA B 389 -29.14 44.80 -85.13
CA ALA B 389 -28.36 46.01 -85.11
C ALA B 389 -27.69 46.21 -86.45
N ARG B 390 -27.21 45.12 -87.05
CA ARG B 390 -26.56 45.28 -88.34
C ARG B 390 -27.55 45.78 -89.38
N TYR B 391 -28.78 45.28 -89.31
CA TYR B 391 -29.75 45.73 -90.27
C TYR B 391 -30.07 47.19 -90.04
N ASN B 392 -30.03 47.61 -88.79
CA ASN B 392 -30.27 49.00 -88.49
C ASN B 392 -29.17 49.84 -89.10
N TYR B 393 -27.96 49.27 -89.14
CA TYR B 393 -26.85 49.95 -89.75
C TYR B 393 -27.15 50.14 -91.23
N LEU B 394 -27.70 49.10 -91.83
CA LEU B 394 -28.02 49.17 -93.25
C LEU B 394 -29.09 50.22 -93.52
N ILE B 395 -30.12 50.19 -92.67
CA ILE B 395 -31.24 51.08 -92.87
C ILE B 395 -30.77 52.50 -92.74
N ASN B 396 -29.87 52.74 -91.80
CA ASN B 396 -29.34 54.08 -91.66
C ASN B 396 -28.55 54.47 -92.88
N GLN B 397 -27.88 53.49 -93.48
CA GLN B 397 -27.11 53.79 -94.67
C GLN B 397 -28.07 54.29 -95.75
N LEU B 398 -29.18 53.58 -95.89
CA LEU B 398 -30.14 53.97 -96.91
C LEU B 398 -30.81 55.29 -96.55
N ASN B 399 -30.92 55.57 -95.26
CA ASN B 399 -31.56 56.79 -94.83
C ASN B 399 -30.72 57.98 -95.19
N ILE B 400 -29.44 57.92 -94.84
CA ILE B 400 -28.57 59.03 -95.13
C ILE B 400 -28.44 59.20 -96.62
N LYS B 401 -28.44 58.09 -97.35
CA LYS B 401 -28.32 58.21 -98.79
C LYS B 401 -29.59 58.83 -99.34
N SER B 402 -30.71 58.55 -98.67
CA SER B 402 -32.00 59.09 -99.06
C SER B 402 -32.10 60.58 -98.83
N ALA B 403 -31.47 61.03 -97.75
CA ALA B 403 -31.53 62.44 -97.40
C ALA B 403 -30.83 63.24 -98.47
N LEU B 404 -29.86 62.61 -99.11
CA LEU B 404 -29.11 63.24 -100.18
C LEU B 404 -30.01 63.53 -101.37
N GLY B 405 -31.09 62.77 -101.49
CA GLY B 405 -31.94 62.85 -102.67
C GLY B 405 -31.37 61.96 -103.76
N THR B 406 -30.31 61.26 -103.42
CA THR B 406 -29.66 60.35 -104.35
C THR B 406 -30.39 59.03 -104.49
N LEU B 407 -29.77 57.99 -103.94
CA LEU B 407 -30.26 56.61 -104.03
C LEU B 407 -30.34 56.07 -105.45
N ASN B 408 -30.06 54.78 -105.57
CA ASN B 408 -30.09 54.09 -106.84
C ASN B 408 -30.15 52.59 -106.62
N GLU B 409 -30.37 51.85 -107.69
CA GLU B 409 -30.36 50.40 -107.59
C GLU B 409 -29.00 49.90 -107.13
N GLN B 410 -27.96 50.66 -107.46
CA GLN B 410 -26.60 50.22 -107.20
C GLN B 410 -26.29 50.07 -105.72
N ASP B 411 -26.83 50.97 -104.91
CA ASP B 411 -26.62 50.86 -103.47
C ASP B 411 -27.27 49.59 -102.96
N LEU B 412 -28.42 49.28 -103.55
CA LEU B 412 -29.12 48.08 -103.19
C LEU B 412 -28.33 46.86 -103.62
N LEU B 413 -27.57 46.99 -104.70
CA LEU B 413 -26.70 45.91 -105.14
C LEU B 413 -25.57 45.72 -104.15
N ALA B 414 -25.07 46.83 -103.63
CA ALA B 414 -24.01 46.78 -102.62
C ALA B 414 -24.56 46.08 -101.40
N LEU B 415 -25.85 46.31 -101.14
CA LEU B 415 -26.54 45.58 -100.08
C LEU B 415 -26.61 44.12 -100.44
N ASN B 416 -26.76 43.84 -101.73
CA ASN B 416 -27.00 42.49 -102.20
C ASN B 416 -25.74 41.67 -102.00
N ASN B 417 -24.60 42.37 -101.97
CA ASN B 417 -23.34 41.72 -101.69
C ASN B 417 -23.32 41.11 -100.29
N ALA B 418 -24.03 41.78 -99.38
CA ALA B 418 -24.04 41.37 -97.98
C ALA B 418 -24.74 40.03 -97.75
N LEU B 419 -25.67 39.69 -98.63
CA LEU B 419 -26.43 38.46 -98.46
C LEU B 419 -25.62 37.21 -98.74
N SER B 420 -26.04 36.09 -98.14
CA SER B 420 -25.30 34.84 -98.26
C SER B 420 -26.23 33.63 -98.41
N LYS B 421 -26.35 32.85 -97.33
CA LYS B 421 -27.02 31.55 -97.38
C LYS B 421 -28.53 31.66 -97.59
N PRO B 422 -29.10 30.72 -98.35
CA PRO B 422 -30.55 30.59 -98.45
C PRO B 422 -31.17 30.24 -97.10
N VAL B 423 -32.36 30.77 -96.82
CA VAL B 423 -33.07 30.48 -95.58
C VAL B 423 -34.57 30.37 -95.80
N SER B 424 -35.15 29.23 -95.45
CA SER B 424 -36.59 29.04 -95.56
C SER B 424 -37.34 29.99 -94.65
N THR B 425 -38.46 30.51 -95.15
CA THR B 425 -39.21 31.50 -94.39
C THR B 425 -40.08 30.90 -93.30
N ASN B 426 -40.78 29.82 -93.59
CA ASN B 426 -41.67 29.26 -92.58
C ASN B 426 -41.55 27.76 -92.42
N PRO B 427 -40.47 27.31 -91.75
CA PRO B 427 -40.47 25.91 -91.30
C PRO B 427 -41.59 25.71 -90.29
N GLU B 428 -42.22 24.54 -90.28
CA GLU B 428 -43.32 24.32 -89.35
C GLU B 428 -42.81 23.89 -87.99
N GLU C 1 -77.81 51.67 -70.46
CA GLU C 1 -76.82 51.19 -69.51
C GLU C 1 -76.10 49.98 -70.08
N ASN C 2 -76.87 49.02 -70.57
CA ASN C 2 -76.29 47.87 -71.23
C ASN C 2 -75.69 48.35 -72.54
N LEU C 3 -74.73 47.59 -73.06
CA LEU C 3 -74.03 48.01 -74.27
C LEU C 3 -75.00 48.29 -75.39
N MET C 4 -76.10 47.55 -75.43
CA MET C 4 -77.08 47.73 -76.48
C MET C 4 -77.75 49.10 -76.34
N GLN C 5 -78.18 49.42 -75.13
CA GLN C 5 -78.81 50.70 -74.87
C GLN C 5 -77.82 51.82 -75.12
N VAL C 6 -76.56 51.54 -74.81
CA VAL C 6 -75.51 52.52 -75.02
C VAL C 6 -75.40 52.80 -76.49
N TYR C 7 -75.55 51.76 -77.30
CA TYR C 7 -75.58 51.98 -78.73
C TYR C 7 -76.80 52.80 -79.10
N GLN C 8 -77.89 52.57 -78.39
CA GLN C 8 -79.15 53.18 -78.79
C GLN C 8 -79.14 54.68 -78.62
N GLN C 9 -78.80 55.16 -77.43
CA GLN C 9 -78.78 56.60 -77.24
C GLN C 9 -77.70 57.23 -78.10
N ALA C 10 -76.62 56.50 -78.32
CA ALA C 10 -75.50 57.03 -79.06
C ALA C 10 -75.77 57.05 -80.54
N ARG C 11 -76.81 56.33 -80.96
CA ARG C 11 -77.14 56.24 -82.37
C ARG C 11 -77.48 57.61 -82.93
N LEU C 12 -77.99 58.49 -82.08
CA LEU C 12 -78.30 59.85 -82.50
C LEU C 12 -77.26 60.86 -82.04
N SER C 13 -76.51 60.53 -80.99
CA SER C 13 -75.54 61.48 -80.42
C SER C 13 -74.39 61.75 -81.37
N ASN C 14 -74.09 60.79 -82.23
CA ASN C 14 -73.04 60.99 -83.21
C ASN C 14 -73.44 62.06 -84.17
N PRO C 15 -72.59 63.06 -84.31
CA PRO C 15 -72.77 64.09 -85.33
C PRO C 15 -72.25 63.62 -86.68
N GLU C 16 -71.05 63.06 -86.70
CA GLU C 16 -70.39 62.74 -87.95
C GLU C 16 -71.18 61.72 -88.74
N LEU C 17 -71.89 60.86 -88.02
CA LEU C 17 -72.75 59.91 -88.70
C LEU C 17 -73.89 60.68 -89.33
N ARG C 18 -74.51 61.54 -88.53
CA ARG C 18 -75.61 62.35 -89.02
C ARG C 18 -75.11 63.30 -90.07
N LYS C 19 -73.86 63.73 -89.90
CA LYS C 19 -73.24 64.63 -90.83
C LYS C 19 -73.14 63.96 -92.18
N SER C 20 -72.63 62.74 -92.17
CA SER C 20 -72.46 61.97 -93.39
C SER C 20 -73.81 61.67 -94.03
N ALA C 21 -74.82 61.45 -93.20
CA ALA C 21 -76.13 61.16 -93.73
C ALA C 21 -76.63 62.36 -94.48
N ALA C 22 -76.45 63.52 -93.87
CA ALA C 22 -76.86 64.76 -94.49
C ALA C 22 -76.09 64.98 -95.77
N ASP C 23 -74.85 64.52 -95.78
CA ASP C 23 -74.03 64.68 -96.96
C ASP C 23 -74.57 63.82 -98.09
N ARG C 24 -75.05 62.64 -97.72
CA ARG C 24 -75.66 61.77 -98.70
C ARG C 24 -76.90 62.44 -99.23
N ASP C 25 -77.56 63.16 -98.35
CA ASP C 25 -78.77 63.87 -98.72
C ASP C 25 -78.40 64.94 -99.74
N ALA C 26 -77.23 65.52 -99.54
CA ALA C 26 -76.73 66.53 -100.45
C ALA C 26 -76.45 65.92 -101.79
N ALA C 27 -75.99 64.68 -101.80
CA ALA C 27 -75.66 64.04 -103.07
C ALA C 27 -76.93 63.72 -103.83
N PHE C 28 -77.86 63.06 -103.16
CA PHE C 28 -79.08 62.65 -103.82
C PHE C 28 -79.87 63.85 -104.30
N GLU C 29 -79.85 64.91 -103.50
CA GLU C 29 -80.51 66.13 -103.91
C GLU C 29 -79.77 66.73 -105.10
N LYS C 30 -78.46 66.55 -105.13
CA LYS C 30 -77.66 67.16 -106.18
C LYS C 30 -77.96 66.45 -107.49
N ILE C 31 -78.45 65.24 -107.38
CA ILE C 31 -78.87 64.49 -108.56
C ILE C 31 -80.00 65.26 -109.27
N ASN C 32 -80.80 65.99 -108.50
CA ASN C 32 -81.91 66.73 -109.07
C ASN C 32 -81.43 67.82 -110.00
N GLU C 33 -80.49 68.64 -109.54
CA GLU C 33 -79.95 69.69 -110.39
C GLU C 33 -79.16 69.03 -111.49
N ALA C 34 -78.67 67.83 -111.24
CA ALA C 34 -78.00 67.09 -112.27
C ALA C 34 -79.00 66.78 -113.39
N ARG C 35 -80.25 66.60 -113.02
CA ARG C 35 -81.30 66.36 -114.00
C ARG C 35 -81.80 67.66 -114.60
N SER C 36 -81.54 68.75 -113.89
CA SER C 36 -82.14 70.05 -114.21
C SER C 36 -81.93 70.60 -115.63
N PRO C 37 -80.69 70.58 -116.16
CA PRO C 37 -80.45 71.33 -117.39
C PRO C 37 -81.31 70.89 -118.57
N LEU C 38 -81.69 69.62 -118.62
CA LEU C 38 -82.48 69.10 -119.72
C LEU C 38 -83.82 69.80 -119.83
N LEU C 39 -84.33 70.28 -118.70
CA LEU C 39 -85.61 70.98 -118.64
C LEU C 39 -85.53 72.35 -119.32
N PRO C 40 -86.66 72.81 -119.88
CA PRO C 40 -86.73 74.08 -120.61
C PRO C 40 -86.41 75.29 -119.74
N GLN C 41 -85.77 76.28 -120.37
CA GLN C 41 -85.34 77.46 -119.64
C GLN C 41 -86.20 78.67 -119.99
N LEU C 42 -87.30 78.81 -119.26
CA LEU C 42 -88.13 80.00 -119.37
C LEU C 42 -87.37 81.20 -118.81
N GLY C 43 -87.50 82.35 -119.46
CA GLY C 43 -86.79 83.54 -119.03
C GLY C 43 -87.43 84.84 -119.47
N LEU C 44 -86.91 85.94 -118.96
CA LEU C 44 -87.42 87.27 -119.27
C LEU C 44 -86.34 88.34 -119.20
N GLY C 45 -86.42 89.32 -120.10
CA GLY C 45 -85.51 90.44 -120.08
C GLY C 45 -86.23 91.70 -120.54
N ALA C 46 -85.68 92.85 -120.17
CA ALA C 46 -86.27 94.12 -120.55
C ALA C 46 -85.23 95.24 -120.54
N ASP C 47 -85.43 96.24 -121.38
CA ASP C 47 -84.48 97.33 -121.48
C ASP C 47 -85.04 98.61 -122.07
N TYR C 48 -84.47 99.72 -121.61
CA TYR C 48 -84.73 101.03 -122.17
C TYR C 48 -83.39 101.69 -122.43
N THR C 49 -83.30 102.48 -123.50
CA THR C 49 -82.02 103.05 -123.89
C THR C 49 -82.16 104.21 -124.86
N TYR C 50 -81.83 105.41 -124.39
CA TYR C 50 -81.69 106.52 -125.32
C TYR C 50 -80.38 106.41 -126.09
N SER C 51 -80.37 106.93 -127.30
CA SER C 51 -79.17 106.93 -128.13
C SER C 51 -79.10 108.20 -128.96
N ASN C 52 -77.89 108.64 -129.26
CA ASN C 52 -77.67 109.82 -130.09
C ASN C 52 -76.51 109.57 -131.04
N GLY C 53 -76.81 109.49 -132.33
CA GLY C 53 -75.82 109.19 -133.34
C GLY C 53 -75.09 110.40 -133.86
N TYR C 54 -74.09 110.85 -133.11
CA TYR C 54 -73.31 112.02 -133.48
C TYR C 54 -72.47 111.71 -134.71
N ARG C 55 -72.12 112.76 -135.45
CA ARG C 55 -71.26 112.67 -136.63
C ARG C 55 -71.95 111.95 -137.78
N ASP C 56 -71.71 112.44 -138.99
CA ASP C 56 -72.37 111.93 -140.19
C ASP C 56 -73.87 112.08 -140.04
N ALA C 57 -74.52 111.10 -139.40
CA ALA C 57 -75.95 111.17 -139.16
C ALA C 57 -76.23 111.87 -137.83
N ASN C 58 -75.48 112.95 -137.60
CA ASN C 58 -75.55 113.69 -136.35
C ASN C 58 -76.88 114.40 -136.18
N GLY C 59 -77.28 114.58 -134.93
CA GLY C 59 -78.47 115.32 -134.59
C GLY C 59 -79.73 114.49 -134.40
N ILE C 60 -79.65 113.21 -134.73
CA ILE C 60 -80.76 112.31 -134.47
C ILE C 60 -80.83 111.99 -132.98
N ASN C 61 -82.02 111.77 -132.46
CA ASN C 61 -82.18 111.45 -131.05
C ASN C 61 -83.15 110.31 -130.87
N SER C 62 -82.65 109.20 -130.32
CA SER C 62 -83.43 107.98 -130.30
C SER C 62 -83.40 107.26 -128.96
N ASN C 63 -84.52 107.31 -128.24
CA ASN C 63 -84.74 106.42 -127.13
C ASN C 63 -85.09 105.03 -127.68
N ALA C 64 -84.83 103.99 -126.90
CA ALA C 64 -85.22 102.65 -127.32
C ALA C 64 -85.89 101.91 -126.17
N THR C 65 -86.91 101.13 -126.50
CA THR C 65 -87.69 100.43 -125.48
C THR C 65 -88.07 99.04 -125.95
N SER C 66 -87.76 98.03 -125.16
CA SER C 66 -88.07 96.66 -125.55
C SER C 66 -88.13 95.71 -124.35
N ALA C 67 -88.84 94.61 -124.53
CA ALA C 67 -88.92 93.56 -123.52
C ALA C 67 -89.27 92.24 -124.18
N SER C 68 -88.83 91.13 -123.59
CA SER C 68 -89.02 89.83 -124.21
C SER C 68 -88.89 88.64 -123.28
N LEU C 69 -89.79 87.67 -123.45
CA LEU C 69 -89.61 86.34 -122.89
C LEU C 69 -88.65 85.55 -123.74
N GLN C 70 -87.93 84.61 -123.15
CA GLN C 70 -87.04 83.76 -123.92
C GLN C 70 -86.98 82.32 -123.40
N LEU C 71 -87.91 81.50 -123.87
CA LEU C 71 -87.80 80.07 -123.66
C LEU C 71 -86.68 79.50 -124.51
N THR C 72 -85.94 78.55 -123.96
CA THR C 72 -84.91 77.84 -124.71
C THR C 72 -84.93 76.37 -124.34
N GLN C 73 -84.62 75.52 -125.30
CA GLN C 73 -84.56 74.10 -125.04
C GLN C 73 -83.61 73.36 -125.96
N SER C 74 -82.48 72.97 -125.41
CA SER C 74 -81.56 72.07 -126.08
C SER C 74 -82.19 70.70 -126.19
N ILE C 75 -81.80 69.95 -127.20
CA ILE C 75 -82.31 68.59 -127.34
C ILE C 75 -81.19 67.57 -127.29
N PHE C 76 -80.30 67.61 -128.29
CA PHE C 76 -79.29 66.58 -128.40
C PHE C 76 -77.93 66.98 -127.81
N ASP C 77 -77.65 66.46 -126.63
CA ASP C 77 -76.32 66.57 -126.00
C ASP C 77 -76.20 65.59 -124.85
N MET C 78 -75.58 64.45 -125.10
CA MET C 78 -75.53 63.37 -124.13
C MET C 78 -74.66 63.69 -122.93
N SER C 79 -73.83 64.72 -123.07
CA SER C 79 -72.85 65.03 -122.04
C SER C 79 -73.51 65.30 -120.71
N LYS C 80 -74.68 65.92 -120.76
CA LYS C 80 -75.43 66.18 -119.54
C LYS C 80 -75.92 64.88 -118.92
N TRP C 81 -76.30 63.93 -119.77
CA TRP C 81 -76.73 62.63 -119.28
C TRP C 81 -75.55 61.96 -118.62
N ARG C 82 -74.38 62.23 -119.18
CA ARG C 82 -73.17 61.64 -118.70
C ARG C 82 -72.91 62.15 -117.30
N ALA C 83 -72.99 63.47 -117.16
CA ALA C 83 -72.74 64.11 -115.88
C ALA C 83 -73.75 63.62 -114.87
N LEU C 84 -74.96 63.33 -115.35
CA LEU C 84 -75.99 62.80 -114.49
C LEU C 84 -75.55 61.45 -113.94
N THR C 85 -75.01 60.61 -114.82
CA THR C 85 -74.54 59.31 -114.39
C THR C 85 -73.39 59.45 -113.40
N LEU C 86 -72.57 60.47 -113.60
CA LEU C 86 -71.48 60.72 -112.67
C LEU C 86 -72.06 61.01 -111.32
N GLN C 87 -73.10 61.82 -111.31
CA GLN C 87 -73.70 62.24 -110.06
C GLN C 87 -74.27 61.01 -109.37
N GLU C 88 -74.76 60.08 -110.18
CA GLU C 88 -75.36 58.87 -109.66
C GLU C 88 -74.33 58.04 -108.94
N LYS C 89 -73.23 57.79 -109.63
CA LYS C 89 -72.20 56.94 -109.07
C LYS C 89 -71.60 57.59 -107.83
N ALA C 90 -71.48 58.91 -107.87
CA ALA C 90 -70.94 59.63 -106.73
C ALA C 90 -71.87 59.46 -105.55
N ALA C 91 -73.16 59.41 -105.85
CA ALA C 91 -74.15 59.21 -104.82
C ALA C 91 -73.98 57.85 -104.18
N GLY C 92 -73.70 56.85 -105.01
CA GLY C 92 -73.53 55.52 -104.48
C GLY C 92 -72.30 55.48 -103.60
N ILE C 93 -71.28 56.24 -104.03
CA ILE C 93 -70.06 56.35 -103.26
C ILE C 93 -70.36 56.87 -101.88
N GLN C 94 -71.13 57.95 -101.84
CA GLN C 94 -71.40 58.61 -100.59
C GLN C 94 -72.16 57.64 -99.70
N ASP C 95 -73.01 56.82 -100.32
CA ASP C 95 -73.76 55.84 -99.58
C ASP C 95 -72.82 54.87 -98.88
N VAL C 96 -71.90 54.33 -99.65
CA VAL C 96 -71.03 53.31 -99.13
C VAL C 96 -70.20 53.86 -97.98
N THR C 97 -69.59 55.03 -98.21
CA THR C 97 -68.72 55.59 -97.18
C THR C 97 -69.54 55.89 -95.93
N TYR C 98 -70.81 56.23 -96.13
CA TYR C 98 -71.69 56.46 -95.00
C TYR C 98 -71.85 55.20 -94.16
N GLN C 99 -72.06 54.08 -94.84
CA GLN C 99 -72.22 52.83 -94.11
C GLN C 99 -70.95 52.50 -93.35
N THR C 100 -69.83 52.84 -93.98
CA THR C 100 -68.54 52.60 -93.38
C THR C 100 -68.46 53.34 -92.07
N ASP C 101 -68.89 54.59 -92.11
CA ASP C 101 -68.83 55.40 -90.92
C ASP C 101 -69.74 54.85 -89.84
N GLN C 102 -70.83 54.21 -90.25
CA GLN C 102 -71.70 53.58 -89.27
C GLN C 102 -70.94 52.49 -88.53
N GLN C 103 -70.22 51.68 -89.29
CA GLN C 103 -69.48 50.60 -88.66
C GLN C 103 -68.42 51.17 -87.73
N THR C 104 -67.88 52.31 -88.13
CA THR C 104 -66.87 52.98 -87.34
C THR C 104 -67.46 53.39 -86.01
N LEU C 105 -68.71 53.84 -86.05
CA LEU C 105 -69.38 54.25 -84.84
C LEU C 105 -69.53 53.06 -83.93
N ILE C 106 -69.84 51.92 -84.52
CA ILE C 106 -70.03 50.72 -83.73
C ILE C 106 -68.75 50.40 -82.97
N LEU C 107 -67.65 50.39 -83.71
CA LEU C 107 -66.37 50.02 -83.16
C LEU C 107 -65.97 50.94 -82.02
N ASN C 108 -66.03 52.24 -82.29
CA ASN C 108 -65.59 53.20 -81.29
C ASN C 108 -66.43 53.07 -80.05
N THR C 109 -67.71 52.79 -80.26
CA THR C 109 -68.63 52.71 -79.16
C THR C 109 -68.24 51.57 -78.24
N ALA C 110 -68.03 50.40 -78.83
CA ALA C 110 -67.70 49.23 -78.03
C ALA C 110 -66.37 49.44 -77.30
N THR C 111 -65.43 50.06 -78.00
CA THR C 111 -64.10 50.24 -77.44
C THR C 111 -64.17 51.10 -76.21
N ALA C 112 -64.79 52.26 -76.39
CA ALA C 112 -64.89 53.21 -75.31
C ALA C 112 -65.65 52.59 -74.16
N TYR C 113 -66.59 51.71 -74.49
CA TYR C 113 -67.35 51.06 -73.44
C TYR C 113 -66.43 50.22 -72.58
N PHE C 114 -65.60 49.41 -73.22
CA PHE C 114 -64.74 48.51 -72.47
C PHE C 114 -63.69 49.26 -71.65
N ASN C 115 -63.25 50.41 -72.18
CA ASN C 115 -62.17 51.11 -71.54
C ASN C 115 -62.52 51.51 -70.12
N VAL C 116 -63.79 51.85 -69.91
CA VAL C 116 -64.25 52.25 -68.60
C VAL C 116 -64.10 51.10 -67.62
N LEU C 117 -64.40 49.91 -68.12
CA LEU C 117 -64.33 48.73 -67.29
C LEU C 117 -62.90 48.56 -66.85
N ASN C 118 -62.02 48.61 -67.83
CA ASN C 118 -60.62 48.34 -67.56
C ASN C 118 -60.10 49.34 -66.54
N ALA C 119 -60.54 50.58 -66.69
CA ALA C 119 -60.13 51.62 -65.77
C ALA C 119 -60.60 51.30 -64.36
N ILE C 120 -61.82 50.77 -64.24
CA ILE C 120 -62.34 50.44 -62.93
C ILE C 120 -61.44 49.41 -62.29
N ASP C 121 -60.99 48.51 -63.14
CA ASP C 121 -60.21 47.37 -62.72
C ASP C 121 -58.92 47.85 -62.10
N VAL C 122 -58.19 48.61 -62.91
CA VAL C 122 -56.89 49.08 -62.50
C VAL C 122 -57.04 49.93 -61.27
N LEU C 123 -58.13 50.67 -61.21
CA LEU C 123 -58.41 51.50 -60.07
C LEU C 123 -58.40 50.69 -58.79
N SER C 124 -59.28 49.71 -58.75
CA SER C 124 -59.45 48.96 -57.52
C SER C 124 -58.15 48.28 -57.14
N TYR C 125 -57.42 47.85 -58.16
CA TYR C 125 -56.25 47.04 -57.88
C TYR C 125 -55.16 47.90 -57.28
N THR C 126 -55.01 49.07 -57.88
CA THR C 126 -54.04 50.02 -57.41
C THR C 126 -54.39 50.41 -55.99
N GLN C 127 -55.69 50.43 -55.69
CA GLN C 127 -56.13 50.74 -54.33
C GLN C 127 -55.65 49.71 -53.33
N ALA C 128 -55.87 48.44 -53.67
CA ALA C 128 -55.49 47.39 -52.73
C ALA C 128 -53.99 47.46 -52.53
N GLN C 129 -53.29 47.76 -53.61
CA GLN C 129 -51.85 47.90 -53.54
C GLN C 129 -51.50 49.01 -52.58
N LYS C 130 -52.30 50.05 -52.59
CA LYS C 130 -52.05 51.20 -51.75
C LYS C 130 -52.10 50.77 -50.31
N GLU C 131 -53.16 50.08 -49.94
CA GLU C 131 -53.28 49.71 -48.53
C GLU C 131 -52.15 48.80 -48.12
N ALA C 132 -51.79 47.88 -49.02
CA ALA C 132 -50.80 46.88 -48.66
C ALA C 132 -49.47 47.56 -48.38
N ILE C 133 -49.06 48.41 -49.31
CA ILE C 133 -47.81 49.11 -49.15
C ILE C 133 -47.89 50.00 -47.94
N TYR C 134 -49.09 50.48 -47.64
CA TYR C 134 -49.26 51.38 -46.53
C TYR C 134 -48.88 50.70 -45.23
N ARG C 135 -49.50 49.56 -44.96
CA ARG C 135 -49.16 48.89 -43.71
C ARG C 135 -47.77 48.30 -43.76
N GLN C 136 -47.23 48.12 -44.96
CA GLN C 136 -45.82 47.82 -45.05
C GLN C 136 -45.00 48.94 -44.43
N LEU C 137 -45.33 50.17 -44.82
CA LEU C 137 -44.63 51.32 -44.29
C LEU C 137 -44.84 51.45 -42.80
N ASP C 138 -46.03 51.09 -42.35
CA ASP C 138 -46.31 51.24 -40.93
C ASP C 138 -45.46 50.25 -40.15
N GLN C 139 -45.36 49.04 -40.68
CA GLN C 139 -44.57 48.02 -40.02
C GLN C 139 -43.13 48.46 -39.94
N THR C 140 -42.60 48.88 -41.08
CA THR C 140 -41.19 49.23 -41.15
C THR C 140 -40.92 50.40 -40.22
N THR C 141 -41.91 51.29 -40.14
CA THR C 141 -41.80 52.48 -39.33
C THR C 141 -41.64 52.09 -37.89
N GLN C 142 -42.52 51.21 -37.46
CA GLN C 142 -42.51 50.80 -36.08
C GLN C 142 -41.21 50.09 -35.81
N ARG C 143 -40.71 49.39 -36.83
CA ARG C 143 -39.48 48.66 -36.68
C ARG C 143 -38.31 49.61 -36.44
N PHE C 144 -38.37 50.78 -37.07
CA PHE C 144 -37.37 51.78 -36.76
C PHE C 144 -37.57 52.32 -35.36
N ASN C 145 -38.83 52.38 -34.93
CA ASN C 145 -39.12 52.96 -33.63
C ASN C 145 -38.50 52.17 -32.50
N VAL C 146 -38.37 50.87 -32.70
CA VAL C 146 -37.72 50.06 -31.70
C VAL C 146 -36.24 49.99 -32.05
N GLY C 147 -35.90 50.61 -33.17
CA GLY C 147 -34.51 50.73 -33.57
C GLY C 147 -33.84 49.57 -34.28
N LEU C 148 -34.62 48.62 -34.80
CA LEU C 148 -34.03 47.48 -35.50
C LEU C 148 -33.30 47.79 -36.80
N VAL C 149 -33.66 48.88 -37.47
CA VAL C 149 -33.16 49.11 -38.82
C VAL C 149 -32.79 50.56 -39.13
N ALA C 150 -31.98 50.74 -40.15
CA ALA C 150 -31.51 52.05 -40.57
C ALA C 150 -32.64 52.91 -41.15
N ILE C 151 -32.50 54.22 -40.97
CA ILE C 151 -33.51 55.18 -41.38
C ILE C 151 -33.74 55.12 -42.89
N THR C 152 -32.72 54.68 -43.60
CA THR C 152 -32.78 54.63 -45.04
C THR C 152 -33.92 53.75 -45.52
N ASP C 153 -34.17 52.66 -44.81
CA ASP C 153 -35.26 51.77 -45.19
C ASP C 153 -36.58 52.47 -44.98
N VAL C 154 -36.62 53.30 -43.94
CA VAL C 154 -37.83 54.03 -43.62
C VAL C 154 -38.17 54.94 -44.77
N GLN C 155 -37.15 55.64 -45.26
CA GLN C 155 -37.37 56.53 -46.37
C GLN C 155 -37.72 55.75 -47.62
N ASN C 156 -37.22 54.51 -47.70
CA ASN C 156 -37.52 53.70 -48.86
C ASN C 156 -38.99 53.39 -48.93
N ALA C 157 -39.52 52.88 -47.83
CA ALA C 157 -40.92 52.54 -47.79
C ALA C 157 -41.75 53.80 -47.95
N ARG C 158 -41.19 54.90 -47.48
CA ARG C 158 -41.83 56.19 -47.68
C ARG C 158 -42.03 56.43 -49.17
N ALA C 159 -40.95 56.25 -49.91
CA ALA C 159 -40.97 56.50 -51.34
C ALA C 159 -41.94 55.56 -52.03
N GLN C 160 -42.02 54.34 -51.52
CA GLN C 160 -42.93 53.39 -52.10
C GLN C 160 -44.33 53.91 -51.96
N TYR C 161 -44.63 54.40 -50.76
CA TYR C 161 -45.97 54.86 -50.44
C TYR C 161 -46.37 56.06 -51.28
N ASP C 162 -45.45 57.00 -51.43
CA ASP C 162 -45.79 58.18 -52.20
C ASP C 162 -45.99 57.79 -53.65
N THR C 163 -45.15 56.86 -54.11
CA THR C 163 -45.20 56.46 -55.50
C THR C 163 -46.56 55.84 -55.79
N VAL C 164 -46.96 54.94 -54.92
CA VAL C 164 -48.21 54.26 -55.12
C VAL C 164 -49.35 55.26 -54.98
N LEU C 165 -49.16 56.32 -54.20
CA LEU C 165 -50.19 57.35 -54.16
C LEU C 165 -50.37 57.94 -55.54
N ALA C 166 -49.24 58.25 -56.17
CA ALA C 166 -49.30 58.85 -57.49
C ALA C 166 -50.00 57.90 -58.43
N ASN C 167 -49.74 56.61 -58.21
CA ASN C 167 -50.36 55.59 -59.02
C ASN C 167 -51.85 55.57 -58.82
N GLU C 168 -52.29 55.89 -57.60
CA GLU C 168 -53.72 55.96 -57.37
C GLU C 168 -54.31 57.10 -58.14
N LEU C 169 -53.74 58.27 -57.93
CA LEU C 169 -54.36 59.47 -58.44
C LEU C 169 -54.41 59.45 -59.95
N THR C 170 -53.33 58.99 -60.56
CA THR C 170 -53.30 58.97 -62.01
C THR C 170 -54.35 58.00 -62.54
N ALA C 171 -54.60 56.93 -61.81
CA ALA C 171 -55.53 55.92 -62.27
C ALA C 171 -56.95 56.42 -62.13
N ARG C 172 -57.24 57.00 -60.97
CA ARG C 172 -58.56 57.52 -60.66
C ARG C 172 -58.86 58.59 -61.67
N ASN C 173 -57.80 59.22 -62.11
CA ASN C 173 -57.89 60.33 -63.02
C ASN C 173 -58.25 59.76 -64.39
N ASN C 174 -57.60 58.67 -64.74
CA ASN C 174 -57.86 57.98 -65.99
C ASN C 174 -59.28 57.49 -66.06
N LEU C 175 -59.85 57.20 -64.90
CA LEU C 175 -61.23 56.77 -64.84
C LEU C 175 -62.13 57.79 -65.49
N ASP C 176 -62.16 58.97 -64.90
CA ASP C 176 -63.04 60.02 -65.36
C ASP C 176 -62.65 60.41 -66.76
N ASN C 177 -61.37 60.26 -67.08
CA ASN C 177 -60.93 60.48 -68.44
C ASN C 177 -61.72 59.62 -69.40
N ALA C 178 -61.75 58.31 -69.11
CA ALA C 178 -62.45 57.37 -69.96
C ALA C 178 -63.93 57.66 -69.95
N VAL C 179 -64.41 58.16 -68.82
CA VAL C 179 -65.83 58.44 -68.68
C VAL C 179 -66.20 59.50 -69.70
N GLU C 180 -65.41 60.55 -69.72
CA GLU C 180 -65.64 61.62 -70.66
C GLU C 180 -65.43 61.11 -72.08
N GLN C 181 -64.57 60.12 -72.24
CA GLN C 181 -64.37 59.54 -73.56
C GLN C 181 -65.67 58.92 -74.00
N LEU C 182 -66.40 58.38 -73.04
CA LEU C 182 -67.68 57.78 -73.35
C LEU C 182 -68.70 58.84 -73.68
N ARG C 183 -68.66 59.94 -72.92
CA ARG C 183 -69.60 61.02 -73.13
C ARG C 183 -69.37 61.63 -74.50
N GLN C 184 -68.15 61.49 -74.99
CA GLN C 184 -67.77 62.06 -76.27
C GLN C 184 -68.64 61.53 -77.38
N ILE C 185 -69.08 60.29 -77.22
CA ILE C 185 -69.95 59.69 -78.22
C ILE C 185 -71.26 59.36 -77.52
N THR C 186 -71.77 60.32 -76.78
CA THR C 186 -73.03 60.16 -76.09
C THR C 186 -73.59 61.50 -75.67
N GLY C 187 -72.73 62.33 -75.12
CA GLY C 187 -73.16 63.61 -74.59
C GLY C 187 -73.79 63.39 -73.23
N ASN C 188 -73.60 62.21 -72.67
CA ASN C 188 -74.18 61.91 -71.38
C ASN C 188 -73.29 61.11 -70.47
N TYR C 189 -73.27 61.51 -69.21
CA TYR C 189 -72.55 60.79 -68.17
C TYR C 189 -73.30 59.52 -67.82
N TYR C 190 -72.58 58.52 -67.33
CA TYR C 190 -73.21 57.31 -66.82
C TYR C 190 -72.66 56.90 -65.47
N PRO C 191 -73.53 56.85 -64.46
CA PRO C 191 -73.21 56.41 -63.10
C PRO C 191 -72.68 54.98 -63.03
N GLU C 192 -73.15 54.10 -63.91
CA GLU C 192 -72.80 52.70 -63.82
C GLU C 192 -72.92 51.94 -65.14
N LEU C 193 -72.17 50.86 -65.25
CA LEU C 193 -72.20 50.01 -66.43
C LEU C 193 -72.13 48.54 -66.03
N ALA C 194 -72.74 47.69 -66.86
CA ALA C 194 -72.81 46.26 -66.58
C ALA C 194 -71.45 45.57 -66.62
N ALA C 195 -71.20 44.70 -65.65
CA ALA C 195 -69.99 43.88 -65.62
C ALA C 195 -70.08 42.72 -66.59
N LEU C 196 -68.93 42.27 -67.07
CA LEU C 196 -68.87 41.09 -67.92
C LEU C 196 -69.25 39.82 -67.17
N ASN C 197 -70.01 38.96 -67.82
CA ASN C 197 -70.31 37.64 -67.28
C ASN C 197 -69.23 36.64 -67.65
N VAL C 198 -68.11 36.71 -66.94
CA VAL C 198 -66.92 35.93 -67.28
C VAL C 198 -67.14 34.43 -67.17
N GLU C 199 -68.07 34.02 -66.32
CA GLU C 199 -68.33 32.62 -66.08
C GLU C 199 -68.86 31.91 -67.31
N ASN C 200 -69.47 32.68 -68.20
CA ASN C 200 -70.06 32.12 -69.41
C ASN C 200 -69.36 32.61 -70.67
N PHE C 201 -68.03 32.67 -70.62
CA PHE C 201 -67.25 33.17 -71.74
C PHE C 201 -67.32 32.26 -72.96
N LYS C 202 -67.26 32.87 -74.14
CA LYS C 202 -67.31 32.15 -75.39
C LYS C 202 -65.92 31.95 -76.00
N THR C 203 -65.37 30.75 -75.85
CA THR C 203 -64.10 30.42 -76.47
C THR C 203 -64.30 29.94 -77.90
N ASP C 204 -65.04 30.70 -78.70
CA ASP C 204 -65.38 30.26 -80.04
C ASP C 204 -64.17 30.17 -80.94
N LYS C 205 -64.10 29.09 -81.71
CA LYS C 205 -63.07 28.93 -82.71
C LYS C 205 -63.35 29.77 -83.94
N PRO C 206 -62.29 30.32 -84.54
CA PRO C 206 -62.35 31.09 -85.79
C PRO C 206 -62.80 30.23 -86.97
N GLN C 207 -63.48 30.84 -87.93
CA GLN C 207 -63.78 30.19 -89.18
C GLN C 207 -62.49 30.03 -89.98
N PRO C 208 -62.45 29.03 -90.88
CA PRO C 208 -61.26 28.88 -91.72
C PRO C 208 -61.03 30.12 -92.57
N VAL C 209 -59.77 30.47 -92.77
CA VAL C 209 -59.43 31.77 -93.31
C VAL C 209 -59.95 31.99 -94.73
N ASN C 210 -59.98 30.94 -95.55
CA ASN C 210 -60.24 31.11 -96.96
C ASN C 210 -61.64 31.61 -97.26
N ALA C 211 -62.62 31.05 -96.56
CA ALA C 211 -63.99 31.46 -96.78
C ALA C 211 -64.15 32.91 -96.38
N LEU C 212 -63.43 33.29 -95.33
CA LEU C 212 -63.45 34.65 -94.86
C LEU C 212 -62.85 35.56 -95.91
N LEU C 213 -61.85 35.04 -96.60
CA LEU C 213 -61.22 35.78 -97.67
C LEU C 213 -62.22 36.00 -98.79
N LYS C 214 -63.06 34.99 -99.00
CA LYS C 214 -64.07 35.07 -100.06
C LYS C 214 -65.09 36.13 -99.73
N GLU C 215 -65.61 36.07 -98.51
CA GLU C 215 -66.60 37.03 -98.09
C GLU C 215 -66.02 38.42 -98.15
N ALA C 216 -64.74 38.51 -97.83
CA ALA C 216 -64.05 39.78 -97.89
C ALA C 216 -63.99 40.27 -99.32
N GLU C 217 -63.79 39.35 -100.26
CA GLU C 217 -63.74 39.71 -101.66
C GLU C 217 -65.09 40.22 -102.08
N LYS C 218 -66.12 39.72 -101.42
CA LYS C 218 -67.46 40.04 -101.82
C LYS C 218 -67.96 41.36 -101.25
N ARG C 219 -67.60 41.70 -100.02
CA ARG C 219 -68.32 42.78 -99.35
C ARG C 219 -67.55 43.79 -98.50
N ASN C 220 -66.25 43.97 -98.70
CA ASN C 220 -65.65 45.15 -98.09
C ASN C 220 -66.19 46.42 -98.71
N LEU C 221 -66.48 47.38 -97.85
CA LEU C 221 -67.01 48.65 -98.31
C LEU C 221 -65.98 49.41 -99.13
N SER C 222 -64.74 49.37 -98.68
CA SER C 222 -63.72 50.23 -99.23
C SER C 222 -63.41 49.87 -100.67
N LEU C 223 -63.17 48.59 -100.91
CA LEU C 223 -62.82 48.14 -102.24
C LEU C 223 -64.00 48.36 -103.18
N LEU C 224 -65.20 48.24 -102.64
CA LEU C 224 -66.39 48.48 -103.42
C LEU C 224 -66.38 49.92 -103.88
N GLN C 225 -66.00 50.79 -102.96
CA GLN C 225 -65.90 52.20 -103.28
C GLN C 225 -64.86 52.42 -104.34
N ALA C 226 -63.81 51.61 -104.31
CA ALA C 226 -62.77 51.72 -105.31
C ALA C 226 -63.34 51.37 -106.68
N ARG C 227 -64.13 50.31 -106.73
CA ARG C 227 -64.70 49.90 -108.02
C ARG C 227 -65.64 50.97 -108.54
N LEU C 228 -66.36 51.61 -107.63
CA LEU C 228 -67.23 52.67 -108.06
C LEU C 228 -66.40 53.81 -108.61
N SER C 229 -65.24 54.01 -108.01
CA SER C 229 -64.34 55.06 -108.46
C SER C 229 -63.87 54.74 -109.87
N GLN C 230 -63.67 53.47 -110.14
CA GLN C 230 -63.19 53.05 -111.44
C GLN C 230 -64.24 53.32 -112.48
N ASP C 231 -65.46 52.89 -112.18
CA ASP C 231 -66.52 53.03 -113.15
C ASP C 231 -66.73 54.52 -113.41
N LEU C 232 -66.55 55.30 -112.35
CA LEU C 232 -66.68 56.73 -112.47
C LEU C 232 -65.61 57.27 -113.41
N ALA C 233 -64.43 56.69 -113.35
CA ALA C 233 -63.37 57.15 -114.22
C ALA C 233 -63.76 56.83 -115.66
N ARG C 234 -64.44 55.71 -115.85
CA ARG C 234 -64.90 55.38 -117.20
C ARG C 234 -65.88 56.43 -117.67
N GLU C 235 -66.70 56.88 -116.74
CA GLU C 235 -67.68 57.90 -117.06
C GLU C 235 -66.98 59.17 -117.45
N GLN C 236 -65.84 59.43 -116.81
CA GLN C 236 -65.05 60.59 -117.13
C GLN C 236 -64.53 60.44 -118.54
N ILE C 237 -64.24 59.20 -118.92
CA ILE C 237 -63.70 58.95 -120.24
C ILE C 237 -64.72 59.29 -121.30
N ARG C 238 -65.92 58.75 -121.16
CA ARG C 238 -66.93 59.03 -122.16
C ARG C 238 -67.29 60.51 -122.14
N GLN C 239 -67.19 61.14 -120.97
CA GLN C 239 -67.44 62.57 -120.89
C GLN C 239 -66.42 63.34 -121.69
N ALA C 240 -65.18 62.87 -121.69
CA ALA C 240 -64.16 63.47 -122.52
C ALA C 240 -64.50 63.24 -123.98
N GLN C 241 -65.12 62.09 -124.25
CA GLN C 241 -65.52 61.75 -125.61
C GLN C 241 -66.64 62.64 -126.10
N ASP C 242 -67.36 63.23 -125.15
CA ASP C 242 -68.55 64.01 -125.44
C ASP C 242 -68.27 65.25 -126.27
N GLY C 243 -67.03 65.70 -126.28
CA GLY C 243 -66.69 66.94 -126.97
C GLY C 243 -66.95 66.87 -128.46
N HIS C 244 -66.93 65.67 -129.01
CA HIS C 244 -67.16 65.48 -130.44
C HIS C 244 -68.62 65.63 -130.83
N LEU C 245 -69.51 65.60 -129.84
CA LEU C 245 -70.95 65.64 -130.11
C LEU C 245 -71.39 66.95 -130.74
N PRO C 246 -72.18 66.85 -131.82
CA PRO C 246 -72.94 67.99 -132.37
C PRO C 246 -73.98 68.45 -131.35
N THR C 247 -74.26 69.74 -131.30
CA THR C 247 -75.11 70.27 -130.24
C THR C 247 -76.47 70.81 -130.73
N LEU C 248 -77.42 69.91 -130.93
CA LEU C 248 -78.75 70.32 -131.37
C LEU C 248 -79.48 71.08 -130.28
N ASP C 249 -80.14 72.16 -130.67
CA ASP C 249 -80.75 73.14 -129.76
C ASP C 249 -82.00 73.75 -130.36
N LEU C 250 -82.81 74.40 -129.54
CA LEU C 250 -84.01 75.06 -130.05
C LEU C 250 -84.45 76.27 -129.22
N THR C 251 -84.26 77.45 -129.79
CA THR C 251 -84.75 78.69 -129.20
C THR C 251 -86.24 78.93 -129.46
N ALA C 252 -86.89 79.63 -128.54
CA ALA C 252 -88.29 80.03 -128.71
C ALA C 252 -88.61 81.26 -127.87
N SER C 253 -88.95 82.37 -128.54
CA SER C 253 -89.14 83.62 -127.81
C SER C 253 -90.01 84.66 -128.53
N THR C 254 -90.54 85.60 -127.75
CA THR C 254 -91.32 86.70 -128.28
C THR C 254 -90.91 88.01 -127.62
N GLY C 255 -91.04 89.12 -128.33
CA GLY C 255 -90.54 90.39 -127.83
C GLY C 255 -91.24 91.63 -128.35
N ILE C 256 -91.75 92.43 -127.43
CA ILE C 256 -92.32 93.73 -127.73
C ILE C 256 -91.25 94.78 -128.01
N SER C 257 -91.59 95.80 -128.77
CA SER C 257 -90.67 96.88 -129.07
C SER C 257 -91.39 98.20 -129.28
N ASP C 258 -90.74 99.29 -128.90
CA ASP C 258 -91.34 100.62 -129.00
C ASP C 258 -90.44 101.58 -129.76
N THR C 259 -89.53 102.23 -129.03
CA THR C 259 -88.54 103.15 -129.61
C THR C 259 -89.18 104.35 -130.31
N SER C 260 -89.17 105.50 -129.63
CA SER C 260 -89.73 106.72 -130.19
C SER C 260 -88.64 107.66 -130.69
N TYR C 261 -88.56 107.82 -132.00
CA TYR C 261 -87.57 108.70 -132.61
C TYR C 261 -87.80 110.16 -132.29
N SER C 262 -86.70 110.91 -132.27
CA SER C 262 -86.72 112.33 -131.94
C SER C 262 -85.50 113.02 -132.54
N GLY C 263 -85.49 114.35 -132.48
CA GLY C 263 -84.41 115.13 -133.05
C GLY C 263 -84.81 115.81 -134.33
N SER C 264 -84.16 116.92 -134.64
CA SER C 264 -84.50 117.72 -135.80
C SER C 264 -84.26 116.98 -137.12
N LYS C 265 -83.32 116.04 -137.09
CA LYS C 265 -82.98 115.30 -138.30
C LYS C 265 -84.14 114.44 -138.79
N THR C 266 -84.95 113.98 -137.86
CA THR C 266 -86.12 113.17 -138.18
C THR C 266 -87.11 114.02 -138.98
N ARG C 267 -87.13 115.32 -138.71
CA ARG C 267 -87.97 116.25 -139.44
C ARG C 267 -87.56 116.34 -140.90
N GLY C 268 -88.55 116.46 -141.78
CA GLY C 268 -88.30 116.58 -143.21
C GLY C 268 -87.97 115.25 -143.83
N ALA C 269 -88.86 114.77 -144.69
CA ALA C 269 -88.68 113.52 -145.42
C ALA C 269 -88.40 112.34 -144.49
N ALA C 270 -89.23 112.16 -143.48
CA ALA C 270 -89.08 111.06 -142.54
C ALA C 270 -89.20 109.73 -143.25
N GLY C 271 -90.04 109.70 -144.30
CA GLY C 271 -90.15 108.54 -145.16
C GLY C 271 -90.62 107.30 -144.43
N THR C 272 -91.44 107.50 -143.40
CA THR C 272 -91.97 106.42 -142.56
C THR C 272 -90.87 105.71 -141.77
N GLN C 273 -89.70 105.55 -142.39
CA GLN C 273 -88.57 104.88 -141.76
C GLN C 273 -88.09 105.62 -140.52
N TYR C 274 -88.23 106.94 -140.53
CA TYR C 274 -87.83 107.75 -139.38
C TYR C 274 -88.96 107.91 -138.38
N ASP C 275 -90.13 107.34 -138.69
CA ASP C 275 -91.29 107.42 -137.81
C ASP C 275 -91.20 106.43 -136.65
N ASP C 276 -91.88 106.74 -135.55
CA ASP C 276 -91.91 105.86 -134.39
C ASP C 276 -92.63 104.55 -134.68
N SER C 277 -92.13 103.47 -134.10
CA SER C 277 -92.64 102.13 -134.39
C SER C 277 -93.33 101.47 -133.20
N ASN C 278 -94.16 100.49 -133.48
CA ASN C 278 -94.84 99.72 -132.43
C ASN C 278 -94.74 98.22 -132.69
N MET C 279 -93.70 97.81 -133.39
CA MET C 279 -93.56 96.43 -133.87
C MET C 279 -93.34 95.41 -132.75
N GLY C 280 -93.80 94.18 -133.01
CA GLY C 280 -93.59 93.07 -132.09
C GLY C 280 -93.27 91.79 -132.86
N GLN C 281 -92.60 90.86 -132.21
CA GLN C 281 -92.07 89.69 -132.90
C GLN C 281 -92.20 88.39 -132.09
N ASN C 282 -92.31 87.26 -132.80
CA ASN C 282 -92.45 85.95 -132.19
C ASN C 282 -91.47 84.91 -132.74
N LYS C 283 -90.18 85.20 -132.64
CA LYS C 283 -89.18 84.32 -133.24
C LYS C 283 -89.11 82.96 -132.56
N VAL C 284 -89.06 81.89 -133.35
CA VAL C 284 -88.88 80.55 -132.82
C VAL C 284 -88.12 79.70 -133.84
N GLY C 285 -87.19 78.87 -133.37
CA GLY C 285 -86.43 78.07 -134.30
C GLY C 285 -85.29 77.23 -133.76
N LEU C 286 -84.67 76.51 -134.67
CA LEU C 286 -83.56 75.63 -134.34
C LEU C 286 -82.26 76.39 -134.12
N SER C 287 -81.39 75.82 -133.31
CA SER C 287 -80.02 76.28 -133.20
C SER C 287 -79.12 75.08 -133.22
N PHE C 288 -77.92 75.23 -133.77
CA PHE C 288 -77.02 74.09 -133.90
C PHE C 288 -75.57 74.51 -134.12
N SER C 289 -74.65 73.63 -133.72
CA SER C 289 -73.22 73.86 -133.94
C SER C 289 -72.41 72.56 -133.89
N LEU C 290 -71.21 72.61 -134.44
CA LEU C 290 -70.30 71.47 -134.36
C LEU C 290 -68.85 71.94 -134.44
N PRO C 291 -68.02 71.50 -133.48
CA PRO C 291 -66.66 71.99 -133.25
C PRO C 291 -65.72 71.83 -134.45
N ILE C 292 -65.91 70.78 -135.23
CA ILE C 292 -65.04 70.44 -136.36
C ILE C 292 -63.60 70.21 -135.89
N TYR C 293 -62.86 71.30 -135.73
CA TYR C 293 -61.54 71.25 -135.12
C TYR C 293 -61.26 72.48 -134.28
N GLN C 294 -60.68 72.28 -133.11
CA GLN C 294 -60.51 73.35 -132.14
C GLN C 294 -59.13 73.38 -131.51
N GLY C 295 -58.09 73.09 -132.29
CA GLY C 295 -56.74 73.18 -131.75
C GLY C 295 -56.41 72.05 -130.80
N GLY C 296 -57.09 70.93 -130.95
CA GLY C 296 -56.78 69.77 -130.13
C GLY C 296 -57.35 69.86 -128.73
N MET C 297 -58.37 70.68 -128.54
CA MET C 297 -59.13 70.71 -127.30
C MET C 297 -59.43 69.31 -126.82
N VAL C 298 -60.38 68.68 -127.50
CA VAL C 298 -60.86 67.38 -127.12
C VAL C 298 -59.93 66.33 -127.68
N ASN C 299 -58.76 66.20 -127.06
CA ASN C 299 -57.75 65.24 -127.47
C ASN C 299 -56.90 64.85 -126.30
N SER C 300 -56.24 65.86 -125.73
CA SER C 300 -55.41 65.65 -124.55
C SER C 300 -56.28 65.15 -123.41
N GLN C 301 -57.53 65.61 -123.42
CA GLN C 301 -58.47 65.26 -122.38
C GLN C 301 -58.69 63.77 -122.34
N VAL C 302 -58.62 63.15 -123.51
CA VAL C 302 -58.83 61.73 -123.63
C VAL C 302 -57.77 60.98 -122.86
N LYS C 303 -56.52 61.31 -123.16
CA LYS C 303 -55.39 60.66 -122.52
C LYS C 303 -55.40 60.94 -121.04
N GLN C 304 -55.86 62.14 -120.69
CA GLN C 304 -55.93 62.51 -119.28
C GLN C 304 -56.87 61.58 -118.55
N ALA C 305 -58.04 61.38 -119.17
CA ALA C 305 -59.03 60.50 -118.59
C ALA C 305 -58.46 59.10 -118.51
N GLN C 306 -57.63 58.75 -119.48
CA GLN C 306 -57.06 57.41 -119.51
C GLN C 306 -56.11 57.18 -118.35
N TYR C 307 -55.20 58.13 -118.16
CA TYR C 307 -54.23 57.99 -117.09
C TYR C 307 -54.96 57.98 -115.76
N ASN C 308 -56.03 58.78 -115.71
CA ASN C 308 -56.82 58.85 -114.51
C ASN C 308 -57.42 57.48 -114.23
N PHE C 309 -57.84 56.83 -115.31
CA PHE C 309 -58.48 55.53 -115.23
C PHE C 309 -57.54 54.48 -114.70
N VAL C 310 -56.40 54.35 -115.35
CA VAL C 310 -55.48 53.29 -114.99
C VAL C 310 -54.96 53.54 -113.58
N GLY C 311 -54.80 54.81 -113.22
CA GLY C 311 -54.31 55.11 -111.90
C GLY C 311 -55.34 54.69 -110.88
N ALA C 312 -56.60 54.91 -111.21
CA ALA C 312 -57.67 54.52 -110.32
C ALA C 312 -57.65 53.01 -110.15
N SER C 313 -57.35 52.32 -111.24
CA SER C 313 -57.29 50.87 -111.19
C SER C 313 -56.20 50.42 -110.26
N GLU C 314 -55.10 51.18 -110.28
CA GLU C 314 -53.99 50.86 -109.42
C GLU C 314 -54.42 51.03 -107.98
N GLN C 315 -55.22 52.05 -107.73
CA GLN C 315 -55.70 52.27 -106.38
C GLN C 315 -56.57 51.10 -105.97
N LEU C 316 -57.30 50.56 -106.93
CA LEU C 316 -58.18 49.44 -106.66
C LEU C 316 -57.36 48.25 -106.21
N GLU C 317 -56.30 47.96 -106.95
CA GLU C 317 -55.47 46.83 -106.61
C GLU C 317 -54.82 47.04 -105.25
N SER C 318 -54.49 48.29 -104.96
CA SER C 318 -53.88 48.61 -103.69
C SER C 318 -54.86 48.28 -102.58
N ALA C 319 -56.13 48.57 -102.84
CA ALA C 319 -57.15 48.27 -101.87
C ALA C 319 -57.27 46.77 -101.69
N HIS C 320 -57.05 46.04 -102.78
CA HIS C 320 -57.16 44.60 -102.74
C HIS C 320 -56.11 44.02 -101.79
N ARG C 321 -54.88 44.46 -102.02
CA ARG C 321 -53.77 43.98 -101.22
C ARG C 321 -54.04 44.35 -99.78
N SER C 322 -54.63 45.53 -99.62
CA SER C 322 -54.90 46.07 -98.31
C SER C 322 -55.85 45.18 -97.52
N VAL C 323 -56.97 44.84 -98.13
CA VAL C 323 -57.96 44.06 -97.42
C VAL C 323 -57.42 42.68 -97.12
N VAL C 324 -56.59 42.15 -98.01
CA VAL C 324 -56.03 40.83 -97.76
C VAL C 324 -55.20 40.89 -96.48
N GLN C 325 -54.32 41.88 -96.45
CA GLN C 325 -53.46 42.08 -95.31
C GLN C 325 -54.24 42.20 -94.02
N THR C 326 -55.25 43.06 -94.08
CA THR C 326 -55.98 43.39 -92.88
C THR C 326 -56.69 42.19 -92.34
N VAL C 327 -57.40 41.49 -93.21
CA VAL C 327 -58.22 40.39 -92.73
C VAL C 327 -57.34 39.28 -92.15
N ARG C 328 -56.21 39.02 -92.79
CA ARG C 328 -55.35 37.98 -92.28
C ARG C 328 -54.84 38.38 -90.92
N SER C 329 -54.41 39.63 -90.82
CA SER C 329 -53.83 40.12 -89.59
C SER C 329 -54.82 40.04 -88.45
N SER C 330 -56.08 40.31 -88.78
CA SER C 330 -57.12 40.31 -87.77
C SER C 330 -57.33 38.91 -87.25
N PHE C 331 -57.47 37.98 -88.18
CA PHE C 331 -57.65 36.58 -87.85
C PHE C 331 -56.57 36.13 -86.87
N ASN C 332 -55.35 36.46 -87.26
CA ASN C 332 -54.20 36.09 -86.49
C ASN C 332 -54.26 36.70 -85.10
N ASN C 333 -54.70 37.94 -85.04
CA ASN C 333 -54.80 38.62 -83.77
C ASN C 333 -55.79 37.93 -82.86
N ILE C 334 -56.84 37.38 -83.46
CA ILE C 334 -57.83 36.67 -82.69
C ILE C 334 -57.18 35.46 -82.04
N ASN C 335 -56.38 34.76 -82.83
CA ASN C 335 -55.72 33.59 -82.27
C ASN C 335 -54.82 33.98 -81.11
N ALA C 336 -54.16 35.11 -81.28
CA ALA C 336 -53.24 35.59 -80.25
C ALA C 336 -54.01 35.86 -78.98
N SER C 337 -55.21 36.40 -79.16
CA SER C 337 -56.06 36.71 -78.03
C SER C 337 -56.40 35.43 -77.30
N ILE C 338 -56.63 34.38 -78.08
CA ILE C 338 -57.01 33.12 -77.47
C ILE C 338 -55.92 32.64 -76.55
N SER C 339 -54.72 32.56 -77.11
CA SER C 339 -53.61 31.99 -76.36
C SER C 339 -53.32 32.83 -75.12
N SER C 340 -53.44 34.14 -75.28
CA SER C 340 -53.15 35.01 -74.17
C SER C 340 -54.15 34.74 -73.05
N ILE C 341 -55.40 34.55 -73.43
CA ILE C 341 -56.43 34.31 -72.45
C ILE C 341 -56.12 33.03 -71.70
N ASN C 342 -55.58 32.06 -72.41
CA ASN C 342 -55.22 30.82 -71.76
C ASN C 342 -54.17 31.07 -70.69
N ALA C 343 -53.13 31.79 -71.12
CA ALA C 343 -52.00 32.01 -70.24
C ALA C 343 -52.45 32.71 -68.98
N TYR C 344 -53.19 33.80 -69.15
CA TYR C 344 -53.59 34.55 -67.99
C TYR C 344 -54.57 33.78 -67.11
N LYS C 345 -55.36 32.88 -67.69
CA LYS C 345 -56.19 32.03 -66.84
C LYS C 345 -55.31 31.24 -65.91
N GLN C 346 -54.31 30.60 -66.49
CA GLN C 346 -53.45 29.75 -65.68
C GLN C 346 -52.74 30.58 -64.63
N ALA C 347 -52.38 31.80 -65.00
CA ALA C 347 -51.71 32.69 -64.08
C ALA C 347 -52.63 32.99 -62.91
N VAL C 348 -53.92 33.09 -63.21
CA VAL C 348 -54.89 33.38 -62.17
C VAL C 348 -54.92 32.22 -61.20
N VAL C 349 -54.90 31.02 -61.76
CA VAL C 349 -54.98 29.85 -60.89
C VAL C 349 -53.76 29.82 -59.98
N SER C 350 -52.63 30.18 -60.56
CA SER C 350 -51.37 30.14 -59.84
C SER C 350 -51.38 31.10 -58.67
N ALA C 351 -51.72 32.34 -58.97
CA ALA C 351 -51.71 33.36 -57.95
C ALA C 351 -52.72 33.03 -56.89
N GLN C 352 -53.80 32.38 -57.30
CA GLN C 352 -54.82 31.98 -56.35
C GLN C 352 -54.29 30.98 -55.35
N SER C 353 -53.68 29.91 -55.86
CA SER C 353 -53.22 28.87 -54.96
C SER C 353 -52.12 29.42 -54.07
N SER C 354 -51.31 30.32 -54.63
CA SER C 354 -50.24 30.93 -53.87
C SER C 354 -50.84 31.73 -52.74
N LEU C 355 -51.94 32.40 -53.05
CA LEU C 355 -52.60 33.24 -52.08
C LEU C 355 -53.09 32.40 -50.95
N ASP C 356 -53.78 31.33 -51.29
CA ASP C 356 -54.40 30.49 -50.28
C ASP C 356 -53.32 29.90 -49.40
N ALA C 357 -52.18 29.63 -50.03
CA ALA C 357 -51.07 29.07 -49.31
C ALA C 357 -50.60 30.05 -48.26
N MET C 358 -50.37 31.30 -48.68
CA MET C 358 -49.89 32.27 -47.72
C MET C 358 -50.93 32.59 -46.66
N GLU C 359 -52.20 32.47 -47.03
CA GLU C 359 -53.29 32.69 -46.08
C GLU C 359 -53.18 31.66 -44.99
N ALA C 360 -52.88 30.44 -45.41
CA ALA C 360 -52.64 29.38 -44.45
C ALA C 360 -51.40 29.72 -43.65
N GLY C 361 -50.49 30.47 -44.27
CA GLY C 361 -49.28 30.86 -43.59
C GLY C 361 -49.63 31.78 -42.44
N TYR C 362 -50.66 32.59 -42.64
CA TYR C 362 -51.10 33.47 -41.58
C TYR C 362 -52.02 32.74 -40.63
N SER C 363 -52.50 31.58 -41.05
CA SER C 363 -53.46 30.84 -40.25
C SER C 363 -52.82 30.43 -38.94
N VAL C 364 -51.52 30.17 -38.98
CA VAL C 364 -50.75 29.96 -37.76
C VAL C 364 -49.81 31.11 -37.58
N GLY C 365 -50.02 32.15 -38.38
CA GLY C 365 -49.37 33.42 -38.17
C GLY C 365 -47.92 33.53 -38.56
N THR C 366 -47.45 32.64 -39.44
CA THR C 366 -46.05 32.64 -39.83
C THR C 366 -45.62 33.92 -40.54
N ARG C 367 -46.57 34.63 -41.13
CA ARG C 367 -46.22 35.79 -41.95
C ARG C 367 -46.83 37.10 -41.42
N THR C 368 -47.10 38.02 -42.33
CA THR C 368 -47.87 39.22 -42.00
C THR C 368 -49.04 39.34 -42.95
N ILE C 369 -50.09 40.01 -42.50
CA ILE C 369 -51.25 40.24 -43.34
C ILE C 369 -50.85 41.02 -44.59
N VAL C 370 -49.81 41.83 -44.44
CA VAL C 370 -49.32 42.66 -45.53
C VAL C 370 -48.98 41.79 -46.72
N ASP C 371 -48.22 40.75 -46.45
CA ASP C 371 -47.70 39.88 -47.48
C ASP C 371 -48.86 39.19 -48.15
N VAL C 372 -49.86 38.91 -47.33
CA VAL C 372 -51.06 38.25 -47.78
C VAL C 372 -51.72 39.16 -48.81
N LEU C 373 -51.61 40.44 -48.55
CA LEU C 373 -52.19 41.41 -49.44
C LEU C 373 -51.32 41.62 -50.67
N ASP C 374 -50.07 41.20 -50.57
CA ASP C 374 -49.17 41.29 -51.70
C ASP C 374 -49.61 40.25 -52.69
N ALA C 375 -49.83 39.06 -52.17
CA ALA C 375 -50.31 37.99 -52.99
C ALA C 375 -51.69 38.36 -53.51
N THR C 376 -52.44 39.09 -52.70
CA THR C 376 -53.76 39.53 -53.08
C THR C 376 -53.67 40.49 -54.26
N THR C 377 -52.58 41.25 -54.26
CA THR C 377 -52.35 42.26 -55.26
C THR C 377 -52.11 41.57 -56.57
N THR C 378 -51.23 40.59 -56.52
CA THR C 378 -50.89 39.86 -57.72
C THR C 378 -52.16 39.19 -58.21
N LEU C 379 -52.98 38.77 -57.25
CA LEU C 379 -54.20 38.05 -57.57
C LEU C 379 -55.11 38.91 -58.42
N TYR C 380 -55.47 40.08 -57.89
CA TYR C 380 -56.37 40.94 -58.63
C TYR C 380 -55.80 41.37 -59.98
N ASN C 381 -54.52 41.73 -59.97
CA ASN C 381 -53.91 42.21 -61.20
C ASN C 381 -54.09 41.16 -62.25
N ALA C 382 -53.76 39.92 -61.88
CA ALA C 382 -53.89 38.85 -62.82
C ALA C 382 -55.35 38.73 -63.24
N LYS C 383 -56.25 38.98 -62.30
CA LYS C 383 -57.66 38.81 -62.59
C LYS C 383 -58.10 39.65 -63.76
N GLN C 384 -58.17 40.95 -63.57
CA GLN C 384 -58.75 41.68 -64.68
C GLN C 384 -57.75 42.13 -65.71
N GLU C 385 -56.48 41.77 -65.55
CA GLU C 385 -55.68 41.75 -66.75
C GLU C 385 -56.18 40.61 -67.63
N LEU C 386 -56.57 39.50 -67.01
CA LEU C 386 -57.20 38.45 -67.79
C LEU C 386 -58.50 38.94 -68.39
N ALA C 387 -59.23 39.76 -67.64
CA ALA C 387 -60.46 40.29 -68.19
C ALA C 387 -60.12 41.15 -69.39
N ASN C 388 -59.02 41.88 -69.27
CA ASN C 388 -58.58 42.75 -70.33
C ASN C 388 -58.35 41.91 -71.57
N ALA C 389 -57.78 40.74 -71.35
CA ALA C 389 -57.54 39.85 -72.47
C ALA C 389 -58.87 39.45 -73.09
N ARG C 390 -59.89 39.26 -72.25
CA ARG C 390 -61.18 38.87 -72.80
C ARG C 390 -61.77 39.98 -73.67
N TYR C 391 -61.65 41.21 -73.20
CA TYR C 391 -62.18 42.31 -73.99
C TYR C 391 -61.42 42.44 -75.28
N ASN C 392 -60.14 42.14 -75.24
CA ASN C 392 -59.37 42.21 -76.47
C ASN C 392 -59.87 41.16 -77.43
N TYR C 393 -60.28 40.02 -76.87
CA TYR C 393 -60.86 38.97 -77.67
C TYR C 393 -62.11 39.48 -78.34
N LEU C 394 -62.85 40.30 -77.61
CA LEU C 394 -64.08 40.83 -78.16
C LEU C 394 -63.80 41.83 -79.27
N ILE C 395 -62.80 42.68 -79.06
CA ILE C 395 -62.50 43.70 -80.03
C ILE C 395 -62.07 43.06 -81.31
N ASN C 396 -61.22 42.05 -81.19
CA ASN C 396 -60.77 41.34 -82.37
C ASN C 396 -61.95 40.67 -83.01
N GLN C 397 -62.89 40.25 -82.17
CA GLN C 397 -64.08 39.57 -82.66
C GLN C 397 -64.87 40.53 -83.53
N LEU C 398 -64.80 41.81 -83.23
CA LEU C 398 -65.48 42.78 -84.08
C LEU C 398 -64.68 43.12 -85.31
N ASN C 399 -63.37 43.24 -85.15
CA ASN C 399 -62.53 43.71 -86.23
C ASN C 399 -62.61 42.79 -87.42
N ILE C 400 -62.65 41.49 -87.15
CA ILE C 400 -62.75 40.52 -88.22
C ILE C 400 -64.08 40.68 -88.92
N LYS C 401 -65.11 41.03 -88.16
CA LYS C 401 -66.42 41.17 -88.72
C LYS C 401 -66.42 42.50 -89.44
N SER C 402 -65.71 43.45 -88.86
CA SER C 402 -65.48 44.73 -89.49
C SER C 402 -64.66 44.57 -90.75
N ALA C 403 -63.75 43.60 -90.72
CA ALA C 403 -62.89 43.36 -91.86
C ALA C 403 -63.74 42.89 -93.02
N LEU C 404 -64.80 42.17 -92.70
CA LEU C 404 -65.73 41.69 -93.71
C LEU C 404 -66.43 42.85 -94.37
N GLY C 405 -66.55 43.95 -93.63
CA GLY C 405 -67.33 45.08 -94.07
C GLY C 405 -68.79 44.88 -93.72
N THR C 406 -69.07 43.77 -93.06
CA THR C 406 -70.42 43.45 -92.62
C THR C 406 -70.83 44.28 -91.43
N LEU C 407 -70.80 43.65 -90.26
CA LEU C 407 -71.21 44.25 -88.99
C LEU C 407 -72.66 44.66 -88.96
N ASN C 408 -73.23 44.63 -87.76
CA ASN C 408 -74.60 45.02 -87.52
C ASN C 408 -74.83 45.25 -86.05
N GLU C 409 -76.01 45.78 -85.72
CA GLU C 409 -76.37 45.98 -84.33
C GLU C 409 -76.46 44.63 -83.62
N GLN C 410 -76.79 43.59 -84.38
CA GLN C 410 -77.05 42.28 -83.81
C GLN C 410 -75.80 41.66 -83.18
N ASP C 411 -74.65 41.91 -83.77
CA ASP C 411 -73.41 41.39 -83.22
C ASP C 411 -73.18 42.05 -81.87
N LEU C 412 -73.52 43.33 -81.80
CA LEU C 412 -73.40 44.07 -80.57
C LEU C 412 -74.37 43.54 -79.54
N LEU C 413 -75.52 43.04 -80.00
CA LEU C 413 -76.47 42.43 -79.08
C LEU C 413 -75.90 41.13 -78.53
N ALA C 414 -75.20 40.41 -79.39
CA ALA C 414 -74.56 39.17 -78.99
C ALA C 414 -73.52 39.50 -77.93
N LEU C 415 -72.89 40.65 -78.11
CA LEU C 415 -71.99 41.18 -77.10
C LEU C 415 -72.76 41.50 -75.83
N ASN C 416 -73.99 41.97 -76.01
CA ASN C 416 -74.79 42.45 -74.89
C ASN C 416 -75.18 41.27 -74.02
N ASN C 417 -75.18 40.09 -74.62
CA ASN C 417 -75.41 38.87 -73.86
C ASN C 417 -74.32 38.66 -72.81
N ALA C 418 -73.11 39.10 -73.14
CA ALA C 418 -71.96 38.87 -72.28
C ALA C 418 -72.02 39.67 -70.99
N LEU C 419 -72.74 40.78 -70.99
CA LEU C 419 -72.80 41.63 -69.81
C LEU C 419 -73.65 41.01 -68.70
N SER C 420 -73.37 41.40 -67.46
CA SER C 420 -74.06 40.85 -66.31
C SER C 420 -74.32 41.88 -65.21
N LYS C 421 -73.47 41.85 -64.17
CA LYS C 421 -73.71 42.65 -62.96
C LYS C 421 -73.54 44.15 -63.19
N PRO C 422 -74.39 44.95 -62.53
CA PRO C 422 -74.20 46.40 -62.50
C PRO C 422 -72.90 46.76 -61.78
N VAL C 423 -72.24 47.82 -62.23
CA VAL C 423 -71.00 48.29 -61.61
C VAL C 423 -70.91 49.80 -61.63
N SER C 424 -70.79 50.42 -60.46
CA SER C 424 -70.67 51.86 -60.35
C SER C 424 -69.39 52.35 -61.02
N THR C 425 -69.49 53.49 -61.70
CA THR C 425 -68.34 54.01 -62.43
C THR C 425 -67.31 54.66 -61.54
N ASN C 426 -67.74 55.52 -60.61
CA ASN C 426 -66.77 56.20 -59.78
C ASN C 426 -67.11 56.18 -58.30
N PRO C 427 -66.90 55.04 -57.65
CA PRO C 427 -66.88 55.07 -56.19
C PRO C 427 -65.72 55.94 -55.74
N GLU C 428 -65.88 56.67 -54.64
CA GLU C 428 -64.81 57.53 -54.17
C GLU C 428 -63.76 56.75 -53.41
N PRO D 32 39.52 -2.47 85.39
CA PRO D 32 39.60 -1.94 84.02
C PRO D 32 39.24 -0.47 83.94
N VAL D 33 40.10 0.32 83.32
CA VAL D 33 39.83 1.76 83.17
C VAL D 33 38.64 1.99 82.26
N PRO D 34 37.69 2.83 82.70
CA PRO D 34 36.48 3.19 81.97
C PRO D 34 36.73 4.23 80.88
N THR D 35 37.99 4.55 80.62
CA THR D 35 38.31 5.60 79.65
C THR D 35 37.81 5.23 78.26
N TYR D 36 37.21 6.21 77.59
CA TYR D 36 36.58 5.99 76.29
C TYR D 36 37.17 6.95 75.26
N GLN D 37 37.35 6.46 74.03
CA GLN D 37 37.73 7.34 72.94
C GLN D 37 36.57 8.27 72.60
N THR D 38 36.86 9.52 72.28
CA THR D 38 35.78 10.48 72.05
C THR D 38 36.18 11.64 71.14
N LEU D 39 35.17 12.40 70.71
CA LEU D 39 35.37 13.51 69.79
C LEU D 39 34.41 14.65 70.08
N ILE D 40 34.82 15.87 69.69
CA ILE D 40 33.93 17.02 69.78
C ILE D 40 33.10 17.11 68.51
N VAL D 41 32.00 16.36 68.48
CA VAL D 41 31.13 16.38 67.31
C VAL D 41 30.49 17.76 67.14
N ARG D 42 30.41 18.22 65.89
CA ARG D 42 29.92 19.55 65.61
C ARG D 42 29.00 19.60 64.40
N PRO D 43 28.08 20.58 64.38
CA PRO D 43 27.30 20.90 63.18
C PRO D 43 28.23 21.37 62.06
N GLY D 44 27.90 21.04 60.82
CA GLY D 44 28.74 21.40 59.69
C GLY D 44 27.99 21.34 58.37
N ASP D 45 28.71 21.59 57.28
CA ASP D 45 28.11 21.61 55.95
C ASP D 45 27.95 20.20 55.42
N LEU D 46 27.09 19.41 56.06
CA LEU D 46 27.01 18.00 55.74
C LEU D 46 26.46 17.73 54.34
N GLN D 47 27.14 16.85 53.63
CA GLN D 47 26.74 16.49 52.27
C GLN D 47 25.69 15.38 52.28
N GLN D 48 24.86 15.35 51.23
CA GLN D 48 23.81 14.35 51.11
C GLN D 48 23.61 13.93 49.66
N SER D 49 24.64 13.31 49.08
CA SER D 49 24.59 12.86 47.70
C SER D 49 24.25 11.38 47.62
N VAL D 50 24.39 10.80 46.44
CA VAL D 50 24.10 9.39 46.23
C VAL D 50 24.84 8.85 45.00
N LEU D 51 24.29 7.80 44.40
CA LEU D 51 24.90 7.19 43.22
C LEU D 51 23.85 6.85 42.17
N ALA D 52 24.20 7.01 40.89
CA ALA D 52 23.34 6.55 39.81
C ALA D 52 24.14 6.28 38.54
N THR D 53 23.76 5.21 37.83
CA THR D 53 24.37 4.88 36.54
C THR D 53 23.89 5.89 35.50
N GLY D 54 24.77 6.24 34.55
CA GLY D 54 24.42 7.26 33.57
C GLY D 54 24.84 6.97 32.14
N LYS D 55 23.85 6.93 31.26
CA LYS D 55 24.07 6.82 29.81
C LYS D 55 24.42 8.21 29.26
N LEU D 56 25.03 8.28 28.08
CA LEU D 56 25.42 9.58 27.51
C LEU D 56 24.96 9.74 26.06
N ASP D 57 24.56 10.95 25.68
CA ASP D 57 24.15 11.21 24.30
C ASP D 57 24.26 12.69 23.90
N ALA D 58 24.09 12.96 22.60
CA ALA D 58 24.21 14.31 22.07
C ALA D 58 23.02 15.20 22.43
N LEU D 59 23.25 16.52 22.45
CA LEU D 59 22.21 17.49 22.78
C LEU D 59 21.04 17.41 21.82
N ARG D 60 21.32 17.05 20.57
CA ARG D 60 20.28 16.90 19.57
C ARG D 60 20.71 15.92 18.48
N LYS D 61 19.74 15.14 17.98
CA LYS D 61 20.01 14.08 17.03
C LYS D 61 18.86 13.94 16.04
N VAL D 62 19.18 13.63 14.79
CA VAL D 62 18.18 13.59 13.72
C VAL D 62 18.39 12.40 12.78
N ASP D 63 17.30 11.72 12.43
CA ASP D 63 17.34 10.67 11.42
C ASP D 63 16.80 11.17 10.08
N VAL D 64 17.69 11.72 9.26
CA VAL D 64 17.34 12.31 7.98
C VAL D 64 16.80 11.26 6.99
N GLY D 65 15.79 11.64 6.21
CA GLY D 65 15.21 10.77 5.20
C GLY D 65 14.84 11.52 3.93
N ALA D 66 14.18 10.82 3.01
CA ALA D 66 13.76 11.44 1.76
C ALA D 66 12.38 10.97 1.33
N GLN D 67 11.54 11.90 0.89
CA GLN D 67 10.16 11.61 0.52
C GLN D 67 10.01 10.72 -0.72
N VAL D 68 10.93 10.85 -1.68
CA VAL D 68 10.73 10.25 -2.99
C VAL D 68 11.47 8.94 -3.23
N SER D 69 10.87 8.08 -4.05
CA SER D 69 11.50 6.86 -4.52
C SER D 69 12.52 7.19 -5.60
N GLY D 70 13.55 6.34 -5.73
CA GLY D 70 14.54 6.52 -6.77
C GLY D 70 15.92 6.05 -6.37
N GLN D 71 16.71 5.59 -7.34
CA GLN D 71 18.07 5.14 -7.10
C GLN D 71 18.95 6.27 -6.58
N LEU D 72 19.79 5.96 -5.60
CA LEU D 72 20.68 6.95 -5.00
C LEU D 72 21.98 7.03 -5.80
N LYS D 73 22.05 7.98 -6.72
CA LYS D 73 23.18 8.11 -7.63
C LYS D 73 24.50 8.40 -6.93
N THR D 74 24.44 9.11 -5.80
CA THR D 74 25.65 9.46 -5.07
C THR D 74 25.40 9.88 -3.64
N LEU D 75 26.44 9.77 -2.82
CA LEU D 75 26.42 10.24 -1.45
C LEU D 75 27.76 10.90 -1.16
N SER D 76 27.79 12.23 -1.26
CA SER D 76 29.04 12.98 -1.29
C SER D 76 29.88 12.90 -0.03
N VAL D 77 29.25 12.73 1.13
CA VAL D 77 29.99 12.83 2.38
C VAL D 77 30.22 11.49 3.11
N ALA D 78 31.48 11.24 3.46
CA ALA D 78 31.83 10.16 4.37
C ALA D 78 31.55 10.59 5.80
N ILE D 79 31.33 9.61 6.68
CA ILE D 79 31.05 9.90 8.08
C ILE D 79 32.26 10.51 8.77
N GLY D 80 32.00 11.33 9.79
CA GLY D 80 33.05 12.00 10.54
C GLY D 80 33.37 13.39 10.05
N ASP D 81 32.79 13.78 8.92
CA ASP D 81 32.97 15.12 8.40
C ASP D 81 31.89 16.08 8.91
N LYS D 82 32.30 17.28 9.30
CA LYS D 82 31.36 18.32 9.70
C LYS D 82 30.52 18.79 8.51
N VAL D 83 29.25 19.09 8.76
CA VAL D 83 28.37 19.61 7.72
C VAL D 83 27.55 20.81 8.22
N LYS D 84 27.68 21.94 7.53
CA LYS D 84 26.90 23.14 7.83
C LYS D 84 25.47 23.00 7.34
N LYS D 85 24.57 23.78 7.94
CA LYS D 85 23.15 23.69 7.62
C LYS D 85 22.87 23.96 6.15
N ASP D 86 21.91 23.24 5.60
CA ASP D 86 21.50 23.33 4.19
C ASP D 86 22.61 22.98 3.20
N GLN D 87 23.60 22.21 3.65
CA GLN D 87 24.60 21.67 2.75
C GLN D 87 24.00 20.51 1.96
N LEU D 88 24.42 20.33 0.72
CA LEU D 88 23.96 19.20 -0.08
C LEU D 88 24.50 17.90 0.50
N LEU D 89 23.72 16.84 0.42
CA LEU D 89 24.15 15.54 0.92
C LEU D 89 24.12 14.49 -0.18
N GLY D 90 23.16 13.57 -0.10
CA GLY D 90 22.97 12.57 -1.14
C GLY D 90 22.18 13.16 -2.29
N VAL D 91 22.13 12.44 -3.41
CA VAL D 91 21.39 12.91 -4.58
C VAL D 91 20.63 11.76 -5.23
N ILE D 92 19.33 11.69 -4.97
CA ILE D 92 18.47 10.69 -5.59
C ILE D 92 18.24 11.10 -7.04
N ASP D 93 18.00 10.13 -7.92
CA ASP D 93 17.90 10.39 -9.37
C ASP D 93 16.76 11.35 -9.71
N PRO D 94 17.08 12.41 -10.45
CA PRO D 94 16.13 13.48 -10.78
C PRO D 94 15.60 13.48 -12.22
N GLU D 95 15.79 12.39 -12.96
CA GLU D 95 15.39 12.37 -14.37
C GLU D 95 13.89 12.56 -14.58
N GLN D 96 13.10 11.92 -13.70
CA GLN D 96 11.65 11.92 -13.84
C GLN D 96 11.08 13.31 -13.62
N ALA D 97 11.55 13.98 -12.57
CA ALA D 97 11.05 15.29 -12.22
C ALA D 97 11.37 16.27 -13.33
N GLU D 98 12.52 16.10 -13.95
CA GLU D 98 12.90 16.91 -15.10
C GLU D 98 11.94 16.64 -16.26
N ASN D 99 11.48 15.40 -16.34
CA ASN D 99 10.53 15.07 -17.41
C ASN D 99 9.19 15.78 -17.21
N GLN D 100 8.63 15.71 -16.01
CA GLN D 100 7.37 16.43 -15.77
C GLN D 100 7.55 17.94 -15.89
N ILE D 101 8.74 18.44 -15.55
CA ILE D 101 9.00 19.87 -15.68
C ILE D 101 8.99 20.30 -17.14
N LYS D 102 9.67 19.54 -18.01
CA LYS D 102 9.67 19.88 -19.42
C LYS D 102 8.26 19.77 -19.99
N GLU D 103 7.49 18.82 -19.48
CA GLU D 103 6.11 18.66 -19.91
C GLU D 103 5.26 19.90 -19.56
N VAL D 104 5.36 20.33 -18.32
CA VAL D 104 4.59 21.49 -17.87
C VAL D 104 5.02 22.75 -18.62
N GLU D 105 6.31 22.90 -18.87
CA GLU D 105 6.80 24.06 -19.61
C GLU D 105 6.25 24.04 -21.04
N ALA D 106 6.11 22.83 -21.59
CA ALA D 106 5.50 22.70 -22.91
C ALA D 106 4.04 23.12 -22.89
N THR D 107 3.36 22.83 -21.77
CA THR D 107 1.97 23.25 -21.62
C THR D 107 1.85 24.77 -21.56
N LEU D 108 2.76 25.39 -20.81
CA LEU D 108 2.77 26.84 -20.72
C LEU D 108 3.05 27.46 -22.08
N MET D 109 3.88 26.79 -22.89
CA MET D 109 4.09 27.28 -24.25
C MET D 109 2.82 27.17 -25.07
N GLU D 110 2.07 26.08 -24.85
CA GLU D 110 0.83 25.85 -25.57
C GLU D 110 -0.16 26.98 -25.32
N LEU D 111 -0.37 27.30 -24.05
CA LEU D 111 -1.25 28.41 -23.71
C LEU D 111 -0.64 29.74 -24.15
N ARG D 112 0.69 29.80 -24.22
CA ARG D 112 1.38 31.00 -24.63
C ARG D 112 1.03 31.35 -26.07
N ALA D 113 0.80 30.34 -26.89
CA ALA D 113 0.33 30.59 -28.26
C ALA D 113 -1.19 30.77 -28.33
N GLN D 114 -1.91 29.96 -27.57
CA GLN D 114 -3.36 29.96 -27.64
C GLN D 114 -3.91 31.32 -27.19
N ARG D 115 -3.20 31.98 -26.27
CA ARG D 115 -3.52 33.35 -25.92
C ARG D 115 -3.24 34.30 -27.08
N GLN D 116 -2.20 34.00 -27.84
CA GLN D 116 -1.79 34.86 -28.95
C GLN D 116 -2.87 34.87 -30.01
N GLN D 117 -3.62 33.78 -30.12
CA GLN D 117 -4.78 33.78 -31.02
C GLN D 117 -5.86 34.80 -30.62
N ALA D 118 -6.26 34.72 -29.35
CA ALA D 118 -7.32 35.58 -28.84
C ALA D 118 -6.87 37.03 -28.86
N GLU D 119 -5.57 37.25 -28.77
CA GLU D 119 -5.02 38.59 -28.84
C GLU D 119 -5.30 39.21 -30.22
N ALA D 120 -5.32 38.37 -31.25
CA ALA D 120 -5.62 38.84 -32.59
C ALA D 120 -7.13 39.03 -32.78
N GLU D 121 -7.90 38.07 -32.30
CA GLU D 121 -9.36 38.18 -32.47
C GLU D 121 -9.92 39.41 -31.73
N LEU D 122 -9.29 39.76 -30.61
CA LEU D 122 -9.70 40.94 -29.87
C LEU D 122 -9.44 42.21 -30.67
N LYS D 123 -8.35 42.20 -31.44
CA LYS D 123 -8.05 43.33 -32.32
C LYS D 123 -9.11 43.45 -33.40
N LEU D 124 -9.52 42.29 -33.93
CA LEU D 124 -10.53 42.29 -34.97
C LEU D 124 -11.85 42.86 -34.47
N ALA D 125 -12.31 42.36 -33.31
CA ALA D 125 -13.58 42.81 -32.76
C ALA D 125 -13.56 44.28 -32.37
N ARG D 126 -12.40 44.74 -31.90
CA ARG D 126 -12.28 46.12 -31.45
C ARG D 126 -12.29 47.09 -32.61
N VAL D 127 -11.51 46.79 -33.65
CA VAL D 127 -11.49 47.64 -34.83
C VAL D 127 -12.87 47.63 -35.48
N THR D 128 -13.53 46.47 -35.46
CA THR D 128 -14.88 46.37 -36.01
C THR D 128 -15.86 47.25 -35.24
N TYR D 129 -15.70 47.29 -33.92
CA TYR D 129 -16.60 48.07 -33.09
C TYR D 129 -16.41 49.57 -33.28
N SER D 130 -15.16 50.03 -33.23
CA SER D 130 -14.89 51.45 -33.39
C SER D 130 -15.28 51.92 -34.78
N ARG D 131 -14.99 51.08 -35.77
CA ARG D 131 -15.31 51.40 -37.16
C ARG D 131 -16.81 51.34 -37.42
N GLN D 132 -17.55 50.61 -36.58
CA GLN D 132 -19.01 50.75 -36.61
C GLN D 132 -19.51 52.04 -35.96
N GLN D 133 -18.97 52.37 -34.79
CA GLN D 133 -19.45 53.55 -34.04
C GLN D 133 -19.18 54.88 -34.76
N ARG D 134 -18.03 54.95 -35.41
CA ARG D 134 -17.62 56.17 -36.11
C ARG D 134 -18.60 56.51 -37.22
N LEU D 135 -19.22 55.48 -37.77
CA LEU D 135 -20.27 55.67 -38.75
C LEU D 135 -21.60 55.85 -38.02
N ALA D 136 -21.66 55.27 -36.82
CA ALA D 136 -22.92 55.18 -36.08
C ALA D 136 -23.33 56.50 -35.46
N GLN D 137 -22.41 57.46 -35.42
CA GLN D 137 -22.81 58.82 -35.05
C GLN D 137 -23.73 59.43 -36.13
N THR D 138 -23.70 58.84 -37.33
CA THR D 138 -24.54 59.28 -38.44
C THR D 138 -25.74 58.32 -38.51
N GLN D 139 -26.03 57.67 -37.39
CA GLN D 139 -27.10 56.69 -37.26
C GLN D 139 -26.97 55.51 -38.21
N ALA D 140 -25.82 54.85 -38.16
CA ALA D 140 -25.60 53.62 -38.91
C ALA D 140 -26.54 52.52 -38.47
N VAL D 141 -27.05 51.77 -39.45
CA VAL D 141 -27.80 50.51 -39.26
C VAL D 141 -28.33 50.25 -37.85
N SER D 142 -29.00 51.26 -37.28
CA SER D 142 -29.59 51.17 -35.95
C SER D 142 -28.60 50.82 -34.85
N GLN D 143 -29.13 50.63 -33.65
CA GLN D 143 -28.33 50.21 -32.52
C GLN D 143 -28.12 48.69 -32.57
N GLN D 144 -28.79 48.06 -33.53
CA GLN D 144 -28.74 46.61 -33.71
C GLN D 144 -27.31 46.10 -33.85
N ASP D 145 -26.63 46.51 -34.92
CA ASP D 145 -25.27 46.08 -35.16
C ASP D 145 -24.32 46.61 -34.09
N LEU D 146 -24.66 47.74 -33.48
CA LEU D 146 -23.87 48.24 -32.38
C LEU D 146 -23.96 47.31 -31.17
N ASP D 147 -25.13 46.69 -30.99
CA ASP D 147 -25.29 45.68 -29.95
C ASP D 147 -24.67 44.36 -30.40
N ASN D 148 -24.50 44.20 -31.71
CA ASN D 148 -23.86 43.01 -32.24
C ASN D 148 -22.35 43.14 -32.25
N ALA D 149 -21.86 44.32 -31.93
CA ALA D 149 -20.43 44.58 -31.96
C ALA D 149 -19.90 44.81 -30.55
N ALA D 150 -20.63 45.58 -29.75
CA ALA D 150 -20.21 45.87 -28.39
C ALA D 150 -20.15 44.61 -27.52
N THR D 151 -21.00 43.65 -27.82
CA THR D 151 -21.07 42.42 -27.02
C THR D 151 -20.01 41.40 -27.42
N GLU D 152 -19.74 41.29 -28.72
CA GLU D 152 -18.73 40.35 -29.20
C GLU D 152 -17.35 40.73 -28.67
N MET D 153 -17.10 42.03 -28.59
CA MET D 153 -15.85 42.53 -28.04
C MET D 153 -15.72 42.18 -26.57
N ALA D 154 -16.85 42.18 -25.86
CA ALA D 154 -16.86 41.76 -24.47
C ALA D 154 -16.54 40.28 -24.35
N VAL D 155 -16.96 39.51 -25.35
CA VAL D 155 -16.70 38.08 -25.39
C VAL D 155 -15.23 37.79 -25.61
N LYS D 156 -14.64 38.47 -26.59
CA LYS D 156 -13.22 38.31 -26.86
C LYS D 156 -12.41 38.82 -25.67
N GLN D 157 -12.95 39.81 -24.98
CA GLN D 157 -12.32 40.33 -23.78
C GLN D 157 -12.31 39.28 -22.68
N ALA D 158 -13.43 38.58 -22.53
CA ALA D 158 -13.53 37.50 -21.54
C ALA D 158 -12.66 36.31 -21.89
N GLN D 159 -12.44 36.09 -23.17
CA GLN D 159 -11.70 34.91 -23.63
C GLN D 159 -10.23 34.99 -23.20
N ILE D 160 -9.63 36.16 -23.34
CA ILE D 160 -8.23 36.35 -22.98
C ILE D 160 -8.01 36.17 -21.49
N GLY D 161 -8.99 36.60 -20.68
CA GLY D 161 -8.90 36.42 -19.25
C GLY D 161 -9.09 34.97 -18.87
N THR D 162 -9.96 34.30 -19.61
CA THR D 162 -10.22 32.87 -19.41
C THR D 162 -8.95 32.08 -19.73
N ILE D 163 -8.16 32.58 -20.66
CA ILE D 163 -6.87 31.96 -20.96
C ILE D 163 -5.83 32.31 -19.90
N ASP D 164 -5.85 33.55 -19.44
CA ASP D 164 -4.89 34.01 -18.43
C ASP D 164 -5.06 33.23 -17.14
N ALA D 165 -6.29 32.84 -16.86
CA ALA D 165 -6.55 31.99 -15.69
C ALA D 165 -5.90 30.63 -15.86
N GLN D 166 -5.85 30.14 -17.09
CA GLN D 166 -5.20 28.87 -17.39
C GLN D 166 -3.70 28.98 -17.24
N ILE D 167 -3.14 30.09 -17.69
CA ILE D 167 -1.71 30.32 -17.54
C ILE D 167 -1.39 30.43 -16.06
N LYS D 168 -2.33 30.98 -15.31
CA LYS D 168 -2.15 31.15 -13.87
C LYS D 168 -2.16 29.80 -13.15
N ARG D 169 -3.13 28.96 -13.49
CA ARG D 169 -3.21 27.65 -12.84
C ARG D 169 -2.04 26.75 -13.22
N ASN D 170 -1.54 26.90 -14.45
CA ASN D 170 -0.42 26.06 -14.86
C ASN D 170 0.93 26.57 -14.33
N GLN D 171 1.10 27.88 -14.22
CA GLN D 171 2.28 28.40 -13.54
C GLN D 171 2.24 28.02 -12.06
N ALA D 172 1.04 27.98 -11.50
CA ALA D 172 0.87 27.51 -10.13
C ALA D 172 1.21 26.04 -10.01
N SER D 173 0.91 25.28 -11.07
CA SER D 173 1.28 23.87 -11.12
C SER D 173 2.78 23.68 -11.30
N LEU D 174 3.44 24.67 -11.88
CA LEU D 174 4.87 24.57 -12.15
C LEU D 174 5.66 24.50 -10.86
N ASP D 175 5.18 25.17 -9.81
CA ASP D 175 5.80 25.06 -8.50
C ASP D 175 5.61 23.66 -7.93
N THR D 176 4.47 23.05 -8.24
CA THR D 176 4.21 21.68 -7.84
C THR D 176 5.15 20.73 -8.58
N ALA D 177 5.54 21.12 -9.78
CA ALA D 177 6.48 20.32 -10.56
C ALA D 177 7.88 20.45 -9.99
N LYS D 178 8.32 21.68 -9.76
CA LYS D 178 9.66 21.93 -9.26
C LYS D 178 9.89 21.45 -7.83
N THR D 179 8.84 21.45 -7.01
CA THR D 179 9.01 21.10 -5.60
C THR D 179 9.38 19.64 -5.42
N ASN D 180 8.93 18.79 -6.32
CA ASN D 180 9.32 17.38 -6.29
C ASN D 180 10.80 17.20 -6.60
N LEU D 181 11.34 18.06 -7.45
CA LEU D 181 12.75 18.01 -7.82
C LEU D 181 13.65 18.33 -6.62
N ASP D 182 13.19 19.24 -5.76
CA ASP D 182 13.97 19.63 -4.60
C ASP D 182 14.06 18.49 -3.58
N TYR D 183 13.04 17.64 -3.55
CA TYR D 183 13.02 16.52 -2.62
C TYR D 183 14.12 15.52 -2.94
N THR D 184 14.48 15.42 -4.21
CA THR D 184 15.51 14.48 -4.65
C THR D 184 16.88 14.81 -4.07
N ARG D 185 17.14 16.09 -3.86
CA ARG D 185 18.42 16.52 -3.32
C ARG D 185 18.34 16.76 -1.81
N ILE D 186 18.78 15.76 -1.05
CA ILE D 186 18.76 15.81 0.40
C ILE D 186 19.68 16.90 0.94
N VAL D 187 19.20 17.64 1.94
CA VAL D 187 20.01 18.65 2.61
C VAL D 187 19.86 18.50 4.13
N ALA D 188 20.92 18.81 4.86
CA ALA D 188 20.93 18.65 6.30
C ALA D 188 20.06 19.70 7.01
N PRO D 189 19.12 19.23 7.84
CA PRO D 189 18.29 20.09 8.69
C PRO D 189 19.10 20.95 9.65
N MET D 190 20.23 20.43 10.11
CA MET D 190 21.01 21.10 11.14
C MET D 190 22.49 20.72 11.09
N ALA D 191 23.33 21.57 11.69
CA ALA D 191 24.76 21.33 11.75
C ALA D 191 25.09 20.17 12.69
N GLY D 192 26.22 19.52 12.45
CA GLY D 192 26.66 18.42 13.26
C GLY D 192 27.31 17.35 12.40
N GLU D 193 28.45 16.83 12.84
CA GLU D 193 29.17 15.82 12.07
C GLU D 193 28.35 14.56 11.89
N VAL D 194 28.45 13.95 10.71
CA VAL D 194 27.67 12.76 10.38
C VAL D 194 28.05 11.61 11.31
N THR D 195 27.05 10.86 11.75
CA THR D 195 27.28 9.75 12.67
C THR D 195 27.30 8.40 11.95
N GLN D 196 26.16 8.02 11.38
CA GLN D 196 26.04 6.70 10.78
C GLN D 196 25.27 6.71 9.46
N ILE D 197 25.72 5.88 8.52
CA ILE D 197 25.04 5.73 7.23
C ILE D 197 24.40 4.36 7.09
N THR D 198 23.08 4.32 7.19
CA THR D 198 22.34 3.07 7.03
C THR D 198 22.20 2.70 5.56
N THR D 199 21.94 3.70 4.72
CA THR D 199 21.74 3.47 3.30
C THR D 199 23.01 3.68 2.50
N LEU D 200 23.66 2.57 2.12
CA LEU D 200 24.87 2.63 1.30
C LEU D 200 24.57 3.05 -0.13
N GLN D 201 25.55 3.66 -0.79
CA GLN D 201 25.38 4.22 -2.12
C GLN D 201 25.00 3.18 -3.17
N GLY D 202 24.12 3.56 -4.08
CA GLY D 202 23.74 2.73 -5.21
C GLY D 202 22.54 1.84 -4.95
N GLN D 203 22.12 1.77 -3.70
CA GLN D 203 20.94 0.98 -3.35
C GLN D 203 19.66 1.60 -3.89
N THR D 204 18.78 0.76 -4.41
CA THR D 204 17.44 1.18 -4.78
C THR D 204 16.64 1.45 -3.51
N VAL D 205 15.79 2.46 -3.53
CA VAL D 205 14.98 2.79 -2.36
C VAL D 205 13.60 3.29 -2.77
N ILE D 206 12.59 2.95 -1.98
CA ILE D 206 11.22 3.35 -2.25
C ILE D 206 10.58 3.88 -0.97
N ALA D 207 9.78 4.93 -1.10
CA ALA D 207 9.23 5.61 0.08
C ALA D 207 7.71 5.75 0.01
N ALA D 208 7.04 4.65 -0.29
CA ALA D 208 5.58 4.60 -0.27
C ALA D 208 5.07 4.23 1.13
N GLN D 209 6.00 4.02 2.05
CA GLN D 209 5.68 3.49 3.38
C GLN D 209 6.49 4.22 4.46
N GLN D 210 7.43 3.54 5.11
CA GLN D 210 8.22 4.18 6.14
C GLN D 210 9.20 5.13 5.46
N ALA D 211 9.52 6.23 6.13
CA ALA D 211 10.53 7.12 5.62
C ALA D 211 11.88 6.41 5.70
N PRO D 212 12.59 6.33 4.56
CA PRO D 212 13.88 5.65 4.52
C PRO D 212 14.91 6.34 5.42
N ASN D 213 15.78 5.56 6.05
CA ASN D 213 16.85 6.12 6.87
C ASN D 213 18.17 6.13 6.11
N ILE D 214 18.44 7.23 5.43
CA ILE D 214 19.68 7.37 4.66
C ILE D 214 20.89 7.55 5.55
N LEU D 215 20.76 8.40 6.56
CA LEU D 215 21.86 8.73 7.46
C LEU D 215 21.35 9.43 8.71
N THR D 216 22.22 9.59 9.70
CA THR D 216 21.85 10.26 10.94
C THR D 216 22.86 11.33 11.33
N LEU D 217 22.41 12.29 12.14
CA LEU D 217 23.23 13.42 12.54
C LEU D 217 23.08 13.71 14.03
N ALA D 218 24.10 14.32 14.63
CA ALA D 218 24.04 14.70 16.03
C ALA D 218 24.95 15.89 16.32
N ASP D 219 24.49 16.79 17.18
CA ASP D 219 25.27 17.98 17.52
C ASP D 219 26.20 17.71 18.70
N MET D 220 27.43 17.31 18.40
CA MET D 220 28.39 16.99 19.44
C MET D 220 29.16 18.22 19.91
N SER D 221 28.48 19.06 20.70
CA SER D 221 29.11 20.23 21.30
C SER D 221 28.63 20.35 22.75
N ALA D 222 27.57 19.63 23.07
CA ALA D 222 27.05 19.58 24.43
C ALA D 222 26.45 18.19 24.68
N MET D 223 27.09 17.43 25.56
CA MET D 223 26.71 16.05 25.79
C MET D 223 25.70 15.90 26.92
N LEU D 224 24.42 15.79 26.57
CA LEU D 224 23.38 15.51 27.56
C LEU D 224 23.59 14.14 28.17
N VAL D 225 23.29 14.02 29.45
CA VAL D 225 23.39 12.74 30.14
C VAL D 225 22.02 12.18 30.50
N LYS D 226 21.91 10.86 30.46
CA LYS D 226 20.74 10.17 30.96
C LYS D 226 21.08 9.49 32.28
N ALA D 227 20.94 10.25 33.37
CA ALA D 227 21.19 9.72 34.70
C ALA D 227 19.93 9.07 35.26
N GLN D 228 19.90 7.74 35.22
CA GLN D 228 18.71 6.99 35.61
C GLN D 228 18.61 6.73 37.12
N VAL D 229 18.20 7.77 37.85
CA VAL D 229 17.97 7.65 39.29
C VAL D 229 16.81 6.70 39.57
N SER D 230 16.93 5.92 40.65
CA SER D 230 15.90 4.96 41.04
C SER D 230 14.61 5.66 41.48
N GLU D 231 13.49 4.96 41.32
CA GLU D 231 12.18 5.52 41.66
C GLU D 231 12.03 5.79 43.15
N ALA D 232 12.83 5.10 43.97
CA ALA D 232 12.76 5.27 45.41
C ALA D 232 13.16 6.68 45.84
N ASP D 233 14.00 7.32 45.04
CA ASP D 233 14.53 8.63 45.40
C ASP D 233 14.05 9.77 44.49
N VAL D 234 13.16 9.46 43.55
CA VAL D 234 12.71 10.45 42.58
C VAL D 234 11.89 11.56 43.24
N ILE D 235 11.30 11.26 44.39
CA ILE D 235 10.45 12.21 45.10
C ILE D 235 11.24 13.46 45.48
N HIS D 236 12.53 13.28 45.76
CA HIS D 236 13.40 14.41 46.02
C HIS D 236 13.86 15.00 44.70
N LEU D 237 15.17 15.17 44.56
CA LEU D 237 15.79 15.58 43.29
C LEU D 237 15.19 16.89 42.76
N LYS D 238 15.17 17.91 43.61
CA LYS D 238 14.67 19.22 43.21
C LYS D 238 15.59 19.83 42.16
N PRO D 239 14.99 20.45 41.12
CA PRO D 239 15.76 21.04 40.01
C PRO D 239 16.70 22.14 40.45
N GLY D 240 17.87 22.22 39.82
CA GLY D 240 18.90 23.15 40.22
C GLY D 240 19.48 22.76 41.57
N GLN D 241 20.34 21.75 41.57
CA GLN D 241 20.83 21.18 42.82
C GLN D 241 22.34 20.89 42.80
N LYS D 242 22.97 21.12 41.66
CA LYS D 242 24.40 20.84 41.44
C LYS D 242 24.71 19.35 41.49
N ALA D 243 25.44 18.86 40.48
CA ALA D 243 25.81 17.45 40.46
C ALA D 243 27.05 17.25 39.60
N TRP D 244 27.70 16.10 39.76
CA TRP D 244 28.92 15.82 39.00
C TRP D 244 28.97 14.37 38.56
N PHE D 245 29.82 14.06 37.59
CA PHE D 245 29.95 12.69 37.11
C PHE D 245 31.36 12.41 36.61
N THR D 246 31.65 11.13 36.40
CA THR D 246 32.94 10.71 35.87
C THR D 246 32.82 9.42 35.06
N VAL D 247 33.73 9.25 34.10
CA VAL D 247 33.72 8.08 33.23
C VAL D 247 34.70 7.01 33.71
N LEU D 248 34.38 5.76 33.40
CA LEU D 248 35.22 4.62 33.79
C LEU D 248 36.59 4.65 33.12
N GLY D 249 36.66 5.19 31.92
CA GLY D 249 37.88 5.12 31.13
C GLY D 249 38.96 6.12 31.46
N ASP D 250 38.63 7.13 32.26
CA ASP D 250 39.61 8.17 32.60
C ASP D 250 39.80 8.21 34.11
N GLN D 251 39.08 7.32 34.80
CA GLN D 251 39.16 7.18 36.25
C GLN D 251 38.87 8.48 37.00
N LEU D 252 39.88 9.34 37.08
CA LEU D 252 39.75 10.57 37.84
C LEU D 252 39.90 11.82 36.98
N THR D 253 38.78 12.28 36.45
CA THR D 253 38.69 13.56 35.77
C THR D 253 37.25 14.05 35.89
N ARG D 254 36.96 14.69 37.01
CA ARG D 254 35.59 15.05 37.36
C ARG D 254 34.97 16.06 36.39
N TYR D 255 33.74 15.80 35.98
CA TYR D 255 32.94 16.81 35.29
C TYR D 255 31.79 17.21 36.20
N GLU D 256 31.25 18.41 36.03
CA GLU D 256 30.17 18.87 36.90
C GLU D 256 29.29 19.92 36.25
N GLY D 257 28.08 20.06 36.77
CA GLY D 257 27.14 21.05 36.28
C GLY D 257 25.81 21.02 37.01
N GLN D 258 24.94 21.96 36.64
CA GLN D 258 23.57 22.00 37.15
C GLN D 258 22.74 20.86 36.59
N ILE D 259 21.87 20.28 37.41
CA ILE D 259 20.86 19.39 36.86
C ILE D 259 19.85 20.25 36.11
N LYS D 260 19.32 19.73 35.00
CA LYS D 260 18.45 20.53 34.16
C LYS D 260 16.97 20.24 34.44
N ASP D 261 16.56 19.00 34.22
CA ASP D 261 15.18 18.61 34.47
C ASP D 261 15.03 17.09 34.65
N VAL D 262 13.79 16.63 34.76
CA VAL D 262 13.49 15.22 34.93
C VAL D 262 12.51 14.76 33.85
N LEU D 263 12.76 13.60 33.26
CA LEU D 263 11.85 13.08 32.23
C LEU D 263 10.61 12.46 32.85
N PRO D 264 9.42 12.94 32.42
CA PRO D 264 8.15 12.39 32.87
C PRO D 264 7.94 10.90 32.60
N THR D 265 8.48 10.38 31.49
CA THR D 265 8.21 8.98 31.15
C THR D 265 9.38 8.03 31.45
N PRO D 266 9.19 7.15 32.45
CA PRO D 266 10.08 6.06 32.85
C PRO D 266 10.20 4.97 31.79
N GLU D 267 11.34 4.28 31.75
CA GLU D 267 11.43 3.03 31.01
C GLU D 267 12.13 1.96 31.87
N LYS D 268 11.38 0.90 32.17
CA LYS D 268 11.86 -0.16 33.05
C LYS D 268 12.84 -1.14 32.40
N VAL D 269 13.70 -1.71 33.23
CA VAL D 269 14.52 -2.86 32.85
C VAL D 269 14.08 -4.08 33.67
N ASN D 270 13.01 -4.71 33.21
CA ASN D 270 12.31 -5.76 33.97
C ASN D 270 11.94 -5.25 35.37
N ASP D 271 12.68 -5.70 36.36
CA ASP D 271 12.44 -5.27 37.74
C ASP D 271 12.83 -3.81 37.94
N ALA D 272 12.12 -3.14 38.86
CA ALA D 272 12.45 -1.78 39.31
C ALA D 272 12.30 -0.72 38.23
N ILE D 273 11.37 0.21 38.46
CA ILE D 273 11.21 1.36 37.58
C ILE D 273 12.34 2.37 37.84
N PHE D 274 12.73 3.11 36.80
CA PHE D 274 13.76 4.13 36.94
C PHE D 274 13.38 5.41 36.20
N TYR D 275 13.87 6.55 36.70
CA TYR D 275 13.58 7.84 36.07
C TYR D 275 14.87 8.57 35.70
N TYR D 276 14.89 9.14 34.50
CA TYR D 276 16.06 9.85 34.01
C TYR D 276 16.21 11.26 34.57
N ALA D 277 17.41 11.79 34.42
CA ALA D 277 17.68 13.20 34.69
C ALA D 277 18.81 13.65 33.79
N ARG D 278 18.85 14.95 33.46
CA ARG D 278 19.82 15.42 32.48
C ARG D 278 20.65 16.60 32.98
N PHE D 279 21.88 16.69 32.48
CA PHE D 279 22.76 17.81 32.79
C PHE D 279 22.97 18.64 31.54
N GLU D 280 24.12 19.31 31.46
CA GLU D 280 24.56 19.94 30.23
C GLU D 280 26.05 20.26 30.30
N VAL D 281 26.87 19.21 30.28
CA VAL D 281 28.31 19.36 30.37
C VAL D 281 28.92 19.90 29.08
N PRO D 282 29.80 20.90 29.19
CA PRO D 282 30.57 21.40 28.05
C PRO D 282 31.48 20.30 27.49
N ASN D 283 31.69 20.29 26.18
CA ASN D 283 32.53 19.24 25.59
C ASN D 283 33.59 19.77 24.64
N PRO D 284 34.67 20.36 25.18
CA PRO D 284 35.83 20.69 24.37
C PRO D 284 36.67 19.46 24.08
N ASN D 285 37.87 19.66 23.53
CA ASN D 285 38.85 18.60 23.34
C ASN D 285 38.42 17.48 22.38
N GLY D 286 37.13 17.39 22.10
CA GLY D 286 36.60 16.40 21.17
C GLY D 286 36.40 15.04 21.80
N LEU D 287 36.57 14.95 23.12
CA LEU D 287 36.41 13.69 23.83
C LEU D 287 34.95 13.32 24.03
N LEU D 288 34.71 12.38 24.95
CA LEU D 288 33.37 11.90 25.28
C LEU D 288 32.63 11.32 24.08
N ARG D 289 32.89 10.04 23.81
CA ARG D 289 32.18 9.31 22.76
C ARG D 289 30.74 9.03 23.18
N LEU D 290 29.87 8.85 22.19
CA LEU D 290 28.45 8.60 22.46
C LEU D 290 28.21 7.29 23.21
N ASP D 291 27.17 7.30 24.05
CA ASP D 291 26.75 6.13 24.82
C ASP D 291 27.84 5.57 25.72
N MET D 292 28.77 6.42 26.13
CA MET D 292 29.78 6.02 27.10
C MET D 292 29.16 5.84 28.48
N THR D 293 29.59 4.83 29.21
CA THR D 293 29.14 4.63 30.59
C THR D 293 29.65 5.78 31.45
N ALA D 294 28.83 6.25 32.39
CA ALA D 294 29.24 7.36 33.25
C ALA D 294 28.65 7.25 34.64
N GLN D 295 29.51 7.04 35.64
CA GLN D 295 29.09 7.07 37.03
C GLN D 295 28.65 8.47 37.40
N VAL D 296 27.52 8.58 38.11
CA VAL D 296 26.92 9.88 38.38
C VAL D 296 26.63 10.12 39.86
N HIS D 297 27.15 11.23 40.36
CA HIS D 297 26.87 11.69 41.72
C HIS D 297 25.95 12.91 41.69
N ILE D 298 24.66 12.69 41.94
CA ILE D 298 23.69 13.76 41.94
C ILE D 298 23.49 14.33 43.35
N GLN D 299 24.05 15.52 43.59
CA GLN D 299 23.94 16.16 44.89
C GLN D 299 22.52 16.10 45.42
N LEU D 300 22.33 15.33 46.49
CA LEU D 300 21.01 15.18 47.10
C LEU D 300 20.64 16.41 47.93
N THR D 301 21.62 16.93 48.68
CA THR D 301 21.39 18.10 49.52
C THR D 301 22.54 18.30 50.50
N ASP D 302 23.17 19.46 50.44
CA ASP D 302 24.29 19.78 51.33
C ASP D 302 23.81 20.58 52.55
N VAL D 303 23.03 19.94 53.40
CA VAL D 303 22.50 20.59 54.60
C VAL D 303 23.64 21.01 55.52
N LYS D 304 23.49 22.17 56.16
CA LYS D 304 24.57 22.73 56.95
C LYS D 304 24.10 23.13 58.35
N ASN D 305 25.07 23.44 59.21
CA ASN D 305 24.80 23.72 60.62
C ASN D 305 24.02 22.58 61.25
N VAL D 306 24.41 21.36 60.89
CA VAL D 306 23.71 20.17 61.32
C VAL D 306 24.69 19.11 61.79
N LEU D 307 24.40 18.51 62.93
CA LEU D 307 25.27 17.50 63.51
C LEU D 307 25.15 16.17 62.77
N THR D 308 26.22 15.38 62.79
CA THR D 308 26.16 14.04 62.24
C THR D 308 26.86 13.02 63.14
N ILE D 309 26.27 11.84 63.23
CA ILE D 309 26.80 10.77 64.05
C ILE D 309 27.61 9.76 63.26
N PRO D 310 28.87 9.53 63.68
CA PRO D 310 29.68 8.48 63.07
C PRO D 310 29.05 7.11 63.24
N LEU D 311 29.17 6.25 62.23
CA LEU D 311 28.47 4.98 62.20
C LEU D 311 28.88 4.00 63.31
N SER D 312 30.15 4.06 63.70
CA SER D 312 30.70 3.08 64.63
C SER D 312 30.07 3.15 66.02
N ALA D 313 29.65 4.34 66.42
CA ALA D 313 29.21 4.54 67.80
C ALA D 313 27.72 4.33 68.03
N LEU D 314 26.90 4.68 67.05
CA LEU D 314 25.45 4.72 67.22
C LEU D 314 24.84 3.35 67.49
N GLY D 315 23.89 3.31 68.41
CA GLY D 315 23.11 2.10 68.66
C GLY D 315 21.71 2.28 68.14
N ASP D 316 21.11 1.19 67.66
CA ASP D 316 19.83 1.26 66.96
C ASP D 316 18.77 0.27 67.47
N PRO D 317 18.22 0.54 68.65
CA PRO D 317 17.12 -0.27 69.21
C PRO D 317 15.84 -0.19 68.39
N VAL D 318 15.09 -1.30 68.37
CA VAL D 318 13.75 -1.40 67.78
C VAL D 318 13.77 -1.39 66.25
N GLY D 319 14.69 -0.64 65.67
CA GLY D 319 14.70 -0.42 64.23
C GLY D 319 14.12 0.93 63.88
N ASP D 320 13.83 1.71 64.90
CA ASP D 320 13.43 3.10 64.75
C ASP D 320 14.18 3.92 65.79
N ASN D 321 14.27 3.38 67.00
CA ASN D 321 14.96 4.07 68.07
C ASN D 321 16.45 4.01 67.82
N ARG D 322 17.17 5.01 68.35
CA ARG D 322 18.61 5.06 68.19
C ARG D 322 19.29 5.55 69.46
N TYR D 323 19.69 4.65 70.33
CA TYR D 323 20.42 5.09 71.52
C TYR D 323 21.78 5.60 71.10
N LYS D 324 22.22 6.68 71.74
CA LYS D 324 23.55 7.21 71.50
C LYS D 324 24.19 7.72 72.77
N VAL D 325 25.08 6.90 73.34
CA VAL D 325 25.81 7.26 74.53
C VAL D 325 26.74 8.43 74.23
N LYS D 326 26.79 9.40 75.13
CA LYS D 326 27.63 10.57 74.95
C LYS D 326 28.31 10.88 76.27
N LEU D 327 29.42 11.61 76.24
CA LEU D 327 30.03 12.06 77.49
C LEU D 327 29.36 13.35 77.96
N LEU D 328 29.08 13.43 79.26
CA LEU D 328 28.52 14.65 79.85
C LEU D 328 29.60 15.52 80.45
N ARG D 329 29.24 16.77 80.73
CA ARG D 329 30.13 17.69 81.43
C ARG D 329 30.42 17.15 82.82
N ASN D 330 29.49 16.36 83.34
CA ASN D 330 29.66 15.67 84.61
C ASN D 330 30.78 14.63 84.53
N GLY D 331 31.10 14.20 83.31
CA GLY D 331 32.09 13.18 83.09
C GLY D 331 31.48 11.79 83.12
N GLU D 332 30.18 11.73 83.41
CA GLU D 332 29.44 10.47 83.34
C GLU D 332 28.68 10.38 82.03
N THR D 333 28.90 9.29 81.30
CA THR D 333 28.24 9.12 80.00
C THR D 333 26.75 8.81 80.14
N ARG D 334 25.97 9.29 79.19
CA ARG D 334 24.54 8.99 79.11
C ARG D 334 24.07 8.89 77.66
N GLU D 335 23.25 7.89 77.38
CA GLU D 335 22.67 7.71 76.06
C GLU D 335 21.53 8.68 75.81
N ARG D 336 21.32 9.05 74.55
CA ARG D 336 20.08 9.72 74.16
C ARG D 336 19.52 9.11 72.89
N GLU D 337 18.22 8.88 72.88
CA GLU D 337 17.53 8.46 71.68
C GLU D 337 17.66 9.58 70.68
N VAL D 338 17.92 9.23 69.43
CA VAL D 338 18.06 10.26 68.40
C VAL D 338 17.28 9.86 67.16
N THR D 339 16.64 10.83 66.54
CA THR D 339 15.90 10.59 65.32
C THR D 339 16.82 10.82 64.10
N ILE D 340 17.00 9.77 63.30
CA ILE D 340 17.87 9.83 62.14
C ILE D 340 17.31 9.01 60.97
N GLY D 341 17.00 9.69 59.88
CA GLY D 341 16.60 9.03 58.66
C GLY D 341 17.66 9.28 57.60
N ALA D 342 18.01 10.55 57.44
CA ALA D 342 19.11 10.92 56.56
C ALA D 342 20.42 10.36 57.07
N ARG D 343 21.25 9.90 56.15
CA ARG D 343 22.52 9.29 56.52
C ARG D 343 23.48 9.34 55.34
N ASN D 344 24.77 9.47 55.63
CA ASN D 344 25.79 9.35 54.60
C ASN D 344 26.58 8.06 54.80
N ASP D 345 27.33 7.67 53.78
CA ASP D 345 28.06 6.41 53.82
C ASP D 345 29.07 6.39 54.96
N THR D 346 29.60 7.55 55.31
CA THR D 346 30.55 7.65 56.40
C THR D 346 29.83 7.85 57.74
N ASP D 347 28.79 8.69 57.75
CA ASP D 347 28.09 9.06 58.97
C ASP D 347 26.59 9.17 58.74
N VAL D 348 25.79 8.80 59.72
CA VAL D 348 24.37 9.12 59.66
C VAL D 348 24.16 10.59 60.00
N GLU D 349 23.12 11.19 59.44
CA GLU D 349 22.82 12.58 59.72
C GLU D 349 21.90 12.76 60.93
N ILE D 350 22.32 13.58 61.90
CA ILE D 350 21.46 13.87 63.04
C ILE D 350 21.10 15.35 63.12
N VAL D 351 19.98 15.71 62.52
CA VAL D 351 19.45 17.05 62.63
C VAL D 351 19.03 17.34 64.06
N LYS D 352 18.58 16.30 64.76
CA LYS D 352 18.05 16.44 66.12
C LYS D 352 18.29 15.20 66.95
N GLY D 353 18.55 15.40 68.24
CA GLY D 353 18.74 14.28 69.15
C GLY D 353 19.93 14.45 70.08
N LEU D 354 20.90 15.25 69.66
CA LEU D 354 22.08 15.51 70.49
C LEU D 354 22.49 16.98 70.49
N GLU D 355 22.65 17.54 71.68
CA GLU D 355 23.15 18.91 71.83
C GLU D 355 24.58 19.02 71.34
N ALA D 356 24.87 20.12 70.65
CA ALA D 356 26.17 20.33 70.04
C ALA D 356 27.27 20.44 71.08
N GLY D 357 28.44 19.90 70.74
CA GLY D 357 29.63 20.02 71.56
C GLY D 357 29.71 18.95 72.62
N ASP D 358 28.64 18.16 72.75
CA ASP D 358 28.68 17.02 73.66
C ASP D 358 29.67 16.01 73.11
N GLU D 359 30.51 15.45 73.97
CA GLU D 359 31.44 14.42 73.52
C GLU D 359 30.74 13.07 73.41
N VAL D 360 31.22 12.24 72.51
CA VAL D 360 30.58 10.95 72.27
C VAL D 360 31.56 9.79 72.34
N VAL D 361 31.11 8.66 72.84
CA VAL D 361 31.94 7.48 72.99
C VAL D 361 31.95 6.63 71.71
N ILE D 362 32.94 6.89 70.87
CA ILE D 362 33.00 6.25 69.56
C ILE D 362 33.21 4.73 69.68
N GLY D 363 33.84 4.29 70.77
CA GLY D 363 34.03 2.88 71.02
C GLY D 363 33.44 2.47 72.35
N GLU D 364 33.14 1.17 72.48
CA GLU D 364 32.63 0.55 73.70
C GLU D 364 31.61 1.43 74.44
N ALA D 365 30.60 1.90 73.71
CA ALA D 365 29.62 2.81 74.28
C ALA D 365 28.85 2.15 75.42
N LYS D 366 28.71 2.88 76.52
CA LYS D 366 28.02 2.37 77.71
C LYS D 366 27.20 3.47 78.36
N PRO D 367 25.86 3.34 78.33
CA PRO D 367 25.04 4.34 79.03
C PRO D 367 25.30 4.34 80.52
N GLY D 368 25.28 5.51 81.14
CA GLY D 368 25.40 5.60 82.59
C GLY D 368 26.78 5.27 83.10
N ALA D 369 27.76 5.23 82.21
CA ALA D 369 29.10 4.79 82.57
C ALA D 369 30.16 5.86 82.31
N ALA D 370 30.63 6.48 83.38
CA ALA D 370 31.63 7.54 83.28
C ALA D 370 32.92 7.03 82.68
N GLN D 371 33.59 7.88 81.90
CA GLN D 371 34.89 7.52 81.35
C GLN D 371 35.93 7.45 82.46
N PRO E 32 57.38 -15.84 64.44
CA PRO E 32 57.01 -15.33 63.10
C PRO E 32 57.92 -14.21 62.64
N VAL E 33 58.66 -14.43 61.56
CA VAL E 33 59.60 -13.43 61.08
C VAL E 33 58.91 -12.21 60.46
N PRO E 34 59.23 -11.02 60.97
CA PRO E 34 58.83 -9.69 60.50
C PRO E 34 59.29 -9.40 59.07
N THR E 35 60.38 -10.03 58.65
CA THR E 35 60.99 -9.78 57.34
C THR E 35 59.99 -10.01 56.20
N TYR E 36 60.00 -9.10 55.22
CA TYR E 36 59.05 -9.15 54.11
C TYR E 36 59.78 -9.09 52.77
N GLN E 37 59.17 -9.66 51.73
CA GLN E 37 59.65 -9.48 50.37
C GLN E 37 59.51 -8.00 49.99
N THR E 38 60.54 -7.43 49.38
CA THR E 38 60.50 -6.00 49.07
C THR E 38 61.44 -5.60 47.94
N LEU E 39 61.21 -4.43 47.36
CA LEU E 39 61.94 -4.01 46.17
C LEU E 39 62.16 -2.49 46.09
N ILE E 40 63.35 -2.10 45.62
CA ILE E 40 63.65 -0.69 45.37
C ILE E 40 62.78 -0.17 44.24
N VAL E 41 62.34 1.08 44.33
CA VAL E 41 61.51 1.64 43.28
C VAL E 41 62.19 2.78 42.53
N ARG E 42 62.10 2.75 41.20
CA ARG E 42 62.67 3.80 40.37
C ARG E 42 61.78 4.14 39.18
N PRO E 43 61.85 5.41 38.71
CA PRO E 43 61.20 5.84 37.47
C PRO E 43 61.76 5.11 36.26
N GLY E 44 60.93 4.87 35.25
CA GLY E 44 61.39 4.20 34.06
C GLY E 44 60.37 4.15 32.95
N ASP E 45 60.74 3.48 31.87
CA ASP E 45 59.88 3.31 30.71
C ASP E 45 58.64 2.50 31.06
N LEU E 46 57.52 2.86 30.46
CA LEU E 46 56.30 2.07 30.64
C LEU E 46 55.35 2.29 29.48
N GLN E 47 54.71 1.21 29.03
CA GLN E 47 53.78 1.30 27.91
C GLN E 47 52.87 0.10 27.91
N GLN E 48 51.87 0.11 27.02
CA GLN E 48 50.92 -0.99 26.91
C GLN E 48 50.42 -1.14 25.49
N SER E 49 50.06 -2.37 25.12
CA SER E 49 49.55 -2.64 23.78
C SER E 49 48.10 -2.20 23.63
N VAL E 50 47.37 -2.88 22.75
CA VAL E 50 45.96 -2.54 22.52
C VAL E 50 45.19 -3.75 22.02
N LEU E 51 45.39 -4.90 22.68
CA LEU E 51 44.71 -6.13 22.30
C LEU E 51 43.23 -5.88 22.05
N ALA E 52 42.68 -6.56 21.04
CA ALA E 52 41.28 -6.41 20.68
C ALA E 52 40.85 -7.41 19.61
N THR E 53 39.65 -7.96 19.78
CA THR E 53 39.07 -8.85 18.78
C THR E 53 38.63 -8.02 17.57
N GLY E 54 38.79 -8.58 16.37
CA GLY E 54 38.52 -7.84 15.16
C GLY E 54 37.77 -8.57 14.05
N LYS E 55 36.62 -8.00 13.68
CA LYS E 55 35.85 -8.48 12.53
C LYS E 55 36.52 -7.97 11.24
N LEU E 56 36.27 -8.64 10.12
CA LEU E 56 36.84 -8.20 8.84
C LEU E 56 35.76 -8.05 7.76
N ASP E 57 35.93 -7.10 6.86
CA ASP E 57 34.98 -6.91 5.76
C ASP E 57 35.54 -6.08 4.60
N ALA E 58 34.77 -6.03 3.51
CA ALA E 58 35.17 -5.33 2.29
C ALA E 58 35.25 -3.82 2.47
N LEU E 59 36.09 -3.17 1.67
CA LEU E 59 36.23 -1.72 1.70
C LEU E 59 34.94 -1.01 1.31
N ARG E 60 34.15 -1.64 0.44
CA ARG E 60 32.87 -1.08 0.03
C ARG E 60 31.91 -2.19 -0.39
N LYS E 61 30.63 -2.00 -0.09
CA LYS E 61 29.61 -3.02 -0.31
C LYS E 61 28.28 -2.36 -0.69
N VAL E 62 27.52 -3.02 -1.55
CA VAL E 62 26.26 -2.47 -2.06
C VAL E 62 25.18 -3.54 -2.18
N ASP E 63 23.96 -3.19 -1.83
CA ASP E 63 22.82 -4.09 -2.03
C ASP E 63 21.94 -3.61 -3.19
N VAL E 64 22.18 -4.15 -4.38
CA VAL E 64 21.46 -3.76 -5.59
C VAL E 64 19.97 -4.09 -5.49
N GLY E 65 19.14 -3.19 -6.01
CA GLY E 65 17.69 -3.40 -6.00
C GLY E 65 17.04 -3.15 -7.36
N ALA E 66 15.71 -3.15 -7.38
CA ALA E 66 14.97 -2.90 -8.63
C ALA E 66 13.65 -2.19 -8.36
N GLN E 67 13.45 -1.07 -9.04
CA GLN E 67 12.25 -0.25 -8.85
C GLN E 67 10.96 -0.90 -9.36
N VAL E 68 11.07 -1.73 -10.39
CA VAL E 68 9.87 -2.19 -11.08
C VAL E 68 9.44 -3.61 -10.76
N SER E 69 8.13 -3.80 -10.66
CA SER E 69 7.54 -5.12 -10.49
C SER E 69 7.63 -5.87 -11.82
N GLY E 70 7.70 -7.19 -11.74
CA GLY E 70 7.76 -7.99 -12.96
C GLY E 70 8.57 -9.25 -12.77
N GLN E 71 8.16 -10.31 -13.48
CA GLN E 71 8.86 -11.58 -13.41
C GLN E 71 10.29 -11.44 -13.92
N LEU E 72 11.22 -12.10 -13.25
CA LEU E 72 12.63 -12.04 -13.60
C LEU E 72 12.97 -13.11 -14.61
N LYS E 73 13.03 -12.73 -15.88
CA LYS E 73 13.24 -13.66 -16.98
C LYS E 73 14.61 -14.35 -16.95
N THR E 74 15.62 -13.65 -16.46
CA THR E 74 16.97 -14.19 -16.46
C THR E 74 17.93 -13.47 -15.52
N LEU E 75 18.99 -14.16 -15.14
CA LEU E 75 20.07 -13.58 -14.35
C LEU E 75 21.40 -14.09 -14.91
N SER E 76 22.05 -13.26 -15.71
CA SER E 76 23.18 -13.70 -16.53
C SER E 76 24.40 -14.21 -15.77
N VAL E 77 24.67 -13.66 -14.59
CA VAL E 77 25.93 -13.97 -13.90
C VAL E 77 25.78 -14.88 -12.69
N ALA E 78 26.64 -15.89 -12.63
CA ALA E 78 26.81 -16.71 -11.44
C ALA E 78 27.69 -15.97 -10.42
N ILE E 79 27.54 -16.30 -9.14
CA ILE E 79 28.32 -15.65 -8.10
C ILE E 79 29.82 -15.96 -8.21
N GLY E 80 30.63 -14.98 -7.84
CA GLY E 80 32.08 -15.14 -7.85
C GLY E 80 32.71 -14.59 -9.11
N ASP E 81 31.90 -14.38 -10.14
CA ASP E 81 32.38 -13.75 -11.36
C ASP E 81 32.64 -12.26 -11.11
N LYS E 82 33.67 -11.73 -11.75
CA LYS E 82 33.92 -10.29 -11.72
C LYS E 82 32.92 -9.57 -12.59
N VAL E 83 32.54 -8.35 -12.21
CA VAL E 83 31.74 -7.51 -13.07
C VAL E 83 32.26 -6.07 -13.10
N LYS E 84 32.47 -5.56 -14.30
CA LYS E 84 32.84 -4.16 -14.50
C LYS E 84 31.63 -3.25 -14.36
N LYS E 85 31.86 -1.99 -14.06
CA LYS E 85 30.77 -1.02 -13.84
C LYS E 85 29.88 -0.90 -15.06
N ASP E 86 28.58 -0.74 -14.80
CA ASP E 86 27.54 -0.63 -15.83
C ASP E 86 27.43 -1.85 -16.73
N GLN E 87 27.88 -3.00 -16.24
CA GLN E 87 27.64 -4.26 -16.95
C GLN E 87 26.20 -4.69 -16.75
N LEU E 88 25.64 -5.36 -17.77
CA LEU E 88 24.30 -5.90 -17.67
C LEU E 88 24.27 -7.04 -16.65
N LEU E 89 23.16 -7.15 -15.92
CA LEU E 89 23.02 -8.23 -14.93
C LEU E 89 21.73 -9.03 -15.17
N GLY E 90 20.77 -8.86 -14.29
CA GLY E 90 19.48 -9.50 -14.46
C GLY E 90 18.62 -8.73 -15.45
N VAL E 91 17.55 -9.35 -15.92
CA VAL E 91 16.65 -8.70 -16.88
C VAL E 91 15.20 -8.98 -16.52
N ILE E 92 14.57 -8.03 -15.83
CA ILE E 92 13.15 -8.13 -15.52
C ILE E 92 12.37 -7.94 -16.82
N ASP E 93 11.20 -8.57 -16.92
CA ASP E 93 10.41 -8.56 -18.16
C ASP E 93 10.01 -7.14 -18.57
N PRO E 94 10.30 -6.77 -19.82
CA PRO E 94 10.05 -5.41 -20.32
C PRO E 94 8.93 -5.29 -21.34
N GLU E 95 8.02 -6.27 -21.43
CA GLU E 95 6.97 -6.23 -22.44
C GLU E 95 6.05 -5.03 -22.27
N GLN E 96 5.81 -4.67 -21.01
CA GLN E 96 4.86 -3.61 -20.69
C GLN E 96 5.40 -2.26 -21.14
N ALA E 97 6.65 -1.98 -20.78
CA ALA E 97 7.27 -0.71 -21.12
C ALA E 97 7.33 -0.54 -22.63
N GLU E 98 7.53 -1.64 -23.34
CA GLU E 98 7.51 -1.63 -24.79
C GLU E 98 6.11 -1.27 -25.28
N ASN E 99 5.10 -1.73 -24.53
CA ASN E 99 3.73 -1.42 -24.91
C ASN E 99 3.43 0.06 -24.78
N GLN E 100 3.77 0.67 -23.63
CA GLN E 100 3.54 2.10 -23.50
C GLN E 100 4.40 2.91 -24.47
N ILE E 101 5.58 2.39 -24.82
CA ILE E 101 6.43 3.08 -25.78
C ILE E 101 5.78 3.11 -27.16
N LYS E 102 5.27 1.97 -27.62
CA LYS E 102 4.61 1.92 -28.92
C LYS E 102 3.37 2.81 -28.90
N GLU E 103 2.70 2.86 -27.75
CA GLU E 103 1.51 3.70 -27.63
C GLU E 103 1.86 5.18 -27.80
N VAL E 104 2.88 5.62 -27.06
CA VAL E 104 3.31 7.01 -27.14
C VAL E 104 3.80 7.37 -28.55
N GLU E 105 4.50 6.45 -29.19
CA GLU E 105 4.96 6.70 -30.55
C GLU E 105 3.78 6.84 -31.51
N ALA E 106 2.73 6.08 -31.24
CA ALA E 106 1.51 6.21 -32.03
C ALA E 106 0.89 7.59 -31.81
N THR E 107 0.98 8.10 -30.59
CA THR E 107 0.46 9.43 -30.30
C THR E 107 1.25 10.51 -31.06
N LEU E 108 2.57 10.37 -31.07
CA LEU E 108 3.40 11.30 -31.81
C LEU E 108 3.10 11.24 -33.30
N MET E 109 2.75 10.06 -33.79
CA MET E 109 2.33 9.96 -35.19
C MET E 109 1.00 10.70 -35.41
N GLU E 110 0.13 10.63 -34.40
CA GLU E 110 -1.16 11.31 -34.49
C GLU E 110 -0.97 12.81 -34.62
N LEU E 111 -0.14 13.38 -33.76
CA LEU E 111 0.17 14.80 -33.87
C LEU E 111 0.94 15.09 -35.16
N ARG E 112 1.70 14.11 -35.62
CA ARG E 112 2.49 14.26 -36.84
C ARG E 112 1.60 14.47 -38.05
N ALA E 113 0.41 13.90 -38.02
CA ALA E 113 -0.56 14.16 -39.09
C ALA E 113 -1.39 15.42 -38.82
N GLN E 114 -1.81 15.58 -37.56
CA GLN E 114 -2.69 16.68 -37.21
C GLN E 114 -2.02 18.02 -37.46
N ARG E 115 -0.69 18.07 -37.32
CA ARG E 115 0.07 19.24 -37.73
C ARG E 115 0.04 19.43 -39.25
N GLN E 116 0.05 18.32 -39.96
CA GLN E 116 0.08 18.36 -41.42
C GLN E 116 -1.20 18.98 -41.96
N GLN E 117 -2.30 18.83 -41.22
CA GLN E 117 -3.53 19.53 -41.59
C GLN E 117 -3.40 21.06 -41.53
N ALA E 118 -2.92 21.55 -40.40
CA ALA E 118 -2.79 22.98 -40.17
C ALA E 118 -1.76 23.58 -41.12
N GLU E 119 -0.80 22.75 -41.53
CA GLU E 119 0.20 23.18 -42.49
C GLU E 119 -0.45 23.54 -43.83
N ALA E 120 -1.52 22.84 -44.16
CA ALA E 120 -2.26 23.13 -45.40
C ALA E 120 -3.18 24.34 -45.22
N GLU E 121 -3.87 24.40 -44.09
CA GLU E 121 -4.77 25.53 -43.87
C GLU E 121 -4.00 26.85 -43.82
N LEU E 122 -2.78 26.81 -43.31
CA LEU E 122 -1.94 27.99 -43.29
C LEU E 122 -1.59 28.45 -44.70
N LYS E 123 -1.43 27.50 -45.61
CA LYS E 123 -1.18 27.84 -47.01
C LYS E 123 -2.41 28.52 -47.59
N LEU E 124 -3.58 28.02 -47.22
CA LEU E 124 -4.81 28.59 -47.74
C LEU E 124 -4.98 30.04 -47.28
N ALA E 125 -4.82 30.27 -45.98
CA ALA E 125 -5.01 31.61 -45.43
C ALA E 125 -3.97 32.60 -45.96
N ARG E 126 -2.75 32.12 -46.20
CA ARG E 126 -1.68 32.99 -46.67
C ARG E 126 -1.90 33.39 -48.13
N VAL E 127 -2.22 32.40 -48.97
CA VAL E 127 -2.49 32.72 -50.36
C VAL E 127 -3.70 33.64 -50.47
N THR E 128 -4.68 33.41 -49.60
CA THR E 128 -5.86 34.28 -49.58
C THR E 128 -5.50 35.70 -49.17
N TYR E 129 -4.55 35.83 -48.24
CA TYR E 129 -4.15 37.15 -47.77
C TYR E 129 -3.39 37.94 -48.84
N SER E 130 -2.40 37.29 -49.46
CA SER E 130 -1.63 37.97 -50.49
C SER E 130 -2.52 38.30 -51.69
N ARG E 131 -3.42 37.38 -52.01
CA ARG E 131 -4.35 37.58 -53.12
C ARG E 131 -5.35 38.68 -52.82
N GLN E 132 -5.61 38.94 -51.55
CA GLN E 132 -6.38 40.13 -51.20
C GLN E 132 -5.56 41.42 -51.30
N GLN E 133 -4.34 41.40 -50.78
CA GLN E 133 -3.51 42.61 -50.76
C GLN E 133 -3.11 43.11 -52.15
N ARG E 134 -2.83 42.17 -53.05
CA ARG E 134 -2.40 42.53 -54.39
C ARG E 134 -3.49 43.31 -55.13
N LEU E 135 -4.74 43.01 -54.80
CA LEU E 135 -5.85 43.76 -55.35
C LEU E 135 -6.07 44.99 -54.48
N ALA E 136 -5.60 44.93 -53.25
CA ALA E 136 -5.86 45.97 -52.25
C ALA E 136 -4.96 47.18 -52.38
N GLN E 137 -3.91 47.08 -53.19
CA GLN E 137 -3.16 48.28 -53.52
C GLN E 137 -3.98 49.19 -54.45
N THR E 138 -5.00 48.61 -55.09
CA THR E 138 -5.90 49.34 -55.96
C THR E 138 -7.20 49.60 -55.18
N GLN E 139 -7.08 49.49 -53.85
CA GLN E 139 -8.21 49.61 -52.93
C GLN E 139 -9.27 48.54 -53.14
N ALA E 140 -8.92 47.30 -52.81
CA ALA E 140 -9.86 46.19 -52.83
C ALA E 140 -10.95 46.38 -51.80
N VAL E 141 -12.16 45.90 -52.16
CA VAL E 141 -13.30 45.73 -51.25
C VAL E 141 -13.05 46.10 -49.78
N SER E 142 -12.75 47.38 -49.56
CA SER E 142 -12.48 47.92 -48.23
C SER E 142 -11.27 47.29 -47.54
N GLN E 143 -10.87 47.90 -46.43
CA GLN E 143 -9.83 47.34 -45.57
C GLN E 143 -10.43 46.26 -44.68
N GLN E 144 -11.76 46.15 -44.72
CA GLN E 144 -12.49 45.18 -43.92
C GLN E 144 -12.03 43.76 -44.21
N ASP E 145 -11.99 43.40 -45.48
CA ASP E 145 -11.51 42.08 -45.87
C ASP E 145 -10.02 41.90 -45.63
N LEU E 146 -9.26 43.00 -45.68
CA LEU E 146 -7.85 42.92 -45.33
C LEU E 146 -7.67 42.55 -43.86
N ASP E 147 -8.57 43.04 -43.02
CA ASP E 147 -8.55 42.70 -41.62
C ASP E 147 -9.07 41.29 -41.40
N ASN E 148 -10.04 40.89 -42.22
CA ASN E 148 -10.58 39.54 -42.14
C ASN E 148 -9.57 38.48 -42.57
N ALA E 149 -8.66 38.88 -43.46
CA ALA E 149 -7.63 37.96 -43.92
C ALA E 149 -6.40 37.98 -43.01
N ALA E 150 -6.04 39.16 -42.54
CA ALA E 150 -4.84 39.30 -41.70
C ALA E 150 -4.96 38.58 -40.36
N THR E 151 -6.17 38.51 -39.83
CA THR E 151 -6.39 37.89 -38.53
C THR E 151 -6.47 36.37 -38.61
N GLU E 152 -7.13 35.85 -39.65
CA GLU E 152 -7.27 34.41 -39.81
C GLU E 152 -5.91 33.76 -40.01
N MET E 153 -5.03 34.46 -40.72
CA MET E 153 -3.67 33.98 -40.94
C MET E 153 -2.90 33.93 -39.63
N ALA E 154 -3.18 34.88 -38.74
CA ALA E 154 -2.55 34.88 -37.43
C ALA E 154 -3.04 33.69 -36.62
N VAL E 155 -4.30 33.31 -36.86
CA VAL E 155 -4.91 32.19 -36.15
C VAL E 155 -4.31 30.86 -36.61
N LYS E 156 -4.20 30.70 -37.93
CA LYS E 156 -3.59 29.50 -38.47
C LYS E 156 -2.12 29.45 -38.09
N GLN E 157 -1.51 30.62 -37.93
CA GLN E 157 -0.13 30.71 -37.50
C GLN E 157 0.02 30.21 -36.07
N ALA E 158 -0.89 30.65 -35.20
CA ALA E 158 -0.87 30.23 -33.80
C ALA E 158 -1.21 28.75 -33.63
N GLN E 159 -2.03 28.22 -34.54
CA GLN E 159 -2.49 26.84 -34.43
C GLN E 159 -1.35 25.84 -34.56
N ILE E 160 -0.44 26.10 -35.50
CA ILE E 160 0.69 25.22 -35.72
C ILE E 160 1.62 25.19 -34.52
N GLY E 161 1.75 26.34 -33.85
CA GLY E 161 2.56 26.39 -32.65
C GLY E 161 1.87 25.70 -31.50
N THR E 162 0.54 25.80 -31.47
CA THR E 162 -0.27 25.13 -30.46
C THR E 162 -0.14 23.62 -30.62
N ILE E 163 0.08 23.17 -31.85
CA ILE E 163 0.32 21.75 -32.11
C ILE E 163 1.76 21.36 -31.77
N ASP E 164 2.70 22.23 -32.10
CA ASP E 164 4.11 21.96 -31.86
C ASP E 164 4.38 21.84 -30.37
N ALA E 165 3.61 22.58 -29.58
CA ALA E 165 3.68 22.44 -28.13
C ALA E 165 3.23 21.06 -27.68
N GLN E 166 2.23 20.51 -28.36
CA GLN E 166 1.75 19.16 -28.06
C GLN E 166 2.80 18.12 -28.43
N ILE E 167 3.46 18.33 -29.56
CA ILE E 167 4.52 17.43 -29.98
C ILE E 167 5.66 17.52 -28.97
N LYS E 168 5.85 18.71 -28.40
CA LYS E 168 6.90 18.92 -27.43
C LYS E 168 6.60 18.20 -26.12
N ARG E 169 5.36 18.34 -25.63
CA ARG E 169 4.98 17.68 -24.39
C ARG E 169 4.98 16.15 -24.53
N ASN E 170 4.62 15.66 -25.71
CA ASN E 170 4.57 14.21 -25.89
C ASN E 170 5.94 13.60 -26.16
N GLN E 171 6.80 14.33 -26.84
CA GLN E 171 8.20 13.91 -26.93
C GLN E 171 8.84 13.96 -25.55
N ALA E 172 8.43 14.91 -24.74
CA ALA E 172 8.90 14.98 -23.36
C ALA E 172 8.41 13.76 -22.58
N SER E 173 7.18 13.33 -22.88
CA SER E 173 6.63 12.14 -22.26
C SER E 173 7.31 10.87 -22.74
N LEU E 174 7.87 10.93 -23.95
CA LEU E 174 8.50 9.75 -24.55
C LEU E 174 9.72 9.33 -23.74
N ASP E 175 10.43 10.29 -23.18
CA ASP E 175 11.55 10.00 -22.30
C ASP E 175 11.06 9.35 -21.01
N THR E 176 9.87 9.76 -20.57
CA THR E 176 9.24 9.15 -19.40
C THR E 176 8.85 7.71 -19.72
N ALA E 177 8.55 7.45 -20.98
CA ALA E 177 8.21 6.10 -21.39
C ALA E 177 9.45 5.22 -21.43
N LYS E 178 10.50 5.72 -22.08
CA LYS E 178 11.74 4.98 -22.23
C LYS E 178 12.50 4.76 -20.92
N THR E 179 12.39 5.70 -19.99
CA THR E 179 13.15 5.61 -18.75
C THR E 179 12.71 4.43 -17.89
N ASN E 180 11.43 4.06 -17.97
CA ASN E 180 10.95 2.88 -17.27
C ASN E 180 11.55 1.60 -17.83
N LEU E 181 11.82 1.60 -19.13
CA LEU E 181 12.40 0.43 -19.79
C LEU E 181 13.82 0.16 -19.27
N ASP E 182 14.54 1.23 -18.95
CA ASP E 182 15.89 1.08 -18.39
C ASP E 182 15.85 0.50 -16.98
N TYR E 183 14.77 0.77 -16.26
CA TYR E 183 14.63 0.24 -14.90
C TYR E 183 14.47 -1.28 -14.89
N THR E 184 13.88 -1.82 -15.96
CA THR E 184 13.68 -3.27 -16.05
C THR E 184 15.01 -4.00 -16.14
N ARG E 185 16.00 -3.37 -16.76
CA ARG E 185 17.33 -3.96 -16.86
C ARG E 185 18.22 -3.44 -15.74
N ILE E 186 18.94 -4.36 -15.10
CA ILE E 186 19.78 -4.02 -13.95
C ILE E 186 21.24 -3.88 -14.34
N VAL E 187 21.85 -2.75 -13.97
CA VAL E 187 23.28 -2.56 -14.17
C VAL E 187 23.97 -2.38 -12.83
N ALA E 188 25.22 -2.84 -12.74
CA ALA E 188 25.97 -2.75 -11.50
C ALA E 188 26.46 -1.34 -11.24
N PRO E 189 26.16 -0.80 -10.05
CA PRO E 189 26.64 0.52 -9.61
C PRO E 189 28.16 0.62 -9.57
N MET E 190 28.83 -0.49 -9.28
CA MET E 190 30.28 -0.46 -9.09
C MET E 190 30.92 -1.84 -9.31
N ALA E 191 32.23 -1.84 -9.50
CA ALA E 191 32.99 -3.05 -9.74
C ALA E 191 33.08 -3.94 -8.50
N GLY E 192 33.22 -5.24 -8.72
CA GLY E 192 33.38 -6.20 -7.64
C GLY E 192 32.81 -7.56 -8.03
N GLU E 193 33.10 -8.59 -7.24
CA GLU E 193 32.51 -9.90 -7.50
C GLU E 193 31.17 -10.05 -6.79
N VAL E 194 30.32 -10.92 -7.31
CA VAL E 194 28.97 -11.08 -6.78
C VAL E 194 28.99 -11.94 -5.52
N THR E 195 28.95 -11.27 -4.36
CA THR E 195 29.06 -11.94 -3.07
C THR E 195 27.89 -12.88 -2.78
N GLN E 196 26.70 -12.55 -3.25
CA GLN E 196 25.52 -13.37 -2.95
C GLN E 196 24.32 -13.06 -3.85
N ILE E 197 23.47 -14.07 -4.06
CA ILE E 197 22.21 -13.87 -4.76
C ILE E 197 21.03 -14.29 -3.90
N THR E 198 20.26 -13.32 -3.43
CA THR E 198 19.05 -13.59 -2.67
C THR E 198 17.92 -14.02 -3.59
N THR E 199 17.77 -13.32 -4.71
CA THR E 199 16.68 -13.58 -5.64
C THR E 199 17.12 -14.50 -6.78
N LEU E 200 16.76 -15.78 -6.66
CA LEU E 200 17.07 -16.76 -7.70
C LEU E 200 16.18 -16.57 -8.93
N GLN E 201 16.67 -17.03 -10.07
CA GLN E 201 16.03 -16.80 -11.36
C GLN E 201 14.62 -17.39 -11.45
N GLY E 202 13.73 -16.65 -12.09
CA GLY E 202 12.38 -17.11 -12.36
C GLY E 202 11.36 -16.72 -11.31
N GLN E 203 11.84 -16.25 -10.17
CA GLN E 203 10.94 -15.81 -9.11
C GLN E 203 10.19 -14.53 -9.49
N THR E 204 8.91 -14.47 -9.15
CA THR E 204 8.12 -13.26 -9.32
C THR E 204 8.54 -12.25 -8.25
N VAL E 205 8.55 -10.97 -8.60
CA VAL E 205 8.93 -9.94 -7.63
C VAL E 205 8.09 -8.67 -7.85
N ILE E 206 7.78 -7.99 -6.75
CA ILE E 206 6.95 -6.79 -6.81
C ILE E 206 7.61 -5.69 -5.97
N ALA E 207 7.58 -4.46 -6.47
CA ALA E 207 8.30 -3.37 -5.84
C ALA E 207 7.47 -2.12 -5.66
N ALA E 208 6.29 -2.28 -5.06
CA ALA E 208 5.44 -1.15 -4.70
C ALA E 208 5.71 -0.73 -3.26
N GLN E 209 6.76 -1.31 -2.68
CA GLN E 209 7.03 -1.20 -1.25
C GLN E 209 8.54 -1.24 -1.00
N GLN E 210 9.04 -2.12 -0.13
CA GLN E 210 10.47 -2.16 0.15
C GLN E 210 11.20 -2.58 -1.11
N ALA E 211 12.37 -1.99 -1.35
CA ALA E 211 13.14 -2.35 -2.53
C ALA E 211 13.64 -3.78 -2.40
N PRO E 212 13.34 -4.62 -3.39
CA PRO E 212 13.79 -6.02 -3.37
C PRO E 212 15.30 -6.14 -3.36
N ASN E 213 15.82 -7.14 -2.66
CA ASN E 213 17.26 -7.39 -2.63
C ASN E 213 17.63 -8.49 -3.62
N ILE E 214 17.98 -8.09 -4.84
CA ILE E 214 18.31 -9.06 -5.88
C ILE E 214 19.66 -9.73 -5.62
N LEU E 215 20.71 -8.93 -5.46
CA LEU E 215 22.04 -9.45 -5.23
C LEU E 215 22.98 -8.39 -4.68
N THR E 216 23.90 -8.82 -3.81
CA THR E 216 24.86 -7.91 -3.21
C THR E 216 26.19 -7.91 -3.96
N LEU E 217 26.98 -6.85 -3.75
CA LEU E 217 28.28 -6.71 -4.38
C LEU E 217 29.27 -6.10 -3.39
N ALA E 218 30.55 -6.38 -3.56
CA ALA E 218 31.56 -5.79 -2.69
C ALA E 218 32.94 -5.75 -3.36
N ASP E 219 33.66 -4.66 -3.15
CA ASP E 219 35.01 -4.55 -3.67
C ASP E 219 36.01 -5.20 -2.70
N MET E 220 36.96 -5.93 -3.25
CA MET E 220 37.92 -6.65 -2.41
C MET E 220 39.38 -6.39 -2.80
N SER E 221 39.65 -5.18 -3.27
CA SER E 221 41.02 -4.75 -3.51
C SER E 221 41.65 -4.31 -2.19
N ALA E 222 40.82 -4.19 -1.16
CA ALA E 222 41.26 -3.82 0.17
C ALA E 222 40.29 -4.41 1.19
N MET E 223 40.74 -4.54 2.44
CA MET E 223 39.90 -5.16 3.46
C MET E 223 39.86 -4.32 4.73
N LEU E 224 38.77 -3.57 4.91
CA LEU E 224 38.56 -2.83 6.13
C LEU E 224 38.37 -3.76 7.31
N VAL E 225 38.90 -3.38 8.47
CA VAL E 225 38.69 -4.16 9.68
C VAL E 225 37.79 -3.42 10.65
N LYS E 226 37.03 -4.18 11.42
CA LYS E 226 36.28 -3.65 12.54
C LYS E 226 36.96 -4.08 13.83
N ALA E 227 37.88 -3.25 14.29
CA ALA E 227 38.58 -3.49 15.56
C ALA E 227 37.78 -2.92 16.71
N GLN E 228 37.04 -3.78 17.41
CA GLN E 228 36.15 -3.33 18.47
C GLN E 228 36.86 -3.20 19.83
N VAL E 229 37.62 -2.13 19.99
CA VAL E 229 38.25 -1.79 21.26
C VAL E 229 37.21 -1.46 22.33
N SER E 230 37.49 -1.85 23.57
CA SER E 230 36.60 -1.61 24.70
C SER E 230 36.44 -0.13 25.02
N GLU E 231 35.31 0.24 25.61
CA GLU E 231 35.00 1.63 25.92
C GLU E 231 35.99 2.25 26.90
N ALA E 232 36.61 1.40 27.73
CA ALA E 232 37.55 1.89 28.73
C ALA E 232 38.79 2.54 28.11
N ASP E 233 39.15 2.10 26.91
CA ASP E 233 40.38 2.56 26.28
C ASP E 233 40.16 3.53 25.12
N VAL E 234 38.90 3.86 24.82
CA VAL E 234 38.60 4.67 23.65
C VAL E 234 39.13 6.09 23.78
N ILE E 235 39.34 6.56 25.01
CA ILE E 235 39.79 7.91 25.27
C ILE E 235 41.17 8.16 24.65
N HIS E 236 41.99 7.12 24.60
CA HIS E 236 43.27 7.18 23.90
C HIS E 236 43.04 6.94 22.41
N LEU E 237 43.92 6.14 21.81
CA LEU E 237 43.74 5.67 20.44
C LEU E 237 43.59 6.85 19.47
N LYS E 238 44.53 7.78 19.51
CA LYS E 238 44.56 8.88 18.57
C LYS E 238 44.89 8.36 17.17
N PRO E 239 44.27 8.96 16.14
CA PRO E 239 44.44 8.50 14.76
C PRO E 239 45.89 8.59 14.28
N GLY E 240 46.30 7.64 13.45
CA GLY E 240 47.68 7.56 13.02
C GLY E 240 48.56 7.13 14.18
N GLN E 241 48.60 5.83 14.45
CA GLN E 241 49.31 5.32 15.62
C GLN E 241 50.02 3.99 15.34
N LYS E 242 49.86 3.48 14.11
CA LYS E 242 50.44 2.21 13.68
C LYS E 242 49.87 1.00 14.43
N ALA E 243 49.37 0.02 13.70
CA ALA E 243 48.84 -1.18 14.34
C ALA E 243 48.90 -2.39 13.41
N TRP E 244 48.78 -3.58 13.98
CA TRP E 244 48.89 -4.81 13.19
C TRP E 244 47.87 -5.86 13.64
N PHE E 245 47.68 -6.88 12.81
CA PHE E 245 46.74 -7.95 13.16
C PHE E 245 47.14 -9.28 12.51
N THR E 246 46.50 -10.35 12.97
CA THR E 246 46.74 -11.68 12.43
C THR E 246 45.49 -12.55 12.51
N VAL E 247 45.35 -13.47 11.55
CA VAL E 247 44.23 -14.39 11.52
C VAL E 247 44.52 -15.68 12.28
N LEU E 248 43.47 -16.29 12.82
CA LEU E 248 43.61 -17.55 13.54
C LEU E 248 44.06 -18.71 12.66
N GLY E 249 43.65 -18.69 11.40
CA GLY E 249 43.84 -19.84 10.53
C GLY E 249 45.22 -20.03 9.95
N ASP E 250 46.03 -18.98 9.94
CA ASP E 250 47.37 -19.07 9.38
C ASP E 250 48.39 -18.92 10.51
N GLN E 251 47.86 -18.78 11.72
CA GLN E 251 48.68 -18.64 12.93
C GLN E 251 49.63 -17.47 12.88
N LEU E 252 50.70 -17.59 12.10
CA LEU E 252 51.74 -16.58 12.09
C LEU E 252 51.99 -16.03 10.69
N THR E 253 51.24 -14.98 10.34
CA THR E 253 51.46 -14.22 9.12
C THR E 253 50.98 -12.80 9.38
N ARG E 254 51.86 -11.98 9.95
CA ARG E 254 51.49 -10.65 10.41
C ARG E 254 51.08 -9.72 9.27
N TYR E 255 49.99 -8.99 9.46
CA TYR E 255 49.64 -7.87 8.58
C TYR E 255 49.72 -6.60 9.40
N GLU E 256 49.98 -5.47 8.75
CA GLU E 256 50.11 -4.22 9.49
C GLU E 256 49.81 -2.98 8.65
N GLY E 257 49.46 -1.89 9.33
CA GLY E 257 49.17 -0.63 8.67
C GLY E 257 48.79 0.48 9.63
N GLN E 258 48.57 1.67 9.07
CA GLN E 258 48.06 2.81 9.83
C GLN E 258 46.61 2.61 10.23
N ILE E 259 46.25 3.04 11.43
CA ILE E 259 44.84 3.10 11.79
C ILE E 259 44.20 4.27 11.04
N LYS E 260 42.94 4.13 10.65
CA LYS E 260 42.29 5.18 9.88
C LYS E 260 41.60 6.18 10.80
N ASP E 261 40.54 5.74 11.46
CA ASP E 261 39.80 6.59 12.39
C ASP E 261 38.98 5.75 13.35
N VAL E 262 38.00 6.39 14.01
CA VAL E 262 37.13 5.70 14.95
C VAL E 262 35.68 5.98 14.63
N LEU E 263 34.85 4.93 14.56
CA LEU E 263 33.43 5.12 14.27
C LEU E 263 32.72 5.76 15.45
N PRO E 264 32.03 6.88 15.20
CA PRO E 264 31.30 7.63 16.24
C PRO E 264 30.21 6.82 16.95
N THR E 265 29.55 5.89 16.26
CA THR E 265 28.46 5.16 16.91
C THR E 265 28.85 3.73 17.33
N PRO E 266 28.87 3.50 18.65
CA PRO E 266 29.04 2.20 19.31
C PRO E 266 27.85 1.27 19.09
N GLU E 267 28.09 -0.04 19.08
CA GLU E 267 26.99 -0.99 19.16
C GLU E 267 27.29 -2.03 20.25
N LYS E 268 26.48 -2.00 21.31
CA LYS E 268 26.70 -2.85 22.48
C LYS E 268 26.32 -4.30 22.25
N VAL E 269 27.02 -5.19 22.96
CA VAL E 269 26.64 -6.59 23.02
C VAL E 269 26.32 -6.98 24.47
N ASN E 270 25.06 -6.75 24.84
CA ASN E 270 24.61 -6.84 26.23
C ASN E 270 25.49 -5.98 27.13
N ASP E 271 26.36 -6.61 27.90
CA ASP E 271 27.26 -5.90 28.80
C ASP E 271 28.37 -5.19 28.03
N ALA E 272 28.84 -4.08 28.60
CA ALA E 272 30.02 -3.34 28.12
C ALA E 272 29.87 -2.77 26.71
N ILE E 273 29.93 -1.44 26.62
CA ILE E 273 29.91 -0.74 25.34
C ILE E 273 31.26 -0.92 24.63
N PHE E 274 31.23 -0.96 23.29
CA PHE E 274 32.45 -1.12 22.51
C PHE E 274 32.52 -0.11 21.36
N TYR E 275 33.73 0.25 20.96
CA TYR E 275 33.93 1.19 19.86
C TYR E 275 34.84 0.61 18.79
N TYR E 276 34.50 0.87 17.54
CA TYR E 276 35.26 0.34 16.41
C TYR E 276 36.48 1.17 16.02
N ALA E 277 37.34 0.56 15.22
CA ALA E 277 38.47 1.25 14.60
C ALA E 277 38.78 0.53 13.29
N ARG E 278 39.36 1.24 12.33
CA ARG E 278 39.56 0.67 11.00
C ARG E 278 40.98 0.81 10.47
N PHE E 279 41.38 -0.14 9.63
CA PHE E 279 42.67 -0.09 8.95
C PHE E 279 42.44 0.07 7.46
N GLU E 280 43.45 -0.31 6.67
CA GLU E 280 43.29 -0.46 5.23
C GLU E 280 44.37 -1.38 4.70
N VAL E 281 44.29 -2.65 5.05
CA VAL E 281 45.29 -3.64 4.64
C VAL E 281 45.18 -4.01 3.17
N PRO E 282 46.31 -4.02 2.46
CA PRO E 282 46.40 -4.52 1.08
C PRO E 282 46.05 -6.00 1.00
N ASN E 283 45.45 -6.44 -0.10
CA ASN E 283 45.07 -7.85 -0.20
C ASN E 283 45.54 -8.54 -1.48
N PRO E 284 46.85 -8.85 -1.55
CA PRO E 284 47.44 -9.67 -2.62
C PRO E 284 46.95 -11.11 -2.57
N ASN E 285 46.92 -11.77 -3.73
CA ASN E 285 46.74 -13.22 -3.83
C ASN E 285 45.31 -13.70 -3.55
N GLY E 286 44.40 -12.77 -3.26
CA GLY E 286 42.99 -13.12 -3.10
C GLY E 286 42.64 -13.73 -1.75
N LEU E 287 43.57 -13.67 -0.81
CA LEU E 287 43.37 -14.25 0.51
C LEU E 287 42.42 -13.41 1.38
N LEU E 288 42.12 -13.94 2.56
CA LEU E 288 41.24 -13.30 3.55
C LEU E 288 39.78 -13.27 3.09
N ARG E 289 39.02 -14.27 3.52
CA ARG E 289 37.59 -14.34 3.29
C ARG E 289 36.85 -13.33 4.18
N LEU E 290 35.66 -12.94 3.75
CA LEU E 290 34.85 -11.98 4.51
C LEU E 290 34.45 -12.50 5.90
N ASP E 291 34.36 -11.58 6.85
CA ASP E 291 33.96 -11.88 8.22
C ASP E 291 34.83 -12.93 8.90
N MET E 292 36.09 -13.03 8.46
CA MET E 292 37.05 -13.88 9.15
C MET E 292 37.43 -13.27 10.49
N THR E 293 37.58 -14.10 11.51
CA THR E 293 38.05 -13.64 12.81
C THR E 293 39.48 -13.12 12.67
N ALA E 294 39.81 -12.04 13.37
CA ALA E 294 41.14 -11.47 13.30
C ALA E 294 41.59 -10.87 14.62
N GLN E 295 42.59 -11.50 15.24
CA GLN E 295 43.20 -10.94 16.45
C GLN E 295 43.92 -9.64 16.09
N VAL E 296 43.73 -8.61 16.92
CA VAL E 296 44.24 -7.28 16.58
C VAL E 296 45.07 -6.62 17.69
N HIS E 297 46.31 -6.26 17.35
CA HIS E 297 47.16 -5.49 18.24
C HIS E 297 47.22 -4.03 17.81
N ILE E 298 46.88 -3.13 18.74
CA ILE E 298 47.02 -1.70 18.50
C ILE E 298 48.14 -1.15 19.37
N GLN E 299 49.00 -0.32 18.77
CA GLN E 299 50.11 0.29 19.50
C GLN E 299 49.64 1.51 20.28
N LEU E 300 49.47 0.87 23.09
CA LEU E 300 49.39 2.32 22.99
C LEU E 300 50.74 3.00 22.94
N THR E 301 51.12 3.71 24.00
CA THR E 301 52.31 4.53 23.96
C THR E 301 53.12 4.47 25.24
N ASP E 302 54.38 4.91 25.14
CA ASP E 302 55.25 5.00 26.29
C ASP E 302 54.72 6.01 27.29
N VAL E 303 54.85 5.67 28.57
CA VAL E 303 54.56 6.60 29.66
C VAL E 303 55.73 6.56 30.63
N LYS E 304 56.92 6.82 30.09
CA LYS E 304 58.17 6.63 30.82
C LYS E 304 58.42 7.65 31.92
N ASN E 305 59.64 7.62 32.44
CA ASN E 305 60.12 8.57 33.44
C ASN E 305 59.24 8.58 34.68
N VAL E 306 58.76 7.41 35.08
CA VAL E 306 57.90 7.31 36.24
C VAL E 306 57.90 5.90 36.80
N LEU E 307 57.71 5.78 38.11
CA LEU E 307 57.60 4.50 38.78
C LEU E 307 56.34 3.75 38.40
N THR E 308 56.43 2.43 38.36
CA THR E 308 55.27 1.59 38.17
C THR E 308 55.23 0.44 39.19
N ILE E 309 54.17 0.41 39.97
CA ILE E 309 53.99 -0.57 41.03
C ILE E 309 53.55 -1.95 40.54
N PRO E 310 54.20 -3.01 41.05
CA PRO E 310 53.73 -4.37 40.80
C PRO E 310 52.32 -4.58 41.34
N LEU E 311 51.53 -5.37 40.62
CA LEU E 311 50.11 -5.47 40.91
C LEU E 311 49.82 -6.11 42.27
N SER E 312 50.64 -7.07 42.66
CA SER E 312 50.43 -7.78 43.91
C SER E 312 50.64 -6.87 45.10
N ALA E 313 51.52 -5.90 44.93
CA ALA E 313 51.95 -5.04 46.02
C ALA E 313 50.85 -4.10 46.53
N LEU E 314 49.87 -3.84 45.68
CA LEU E 314 48.87 -2.80 45.94
C LEU E 314 47.98 -3.04 47.15
N GLY E 315 47.65 -1.95 47.86
CA GLY E 315 46.52 -1.96 48.76
C GLY E 315 45.46 -1.09 48.12
N ASP E 316 44.25 -1.61 47.94
CA ASP E 316 43.24 -0.89 47.17
C ASP E 316 41.89 -0.76 47.87
N PRO E 317 41.83 0.10 48.89
CA PRO E 317 40.60 0.46 49.61
C PRO E 317 39.59 1.21 48.74
N VAL E 318 38.30 0.98 49.01
CA VAL E 318 37.20 1.69 48.35
C VAL E 318 37.10 1.35 46.86
N GLY E 319 38.22 1.04 46.23
CA GLY E 319 38.29 0.87 44.80
C GLY E 319 38.59 2.23 44.18
N ASP E 320 38.61 3.24 45.02
CA ASP E 320 39.05 4.57 44.64
C ASP E 320 40.39 4.83 45.31
N ASN E 321 40.41 4.61 46.62
CA ASN E 321 41.62 4.86 47.40
C ASN E 321 42.63 3.76 47.14
N ARG E 322 43.91 4.08 47.34
CA ARG E 322 44.98 3.13 47.03
C ARG E 322 46.12 3.21 48.04
N TYR E 323 45.98 2.59 49.22
CA TYR E 323 47.07 2.62 50.18
C TYR E 323 48.20 1.73 49.70
N LYS E 324 49.43 2.12 50.01
CA LYS E 324 50.57 1.29 49.67
C LYS E 324 51.58 1.19 50.80
N VAL E 325 51.54 0.07 51.50
CA VAL E 325 52.52 -0.21 52.54
C VAL E 325 53.90 -0.35 51.90
N LYS E 326 54.90 0.27 52.51
CA LYS E 326 56.26 0.19 52.00
C LYS E 326 57.19 0.12 53.19
N LEU E 327 58.43 -0.29 52.97
CA LEU E 327 59.38 -0.28 54.08
C LEU E 327 60.14 1.05 54.17
N LEU E 328 60.34 1.55 55.39
CA LEU E 328 61.13 2.76 55.61
C LEU E 328 62.57 2.42 55.99
N ARG E 329 63.43 3.45 55.98
CA ARG E 329 64.80 3.29 56.43
C ARG E 329 64.84 2.87 57.89
N ASN E 330 63.79 3.21 58.62
CA ASN E 330 63.66 2.85 60.02
C ASN E 330 63.50 1.35 60.18
N GLY E 331 63.15 0.69 59.08
CA GLY E 331 62.90 -0.73 59.09
C GLY E 331 61.45 -0.98 59.45
N GLU E 332 60.72 0.11 59.69
CA GLU E 332 59.28 0.03 59.91
C GLU E 332 58.52 0.30 58.63
N THR E 333 57.54 -0.55 58.34
CA THR E 333 56.66 -0.32 57.20
C THR E 333 55.63 0.77 57.50
N ARG E 334 55.27 1.51 56.46
CA ARG E 334 54.20 2.50 56.51
C ARG E 334 53.51 2.59 55.15
N GLU E 335 52.19 2.65 55.16
CA GLU E 335 51.44 2.83 53.94
C GLU E 335 51.39 4.29 53.50
N ARG E 336 51.29 4.53 52.20
CA ARG E 336 50.90 5.83 51.69
C ARG E 336 49.82 5.70 50.62
N GLU E 337 48.73 6.42 50.81
CA GLU E 337 47.68 6.48 49.79
C GLU E 337 48.24 7.13 48.55
N VAL E 338 47.90 6.60 47.39
CA VAL E 338 48.49 7.08 46.15
C VAL E 338 47.45 7.19 45.05
N THR E 339 47.71 8.07 44.09
CA THR E 339 46.90 8.15 42.91
C THR E 339 47.53 7.35 41.77
N ILE E 340 46.71 6.51 41.14
CA ILE E 340 47.15 5.68 40.02
C ILE E 340 46.05 5.56 39.00
N GLY E 341 46.35 5.95 37.77
CA GLY E 341 45.40 5.84 36.68
C GLY E 341 45.75 4.70 35.76
N ALA E 342 46.92 4.79 35.13
CA ALA E 342 47.34 3.80 34.15
C ALA E 342 47.51 2.43 34.79
N ARG E 343 47.10 1.40 34.05
CA ARG E 343 47.23 0.04 34.51
C ARG E 343 47.78 -0.84 33.40
N ASN E 344 48.54 -1.85 33.78
CA ASN E 344 49.12 -2.78 32.84
C ASN E 344 48.96 -4.20 33.34
N ASP E 345 49.13 -5.15 32.43
CA ASP E 345 49.02 -6.57 32.78
C ASP E 345 50.05 -6.95 33.82
N THR E 346 51.18 -6.24 33.81
CA THR E 346 52.25 -6.49 34.76
C THR E 346 52.20 -5.58 35.98
N ASP E 347 52.02 -4.28 35.74
CA ASP E 347 52.12 -3.27 36.78
C ASP E 347 51.07 -2.19 36.59
N VAL E 348 51.18 -1.12 37.38
CA VAL E 348 50.38 0.09 37.17
C VAL E 348 51.25 1.32 37.36
N GLU E 349 51.08 2.31 36.50
CA GLU E 349 51.86 3.54 36.62
C GLU E 349 51.47 4.31 37.88
N ILE E 350 52.46 4.85 38.57
CA ILE E 350 52.17 5.69 39.74
C ILE E 350 52.85 7.05 39.68
N VAL E 351 52.05 8.06 39.34
CA VAL E 351 52.53 9.43 39.29
C VAL E 351 52.87 10.02 40.67
N LYS E 352 52.16 9.58 41.71
CA LYS E 352 52.23 10.27 43.00
C LYS E 352 52.07 9.38 44.22
N GLY E 353 52.55 9.88 45.36
CA GLY E 353 52.37 9.22 46.64
C GLY E 353 53.51 8.35 47.10
N LEU E 354 54.47 8.07 46.21
CA LEU E 354 55.63 7.28 46.60
C LEU E 354 56.91 7.80 45.97
N GLU E 355 57.91 8.02 46.81
CA GLU E 355 59.22 8.46 46.37
C GLU E 355 60.04 7.33 45.74
N ALA E 356 60.95 7.70 44.84
CA ALA E 356 61.81 6.73 44.18
C ALA E 356 62.87 6.19 45.14
N GLY E 357 63.27 4.95 44.91
CA GLY E 357 64.30 4.31 45.71
C GLY E 357 63.71 3.65 46.93
N ASP E 358 62.43 3.88 47.16
CA ASP E 358 61.73 3.27 48.30
C ASP E 358 61.63 1.76 48.11
N GLU E 359 61.87 1.01 49.18
CA GLU E 359 61.56 -0.41 49.16
C GLU E 359 60.05 -0.60 49.29
N VAL E 360 59.54 -1.65 48.67
CA VAL E 360 58.10 -1.89 48.74
C VAL E 360 57.79 -3.32 49.15
N VAL E 361 57.14 -3.43 50.30
CA VAL E 361 56.84 -4.72 50.88
C VAL E 361 55.76 -5.45 50.06
N ILE E 362 56.17 -5.95 48.90
CA ILE E 362 55.27 -6.61 47.99
C ILE E 362 54.72 -7.91 48.57
N GLY E 363 55.49 -8.53 49.45
CA GLY E 363 55.07 -9.79 50.05
C GLY E 363 54.67 -9.64 51.51
N GLU E 364 53.54 -10.25 51.86
CA GLU E 364 53.04 -10.36 53.25
C GLU E 364 53.13 -9.03 54.01
N ALA E 365 52.71 -7.96 53.37
CA ALA E 365 52.80 -6.61 53.92
C ALA E 365 51.92 -6.38 55.14
N LYS E 366 52.43 -5.60 56.10
CA LYS E 366 51.65 -5.13 57.24
C LYS E 366 51.95 -3.66 57.51
N PRO E 367 50.91 -2.81 57.48
CA PRO E 367 51.10 -1.38 57.75
C PRO E 367 51.64 -1.15 59.14
N GLY E 368 52.51 -0.16 59.30
CA GLY E 368 52.95 0.25 60.64
C GLY E 368 53.85 -0.77 61.32
N ALA E 369 54.37 -1.72 60.55
CA ALA E 369 55.10 -2.85 61.14
C ALA E 369 56.57 -2.86 60.77
N ALA E 370 57.44 -2.94 61.77
CA ALA E 370 58.86 -3.10 61.54
C ALA E 370 59.18 -4.51 61.05
N GLN E 371 60.18 -4.62 60.18
CA GLN E 371 60.60 -5.95 59.72
C GLN E 371 61.70 -6.50 60.62
N PRO F 32 55.39 -57.51 38.78
CA PRO F 32 54.80 -56.53 37.86
C PRO F 32 55.35 -56.66 36.45
N VAL F 33 54.49 -57.03 35.50
CA VAL F 33 54.92 -57.20 34.11
C VAL F 33 55.30 -55.87 33.47
N PRO F 34 56.47 -55.84 32.82
CA PRO F 34 56.97 -54.68 32.08
C PRO F 34 56.35 -54.59 30.69
N THR F 35 55.21 -55.25 30.50
CA THR F 35 54.58 -55.35 29.19
C THR F 35 54.26 -53.97 28.63
N TYR F 36 54.59 -53.77 27.35
CA TYR F 36 54.39 -52.47 26.72
C TYR F 36 53.67 -52.62 25.39
N GLN F 37 52.58 -51.88 25.22
CA GLN F 37 51.95 -51.79 23.91
C GLN F 37 52.92 -51.12 22.97
N THR F 38 53.02 -51.60 21.73
CA THR F 38 54.02 -51.11 20.82
C THR F 38 53.64 -51.28 19.35
N LEU F 39 54.39 -50.63 18.48
CA LEU F 39 54.08 -50.66 17.04
C LEU F 39 55.35 -50.72 16.18
N ILE F 40 55.16 -51.08 14.93
CA ILE F 40 56.26 -51.13 13.96
C ILE F 40 56.18 -49.97 13.00
N VAL F 41 57.01 -48.96 13.22
CA VAL F 41 57.00 -47.78 12.38
C VAL F 41 57.45 -48.08 10.96
N ARG F 42 56.78 -47.47 9.98
CA ARG F 42 57.09 -47.68 8.58
C ARG F 42 57.04 -46.37 7.80
N PRO F 43 57.80 -46.27 6.69
CA PRO F 43 57.78 -45.06 5.87
C PRO F 43 56.39 -44.79 5.30
N GLY F 44 55.58 -44.12 6.09
CA GLY F 44 54.18 -43.92 5.75
C GLY F 44 53.94 -42.80 4.77
N ASP F 45 52.68 -42.64 4.39
CA ASP F 45 52.30 -41.58 3.46
C ASP F 45 51.26 -40.68 4.12
N LEU F 46 51.38 -39.38 3.93
CA LEU F 46 50.51 -38.44 4.64
C LEU F 46 49.05 -38.56 4.26
N GLN F 47 48.18 -38.50 5.27
CA GLN F 47 46.75 -38.61 5.03
C GLN F 47 45.96 -37.46 5.64
N GLN F 48 46.57 -36.29 5.69
CA GLN F 48 45.92 -35.11 6.25
C GLN F 48 44.88 -34.54 5.29
N SER F 49 43.66 -34.37 5.77
CA SER F 49 42.58 -33.83 4.94
C SER F 49 41.47 -33.22 5.80
N VAL F 50 41.27 -33.78 6.99
CA VAL F 50 40.25 -33.29 7.90
C VAL F 50 38.86 -33.76 7.48
N LEU F 51 37.83 -33.09 7.99
CA LEU F 51 36.45 -33.44 7.67
C LEU F 51 35.53 -32.23 7.76
N ALA F 52 34.23 -32.47 7.80
CA ALA F 52 33.24 -31.41 7.88
C ALA F 52 31.82 -31.94 7.73
N THR F 53 30.90 -31.37 8.51
CA THR F 53 29.49 -31.68 8.39
C THR F 53 28.95 -31.08 7.09
N GLY F 54 28.04 -31.78 6.43
CA GLY F 54 27.55 -31.34 5.13
C GLY F 54 26.05 -31.39 4.93
N LYS F 55 25.46 -30.22 4.70
CA LYS F 55 24.06 -30.10 4.33
C LYS F 55 23.90 -30.50 2.86
N LEU F 56 22.69 -30.90 2.46
CA LEU F 56 22.46 -31.28 1.06
C LEU F 56 21.28 -30.53 0.45
N ASP F 57 21.38 -30.16 -0.82
CA ASP F 57 20.28 -29.48 -1.50
C ASP F 57 20.35 -29.64 -3.02
N ALA F 58 19.25 -29.27 -3.69
CA ALA F 58 19.13 -29.43 -5.14
C ALA F 58 20.05 -28.48 -5.91
N LEU F 59 20.40 -28.88 -7.13
CA LEU F 59 21.29 -28.09 -7.99
C LEU F 59 20.69 -26.73 -8.31
N ARG F 60 19.37 -26.66 -8.36
CA ARG F 60 18.68 -25.39 -8.54
C ARG F 60 17.29 -25.46 -7.93
N LYS F 61 16.86 -24.35 -7.34
CA LYS F 61 15.58 -24.29 -6.64
C LYS F 61 14.91 -22.94 -6.89
N VAL F 62 13.67 -22.97 -7.34
CA VAL F 62 12.97 -21.75 -7.73
C VAL F 62 11.58 -21.66 -7.13
N ASP F 63 11.36 -20.64 -6.29
CA ASP F 63 10.02 -20.31 -5.81
C ASP F 63 9.23 -19.63 -6.91
N VAL F 64 7.91 -19.81 -6.91
CA VAL F 64 7.08 -19.26 -7.99
C VAL F 64 5.93 -18.43 -7.44
N GLY F 65 5.74 -17.24 -8.00
CA GLY F 65 4.67 -16.35 -7.60
C GLY F 65 3.70 -15.97 -8.70
N ALA F 66 2.83 -15.03 -8.41
CA ALA F 66 1.87 -14.52 -9.39
C ALA F 66 1.72 -13.01 -9.22
N GLN F 67 1.56 -12.30 -10.33
CA GLN F 67 1.50 -10.84 -10.29
C GLN F 67 0.12 -10.26 -10.00
N VAL F 68 -0.92 -11.10 -10.00
CA VAL F 68 -2.28 -10.57 -9.93
C VAL F 68 -3.14 -11.18 -8.83
N SER F 69 -4.04 -10.35 -8.29
CA SER F 69 -5.00 -10.81 -7.30
C SER F 69 -6.09 -11.64 -7.96
N GLY F 70 -6.68 -12.56 -7.20
CA GLY F 70 -7.78 -13.34 -7.70
C GLY F 70 -7.85 -14.73 -7.12
N GLN F 71 -9.07 -15.25 -6.99
CA GLN F 71 -9.29 -16.59 -6.44
C GLN F 71 -8.64 -17.64 -7.34
N LEU F 72 -8.02 -18.63 -6.70
CA LEU F 72 -7.33 -19.70 -7.42
C LEU F 72 -8.31 -20.83 -7.73
N LYS F 73 -8.86 -20.82 -8.94
CA LYS F 73 -9.87 -21.78 -9.34
C LYS F 73 -9.36 -23.22 -9.35
N THR F 74 -8.09 -23.40 -9.67
CA THR F 74 -7.52 -24.74 -9.75
C THR F 74 -5.99 -24.78 -9.70
N LEU F 75 -5.47 -25.94 -9.31
CA LEU F 75 -4.04 -26.20 -9.29
C LEU F 75 -3.83 -27.66 -9.69
N SER F 76 -3.73 -27.90 -10.99
CA SER F 76 -3.77 -29.26 -11.53
C SER F 76 -2.63 -30.16 -11.07
N VAL F 77 -1.45 -29.59 -10.85
CA VAL F 77 -0.30 -30.40 -10.46
C VAL F 77 -0.42 -30.94 -9.03
N ALA F 78 0.03 -32.18 -8.86
CA ALA F 78 0.20 -32.75 -7.53
C ALA F 78 1.68 -32.78 -7.21
N ILE F 79 2.03 -32.74 -5.92
CA ILE F 79 3.43 -32.76 -5.54
C ILE F 79 4.11 -34.07 -5.90
N GLY F 80 5.35 -33.97 -6.35
CA GLY F 80 6.13 -35.12 -6.75
C GLY F 80 5.97 -35.46 -8.22
N ASP F 81 4.99 -34.82 -8.87
CA ASP F 81 4.84 -34.99 -10.31
C ASP F 81 5.93 -34.25 -11.06
N LYS F 82 6.41 -34.83 -12.15
CA LYS F 82 7.35 -34.14 -13.03
C LYS F 82 6.63 -33.05 -13.83
N VAL F 83 7.31 -31.95 -14.08
CA VAL F 83 6.77 -30.90 -14.95
C VAL F 83 7.82 -30.39 -15.93
N LYS F 84 7.48 -30.44 -17.21
CA LYS F 84 8.31 -29.88 -18.27
C LYS F 84 8.18 -28.36 -18.31
N LYS F 85 9.19 -27.69 -18.86
CA LYS F 85 9.22 -26.23 -18.89
C LYS F 85 8.01 -25.65 -19.63
N ASP F 86 7.52 -24.53 -19.12
CA ASP F 86 6.35 -23.83 -19.66
C ASP F 86 5.07 -24.65 -19.65
N GLN F 87 5.01 -25.65 -18.77
CA GLN F 87 3.77 -26.38 -18.56
C GLN F 87 2.81 -25.53 -17.72
N LEU F 88 1.51 -25.68 -17.97
CA LEU F 88 0.51 -24.97 -17.21
C LEU F 88 0.50 -25.47 -15.76
N LEU F 89 0.25 -24.56 -14.82
CA LEU F 89 0.19 -24.93 -13.40
C LEU F 89 -1.15 -24.57 -12.78
N GLY F 90 -1.15 -23.56 -11.93
CA GLY F 90 -2.38 -23.06 -11.34
C GLY F 90 -3.10 -22.11 -12.29
N VAL F 91 -4.33 -21.78 -11.96
CA VAL F 91 -5.12 -20.86 -12.79
C VAL F 91 -5.92 -19.90 -11.91
N ILE F 92 -5.42 -18.67 -11.80
CA ILE F 92 -6.14 -17.63 -11.10
C ILE F 92 -7.31 -17.17 -11.99
N ASP F 93 -8.39 -16.70 -11.38
CA ASP F 93 -9.61 -16.37 -12.12
C ASP F 93 -9.37 -15.27 -13.15
N PRO F 94 -9.75 -15.52 -14.41
CA PRO F 94 -9.48 -14.61 -15.52
C PRO F 94 -10.69 -13.83 -16.04
N GLU F 95 -11.77 -13.73 -15.27
CA GLU F 95 -12.96 -13.06 -15.77
C GLU F 95 -12.71 -11.58 -16.08
N GLN F 96 -11.90 -10.94 -15.23
CA GLN F 96 -11.67 -9.50 -15.32
C GLN F 96 -10.90 -9.16 -16.58
N ALA F 97 -9.81 -9.88 -16.82
CA ALA F 97 -8.96 -9.61 -17.97
C ALA F 97 -9.74 -9.81 -19.26
N GLU F 98 -10.63 -10.79 -19.26
CA GLU F 98 -11.52 -11.00 -20.40
C GLU F 98 -12.44 -9.82 -20.57
N ASN F 99 -12.85 -9.21 -19.45
CA ASN F 99 -13.72 -8.06 -19.53
C ASN F 99 -13.01 -6.86 -20.17
N GLN F 100 -11.79 -6.55 -19.73
CA GLN F 100 -11.06 -5.47 -20.39
C GLN F 100 -10.74 -5.80 -21.85
N ILE F 101 -10.54 -7.08 -22.16
CA ILE F 101 -10.29 -7.46 -23.53
C ILE F 101 -11.48 -7.17 -24.43
N LYS F 102 -12.67 -7.57 -23.98
CA LYS F 102 -13.88 -7.30 -24.77
C LYS F 102 -14.12 -5.80 -24.89
N GLU F 103 -13.78 -5.07 -23.83
CA GLU F 103 -13.93 -3.63 -23.85
C GLU F 103 -13.05 -2.99 -24.92
N VAL F 104 -11.77 -3.36 -24.92
CA VAL F 104 -10.83 -2.81 -25.89
C VAL F 104 -11.20 -3.21 -27.31
N GLU F 105 -11.69 -4.44 -27.49
CA GLU F 105 -12.12 -4.87 -28.82
C GLU F 105 -13.31 -4.03 -29.29
N ALA F 106 -14.17 -3.66 -28.34
CA ALA F 106 -15.28 -2.77 -28.67
C ALA F 106 -14.77 -1.39 -29.09
N THR F 107 -13.69 -0.94 -28.46
CA THR F 107 -13.10 0.35 -28.85
C THR F 107 -12.53 0.29 -30.26
N LEU F 108 -11.86 -0.82 -30.57
CA LEU F 108 -11.33 -1.00 -31.92
C LEU F 108 -12.46 -1.05 -32.94
N MET F 109 -13.61 -1.59 -32.54
CA MET F 109 -14.75 -1.57 -33.44
C MET F 109 -15.24 -0.13 -33.65
N GLU F 110 -15.18 0.66 -32.58
CA GLU F 110 -15.61 2.05 -32.65
C GLU F 110 -14.77 2.82 -33.66
N LEU F 111 -13.46 2.71 -33.54
CA LEU F 111 -12.59 3.37 -34.51
C LEU F 111 -12.74 2.74 -35.89
N ARG F 112 -13.11 1.46 -35.93
CA ARG F 112 -13.29 0.75 -37.19
C ARG F 112 -14.43 1.37 -37.99
N ALA F 113 -15.44 1.88 -37.31
CA ALA F 113 -16.51 2.59 -38.01
C ALA F 113 -16.17 4.06 -38.26
N GLN F 114 -15.55 4.69 -37.26
CA GLN F 114 -15.26 6.11 -37.34
C GLN F 114 -14.30 6.41 -38.49
N ARG F 115 -13.42 5.44 -38.79
CA ARG F 115 -12.57 5.54 -39.97
C ARG F 115 -13.40 5.43 -41.25
N GLN F 116 -14.44 4.59 -41.20
CA GLN F 116 -15.28 4.36 -42.37
C GLN F 116 -16.02 5.63 -42.75
N GLN F 117 -16.29 6.48 -41.76
CA GLN F 117 -16.87 7.80 -42.09
C GLN F 117 -15.94 8.69 -42.94
N ALA F 118 -14.70 8.83 -42.47
CA ALA F 118 -13.72 9.66 -43.13
C ALA F 118 -13.37 9.10 -44.50
N GLU F 119 -13.50 7.78 -44.63
CA GLU F 119 -13.26 7.12 -45.90
C GLU F 119 -14.27 7.60 -46.95
N ALA F 120 -15.48 7.91 -46.51
CA ALA F 120 -16.50 8.42 -47.41
C ALA F 120 -16.30 9.91 -47.70
N GLU F 121 -15.98 10.67 -46.65
CA GLU F 121 -15.77 12.11 -46.87
C GLU F 121 -14.58 12.37 -47.80
N LEU F 122 -13.58 11.50 -47.73
CA LEU F 122 -12.42 11.61 -48.62
C LEU F 122 -12.83 11.38 -50.06
N LYS F 123 -13.80 10.49 -50.29
CA LYS F 123 -14.31 10.25 -51.63
C LYS F 123 -15.03 11.48 -52.13
N LEU F 124 -15.81 12.11 -51.25
CA LEU F 124 -16.57 13.29 -51.65
C LEU F 124 -15.63 14.44 -52.05
N ALA F 125 -14.65 14.72 -51.20
CA ALA F 125 -13.73 15.82 -51.45
C ALA F 125 -12.88 15.58 -52.70
N ARG F 126 -12.53 14.33 -52.94
CA ARG F 126 -11.69 13.99 -54.09
C ARG F 126 -12.45 14.11 -55.39
N VAL F 127 -13.66 13.55 -55.43
CA VAL F 127 -14.46 13.65 -56.65
C VAL F 127 -14.79 15.12 -56.92
N THR F 128 -15.03 15.88 -55.86
CA THR F 128 -15.31 17.30 -56.01
C THR F 128 -14.08 18.03 -56.57
N TYR F 129 -12.90 17.61 -56.14
CA TYR F 129 -11.68 18.25 -56.60
C TYR F 129 -11.39 17.97 -58.07
N SER F 130 -11.45 16.70 -58.46
CA SER F 130 -11.17 16.36 -59.84
C SER F 130 -12.22 16.97 -60.77
N ARG F 131 -13.46 16.99 -60.29
CA ARG F 131 -14.55 17.57 -61.07
C ARG F 131 -14.43 19.09 -61.14
N GLN F 132 -13.71 19.70 -60.20
CA GLN F 132 -13.34 21.11 -60.37
C GLN F 132 -12.22 21.30 -61.38
N GLN F 133 -11.17 20.48 -61.29
CA GLN F 133 -10.01 20.65 -62.18
C GLN F 133 -10.31 20.39 -63.65
N ARG F 134 -11.19 19.42 -63.92
CA ARG F 134 -11.54 19.08 -65.29
C ARG F 134 -12.21 20.26 -65.99
N LEU F 135 -12.89 21.10 -65.21
CA LEU F 135 -13.44 22.33 -65.74
C LEU F 135 -12.33 23.39 -65.73
N ALA F 136 -11.42 23.25 -64.76
CA ALA F 136 -10.41 24.27 -64.50
C ALA F 136 -9.38 24.39 -65.61
N GLN F 137 -9.28 23.36 -66.43
CA GLN F 137 -8.45 23.49 -67.64
C GLN F 137 -9.05 24.53 -68.59
N THR F 138 -10.34 24.80 -68.45
CA THR F 138 -11.04 25.82 -69.25
C THR F 138 -11.20 27.08 -68.39
N GLN F 139 -10.34 27.18 -67.37
CA GLN F 139 -10.36 28.27 -66.40
C GLN F 139 -11.65 28.37 -65.59
N ALA F 140 -11.91 27.34 -64.79
CA ALA F 140 -13.02 27.37 -63.85
C ALA F 140 -12.80 28.45 -62.80
N VAL F 141 -13.90 29.10 -62.41
CA VAL F 141 -13.98 30.01 -61.25
C VAL F 141 -12.66 30.29 -60.52
N SER F 142 -11.69 30.81 -61.27
CA SER F 142 -10.37 31.16 -60.74
C SER F 142 -9.63 29.98 -60.13
N GLN F 143 -8.45 30.27 -59.60
CA GLN F 143 -7.70 29.30 -58.83
C GLN F 143 -8.22 29.27 -57.41
N GLN F 144 -9.13 30.19 -57.11
CA GLN F 144 -9.71 30.34 -55.78
C GLN F 144 -10.38 29.07 -55.29
N ASP F 145 -11.32 28.55 -56.08
CA ASP F 145 -12.03 27.34 -55.69
C ASP F 145 -11.14 26.11 -55.79
N LEU F 146 -10.12 26.17 -56.64
CA LEU F 146 -9.14 25.10 -56.70
C LEU F 146 -8.38 25.02 -55.38
N ASP F 147 -8.14 26.19 -54.78
CA ASP F 147 -7.51 26.25 -53.47
C ASP F 147 -8.53 25.95 -52.38
N ASN F 148 -9.81 26.10 -52.70
CA ASN F 148 -10.87 25.76 -51.76
C ASN F 148 -11.22 24.28 -51.81
N ALA F 149 -10.64 23.59 -52.78
CA ALA F 149 -10.92 22.17 -52.98
C ALA F 149 -9.70 21.31 -52.63
N ALA F 150 -8.54 21.68 -53.16
CA ALA F 150 -7.33 20.90 -52.94
C ALA F 150 -6.93 20.86 -51.47
N THR F 151 -7.17 21.96 -50.75
CA THR F 151 -6.82 22.01 -49.33
C THR F 151 -7.74 21.16 -48.48
N GLU F 152 -9.01 21.09 -48.87
CA GLU F 152 -9.97 20.27 -48.14
C GLU F 152 -9.62 18.80 -48.28
N MET F 153 -9.13 18.42 -49.46
CA MET F 153 -8.71 17.06 -49.71
C MET F 153 -7.52 16.69 -48.84
N ALA F 154 -6.64 17.65 -48.59
CA ALA F 154 -5.51 17.43 -47.70
C ALA F 154 -5.99 17.22 -46.27
N VAL F 155 -7.07 17.89 -45.92
CA VAL F 155 -7.66 17.75 -44.59
C VAL F 155 -8.28 16.38 -44.40
N LYS F 156 -9.07 15.95 -45.38
CA LYS F 156 -9.68 14.63 -45.32
C LYS F 156 -8.60 13.55 -45.39
N GLN F 157 -7.50 13.87 -46.05
CA GLN F 157 -6.36 12.96 -46.12
C GLN F 157 -5.71 12.80 -44.75
N ALA F 158 -5.51 13.93 -44.08
CA ALA F 158 -4.90 13.93 -42.75
C ALA F 158 -5.82 13.27 -41.71
N GLN F 159 -7.12 13.34 -41.95
CA GLN F 159 -8.09 12.81 -40.99
C GLN F 159 -7.98 11.29 -40.86
N ILE F 160 -7.88 10.61 -42.00
CA ILE F 160 -7.80 9.15 -41.98
C ILE F 160 -6.51 8.67 -41.33
N GLY F 161 -5.43 9.43 -41.49
CA GLY F 161 -4.18 9.09 -40.85
C GLY F 161 -4.28 9.33 -39.35
N THR F 162 -5.00 10.39 -39.00
CA THR F 162 -5.21 10.75 -37.60
C THR F 162 -6.02 9.67 -36.91
N ILE F 163 -6.89 9.01 -37.67
CA ILE F 163 -7.65 7.88 -37.13
C ILE F 163 -6.81 6.61 -37.07
N ASP F 164 -5.98 6.41 -38.10
CA ASP F 164 -5.13 5.23 -38.17
C ASP F 164 -4.13 5.22 -37.02
N ALA F 165 -3.72 6.40 -36.57
CA ALA F 165 -2.86 6.50 -35.41
C ALA F 165 -3.60 6.01 -34.16
N GLN F 166 -4.90 6.28 -34.11
CA GLN F 166 -5.72 5.83 -32.99
C GLN F 166 -5.88 4.31 -33.01
N ILE F 167 -6.08 3.76 -34.20
CA ILE F 167 -6.20 2.31 -34.34
C ILE F 167 -4.88 1.67 -33.95
N LYS F 168 -3.78 2.38 -34.23
CA LYS F 168 -2.46 1.88 -33.91
C LYS F 168 -2.23 1.88 -32.39
N ARG F 169 -2.57 2.98 -31.73
CA ARG F 169 -2.37 3.06 -30.29
C ARG F 169 -3.27 2.10 -29.54
N ASN F 170 -4.47 1.84 -30.07
CA ASN F 170 -5.37 0.92 -29.39
C ASN F 170 -5.06 -0.54 -29.66
N GLN F 171 -4.60 -0.86 -30.86
CA GLN F 171 -4.10 -2.22 -31.11
C GLN F 171 -2.86 -2.46 -30.26
N ALA F 172 -2.06 -1.43 -30.06
CA ALA F 172 -0.91 -1.51 -29.17
C ALA F 172 -1.36 -1.71 -27.73
N SER F 173 -2.49 -1.09 -27.38
CA SER F 173 -3.08 -1.27 -26.06
C SER F 173 -3.67 -2.66 -25.87
N LEU F 174 -4.05 -3.29 -26.97
CA LEU F 174 -4.66 -4.61 -26.91
C LEU F 174 -3.67 -5.64 -26.37
N ASP F 175 -2.39 -5.46 -26.70
CA ASP F 175 -1.35 -6.31 -26.14
C ASP F 175 -1.23 -6.08 -24.63
N THR F 176 -1.44 -4.84 -24.22
CA THR F 176 -1.43 -4.49 -22.81
C THR F 176 -2.61 -5.15 -22.10
N ALA F 177 -3.70 -5.34 -22.84
CA ALA F 177 -4.87 -6.00 -22.28
C ALA F 177 -4.63 -7.49 -22.14
N LYS F 178 -4.16 -8.11 -23.23
CA LYS F 178 -3.93 -9.55 -23.26
C LYS F 178 -2.81 -10.01 -22.34
N THR F 179 -1.80 -9.17 -22.14
CA THR F 179 -0.64 -9.58 -21.34
C THR F 179 -1.02 -9.85 -19.89
N ASN F 180 -2.02 -9.12 -19.38
CA ASN F 180 -2.50 -9.37 -18.02
C ASN F 180 -3.17 -10.74 -17.90
N LEU F 181 -3.83 -11.17 -18.97
CA LEU F 181 -4.52 -12.46 -18.97
C LEU F 181 -3.54 -13.62 -18.84
N ASP F 182 -2.35 -13.46 -19.42
CA ASP F 182 -1.33 -14.50 -19.35
C ASP F 182 -0.78 -14.65 -17.93
N TYR F 183 -0.79 -13.57 -17.17
CA TYR F 183 -0.30 -13.60 -15.80
C TYR F 183 -1.18 -14.47 -14.91
N THR F 184 -2.47 -14.54 -15.25
CA THR F 184 -3.41 -15.35 -14.49
C THR F 184 -3.08 -16.84 -14.57
N ARG F 185 -2.53 -17.25 -15.70
CA ARG F 185 -2.18 -18.66 -15.89
C ARG F 185 -0.69 -18.89 -15.65
N ILE F 186 -0.37 -19.39 -14.45
CA ILE F 186 1.00 -19.64 -14.06
C ILE F 186 1.62 -20.76 -14.90
N VAL F 187 2.87 -20.57 -15.30
CA VAL F 187 3.62 -21.60 -16.00
C VAL F 187 4.98 -21.82 -15.33
N ALA F 188 5.45 -23.06 -15.35
CA ALA F 188 6.71 -23.39 -14.68
C ALA F 188 7.91 -22.84 -15.44
N PRO F 189 8.75 -22.07 -14.74
CA PRO F 189 9.99 -21.52 -15.29
C PRO F 189 10.98 -22.59 -15.77
N MET F 190 10.99 -23.74 -15.12
CA MET F 190 11.99 -24.77 -15.40
C MET F 190 11.53 -26.16 -14.99
N ALA F 191 12.21 -27.18 -15.51
CA ALA F 191 11.88 -28.57 -15.23
C ALA F 191 12.18 -28.94 -13.78
N GLY F 192 11.44 -29.91 -13.26
CA GLY F 192 11.64 -30.39 -11.90
C GLY F 192 10.38 -31.00 -11.34
N GLU F 193 10.42 -31.43 -10.09
CA GLU F 193 9.20 -31.90 -9.42
C GLU F 193 8.75 -30.91 -8.36
N VAL F 194 7.46 -30.90 -8.06
CA VAL F 194 6.89 -29.93 -7.15
C VAL F 194 7.19 -30.28 -5.70
N THR F 195 8.21 -29.64 -5.13
CA THR F 195 8.66 -29.94 -3.78
C THR F 195 7.62 -29.61 -2.71
N GLN F 196 6.83 -28.56 -2.91
CA GLN F 196 5.89 -28.11 -1.88
C GLN F 196 4.81 -27.21 -2.43
N ILE F 197 3.64 -27.22 -1.80
CA ILE F 197 2.56 -26.30 -2.14
C ILE F 197 2.17 -25.46 -0.93
N THR F 198 2.74 -24.27 -0.84
CA THR F 198 2.39 -23.32 0.22
C THR F 198 0.94 -22.87 0.11
N THR F 199 0.45 -22.75 -1.13
CA THR F 199 -0.89 -22.22 -1.37
C THR F 199 -1.87 -23.29 -1.85
N LEU F 200 -2.71 -23.76 -0.94
CA LEU F 200 -3.73 -24.76 -1.27
C LEU F 200 -4.86 -24.16 -2.10
N GLN F 201 -5.52 -25.00 -2.88
CA GLN F 201 -6.55 -24.58 -3.83
C GLN F 201 -7.74 -23.90 -3.17
N GLY F 202 -8.25 -22.86 -3.83
CA GLY F 202 -9.46 -22.18 -3.39
C GLY F 202 -9.22 -20.99 -2.48
N GLN F 203 -7.98 -20.85 -2.01
CA GLN F 203 -7.62 -19.70 -1.19
C GLN F 203 -7.63 -18.43 -2.01
N THR F 204 -8.14 -17.35 -1.42
CA THR F 204 -8.04 -16.04 -2.03
C THR F 204 -6.59 -15.58 -1.93
N VAL F 205 -6.11 -14.84 -2.93
CA VAL F 205 -4.73 -14.36 -2.90
C VAL F 205 -4.65 -12.95 -3.50
N ILE F 206 -3.81 -12.11 -2.90
CA ILE F 206 -3.64 -10.74 -3.37
C ILE F 206 -2.18 -10.44 -3.64
N ALA F 207 -1.91 -9.91 -4.83
CA ALA F 207 -0.54 -9.63 -5.26
C ALA F 207 -0.28 -8.13 -5.32
N ALA F 208 -1.04 -7.36 -4.56
CA ALA F 208 -0.87 -5.92 -4.51
C ALA F 208 0.41 -5.55 -3.79
N GLN F 209 0.96 -6.52 -3.06
CA GLN F 209 2.16 -6.29 -2.27
C GLN F 209 3.23 -7.37 -2.55
N GLN F 210 3.65 -8.13 -1.54
CA GLN F 210 4.72 -9.11 -1.74
C GLN F 210 4.23 -10.25 -2.63
N ALA F 211 5.09 -10.78 -3.48
CA ALA F 211 4.68 -11.85 -4.38
C ALA F 211 4.35 -13.09 -3.57
N PRO F 212 3.15 -13.63 -3.75
CA PRO F 212 2.73 -14.84 -3.03
C PRO F 212 3.59 -16.03 -3.39
N ASN F 213 3.85 -16.90 -2.42
CA ASN F 213 4.57 -18.14 -2.70
C ASN F 213 3.59 -19.26 -3.00
N ILE F 214 3.29 -19.46 -4.27
CA ILE F 214 2.33 -20.49 -4.67
C ILE F 214 2.90 -21.89 -4.46
N LEU F 215 3.98 -22.20 -5.18
CA LEU F 215 4.62 -23.50 -5.04
C LEU F 215 6.09 -23.43 -5.46
N THR F 216 6.94 -24.13 -4.71
CA THR F 216 8.36 -24.17 -5.01
C THR F 216 8.70 -25.30 -5.99
N LEU F 217 9.83 -25.16 -6.67
CA LEU F 217 10.32 -26.18 -7.59
C LEU F 217 11.80 -26.42 -7.37
N ALA F 218 12.28 -27.59 -7.78
CA ALA F 218 13.69 -27.93 -7.64
C ALA F 218 14.11 -28.97 -8.66
N ASP F 219 15.34 -28.85 -9.14
CA ASP F 219 15.88 -29.82 -10.09
C ASP F 219 16.81 -30.81 -9.36
N MET F 220 16.45 -32.09 -9.40
CA MET F 220 17.21 -33.11 -8.67
C MET F 220 18.03 -34.01 -9.59
N SER F 221 18.31 -33.54 -10.80
CA SER F 221 19.14 -34.29 -11.73
C SER F 221 20.55 -34.47 -11.18
N ALA F 222 20.96 -33.54 -10.33
CA ALA F 222 22.24 -33.62 -9.63
C ALA F 222 22.12 -32.90 -8.30
N MET F 223 22.87 -33.38 -7.30
CA MET F 223 22.76 -32.81 -5.96
C MET F 223 23.98 -31.98 -5.58
N LEU F 224 23.74 -30.78 -5.06
CA LEU F 224 24.81 -29.95 -4.52
C LEU F 224 24.91 -30.12 -3.02
N VAL F 225 26.14 -30.15 -2.51
CA VAL F 225 26.33 -30.22 -1.07
C VAL F 225 26.89 -28.92 -0.50
N LYS F 226 26.43 -28.56 0.68
CA LYS F 226 26.98 -27.46 1.44
C LYS F 226 27.90 -28.01 2.51
N ALA F 227 29.18 -28.09 2.18
CA ALA F 227 30.20 -28.55 3.11
C ALA F 227 30.77 -27.38 3.89
N GLN F 228 30.33 -27.20 5.14
CA GLN F 228 30.74 -26.06 5.94
C GLN F 228 32.06 -26.28 6.68
N VAL F 229 33.16 -26.09 5.97
CA VAL F 229 34.49 -26.13 6.57
C VAL F 229 34.68 -24.96 7.54
N SER F 230 35.41 -25.21 8.62
CA SER F 230 35.67 -24.19 9.64
C SER F 230 36.56 -23.07 9.09
N GLU F 231 36.43 -21.88 9.67
CA GLU F 231 37.15 -20.71 9.21
C GLU F 231 38.67 -20.86 9.36
N ALA F 232 39.08 -21.70 10.29
CA ALA F 232 40.51 -21.92 10.53
C ALA F 232 41.20 -22.59 9.35
N ASP F 233 40.45 -23.38 8.59
CA ASP F 233 41.02 -24.17 7.51
C ASP F 233 40.73 -23.61 6.11
N VAL F 234 39.95 -22.55 6.04
CA VAL F 234 39.48 -22.02 4.75
C VAL F 234 40.64 -21.44 3.93
N ILE F 235 41.71 -21.06 4.61
CA ILE F 235 42.86 -20.45 3.94
C ILE F 235 43.49 -21.42 2.96
N HIS F 236 43.44 -22.71 3.28
CA HIS F 236 43.87 -23.74 2.34
C HIS F 236 42.74 -23.98 1.33
N LEU F 237 42.44 -25.26 1.10
CA LEU F 237 41.30 -25.66 0.28
C LEU F 237 41.34 -25.03 -1.11
N LYS F 238 42.40 -25.32 -1.86
CA LYS F 238 42.49 -24.88 -3.24
C LYS F 238 41.44 -25.59 -4.09
N PRO F 239 40.81 -24.86 -5.02
CA PRO F 239 39.77 -25.44 -5.88
C PRO F 239 40.29 -26.58 -6.73
N GLY F 240 39.45 -27.58 -6.96
CA GLY F 240 39.86 -28.78 -7.68
C GLY F 240 40.85 -29.57 -6.86
N GLN F 241 40.37 -30.26 -5.83
CA GLN F 241 41.25 -30.93 -4.88
C GLN F 241 40.78 -32.36 -4.56
N LYS F 242 39.67 -32.77 -5.17
CA LYS F 242 39.07 -34.11 -4.96
C LYS F 242 38.57 -34.31 -3.54
N ALA F 243 37.32 -34.76 -3.41
CA ALA F 243 36.75 -35.01 -2.10
C ALA F 243 35.64 -36.05 -2.18
N TRP F 244 35.25 -36.59 -1.03
CA TRP F 244 34.19 -37.60 -1.01
C TRP F 244 33.32 -37.43 0.23
N PHE F 245 32.15 -38.05 0.24
CA PHE F 245 31.24 -37.95 1.38
C PHE F 245 30.35 -39.18 1.50
N THR F 246 29.70 -39.29 2.66
CA THR F 246 28.77 -40.38 2.90
C THR F 246 27.66 -39.99 3.88
N VAL F 247 26.45 -40.48 3.61
CA VAL F 247 25.29 -40.22 4.46
C VAL F 247 25.26 -41.09 5.72
N LEU F 248 24.65 -40.59 6.78
CA LEU F 248 24.52 -41.34 8.02
C LEU F 248 23.60 -42.55 7.89
N GLY F 249 22.59 -42.44 7.03
CA GLY F 249 21.55 -43.45 6.96
C GLY F 249 21.89 -44.71 6.20
N ASP F 250 22.94 -44.66 5.38
CA ASP F 250 23.30 -45.82 4.58
C ASP F 250 24.66 -46.35 5.08
N GLN F 251 25.17 -45.71 6.13
CA GLN F 251 26.44 -46.10 6.75
C GLN F 251 27.61 -46.09 5.78
N LEU F 252 27.70 -47.13 4.96
CA LEU F 252 28.84 -47.27 4.06
C LEU F 252 28.42 -47.40 2.60
N THR F 253 28.37 -46.25 1.93
CA THR F 253 28.16 -46.19 0.48
C THR F 253 28.78 -44.89 -0.01
N ARG F 254 30.07 -44.94 -0.32
CA ARG F 254 30.84 -43.75 -0.63
C ARG F 254 30.37 -43.03 -1.89
N TYR F 255 30.28 -41.71 -1.82
CA TYR F 255 30.14 -40.88 -3.02
C TYR F 255 31.36 -39.99 -3.13
N GLU F 256 31.70 -39.55 -4.34
CA GLU F 256 32.90 -38.73 -4.51
C GLU F 256 32.84 -37.83 -5.74
N GLY F 257 33.63 -36.77 -5.70
CA GLY F 257 33.70 -35.83 -6.81
C GLY F 257 34.65 -34.67 -6.55
N GLN F 258 34.81 -33.83 -7.58
CA GLN F 258 35.62 -32.61 -7.48
C GLN F 258 34.93 -31.57 -6.61
N ILE F 259 35.72 -30.82 -5.84
CA ILE F 259 35.19 -29.62 -5.21
C ILE F 259 35.01 -28.56 -6.28
N LYS F 260 34.00 -27.72 -6.16
CA LYS F 260 33.72 -26.73 -7.19
C LYS F 260 34.32 -25.37 -6.84
N ASP F 261 33.90 -24.81 -5.70
CA ASP F 261 34.41 -23.52 -5.26
C ASP F 261 34.09 -23.26 -3.78
N VAL F 262 34.31 -22.02 -3.35
CA VAL F 262 34.03 -21.61 -1.99
C VAL F 262 33.14 -20.38 -1.97
N LEU F 263 32.05 -20.42 -1.21
CA LEU F 263 31.15 -19.28 -1.15
C LEU F 263 31.78 -18.10 -0.44
N PRO F 264 31.78 -16.93 -1.10
CA PRO F 264 32.32 -15.69 -0.53
C PRO F 264 31.65 -15.25 0.77
N THR F 265 30.36 -15.51 0.95
CA THR F 265 29.68 -15.00 2.14
C THR F 265 29.38 -16.08 3.20
N PRO F 266 30.06 -15.98 4.34
CA PRO F 266 29.91 -16.80 5.54
C PRO F 266 28.57 -16.61 6.25
N GLU F 267 28.09 -17.66 6.91
CA GLU F 267 27.02 -17.50 7.89
C GLU F 267 27.38 -18.29 9.16
N LYS F 268 26.98 -17.77 10.31
CA LYS F 268 27.46 -18.28 11.58
C LYS F 268 26.37 -18.90 12.46
N VAL F 269 26.79 -19.81 13.33
CA VAL F 269 25.93 -20.34 14.38
C VAL F 269 26.43 -19.91 15.75
N ASN F 270 26.05 -18.69 16.14
CA ASN F 270 26.59 -18.03 17.33
C ASN F 270 28.11 -17.98 17.28
N ASP F 271 28.76 -18.85 18.04
CA ASP F 271 30.21 -18.93 18.05
C ASP F 271 30.75 -19.55 16.77
N ALA F 272 31.97 -19.15 16.38
CA ALA F 272 32.72 -19.75 15.27
C ALA F 272 32.08 -19.58 13.91
N ILE F 273 32.75 -18.84 13.04
CA ILE F 273 32.33 -18.65 11.65
C ILE F 273 32.60 -19.91 10.84
N PHE F 274 31.78 -20.17 9.83
CA PHE F 274 31.99 -21.31 8.94
C PHE F 274 31.82 -20.93 7.48
N TYR F 275 32.64 -21.50 6.61
CA TYR F 275 32.55 -21.24 5.18
C TYR F 275 32.13 -22.47 4.40
N TYR F 276 31.22 -22.30 3.44
CA TYR F 276 30.72 -23.41 2.65
C TYR F 276 31.63 -23.82 1.51
N ALA F 277 31.35 -25.02 0.97
CA ALA F 277 31.99 -25.51 -0.24
C ALA F 277 31.01 -26.41 -0.94
N ARG F 278 31.18 -26.59 -2.25
CA ARG F 278 30.21 -27.37 -3.02
C ARG F 278 30.85 -28.43 -3.90
N PHE F 279 30.09 -29.50 -4.17
CA PHE F 279 30.51 -30.53 -5.10
C PHE F 279 29.56 -30.54 -6.30
N GLU F 280 29.40 -31.70 -6.91
CA GLU F 280 28.34 -31.91 -7.90
C GLU F 280 28.14 -33.42 -8.10
N VAL F 281 27.59 -34.08 -7.10
CA VAL F 281 27.37 -35.52 -7.15
C VAL F 281 26.19 -35.91 -8.05
N PRO F 282 26.41 -36.90 -8.93
CA PRO F 282 25.36 -37.51 -9.75
C PRO F 282 24.33 -38.23 -8.88
N ASN F 283 23.07 -38.25 -9.31
CA ASN F 283 22.04 -38.89 -8.50
C ASN F 283 21.19 -39.91 -9.25
N PRO F 284 21.75 -41.10 -9.52
CA PRO F 284 21.02 -42.25 -10.05
C PRO F 284 20.01 -42.81 -9.05
N ASN F 285 18.94 -43.42 -9.57
CA ASN F 285 18.00 -44.22 -8.78
C ASN F 285 17.08 -43.41 -7.86
N GLY F 286 17.20 -42.09 -7.91
CA GLY F 286 16.28 -41.23 -7.18
C GLY F 286 16.56 -41.11 -5.70
N LEU F 287 17.74 -41.57 -5.28
CA LEU F 287 18.13 -41.53 -3.88
C LEU F 287 18.53 -40.13 -3.42
N LEU F 288 18.80 -40.00 -2.12
CA LEU F 288 19.24 -38.75 -1.51
C LEU F 288 18.14 -37.69 -1.45
N ARG F 289 17.38 -37.71 -0.36
CA ARG F 289 16.37 -36.70 -0.08
C ARG F 289 17.02 -35.37 0.26
N LEU F 290 16.29 -34.27 0.04
CA LEU F 290 16.78 -32.93 0.33
C LEU F 290 17.10 -32.74 1.82
N ASP F 291 18.13 -31.95 2.08
CA ASP F 291 18.56 -31.62 3.44
C ASP F 291 18.94 -32.84 4.27
N MET F 292 19.34 -33.91 3.61
CA MET F 292 19.86 -35.08 4.30
C MET F 292 21.22 -34.74 4.90
N THR F 293 21.48 -35.22 6.11
CA THR F 293 22.79 -35.04 6.72
C THR F 293 23.83 -35.82 5.92
N ALA F 294 25.02 -35.26 5.75
CA ALA F 294 26.07 -35.97 5.03
C ALA F 294 27.46 -35.64 5.57
N GLN F 295 28.11 -36.64 6.14
CA GLN F 295 29.50 -36.49 6.59
C GLN F 295 30.41 -36.29 5.37
N VAL F 296 31.34 -35.34 5.47
CA VAL F 296 32.13 -34.95 4.31
C VAL F 296 33.64 -34.95 4.57
N HIS F 297 34.35 -35.73 3.77
CA HIS F 297 35.82 -35.75 3.76
C HIS F 297 36.39 -34.93 2.61
N ILE F 298 37.07 -33.84 2.94
CA ILE F 298 37.80 -33.07 1.95
C ILE F 298 39.28 -33.42 1.98
N GLN F 299 39.88 -33.64 0.81
CA GLN F 299 41.30 -33.96 0.74
C GLN F 299 42.14 -32.70 0.77
N LEU F 300 44.76 -33.33 2.61
CA LEU F 300 45.30 -32.01 2.35
C LEU F 300 46.43 -32.16 1.34
N THR F 301 47.37 -33.04 1.67
CA THR F 301 48.42 -33.44 0.76
C THR F 301 48.93 -34.80 1.22
N ASP F 302 49.60 -35.51 0.32
CA ASP F 302 50.08 -36.85 0.64
C ASP F 302 51.57 -36.95 0.42
N VAL F 303 52.35 -36.27 1.26
CA VAL F 303 53.78 -36.48 1.24
C VAL F 303 54.05 -37.92 1.66
N LYS F 304 55.04 -38.55 1.04
CA LYS F 304 55.23 -39.97 1.20
C LYS F 304 56.66 -40.31 1.60
N ASN F 305 56.93 -41.61 1.72
CA ASN F 305 58.26 -42.11 2.01
C ASN F 305 58.81 -41.45 3.27
N VAL F 306 57.94 -41.27 4.25
CA VAL F 306 58.31 -40.57 5.47
C VAL F 306 57.49 -41.06 6.65
N LEU F 307 58.15 -41.23 7.78
CA LEU F 307 57.48 -41.76 8.96
C LEU F 307 56.63 -40.72 9.68
N THR F 308 55.55 -41.20 10.29
CA THR F 308 54.72 -40.37 11.14
C THR F 308 54.47 -41.07 12.47
N ILE F 309 54.74 -40.35 13.55
CA ILE F 309 54.59 -40.87 14.88
C ILE F 309 53.15 -40.81 15.38
N PRO F 310 52.63 -41.95 15.86
CA PRO F 310 51.34 -41.91 16.54
C PRO F 310 51.40 -41.01 17.76
N LEU F 311 50.31 -40.29 18.02
CA LEU F 311 50.33 -39.28 19.07
C LEU F 311 50.14 -39.86 20.45
N SER F 312 49.83 -41.15 20.49
CA SER F 312 49.50 -41.80 21.74
C SER F 312 50.64 -41.83 22.74
N ALA F 313 51.87 -41.86 22.24
CA ALA F 313 53.02 -42.05 23.13
C ALA F 313 54.08 -40.95 23.02
N LEU F 314 53.73 -39.86 22.37
CA LEU F 314 54.68 -38.76 22.16
C LEU F 314 55.15 -38.12 23.46
N GLY F 315 56.43 -37.81 23.53
CA GLY F 315 56.96 -36.97 24.61
C GLY F 315 57.38 -35.65 24.03
N ASP F 316 56.94 -34.55 24.65
CA ASP F 316 57.18 -33.23 24.09
C ASP F 316 57.73 -32.21 25.08
N PRO F 317 59.00 -32.35 25.45
CA PRO F 317 59.69 -31.38 26.30
C PRO F 317 59.77 -30.01 25.64
N VAL F 318 59.68 -28.95 26.45
CA VAL F 318 59.78 -27.57 25.98
C VAL F 318 58.58 -27.18 25.10
N GLY F 319 57.95 -28.17 24.47
CA GLY F 319 56.93 -27.93 23.48
C GLY F 319 57.57 -27.75 22.12
N ASP F 320 58.89 -27.83 22.11
CA ASP F 320 59.67 -27.78 20.88
C ASP F 320 60.44 -29.08 20.75
N ASN F 321 61.19 -29.41 21.80
CA ASN F 321 61.93 -30.65 21.82
C ASN F 321 60.93 -31.78 21.94
N ARG F 322 61.29 -32.98 21.48
CA ARG F 322 60.32 -34.07 21.47
C ARG F 322 60.95 -35.43 21.78
N TYR F 323 60.98 -35.83 23.04
CA TYR F 323 61.52 -37.14 23.36
C TYR F 323 60.52 -38.22 22.96
N LYS F 324 61.04 -39.39 22.63
CA LYS F 324 60.15 -40.52 22.37
C LYS F 324 60.80 -41.86 22.68
N VAL F 325 60.25 -42.52 23.70
CA VAL F 325 60.66 -43.85 24.07
C VAL F 325 60.29 -44.86 23.00
N LYS F 326 61.20 -45.78 22.71
CA LYS F 326 60.93 -46.86 21.77
C LYS F 326 61.59 -48.14 22.26
N LEU F 327 60.94 -49.28 22.05
CA LEU F 327 61.56 -50.54 22.43
C LEU F 327 62.74 -50.87 21.52
N LEU F 328 63.82 -51.38 22.11
CA LEU F 328 64.97 -51.85 21.33
C LEU F 328 64.96 -53.36 21.15
N ARG F 329 65.86 -53.85 20.29
CA ARG F 329 66.04 -55.28 20.06
C ARG F 329 66.48 -55.98 21.35
N ASN F 330 67.14 -55.21 22.20
CA ASN F 330 67.60 -55.71 23.49
C ASN F 330 66.42 -56.01 24.41
N GLY F 331 65.26 -55.47 24.05
CA GLY F 331 64.10 -55.50 24.92
C GLY F 331 64.14 -54.32 25.85
N GLU F 332 65.18 -53.50 25.70
CA GLU F 332 65.31 -52.25 26.44
C GLU F 332 64.66 -51.07 25.73
N THR F 333 63.62 -50.51 26.31
CA THR F 333 63.06 -49.28 25.79
C THR F 333 64.05 -48.14 26.04
N ARG F 334 64.19 -47.25 25.05
CA ARG F 334 65.07 -46.09 25.16
C ARG F 334 64.48 -44.95 24.35
N GLU F 335 64.50 -43.75 24.91
CA GLU F 335 63.95 -42.59 24.22
C GLU F 335 64.96 -41.90 23.32
N ARG F 336 64.47 -41.19 22.30
CA ARG F 336 65.31 -40.25 21.57
C ARG F 336 64.57 -38.95 21.30
N GLU F 337 65.32 -37.85 21.44
CA GLU F 337 64.83 -36.55 21.02
C GLU F 337 64.66 -36.56 19.51
N VAL F 338 63.60 -35.93 19.02
CA VAL F 338 63.34 -35.86 17.60
C VAL F 338 62.77 -34.53 17.22
N THR F 339 63.10 -34.06 16.01
CA THR F 339 62.45 -32.89 15.46
C THR F 339 61.29 -33.33 14.58
N ILE F 340 60.19 -32.57 14.64
CA ILE F 340 59.02 -32.86 13.82
C ILE F 340 58.41 -31.55 13.35
N GLY F 341 58.01 -31.50 12.08
CA GLY F 341 57.38 -30.32 11.54
C GLY F 341 55.89 -30.54 11.35
N ALA F 342 55.55 -31.35 10.35
CA ALA F 342 54.16 -31.60 10.03
C ALA F 342 53.44 -32.33 11.15
N ARG F 343 52.17 -31.96 11.34
CA ARG F 343 51.35 -32.59 12.36
C ARG F 343 50.02 -33.01 11.75
N ASN F 344 49.45 -34.09 12.28
CA ASN F 344 48.25 -34.65 11.68
C ASN F 344 47.12 -34.69 12.69
N ASP F 345 45.93 -35.00 12.19
CA ASP F 345 44.78 -35.14 13.06
C ASP F 345 44.99 -36.28 14.04
N THR F 346 45.73 -37.29 13.60
CA THR F 346 45.94 -38.49 14.40
C THR F 346 47.40 -38.72 14.78
N ASP F 347 48.31 -38.30 13.90
CA ASP F 347 49.73 -38.54 14.11
C ASP F 347 50.53 -37.26 13.90
N VAL F 348 51.85 -37.39 13.78
CA VAL F 348 52.72 -36.28 13.40
C VAL F 348 53.87 -36.75 12.52
N GLU F 349 53.96 -36.19 11.32
CA GLU F 349 55.01 -36.58 10.39
C GLU F 349 56.38 -36.27 10.97
N ILE F 350 57.01 -37.27 11.58
CA ILE F 350 58.37 -37.09 12.06
C ILE F 350 59.32 -36.93 10.87
N VAL F 351 60.30 -36.05 11.02
CA VAL F 351 61.25 -35.82 9.96
C VAL F 351 62.64 -36.39 10.29
N LYS F 352 63.00 -36.37 11.57
CA LYS F 352 64.32 -36.87 11.99
C LYS F 352 64.33 -37.49 13.37
N GLY F 353 65.38 -38.25 13.65
CA GLY F 353 65.61 -38.81 14.96
C GLY F 353 65.12 -40.22 15.23
N LEU F 354 64.39 -40.80 14.28
CA LEU F 354 63.95 -42.18 14.42
C LEU F 354 63.95 -42.95 13.10
N GLU F 355 64.44 -44.18 13.15
CA GLU F 355 64.43 -45.07 12.00
C GLU F 355 63.09 -45.75 11.79
N ALA F 356 62.81 -46.10 10.54
CA ALA F 356 61.63 -46.91 10.22
C ALA F 356 61.87 -48.35 10.65
N GLY F 357 60.80 -49.04 11.00
CA GLY F 357 60.89 -50.42 11.43
C GLY F 357 61.19 -50.53 12.90
N ASP F 358 61.46 -49.39 13.52
CA ASP F 358 61.71 -49.35 14.96
C ASP F 358 60.45 -49.72 15.72
N GLU F 359 60.62 -50.58 16.73
CA GLU F 359 59.54 -50.85 17.66
C GLU F 359 59.29 -49.62 18.49
N VAL F 360 58.02 -49.27 18.70
CA VAL F 360 57.71 -48.06 19.43
C VAL F 360 56.64 -48.29 20.47
N VAL F 361 57.07 -48.27 21.74
CA VAL F 361 56.19 -48.58 22.83
C VAL F 361 55.07 -47.54 22.95
N ILE F 362 54.00 -47.79 22.20
CA ILE F 362 52.86 -46.87 22.16
C ILE F 362 52.16 -46.78 23.51
N GLY F 363 52.20 -47.86 24.29
CA GLY F 363 51.53 -47.88 25.57
C GLY F 363 52.49 -47.79 26.75
N GLU F 364 52.14 -46.94 27.72
CA GLU F 364 52.81 -46.83 29.02
C GLU F 364 54.34 -46.82 28.95
N ALA F 365 54.86 -46.06 27.99
CA ALA F 365 56.30 -45.95 27.77
C ALA F 365 57.06 -45.20 28.87
N LYS F 366 58.24 -45.70 29.21
CA LYS F 366 59.21 -44.95 30.01
C LYS F 366 60.62 -45.17 29.46
N PRO F 367 61.49 -44.14 29.54
CA PRO F 367 62.87 -44.26 29.05
C PRO F 367 63.67 -45.30 29.82
N GLY F 368 64.55 -46.02 29.13
CA GLY F 368 65.50 -46.90 29.79
C GLY F 368 64.88 -48.15 30.39
N ALA F 369 63.62 -48.41 30.06
CA ALA F 369 62.88 -49.49 30.72
C ALA F 369 62.84 -50.78 29.89
N ALA F 370 63.72 -51.71 30.21
CA ALA F 370 63.70 -53.02 29.58
C ALA F 370 62.43 -53.77 29.94
N GLN F 371 61.87 -54.51 28.99
CA GLN F 371 60.67 -55.30 29.28
C GLN F 371 60.98 -56.79 29.26
N PRO G 32 29.84 -81.32 36.20
CA PRO G 32 28.80 -80.46 35.61
C PRO G 32 28.31 -80.99 34.27
N VAL G 33 26.99 -81.13 34.13
CA VAL G 33 26.42 -81.67 32.89
C VAL G 33 26.59 -80.71 31.71
N PRO G 34 27.10 -81.24 30.60
CA PRO G 34 27.31 -80.59 29.30
C PRO G 34 26.02 -80.08 28.65
N THR G 35 24.88 -80.68 29.01
CA THR G 35 23.62 -80.43 28.31
C THR G 35 23.22 -78.96 28.29
N TYR G 36 22.79 -78.50 27.11
CA TYR G 36 22.47 -77.11 26.87
C TYR G 36 21.01 -76.97 26.44
N GLN G 37 20.36 -75.89 26.83
CA GLN G 37 19.05 -75.57 26.30
C GLN G 37 19.20 -75.21 24.82
N THR G 38 18.28 -75.68 23.99
CA THR G 38 18.42 -75.45 22.55
C THR G 38 17.11 -75.52 21.78
N LEU G 39 17.13 -75.03 20.55
CA LEU G 39 15.94 -75.00 19.71
C LEU G 39 16.29 -75.27 18.25
N ILE G 40 15.39 -75.94 17.54
CA ILE G 40 15.51 -76.07 16.10
C ILE G 40 15.38 -74.69 15.46
N VAL G 41 16.26 -74.38 14.52
CA VAL G 41 16.15 -73.12 13.81
C VAL G 41 15.52 -73.35 12.44
N ARG G 42 14.63 -72.44 12.03
CA ARG G 42 14.03 -72.57 10.72
C ARG G 42 13.90 -71.25 9.98
N PRO G 43 14.03 -71.30 8.65
CA PRO G 43 13.62 -70.22 7.75
C PRO G 43 12.12 -69.99 7.86
N GLY G 44 11.67 -68.75 7.71
CA GLY G 44 10.25 -68.47 7.80
C GLY G 44 9.94 -67.00 7.59
N ASP G 45 8.67 -66.65 7.72
CA ASP G 45 8.23 -65.27 7.56
C ASP G 45 8.86 -64.39 8.64
N LEU G 46 9.27 -63.19 8.26
CA LEU G 46 9.82 -62.24 9.21
C LEU G 46 9.55 -60.82 8.74
N GLN G 47 9.26 -59.94 9.69
CA GLN G 47 8.99 -58.54 9.38
C GLN G 47 9.80 -57.61 10.27
N GLN G 48 10.26 -56.50 9.69
CA GLN G 48 11.05 -55.53 10.43
C GLN G 48 10.42 -54.14 10.37
N SER G 49 9.50 -53.87 11.28
CA SER G 49 8.81 -52.59 11.33
C SER G 49 9.64 -51.54 12.09
N VAL G 50 9.41 -50.28 11.78
CA VAL G 50 10.13 -49.19 12.43
C VAL G 50 9.17 -48.19 13.06
N LEU G 51 9.26 -48.04 14.38
CA LEU G 51 8.39 -47.12 15.10
C LEU G 51 8.54 -45.69 14.59
N ALA G 52 7.43 -44.95 14.55
CA ALA G 52 7.50 -43.52 14.24
C ALA G 52 6.32 -42.76 14.82
N THR G 53 6.57 -41.56 15.31
CA THR G 53 5.51 -40.70 15.82
C THR G 53 4.72 -40.14 14.63
N GLY G 54 3.41 -39.97 14.81
CA GLY G 54 2.55 -39.55 13.70
C GLY G 54 1.50 -38.50 14.03
N LYS G 55 1.60 -37.37 13.34
CA LYS G 55 0.59 -36.31 13.41
C LYS G 55 -0.59 -36.69 12.52
N LEU G 56 -1.75 -36.09 12.72
CA LEU G 56 -2.93 -36.43 11.91
C LEU G 56 -3.63 -35.20 11.34
N ASP G 57 -4.14 -35.31 10.11
CA ASP G 57 -4.88 -34.19 9.51
C ASP G 57 -5.85 -34.63 8.40
N ALA G 58 -6.68 -33.69 7.93
CA ALA G 58 -7.68 -33.96 6.92
C ALA G 58 -7.08 -34.14 5.53
N LEU G 59 -7.81 -34.86 4.67
CA LEU G 59 -7.35 -35.12 3.30
C LEU G 59 -7.18 -33.83 2.51
N ARG G 60 -7.99 -32.83 2.83
CA ARG G 60 -7.89 -31.53 2.17
C ARG G 60 -8.42 -30.43 3.08
N LYS G 61 -7.78 -29.26 3.01
CA LYS G 61 -8.10 -28.15 3.90
C LYS G 61 -7.92 -26.82 3.17
N VAL G 62 -8.79 -25.86 3.47
CA VAL G 62 -8.81 -24.58 2.76
C VAL G 62 -9.03 -23.39 3.70
N ASP G 63 -8.26 -22.32 3.49
CA ASP G 63 -8.45 -21.08 4.21
C ASP G 63 -9.18 -20.05 3.35
N VAL G 64 -10.51 -20.08 3.40
CA VAL G 64 -11.35 -19.21 2.58
C VAL G 64 -11.18 -17.73 2.94
N GLY G 65 -11.19 -16.88 1.92
CA GLY G 65 -11.09 -15.43 2.11
C GLY G 65 -11.98 -14.65 1.18
N ALA G 66 -11.83 -13.32 1.18
CA ALA G 66 -12.63 -12.47 0.31
C ALA G 66 -11.80 -11.31 -0.25
N GLN G 67 -11.96 -11.04 -1.54
CA GLN G 67 -11.19 -10.01 -2.21
C GLN G 67 -11.48 -8.58 -1.76
N VAL G 68 -12.73 -8.31 -1.39
CA VAL G 68 -13.18 -6.94 -1.20
C VAL G 68 -13.22 -6.45 0.25
N SER G 69 -12.98 -5.16 0.43
CA SER G 69 -13.15 -4.51 1.73
C SER G 69 -14.64 -4.27 2.01
N GLY G 70 -15.00 -4.24 3.29
CA GLY G 70 -16.38 -3.96 3.66
C GLY G 70 -16.80 -4.65 4.93
N GLN G 71 -17.72 -4.03 5.68
CA GLN G 71 -18.22 -4.60 6.91
C GLN G 71 -18.95 -5.92 6.65
N LEU G 72 -18.73 -6.89 7.53
CA LEU G 72 -19.36 -8.21 7.40
C LEU G 72 -20.73 -8.20 8.08
N LYS G 73 -21.77 -7.98 7.29
CA LYS G 73 -23.12 -7.84 7.81
C LYS G 73 -23.64 -9.09 8.50
N THR G 74 -23.20 -10.26 8.04
CA THR G 74 -23.67 -11.50 8.62
C THR G 74 -22.79 -12.70 8.29
N LEU G 75 -22.88 -13.72 9.13
CA LEU G 75 -22.21 -15.00 8.89
C LEU G 75 -23.17 -16.12 9.27
N SER G 76 -23.84 -16.67 8.26
CA SER G 76 -24.98 -17.55 8.48
C SER G 76 -24.68 -18.85 9.21
N VAL G 77 -23.48 -19.38 9.07
CA VAL G 77 -23.20 -20.71 9.59
C VAL G 77 -22.30 -20.74 10.83
N ALA G 78 -22.76 -21.44 11.86
CA ALA G 78 -21.93 -21.77 13.01
C ALA G 78 -21.04 -22.96 12.67
N ILE G 79 -19.91 -23.07 13.36
CA ILE G 79 -18.98 -24.16 13.11
C ILE G 79 -19.58 -25.51 13.51
N GLY G 80 -19.13 -26.55 12.81
CA GLY G 80 -19.62 -27.90 13.06
C GLY G 80 -20.74 -28.33 12.14
N ASP G 81 -21.26 -27.39 11.35
CA ASP G 81 -22.29 -27.71 10.37
C ASP G 81 -21.69 -28.08 9.02
N LYS G 82 -22.24 -29.10 8.38
CA LYS G 82 -21.84 -29.48 7.03
C LYS G 82 -22.25 -28.43 6.02
N VAL G 83 -21.41 -28.21 5.01
CA VAL G 83 -21.74 -27.28 3.93
C VAL G 83 -21.43 -27.86 2.55
N LYS G 84 -22.44 -27.93 1.70
CA LYS G 84 -22.29 -28.38 0.32
C LYS G 84 -21.62 -27.32 -0.54
N LYS G 85 -21.00 -27.74 -1.64
CA LYS G 85 -20.26 -26.83 -2.50
C LYS G 85 -21.14 -25.72 -3.06
N ASP G 86 -20.56 -24.53 -3.15
CA ASP G 86 -21.23 -23.32 -3.62
C ASP G 86 -22.41 -22.89 -2.77
N GLN G 87 -22.42 -23.30 -1.51
CA GLN G 87 -23.40 -22.78 -0.56
C GLN G 87 -22.99 -21.37 -0.14
N LEU G 88 -23.97 -20.53 0.13
CA LEU G 88 -23.70 -19.18 0.63
C LEU G 88 -23.09 -19.25 2.02
N LEU G 89 -22.17 -18.34 2.32
CA LEU G 89 -21.56 -18.30 3.65
C LEU G 89 -21.77 -16.95 4.32
N GLY G 90 -20.71 -16.17 4.43
CA GLY G 90 -20.82 -14.81 4.95
C GLY G 90 -21.30 -13.86 3.88
N VAL G 91 -21.67 -12.65 4.28
CA VAL G 91 -22.15 -11.65 3.33
C VAL G 91 -21.58 -10.27 3.66
N ILE G 92 -20.55 -9.87 2.91
CA ILE G 92 -19.96 -8.56 3.07
C ILE G 92 -20.91 -7.53 2.45
N ASP G 93 -20.88 -6.29 2.95
CA ASP G 93 -21.84 -5.27 2.54
C ASP G 93 -21.76 -4.95 1.04
N PRO G 94 -22.90 -5.03 0.34
CA PRO G 94 -22.97 -4.86 -1.12
C PRO G 94 -23.54 -3.53 -1.60
N GLU G 95 -23.66 -2.53 -0.73
CA GLU G 95 -24.29 -1.27 -1.11
C GLU G 95 -23.53 -0.54 -2.24
N GLN G 96 -22.21 -0.56 -2.15
CA GLN G 96 -21.37 0.18 -3.08
C GLN G 96 -21.47 -0.40 -4.49
N ALA G 97 -21.39 -1.71 -4.59
CA ALA G 97 -21.43 -2.38 -5.88
C ALA G 97 -22.77 -2.14 -6.54
N GLU G 98 -23.82 -2.07 -5.74
CA GLU G 98 -25.15 -1.75 -6.25
C GLU G 98 -25.16 -0.32 -6.78
N ASN G 99 -24.37 0.54 -6.13
CA ASN G 99 -24.30 1.92 -6.59
C ASN G 99 -23.63 2.03 -7.96
N GLN G 100 -22.47 1.38 -8.14
CA GLN G 100 -21.84 1.42 -9.46
C GLN G 100 -22.69 0.71 -10.51
N ILE G 101 -23.44 -0.30 -10.10
CA ILE G 101 -24.32 -0.99 -11.05
C ILE G 101 -25.43 -0.07 -11.54
N LYS G 102 -26.08 0.65 -10.63
CA LYS G 102 -27.12 1.59 -11.04
C LYS G 102 -26.54 2.68 -11.93
N GLU G 103 -25.30 3.07 -11.62
CA GLU G 103 -24.63 4.09 -12.42
C GLU G 103 -24.42 3.62 -13.85
N VAL G 104 -23.87 2.40 -14.00
CA VAL G 104 -23.61 1.86 -15.33
C VAL G 104 -24.90 1.65 -16.10
N GLU G 105 -25.96 1.21 -15.42
CA GLU G 105 -27.25 1.03 -16.09
C GLU G 105 -27.78 2.37 -16.57
N ALA G 106 -27.52 3.42 -15.79
CA ALA G 106 -27.91 4.77 -16.21
C ALA G 106 -27.14 5.18 -17.46
N THR G 107 -25.88 4.77 -17.55
CA THR G 107 -25.08 5.06 -18.74
C THR G 107 -25.63 4.35 -19.97
N LEU G 108 -26.01 3.08 -19.80
CA LEU G 108 -26.59 2.33 -20.89
C LEU G 108 -27.91 2.95 -21.33
N MET G 109 -28.65 3.52 -20.39
CA MET G 109 -29.87 4.24 -20.77
C MET G 109 -29.53 5.49 -21.58
N GLU G 110 -28.44 6.14 -21.20
CA GLU G 110 -27.99 7.36 -21.88
C GLU G 110 -27.70 7.06 -23.35
N LEU G 111 -26.89 6.03 -23.58
CA LEU G 111 -26.61 5.64 -24.95
C LEU G 111 -27.85 5.08 -25.64
N ARG G 112 -28.77 4.53 -24.84
CA ARG G 112 -30.00 3.97 -25.38
C ARG G 112 -30.85 5.06 -26.03
N ALA G 113 -30.78 6.27 -25.48
CA ALA G 113 -31.45 7.40 -26.12
C ALA G 113 -30.61 8.05 -27.23
N GLN G 114 -29.30 8.16 -26.97
CA GLN G 114 -28.43 8.84 -27.91
C GLN G 114 -28.40 8.10 -29.24
N ARG G 115 -28.55 6.78 -29.20
CA ARG G 115 -28.72 6.00 -30.42
C ARG G 115 -30.05 6.32 -31.10
N GLN G 116 -31.08 6.59 -30.29
CA GLN G 116 -32.40 6.85 -30.81
C GLN G 116 -32.40 8.14 -31.62
N GLN G 117 -31.51 9.06 -31.27
CA GLN G 117 -31.34 10.26 -32.10
C GLN G 117 -30.84 9.95 -33.51
N ALA G 118 -29.75 9.18 -33.58
CA ALA G 118 -29.13 8.84 -34.85
C ALA G 118 -30.05 7.99 -35.68
N GLU G 119 -30.93 7.24 -35.01
CA GLU G 119 -31.92 6.44 -35.71
C GLU G 119 -32.88 7.32 -36.50
N ALA G 120 -33.15 8.51 -35.99
CA ALA G 120 -34.01 9.45 -36.69
C ALA G 120 -33.25 10.18 -37.81
N GLU G 121 -32.04 10.60 -37.51
CA GLU G 121 -31.26 11.29 -38.52
C GLU G 121 -30.97 10.40 -39.73
N LEU G 122 -30.81 9.10 -39.48
CA LEU G 122 -30.60 8.15 -40.57
C LEU G 122 -31.82 8.06 -41.47
N LYS G 123 -33.00 8.18 -40.86
CA LYS G 123 -34.23 8.18 -41.63
C LYS G 123 -34.29 9.42 -42.51
N LEU G 124 -33.86 10.55 -41.94
CA LEU G 124 -33.89 11.79 -42.71
C LEU G 124 -32.95 11.71 -43.92
N ALA G 125 -31.72 11.27 -43.68
CA ALA G 125 -30.74 11.20 -44.77
C ALA G 125 -31.15 10.20 -45.85
N ARG G 126 -31.78 9.11 -45.43
CA ARG G 126 -32.17 8.05 -46.36
C ARG G 126 -33.33 8.50 -47.24
N VAL G 127 -34.35 9.08 -46.62
CA VAL G 127 -35.49 9.56 -47.39
C VAL G 127 -35.04 10.69 -48.32
N THR G 128 -34.10 11.51 -47.84
CA THR G 128 -33.56 12.58 -48.68
C THR G 128 -32.83 12.01 -49.89
N TYR G 129 -32.13 10.90 -49.69
CA TYR G 129 -31.38 10.29 -50.77
C TYR G 129 -32.28 9.66 -51.82
N SER G 130 -33.26 8.88 -51.37
CA SER G 130 -34.15 8.23 -52.32
C SER G 130 -34.97 9.28 -53.06
N ARG G 131 -35.37 10.32 -52.34
CA ARG G 131 -36.15 11.40 -52.93
C ARG G 131 -35.31 12.22 -53.90
N GLN G 132 -34.00 12.23 -53.73
CA GLN G 132 -33.14 12.82 -54.76
C GLN G 132 -33.01 11.90 -55.98
N GLN G 133 -32.80 10.61 -55.77
CA GLN G 133 -32.59 9.69 -56.90
C GLN G 133 -33.81 9.53 -57.79
N ARG G 134 -34.99 9.54 -57.18
CA ARG G 134 -36.23 9.35 -57.93
C ARG G 134 -36.43 10.48 -58.93
N LEU G 135 -35.93 11.66 -58.59
CA LEU G 135 -35.95 12.79 -59.51
C LEU G 135 -34.70 12.71 -60.39
N ALA G 136 -33.69 11.99 -59.91
CA ALA G 136 -32.38 11.95 -60.57
C ALA G 136 -32.32 10.99 -61.74
N GLN G 137 -33.35 10.16 -61.90
CA GLN G 137 -33.46 9.40 -63.15
C GLN G 137 -33.89 10.32 -64.30
N THR G 138 -34.37 11.51 -63.94
CA THR G 138 -34.76 12.51 -64.92
C THR G 138 -33.64 13.57 -64.95
N GLN G 139 -32.47 13.16 -64.47
CA GLN G 139 -31.30 14.02 -64.35
C GLN G 139 -31.53 15.22 -63.43
N ALA G 140 -31.73 14.93 -62.14
CA ALA G 140 -31.88 15.96 -61.12
C ALA G 140 -30.60 16.76 -60.96
N VAL G 141 -30.78 18.03 -60.59
CA VAL G 141 -29.73 18.93 -60.11
C VAL G 141 -28.34 18.31 -59.94
N SER G 142 -27.76 17.90 -61.07
CA SER G 142 -26.42 17.31 -61.12
C SER G 142 -26.26 16.03 -60.33
N GLN G 143 -25.12 15.39 -60.54
CA GLN G 143 -24.70 14.26 -59.71
C GLN G 143 -24.07 14.82 -58.44
N GLN G 144 -23.87 16.13 -58.42
CA GLN G 144 -23.29 16.82 -57.28
C GLN G 144 -24.11 16.57 -56.01
N ASP G 145 -25.41 16.85 -56.08
CA ASP G 145 -26.28 16.63 -54.94
C ASP G 145 -26.43 15.15 -54.62
N LEU G 146 -26.33 14.31 -55.65
CA LEU G 146 -26.36 12.87 -55.42
C LEU G 146 -25.14 12.43 -54.61
N ASP G 147 -24.01 13.09 -54.85
CA ASP G 147 -22.81 12.83 -54.08
C ASP G 147 -22.90 13.52 -52.73
N ASN G 148 -23.78 14.51 -52.61
CA ASN G 148 -24.01 15.18 -51.33
C ASN G 148 -25.04 14.44 -50.51
N ALA G 149 -25.67 13.43 -51.10
CA ALA G 149 -26.72 12.69 -50.42
C ALA G 149 -26.26 11.28 -50.09
N ALA G 150 -25.59 10.63 -51.04
CA ALA G 150 -25.12 9.27 -50.84
C ALA G 150 -24.07 9.18 -49.74
N THR G 151 -23.29 10.25 -49.57
CA THR G 151 -22.22 10.27 -48.59
C THR G 151 -22.71 10.59 -47.18
N GLU G 152 -23.64 11.52 -47.06
CA GLU G 152 -24.19 11.89 -45.76
C GLU G 152 -24.90 10.69 -45.12
N MET G 153 -25.58 9.91 -45.94
CA MET G 153 -26.25 8.71 -45.48
C MET G 153 -25.23 7.69 -44.98
N ALA G 154 -24.07 7.65 -45.61
CA ALA G 154 -22.99 6.79 -45.16
C ALA G 154 -22.47 7.26 -43.81
N VAL G 155 -22.50 8.56 -43.59
CA VAL G 155 -22.05 9.15 -42.33
C VAL G 155 -23.01 8.81 -41.20
N LYS G 156 -24.31 8.98 -41.46
CA LYS G 156 -25.31 8.64 -40.46
C LYS G 156 -25.30 7.14 -40.21
N GLN G 157 -24.94 6.38 -41.24
CA GLN G 157 -24.81 4.94 -41.11
C GLN G 157 -23.66 4.58 -40.18
N ALA G 158 -22.54 5.30 -40.33
CA ALA G 158 -21.38 5.08 -39.48
C ALA G 158 -21.63 5.52 -38.04
N GLN G 159 -22.49 6.52 -37.87
CA GLN G 159 -22.74 7.09 -36.56
C GLN G 159 -23.43 6.08 -35.63
N ILE G 160 -24.43 5.38 -36.17
CA ILE G 160 -25.18 4.40 -35.39
C ILE G 160 -24.29 3.24 -34.96
N GLY G 161 -23.34 2.86 -35.81
CA GLY G 161 -22.41 1.81 -35.47
C GLY G 161 -21.41 2.28 -34.43
N THR G 162 -21.03 3.56 -34.54
CA THR G 162 -20.13 4.17 -33.59
C THR G 162 -20.78 4.25 -32.21
N ILE G 163 -22.11 4.35 -32.20
CA ILE G 163 -22.84 4.33 -30.94
C ILE G 163 -22.99 2.89 -30.43
N ASP G 164 -23.22 1.96 -31.35
CA ASP G 164 -23.40 0.56 -30.99
C ASP G 164 -22.13 0.00 -30.35
N ALA G 165 -20.99 0.52 -30.80
CA ALA G 165 -19.72 0.14 -30.19
C ALA G 165 -19.65 0.61 -28.75
N GLN G 166 -20.24 1.78 -28.49
CA GLN G 166 -20.29 2.32 -27.13
C GLN G 166 -21.20 1.49 -26.24
N ILE G 167 -22.33 1.07 -26.79
CA ILE G 167 -23.24 0.22 -26.04
C ILE G 167 -22.56 -1.11 -25.76
N LYS G 168 -21.72 -1.53 -26.70
CA LYS G 168 -21.01 -2.79 -26.56
C LYS G 168 -19.96 -2.70 -25.46
N ARG G 169 -19.17 -1.64 -25.46
CA ARG G 169 -18.14 -1.47 -24.45
C ARG G 169 -18.74 -1.28 -23.06
N ASN G 170 -19.91 -0.62 -22.98
CA ASN G 170 -20.51 -0.41 -21.67
C ASN G 170 -21.26 -1.64 -21.15
N GLN G 171 -21.87 -2.42 -22.04
CA GLN G 171 -22.42 -3.70 -21.63
C GLN G 171 -21.30 -4.63 -21.19
N ALA G 172 -20.15 -4.52 -21.87
CA ALA G 172 -18.97 -5.26 -21.46
C ALA G 172 -18.47 -4.81 -20.10
N SER G 173 -18.62 -3.52 -19.83
CA SER G 173 -18.27 -2.98 -18.51
C SER G 173 -19.24 -3.40 -17.44
N LEU G 174 -20.47 -3.71 -17.84
CA LEU G 174 -21.52 -4.09 -16.90
C LEU G 174 -21.17 -5.39 -16.19
N ASP G 175 -20.50 -6.30 -16.91
CA ASP G 175 -20.00 -7.53 -16.29
C ASP G 175 -18.91 -7.23 -15.27
N THR G 176 -18.11 -6.21 -15.56
CA THR G 176 -17.10 -5.75 -14.63
C THR G 176 -17.75 -5.16 -13.38
N ALA G 177 -18.93 -4.58 -13.57
CA ALA G 177 -19.67 -4.02 -12.45
C ALA G 177 -20.26 -5.13 -11.58
N LYS G 178 -20.94 -6.07 -12.23
CA LYS G 178 -21.59 -7.17 -11.53
C LYS G 178 -20.61 -8.14 -10.86
N THR G 179 -19.43 -8.31 -11.44
CA THR G 179 -18.49 -9.30 -10.91
C THR G 179 -17.98 -8.91 -9.53
N ASN G 180 -17.89 -7.61 -9.25
CA ASN G 180 -17.50 -7.16 -7.93
C ASN G 180 -18.56 -7.50 -6.88
N LEU G 181 -19.82 -7.48 -7.30
CA LEU G 181 -20.92 -7.80 -6.40
C LEU G 181 -20.89 -9.25 -5.94
N ASP G 182 -20.45 -10.13 -6.82
CA ASP G 182 -20.37 -11.56 -6.49
C ASP G 182 -19.29 -11.83 -5.45
N TYR G 183 -18.26 -11.00 -5.43
CA TYR G 183 -17.15 -11.16 -4.50
C TYR G 183 -17.59 -10.90 -3.07
N THR G 184 -18.60 -10.05 -2.91
CA THR G 184 -19.13 -9.71 -1.59
C THR G 184 -19.76 -10.91 -0.91
N ARG G 185 -20.37 -11.78 -1.71
CA ARG G 185 -21.03 -12.96 -1.17
C ARG G 185 -20.14 -14.20 -1.25
N ILE G 186 -19.51 -14.52 -0.13
CA ILE G 186 -18.59 -15.65 -0.04
C ILE G 186 -19.32 -16.99 -0.24
N VAL G 187 -18.71 -17.88 -0.99
CA VAL G 187 -19.23 -19.23 -1.17
C VAL G 187 -18.11 -20.25 -0.99
N ALA G 188 -18.46 -21.43 -0.50
CA ALA G 188 -17.47 -22.46 -0.20
C ALA G 188 -16.94 -23.13 -1.46
N PRO G 189 -15.60 -23.14 -1.62
CA PRO G 189 -14.91 -23.82 -2.71
C PRO G 189 -15.20 -25.32 -2.75
N MET G 190 -15.40 -25.92 -1.58
CA MET G 190 -15.54 -27.37 -1.49
C MET G 190 -16.34 -27.81 -0.27
N ALA G 191 -16.86 -29.03 -0.32
CA ALA G 191 -17.64 -29.60 0.78
C ALA G 191 -16.74 -29.90 1.97
N GLY G 192 -17.34 -29.91 3.16
CA GLY G 192 -16.62 -30.20 4.38
C GLY G 192 -17.12 -29.33 5.51
N GLU G 193 -17.32 -29.93 6.68
CA GLU G 193 -17.85 -29.18 7.83
C GLU G 193 -16.88 -28.09 8.25
N VAL G 194 -17.43 -26.95 8.65
CA VAL G 194 -16.63 -25.79 9.04
C VAL G 194 -15.78 -26.12 10.26
N THR G 195 -14.54 -25.67 10.25
CA THR G 195 -13.62 -25.96 11.36
C THR G 195 -13.50 -24.77 12.31
N GLN G 196 -12.93 -23.66 11.83
CA GLN G 196 -12.67 -22.53 12.71
C GLN G 196 -13.01 -21.18 12.07
N ILE G 197 -13.54 -20.28 12.88
CA ILE G 197 -13.86 -18.93 12.43
C ILE G 197 -12.93 -17.89 13.05
N THR G 198 -12.01 -17.38 12.26
CA THR G 198 -11.09 -16.35 12.72
C THR G 198 -11.77 -14.99 12.76
N THR G 199 -12.57 -14.69 11.74
CA THR G 199 -13.24 -13.39 11.64
C THR G 199 -14.66 -13.45 12.20
N LEU G 200 -14.83 -12.92 13.40
CA LEU G 200 -16.14 -12.84 14.04
C LEU G 200 -17.03 -11.81 13.37
N GLN G 201 -18.34 -12.02 13.47
CA GLN G 201 -19.32 -11.19 12.78
C GLN G 201 -19.29 -9.73 13.23
N GLY G 202 -19.48 -8.83 12.25
CA GLY G 202 -19.60 -7.41 12.52
C GLY G 202 -18.28 -6.67 12.50
N GLN G 203 -17.18 -7.41 12.40
CA GLN G 203 -15.86 -6.78 12.30
C GLN G 203 -15.65 -6.09 10.96
N THR G 204 -15.05 -4.92 11.00
CA THR G 204 -14.61 -4.23 9.79
C THR G 204 -13.41 -4.99 9.21
N VAL G 205 -13.32 -5.07 7.89
CA VAL G 205 -12.21 -5.78 7.27
C VAL G 205 -11.80 -5.10 5.96
N ILE G 206 -10.50 -5.12 5.66
CA ILE G 206 -9.97 -4.49 4.46
C ILE G 206 -8.98 -5.42 3.78
N ALA G 207 -9.01 -5.46 2.45
CA ALA G 207 -8.21 -6.43 1.71
C ALA G 207 -7.36 -5.78 0.62
N ALA G 208 -6.39 -4.97 1.05
CA ALA G 208 -5.44 -4.36 0.12
C ALA G 208 -4.04 -4.94 0.33
N GLN G 209 -3.96 -6.01 1.11
CA GLN G 209 -2.69 -6.63 1.49
C GLN G 209 -2.84 -8.15 1.55
N GLN G 210 -2.85 -8.72 2.74
CA GLN G 210 -3.05 -10.15 2.88
C GLN G 210 -4.53 -10.45 2.65
N ALA G 211 -4.82 -11.63 2.13
CA ALA G 211 -6.20 -12.07 2.00
C ALA G 211 -6.74 -12.37 3.40
N PRO G 212 -7.85 -11.73 3.78
CA PRO G 212 -8.40 -11.93 5.12
C PRO G 212 -8.82 -13.38 5.34
N ASN G 213 -8.66 -13.87 6.57
CA ASN G 213 -9.05 -15.23 6.90
C ASN G 213 -10.38 -15.25 7.64
N ILE G 214 -11.48 -15.35 6.90
CA ILE G 214 -12.81 -15.37 7.49
C ILE G 214 -13.10 -16.67 8.22
N LEU G 215 -12.73 -17.79 7.58
CA LEU G 215 -13.00 -19.11 8.13
C LEU G 215 -12.19 -20.18 7.41
N THR G 216 -12.18 -21.39 7.95
CA THR G 216 -11.46 -22.49 7.34
C THR G 216 -12.33 -23.74 7.19
N LEU G 217 -11.93 -24.62 6.26
CA LEU G 217 -12.70 -25.81 5.95
C LEU G 217 -11.80 -27.02 5.80
N ALA G 218 -12.34 -28.21 6.05
CA ALA G 218 -11.57 -29.44 5.87
C ALA G 218 -12.49 -30.62 5.56
N ASP G 219 -12.04 -31.50 4.67
CA ASP G 219 -12.85 -32.66 4.29
C ASP G 219 -12.58 -33.84 5.21
N MET G 220 -13.37 -33.96 6.27
CA MET G 220 -13.19 -35.04 7.23
C MET G 220 -13.93 -36.31 6.82
N SER G 221 -13.36 -37.01 5.84
CA SER G 221 -13.88 -38.30 5.41
C SER G 221 -12.72 -39.25 5.16
N ALA G 222 -11.53 -38.70 5.08
CA ALA G 222 -10.31 -39.48 4.95
C ALA G 222 -9.16 -38.76 5.65
N MET G 223 -8.68 -39.36 6.73
CA MET G 223 -7.69 -38.72 7.58
C MET G 223 -6.26 -39.07 7.17
N LEU G 224 -5.61 -38.19 6.41
CA LEU G 224 -4.21 -38.37 6.07
C LEU G 224 -3.35 -38.29 7.32
N VAL G 225 -2.29 -39.09 7.36
CA VAL G 225 -1.37 -39.04 8.49
C VAL G 225 -0.01 -38.46 8.08
N LYS G 226 0.61 -37.76 9.02
CA LYS G 226 1.98 -37.30 8.87
C LYS G 226 2.89 -38.15 9.74
N ALA G 227 3.34 -39.27 9.19
CA ALA G 227 4.26 -40.16 9.88
C ALA G 227 5.69 -39.72 9.66
N GLN G 228 6.28 -39.05 10.65
CA GLN G 228 7.61 -38.48 10.51
C GLN G 228 8.74 -39.47 10.80
N VAL G 229 9.01 -40.34 9.84
CA VAL G 229 10.12 -41.29 9.94
C VAL G 229 11.46 -40.54 9.97
N SER G 230 12.40 -41.06 10.75
CA SER G 230 13.73 -40.46 10.87
C SER G 230 14.52 -40.57 9.57
N GLU G 231 15.44 -39.63 9.38
CA GLU G 231 16.25 -39.57 8.16
C GLU G 231 17.17 -40.77 8.02
N ALA G 232 17.48 -41.43 9.13
CA ALA G 232 18.36 -42.58 9.13
C ALA G 232 17.76 -43.74 8.35
N ASP G 233 16.43 -43.81 8.30
CA ASP G 233 15.76 -44.93 7.67
C ASP G 233 14.99 -44.55 6.39
N VAL G 234 15.09 -43.31 5.97
CA VAL G 234 14.33 -42.82 4.82
C VAL G 234 14.79 -43.49 3.52
N ILE G 235 16.03 -43.98 3.51
CA ILE G 235 16.60 -44.59 2.31
C ILE G 235 15.79 -45.82 1.89
N HIS G 236 15.23 -46.51 2.87
CA HIS G 236 14.34 -47.63 2.59
C HIS G 236 12.95 -47.10 2.28
N LEU G 237 11.94 -47.65 2.97
CA LEU G 237 10.58 -47.13 2.91
C LEU G 237 10.06 -47.07 1.47
N LYS G 238 10.16 -48.20 0.77
CA LYS G 238 9.65 -48.30 -0.60
C LYS G 238 8.13 -48.17 -0.61
N PRO G 239 7.58 -47.41 -1.56
CA PRO G 239 6.13 -47.17 -1.64
C PRO G 239 5.33 -48.45 -1.85
N GLY G 240 4.14 -48.50 -1.24
CA GLY G 240 3.33 -49.70 -1.25
C GLY G 240 3.99 -50.80 -0.44
N GLN G 241 3.88 -50.71 0.88
CA GLN G 241 4.61 -51.61 1.77
C GLN G 241 3.76 -52.12 2.93
N LYS G 242 2.53 -51.62 3.04
CA LYS G 242 1.60 -51.95 4.13
C LYS G 242 2.09 -51.43 5.48
N ALA G 243 1.21 -50.74 6.20
CA ALA G 243 1.57 -50.23 7.52
C ALA G 243 0.33 -50.02 8.38
N TRP G 244 0.51 -49.89 9.68
CA TRP G 244 -0.63 -49.71 10.57
C TRP G 244 -0.30 -48.71 11.68
N PHE G 245 -1.32 -48.19 12.34
CA PHE G 245 -1.11 -47.23 13.43
C PHE G 245 -2.20 -47.34 14.49
N THR G 246 -1.96 -46.70 15.63
CA THR G 246 -2.93 -46.66 16.70
C THR G 246 -2.82 -45.39 17.52
N VAL G 247 -3.93 -44.98 18.13
CA VAL G 247 -3.96 -43.76 18.93
C VAL G 247 -3.81 -44.03 20.42
N LEU G 248 -3.26 -43.07 21.14
CA LEU G 248 -3.03 -43.21 22.58
C LEU G 248 -4.34 -43.32 23.36
N GLY G 249 -5.39 -42.68 22.86
CA GLY G 249 -6.63 -42.57 23.61
C GLY G 249 -7.56 -43.77 23.56
N ASP G 250 -7.30 -44.69 22.65
CA ASP G 250 -8.16 -45.86 22.51
C ASP G 250 -7.34 -47.13 22.78
N GLN G 251 -6.06 -46.92 23.10
CA GLN G 251 -5.12 -48.01 23.41
C GLN G 251 -5.04 -49.06 22.31
N LEU G 252 -6.01 -49.97 22.29
CA LEU G 252 -5.96 -51.08 21.35
C LEU G 252 -7.14 -51.08 20.38
N THR G 253 -6.97 -50.40 19.27
CA THR G 253 -7.92 -50.44 18.15
C THR G 253 -7.14 -50.13 16.88
N ARG G 254 -6.52 -51.18 16.32
CA ARG G 254 -5.58 -51.00 15.22
C ARG G 254 -6.25 -50.47 13.95
N TYR G 255 -5.60 -49.49 13.32
CA TYR G 255 -5.97 -49.08 11.97
C TYR G 255 -4.84 -49.47 11.03
N GLU G 256 -5.13 -49.66 9.76
CA GLU G 256 -4.10 -50.07 8.81
C GLU G 256 -4.40 -49.68 7.38
N GLY G 257 -3.36 -49.61 6.56
CA GLY G 257 -3.51 -49.28 5.15
C GLY G 257 -2.19 -49.26 4.40
N GLN G 258 -2.27 -49.03 3.10
CA GLN G 258 -1.09 -48.85 2.25
C GLN G 258 -0.41 -47.51 2.55
N ILE G 259 0.91 -47.48 2.52
CA ILE G 259 1.61 -46.20 2.50
C ILE G 259 1.40 -45.58 1.13
N LYS G 260 1.25 -44.27 1.07
CA LYS G 260 0.92 -43.62 -0.19
C LYS G 260 2.16 -43.06 -0.86
N ASP G 261 2.83 -42.12 -0.20
CA ASP G 261 4.05 -41.52 -0.75
C ASP G 261 4.92 -40.87 0.33
N VAL G 262 5.98 -40.21 -0.10
CA VAL G 262 6.90 -39.55 0.83
C VAL G 262 7.04 -38.08 0.44
N LEU G 263 7.02 -37.18 1.41
CA LEU G 263 7.18 -35.76 1.14
C LEU G 263 8.64 -35.39 0.88
N PRO G 264 8.91 -34.76 -0.26
CA PRO G 264 10.26 -34.30 -0.61
C PRO G 264 10.86 -33.29 0.37
N THR G 265 10.04 -32.44 1.00
CA THR G 265 10.61 -31.41 1.87
C THR G 265 10.47 -31.71 3.37
N PRO G 266 11.61 -31.97 4.03
CA PRO G 266 11.77 -32.15 5.47
C PRO G 266 11.51 -30.89 6.27
N GLU G 267 11.05 -31.03 7.51
CA GLU G 267 11.08 -29.92 8.45
C GLU G 267 11.64 -30.36 9.81
N LYS G 268 12.79 -29.78 10.17
CA LYS G 268 13.51 -30.18 11.37
C LYS G 268 12.89 -29.65 12.67
N VAL G 269 13.12 -30.39 13.74
CA VAL G 269 12.85 -29.91 15.09
C VAL G 269 14.18 -29.77 15.85
N ASN G 270 14.86 -28.64 15.61
CA ASN G 270 16.23 -28.44 16.05
C ASN G 270 17.13 -29.57 15.58
N ASP G 271 17.49 -30.46 16.50
CA ASP G 271 18.33 -31.61 16.17
C ASP G 271 17.56 -32.62 15.31
N ALA G 272 18.31 -33.32 14.46
CA ALA G 272 17.80 -34.45 13.66
C ALA G 272 16.73 -34.07 12.64
N ILE G 273 17.05 -34.26 11.36
CA ILE G 273 16.11 -34.06 10.28
C ILE G 273 15.11 -35.22 10.25
N PHE G 274 13.88 -34.95 9.82
CA PHE G 274 12.86 -35.99 9.72
C PHE G 274 12.08 -35.86 8.41
N TYR G 275 11.58 -36.99 7.90
CA TYR G 275 10.80 -36.99 6.67
C TYR G 275 9.43 -37.62 6.87
N TYR G 276 8.41 -36.98 6.33
CA TYR G 276 7.03 -37.44 6.47
C TYR G 276 6.67 -38.60 5.54
N ALA G 277 5.58 -39.27 5.88
CA ALA G 277 4.96 -40.24 5.01
C ALA G 277 3.46 -40.26 5.28
N ARG G 278 2.67 -40.64 4.28
CA ARG G 278 1.22 -40.53 4.42
C ARG G 278 0.49 -41.84 4.09
N PHE G 279 -0.64 -42.03 4.74
CA PHE G 279 -1.50 -43.19 4.48
C PHE G 279 -2.80 -42.71 3.84
N GLU G 280 -3.86 -43.47 4.05
CA GLU G 280 -5.20 -43.01 3.70
C GLU G 280 -6.25 -43.87 4.42
N VAL G 281 -6.32 -43.71 5.74
CA VAL G 281 -7.25 -44.48 6.55
C VAL G 281 -8.70 -44.02 6.38
N PRO G 282 -9.62 -44.96 6.18
CA PRO G 282 -11.06 -44.67 6.18
C PRO G 282 -11.51 -44.13 7.52
N ASN G 283 -12.47 -43.21 7.53
CA ASN G 283 -12.92 -42.62 8.80
C ASN G 283 -14.43 -42.61 8.97
N PRO G 284 -15.04 -43.77 9.25
CA PRO G 284 -16.45 -43.82 9.64
C PRO G 284 -16.62 -43.38 11.09
N ASN G 285 -17.82 -43.57 11.63
CA ASN G 285 -18.11 -43.36 13.05
C ASN G 285 -17.94 -41.91 13.52
N GLY G 286 -17.26 -41.09 12.73
CA GLY G 286 -17.07 -39.68 13.06
C GLY G 286 -15.94 -39.43 14.05
N LEU G 287 -15.19 -40.48 14.38
CA LEU G 287 -14.08 -40.36 15.32
C LEU G 287 -12.85 -39.70 14.70
N LEU G 288 -11.71 -39.86 15.36
CA LEU G 288 -10.43 -39.30 14.92
C LEU G 288 -10.47 -37.78 14.77
N ARG G 289 -10.25 -37.08 15.88
CA ARG G 289 -10.14 -35.63 15.88
C ARG G 289 -8.82 -35.19 15.23
N LEU G 290 -8.82 -33.97 14.70
CA LEU G 290 -7.64 -33.43 14.02
C LEU G 290 -6.44 -33.28 14.96
N ASP G 291 -5.24 -33.47 14.39
CA ASP G 291 -3.97 -33.33 15.10
C ASP G 291 -3.86 -34.24 16.32
N MET G 292 -4.56 -35.36 16.30
CA MET G 292 -4.43 -36.36 17.35
C MET G 292 -3.08 -37.05 17.24
N THR G 293 -2.44 -37.33 18.37
CA THR G 293 -1.20 -38.09 18.39
C THR G 293 -1.48 -39.51 17.92
N ALA G 294 -0.57 -40.10 17.14
CA ALA G 294 -0.76 -41.45 16.64
C ALA G 294 0.55 -42.22 16.50
N GLN G 295 0.72 -43.26 17.32
CA GLN G 295 1.85 -44.15 17.18
C GLN G 295 1.75 -44.91 15.86
N VAL G 296 2.87 -45.01 15.15
CA VAL G 296 2.86 -45.56 13.80
C VAL G 296 3.87 -46.68 13.59
N HIS G 297 3.38 -47.82 13.13
CA HIS G 297 4.21 -48.95 12.73
C HIS G 297 4.24 -49.09 11.22
N ILE G 298 5.32 -48.61 10.61
CA ILE G 298 5.47 -48.70 9.16
C ILE G 298 6.25 -49.95 8.76
N GLN G 299 5.57 -50.88 8.10
CA GLN G 299 6.19 -52.12 7.66
C GLN G 299 7.54 -51.85 7.01
N LEU G 300 8.60 -52.37 7.62
CA LEU G 300 9.95 -52.19 7.10
C LEU G 300 10.25 -53.19 5.98
N THR G 301 9.77 -54.42 6.13
CA THR G 301 9.99 -55.46 5.13
C THR G 301 9.23 -56.73 5.50
N ASP G 302 9.10 -57.63 4.53
CA ASP G 302 8.41 -58.89 4.75
C ASP G 302 9.28 -60.08 4.34
N VAL G 303 10.52 -60.09 4.80
CA VAL G 303 11.45 -61.16 4.48
C VAL G 303 10.90 -62.50 4.94
N LYS G 304 11.14 -63.54 4.15
CA LYS G 304 10.55 -64.84 4.44
C LYS G 304 11.41 -65.97 3.91
N ASN G 305 11.13 -67.18 4.39
CA ASN G 305 11.97 -68.35 4.12
C ASN G 305 13.41 -68.04 4.48
N VAL G 306 13.57 -67.39 5.63
CA VAL G 306 14.88 -66.95 6.08
C VAL G 306 14.98 -67.06 7.59
N LEU G 307 16.12 -67.54 8.08
CA LEU G 307 16.33 -67.77 9.49
C LEU G 307 16.58 -66.47 10.26
N THR G 308 16.22 -66.46 11.54
CA THR G 308 16.61 -65.39 12.43
C THR G 308 17.11 -65.94 13.77
N ILE G 309 18.13 -65.29 14.31
CA ILE G 309 18.76 -65.68 15.55
C ILE G 309 18.17 -64.97 16.77
N PRO G 310 17.75 -65.73 17.78
CA PRO G 310 17.31 -65.12 19.04
C PRO G 310 18.43 -64.33 19.70
N LEU G 311 18.10 -63.20 20.32
CA LEU G 311 19.11 -62.29 20.84
C LEU G 311 19.95 -62.85 21.98
N SER G 312 19.34 -63.71 22.78
CA SER G 312 20.01 -64.20 23.98
C SER G 312 21.25 -65.02 23.70
N ALA G 313 21.26 -65.73 22.57
CA ALA G 313 22.31 -66.70 22.28
C ALA G 313 23.51 -66.12 21.53
N LEU G 314 23.26 -65.12 20.68
CA LEU G 314 24.29 -64.62 19.77
C LEU G 314 25.47 -63.96 20.49
N GLY G 315 26.67 -64.24 20.00
CA GLY G 315 27.86 -63.56 20.47
C GLY G 315 28.34 -62.59 19.41
N ASP G 316 28.95 -61.50 19.82
CA ASP G 316 29.30 -60.43 18.89
C ASP G 316 30.75 -59.94 19.01
N PRO G 317 31.70 -60.76 18.55
CA PRO G 317 33.13 -60.43 18.51
C PRO G 317 33.47 -59.26 17.58
N VAL G 318 34.52 -58.53 17.96
CA VAL G 318 35.13 -57.46 17.18
C VAL G 318 34.29 -56.19 17.11
N GLY G 319 33.05 -56.32 16.69
CA GLY G 319 32.20 -55.17 16.45
C GLY G 319 31.57 -55.27 15.08
N ASP G 320 31.65 -56.47 14.53
CA ASP G 320 31.05 -56.80 13.25
C ASP G 320 30.88 -58.31 13.20
N ASN G 321 31.84 -59.02 13.75
CA ASN G 321 31.79 -60.47 13.75
C ASN G 321 30.72 -60.93 14.73
N ARG G 322 30.14 -62.08 14.45
CA ARG G 322 29.08 -62.62 15.30
C ARG G 322 29.23 -64.12 15.48
N TYR G 323 29.91 -64.54 16.55
CA TYR G 323 30.02 -65.98 16.78
C TYR G 323 28.66 -66.52 17.21
N LYS G 324 28.35 -67.73 16.76
CA LYS G 324 27.13 -68.38 17.16
C LYS G 324 27.33 -69.88 17.32
N VAL G 325 27.47 -70.31 18.57
CA VAL G 325 27.60 -71.72 18.89
C VAL G 325 26.31 -72.45 18.53
N LYS G 326 26.46 -73.61 17.89
CA LYS G 326 25.30 -74.41 17.51
C LYS G 326 25.57 -75.87 17.82
N LEU G 327 24.54 -76.64 18.12
CA LEU G 327 24.72 -78.08 18.23
C LEU G 327 24.96 -78.66 16.85
N LEU G 328 25.83 -79.67 16.75
CA LEU G 328 26.05 -80.38 15.50
C LEU G 328 25.38 -81.75 15.52
N ARG G 329 25.28 -82.37 14.35
CA ARG G 329 24.75 -83.72 14.23
C ARG G 329 25.67 -84.68 14.98
N ASN G 330 26.94 -84.29 15.08
CA ASN G 330 27.91 -85.01 15.89
C ASN G 330 27.56 -84.95 17.37
N GLY G 331 26.80 -83.94 17.74
CA GLY G 331 26.44 -83.71 19.12
C GLY G 331 27.47 -82.83 19.81
N GLU G 332 28.52 -82.49 19.07
CA GLU G 332 29.53 -81.56 19.55
C GLU G 332 29.25 -80.16 19.02
N THR G 333 29.08 -79.19 19.91
CA THR G 333 28.74 -77.85 19.49
C THR G 333 29.92 -77.12 18.83
N ARG G 334 29.60 -76.27 17.87
CA ARG G 334 30.59 -75.42 17.20
C ARG G 334 30.01 -74.06 16.83
N GLU G 335 30.77 -73.01 17.07
CA GLU G 335 30.37 -71.66 16.71
C GLU G 335 30.52 -71.42 15.21
N ARG G 336 29.71 -70.53 14.66
CA ARG G 336 29.97 -70.00 13.32
C ARG G 336 29.79 -68.49 13.30
N GLU G 337 30.70 -67.81 12.63
CA GLU G 337 30.56 -66.39 12.38
C GLU G 337 29.36 -66.21 11.49
N VAL G 338 28.55 -65.20 11.78
CA VAL G 338 27.38 -64.96 10.95
C VAL G 338 27.26 -63.49 10.62
N THR G 339 26.88 -63.21 9.38
CA THR G 339 26.66 -61.84 8.96
C THR G 339 25.20 -61.45 9.19
N ILE G 340 25.00 -60.40 9.98
CA ILE G 340 23.67 -59.91 10.32
C ILE G 340 23.63 -58.39 10.42
N GLY G 341 22.75 -57.77 9.65
CA GLY G 341 22.53 -56.34 9.72
C GLY G 341 21.13 -56.08 10.21
N ALA G 342 20.16 -56.71 9.57
CA ALA G 342 18.78 -56.62 9.98
C ALA G 342 18.59 -57.25 11.35
N ARG G 343 17.73 -56.62 12.15
CA ARG G 343 17.53 -57.06 13.53
C ARG G 343 16.16 -56.60 14.02
N ASN G 344 15.59 -57.36 14.94
CA ASN G 344 14.31 -56.98 15.54
C ASN G 344 14.45 -56.84 17.04
N ASP G 345 13.38 -56.41 17.68
CA ASP G 345 13.37 -56.24 19.13
C ASP G 345 13.63 -57.56 19.84
N THR G 346 13.19 -58.65 19.22
CA THR G 346 13.33 -59.98 19.81
C THR G 346 14.45 -60.79 19.16
N ASP G 347 14.75 -60.50 17.90
CA ASP G 347 15.68 -61.31 17.12
C ASP G 347 16.57 -60.47 16.22
N VAL G 348 17.63 -61.07 15.71
CA VAL G 348 18.41 -60.49 14.62
C VAL G 348 18.26 -61.34 13.37
N GLU G 349 17.94 -60.72 12.25
CA GLU G 349 17.71 -61.48 11.03
C GLU G 349 19.00 -62.06 10.46
N ILE G 350 19.04 -63.38 10.28
CA ILE G 350 20.21 -64.00 9.66
C ILE G 350 19.89 -64.60 8.29
N VAL G 351 20.12 -63.81 7.26
CA VAL G 351 19.95 -64.28 5.90
C VAL G 351 20.98 -65.35 5.59
N LYS G 352 22.16 -65.25 6.21
CA LYS G 352 23.28 -66.14 5.93
C LYS G 352 24.19 -66.29 7.14
N GLY G 353 24.78 -67.48 7.28
CA GLY G 353 25.71 -67.74 8.36
C GLY G 353 25.46 -69.03 9.11
N LEU G 354 24.22 -69.53 9.03
CA LEU G 354 23.88 -70.79 9.68
C LEU G 354 23.00 -71.68 8.81
N GLU G 355 23.42 -72.92 8.64
CA GLU G 355 22.62 -73.93 7.94
C GLU G 355 21.33 -74.22 8.70
N ALA G 356 20.24 -74.37 7.95
CA ALA G 356 18.92 -74.54 8.52
C ALA G 356 18.79 -75.83 9.31
N GLY G 357 18.05 -75.76 10.41
CA GLY G 357 17.74 -76.93 11.20
C GLY G 357 18.81 -77.27 12.22
N ASP G 358 19.92 -76.54 12.19
CA ASP G 358 20.96 -76.73 13.20
C ASP G 358 20.41 -76.28 14.55
N GLU G 359 20.63 -77.05 15.59
CA GLU G 359 20.19 -76.60 16.91
C GLU G 359 21.15 -75.57 17.45
N VAL G 360 20.64 -74.64 18.25
CA VAL G 360 21.48 -73.58 18.78
C VAL G 360 21.35 -73.47 20.29
N VAL G 361 22.47 -73.18 20.95
CA VAL G 361 22.50 -73.12 22.39
C VAL G 361 22.07 -71.74 22.91
N ILE G 362 20.80 -71.64 23.28
CA ILE G 362 20.21 -70.38 23.70
C ILE G 362 20.85 -69.85 24.98
N GLY G 363 21.37 -70.76 25.80
CA GLY G 363 22.04 -70.37 27.03
C GLY G 363 23.43 -70.97 27.13
N GLU G 364 24.29 -70.33 27.92
CA GLU G 364 25.64 -70.82 28.23
C GLU G 364 26.39 -71.34 27.00
N ALA G 365 26.36 -70.57 25.93
CA ALA G 365 26.96 -70.98 24.66
C ALA G 365 28.46 -71.23 24.81
N LYS G 366 28.92 -72.36 24.27
CA LYS G 366 30.32 -72.74 24.38
C LYS G 366 30.80 -73.40 23.09
N PRO G 367 31.69 -72.71 22.34
CA PRO G 367 32.22 -73.32 21.13
C PRO G 367 33.00 -74.60 21.45
N GLY G 368 32.90 -75.60 20.59
CA GLY G 368 33.71 -76.80 20.74
C GLY G 368 33.30 -77.67 21.91
N ALA G 369 32.12 -77.39 22.47
CA ALA G 369 31.70 -78.06 23.69
C ALA G 369 30.38 -78.82 23.51
N ALA G 370 30.48 -80.13 23.44
CA ALA G 370 29.32 -80.99 23.23
C ALA G 370 28.33 -80.87 24.36
N GLN G 371 27.04 -80.96 24.05
CA GLN G 371 26.01 -80.98 25.07
C GLN G 371 26.00 -82.33 25.77
N PRO H 32 11.07 -66.95 55.41
CA PRO H 32 10.26 -65.98 54.68
C PRO H 32 8.90 -66.53 54.29
N VAL H 33 7.82 -66.00 54.86
CA VAL H 33 6.49 -66.51 54.57
C VAL H 33 6.05 -66.23 53.14
N PRO H 34 5.64 -67.28 52.44
CA PRO H 34 5.07 -67.26 51.09
C PRO H 34 3.71 -66.56 51.05
N THR H 35 3.10 -66.39 52.22
CA THR H 35 1.79 -65.74 52.33
C THR H 35 1.80 -64.33 51.73
N TYR H 36 0.77 -64.01 50.96
CA TYR H 36 0.71 -62.76 50.23
C TYR H 36 -0.59 -62.00 50.48
N GLN H 37 -0.55 -60.70 50.31
CA GLN H 37 -1.77 -59.89 50.35
C GLN H 37 -2.58 -60.17 49.09
N THR H 38 -3.83 -60.61 49.26
CA THR H 38 -4.63 -61.02 48.11
C THR H 38 -6.11 -60.81 48.33
N LEU H 39 -6.87 -60.75 47.23
CA LEU H 39 -8.27 -60.38 47.30
C LEU H 39 -9.13 -61.06 46.24
N ILE H 40 -10.35 -61.44 46.61
CA ILE H 40 -11.32 -61.96 45.66
C ILE H 40 -11.68 -60.90 44.63
N VAL H 41 -11.80 -61.30 43.37
CA VAL H 41 -12.20 -60.35 42.34
C VAL H 41 -13.66 -60.57 41.95
N ARG H 42 -14.40 -59.48 41.85
CA ARG H 42 -15.82 -59.57 41.51
C ARG H 42 -16.27 -58.49 40.51
N PRO H 43 -17.33 -58.80 39.74
CA PRO H 43 -17.99 -57.86 38.83
C PRO H 43 -18.61 -56.69 39.56
N GLY H 44 -18.62 -55.51 38.95
CA GLY H 44 -19.26 -54.37 39.57
C GLY H 44 -19.23 -53.07 38.79
N ASP H 45 -19.99 -52.09 39.27
CA ASP H 45 -20.03 -50.76 38.69
C ASP H 45 -18.70 -50.03 38.80
N LEU H 46 -18.35 -49.25 37.78
CA LEU H 46 -17.20 -48.36 37.86
C LEU H 46 -17.24 -47.31 36.77
N GLN H 47 -16.73 -46.12 37.09
CA GLN H 47 -16.62 -45.03 36.13
C GLN H 47 -15.60 -44.05 36.65
N GLN H 48 -15.22 -43.09 35.80
CA GLN H 48 -14.24 -42.07 36.18
C GLN H 48 -14.70 -40.69 35.73
N SER H 49 -14.42 -39.68 36.54
CA SER H 49 -14.79 -38.31 36.23
C SER H 49 -13.83 -37.70 35.22
N VAL H 50 -14.33 -36.71 34.46
CA VAL H 50 -13.51 -36.04 33.45
C VAL H 50 -13.20 -34.61 33.87
N LEU H 51 -12.82 -34.44 35.13
CA LEU H 51 -12.49 -33.11 35.65
C LEU H 51 -11.24 -32.56 34.99
N ALA H 52 -11.35 -31.34 34.47
CA ALA H 52 -10.23 -30.69 33.80
C ALA H 52 -10.21 -29.19 34.09
N THR H 53 -9.22 -28.49 33.52
CA THR H 53 -9.10 -27.06 33.71
C THR H 53 -9.96 -26.32 32.68
N GLY H 54 -10.57 -25.20 33.08
CA GLY H 54 -11.49 -24.52 32.20
C GLY H 54 -11.40 -23.00 32.16
N LYS H 55 -11.15 -22.47 30.98
CA LYS H 55 -11.18 -21.03 30.72
C LYS H 55 -12.64 -20.58 30.62
N LEU H 56 -12.91 -19.30 30.87
CA LEU H 56 -14.26 -18.77 30.74
C LEU H 56 -14.32 -17.54 29.84
N ASP H 57 -15.43 -17.38 29.11
CA ASP H 57 -15.59 -16.20 28.24
C ASP H 57 -17.05 -15.95 27.83
N ALA H 58 -17.28 -14.81 27.19
CA ALA H 58 -18.60 -14.37 26.77
C ALA H 58 -19.20 -15.25 25.68
N LEU H 59 -20.53 -15.30 25.63
CA LEU H 59 -21.24 -16.08 24.61
C LEU H 59 -20.97 -15.55 23.21
N ARG H 60 -20.74 -14.24 23.11
CA ARG H 60 -20.43 -13.63 21.82
C ARG H 60 -19.59 -12.37 22.02
N LYS H 61 -18.68 -12.12 21.09
CA LYS H 61 -17.71 -11.03 21.20
C LYS H 61 -17.39 -10.47 19.81
N VAL H 62 -17.15 -9.17 19.74
CA VAL H 62 -16.93 -8.48 18.47
C VAL H 62 -15.84 -7.41 18.60
N ASP H 63 -14.99 -7.30 17.58
CA ASP H 63 -14.00 -6.23 17.52
C ASP H 63 -14.39 -5.19 16.47
N VAL H 64 -15.05 -4.13 16.92
CA VAL H 64 -15.53 -3.07 16.03
C VAL H 64 -14.38 -2.32 15.34
N GLY H 65 -14.56 -1.98 14.07
CA GLY H 65 -13.55 -1.26 13.32
C GLY H 65 -14.09 -0.05 12.58
N ALA H 66 -13.28 0.54 11.71
CA ALA H 66 -13.69 1.70 10.93
C ALA H 66 -13.00 1.74 9.57
N GLN H 67 -13.80 1.82 8.51
CA GLN H 67 -13.28 1.82 7.14
C GLN H 67 -12.51 3.07 6.77
N VAL H 68 -12.84 4.21 7.36
CA VAL H 68 -12.31 5.48 6.88
C VAL H 68 -11.21 6.08 7.74
N SER H 69 -10.22 6.65 7.06
CA SER H 69 -9.17 7.41 7.73
C SER H 69 -9.74 8.72 8.23
N GLY H 70 -9.17 9.25 9.30
CA GLY H 70 -9.61 10.54 9.81
C GLY H 70 -9.45 10.65 11.31
N GLN H 71 -9.17 11.86 11.78
CA GLN H 71 -9.03 12.11 13.20
C GLN H 71 -10.32 11.81 13.94
N LEU H 72 -10.20 11.21 15.11
CA LEU H 72 -11.35 10.83 15.91
C LEU H 72 -11.75 11.96 16.85
N LYS H 73 -12.75 12.74 16.44
CA LYS H 73 -13.17 13.92 17.19
C LYS H 73 -13.72 13.62 18.58
N THR H 74 -14.36 12.47 18.73
CA THR H 74 -14.99 12.14 20.01
C THR H 74 -15.32 10.65 20.17
N LEU H 75 -15.45 10.22 21.41
CA LEU H 75 -15.90 8.88 21.74
C LEU H 75 -16.87 8.95 22.91
N SER H 76 -18.16 8.89 22.60
CA SER H 76 -19.21 9.25 23.55
C SER H 76 -19.29 8.36 24.80
N VAL H 77 -18.95 7.08 24.67
CA VAL H 77 -19.18 6.15 25.77
C VAL H 77 -17.91 5.71 26.52
N ALA H 78 -17.98 5.77 27.85
CA ALA H 78 -16.96 5.16 28.71
C ALA H 78 -17.22 3.66 28.82
N ILE H 79 -16.17 2.89 29.10
CA ILE H 79 -16.29 1.45 29.21
C ILE H 79 -17.18 1.02 30.38
N GLY H 80 -17.89 -0.09 30.18
CA GLY H 80 -18.74 -0.66 31.20
C GLY H 80 -20.18 -0.20 31.11
N ASP H 81 -20.42 0.82 30.30
CA ASP H 81 -21.78 1.25 30.01
C ASP H 81 -22.44 0.24 29.07
N LYS H 82 -23.74 0.05 29.24
CA LYS H 82 -24.51 -0.76 28.29
C LYS H 82 -24.74 0.02 27.00
N VAL H 83 -24.80 -0.69 25.87
CA VAL H 83 -25.20 -0.07 24.61
C VAL H 83 -26.17 -0.96 23.83
N LYS H 84 -27.30 -0.37 23.45
CA LYS H 84 -28.27 -1.03 22.59
C LYS H 84 -27.80 -1.03 21.13
N LYS H 85 -28.32 -1.97 20.35
CA LYS H 85 -27.91 -2.12 18.95
C LYS H 85 -28.16 -0.84 18.14
N ASP H 86 -27.24 -0.55 17.24
CA ASP H 86 -27.27 0.64 16.38
C ASP H 86 -27.23 1.96 17.15
N GLN H 87 -26.71 1.93 18.37
CA GLN H 87 -26.46 3.16 19.11
C GLN H 87 -25.22 3.86 18.55
N LEU H 88 -25.22 5.19 18.59
CA LEU H 88 -24.06 5.96 18.16
C LEU H 88 -22.90 5.72 19.13
N LEU H 89 -21.68 5.70 18.60
CA LEU H 89 -20.49 5.52 19.44
C LEU H 89 -19.48 6.64 19.21
N GLY H 90 -18.38 6.31 18.56
CA GLY H 90 -17.37 7.29 18.21
C GLY H 90 -17.80 8.07 16.98
N VAL H 91 -17.14 9.20 16.72
CA VAL H 91 -17.45 10.01 15.56
C VAL H 91 -16.18 10.50 14.89
N ILE H 92 -15.76 9.81 13.84
CA ILE H 92 -14.62 10.23 13.04
C ILE H 92 -15.02 11.49 12.27
N ASP H 93 -14.06 12.37 11.99
CA ASP H 93 -14.34 13.66 11.35
C ASP H 93 -14.96 13.49 9.96
N PRO H 94 -16.11 14.14 9.74
CA PRO H 94 -16.86 14.00 8.49
C PRO H 94 -16.84 15.22 7.56
N GLU H 95 -15.89 16.13 7.73
CA GLU H 95 -15.88 17.35 6.93
C GLU H 95 -15.72 17.05 5.45
N GLN H 96 -14.92 16.04 5.15
CA GLN H 96 -14.58 15.70 3.78
C GLN H 96 -15.80 15.17 3.02
N ALA H 97 -16.49 14.23 3.65
CA ALA H 97 -17.65 13.62 3.03
C ALA H 97 -18.72 14.67 2.77
N GLU H 98 -18.82 15.64 3.68
CA GLU H 98 -19.73 16.76 3.49
C GLU H 98 -19.30 17.57 2.28
N ASN H 99 -17.99 17.67 2.07
CA ASN H 99 -17.49 18.41 0.93
C ASN H 99 -17.86 17.73 -0.40
N GLN H 100 -17.62 16.43 -0.51
CA GLN H 100 -18.01 15.75 -1.74
C GLN H 100 -19.53 15.74 -1.92
N ILE H 101 -20.28 15.72 -0.82
CA ILE H 101 -21.73 15.77 -0.92
C ILE H 101 -22.21 17.10 -1.49
N LYS H 102 -21.67 18.21 -0.98
CA LYS H 102 -22.05 19.51 -1.52
C LYS H 102 -21.64 19.64 -2.97
N GLU H 103 -20.51 19.02 -3.32
CA GLU H 103 -20.03 19.05 -4.70
C GLU H 103 -21.01 18.32 -5.63
N VAL H 104 -21.40 17.12 -5.24
CA VAL H 104 -22.33 16.33 -6.05
C VAL H 104 -23.69 17.02 -6.17
N GLU H 105 -24.13 17.65 -5.08
CA GLU H 105 -25.40 18.37 -5.12
C GLU H 105 -25.32 19.55 -6.09
N ALA H 106 -24.13 20.17 -6.14
CA ALA H 106 -23.92 21.25 -7.11
C ALA H 106 -23.99 20.71 -8.54
N THR H 107 -23.51 19.49 -8.73
CA THR H 107 -23.57 18.86 -10.05
C THR H 107 -25.02 18.60 -10.46
N LEU H 108 -25.82 18.09 -9.51
CA LEU H 108 -27.22 17.85 -9.78
C LEU H 108 -27.94 19.15 -10.09
N MET H 109 -27.51 20.25 -9.46
CA MET H 109 -28.08 21.55 -9.80
C MET H 109 -27.71 21.95 -11.23
N GLU H 110 -26.48 21.60 -11.63
CA GLU H 110 -26.01 21.90 -12.97
C GLU H 110 -26.87 21.21 -14.01
N LEU H 111 -27.11 19.92 -13.83
CA LEU H 111 -28.00 19.21 -14.73
C LEU H 111 -29.42 19.72 -14.61
N ARG H 112 -29.78 20.20 -13.43
CA ARG H 112 -31.12 20.70 -13.17
C ARG H 112 -31.42 21.93 -14.02
N ALA H 113 -30.38 22.71 -14.34
CA ALA H 113 -30.55 23.83 -15.27
C ALA H 113 -30.40 23.39 -16.73
N GLN H 114 -29.42 22.53 -16.97
CA GLN H 114 -29.10 22.13 -18.34
C GLN H 114 -30.29 21.40 -18.98
N ARG H 115 -31.06 20.69 -18.15
CA ARG H 115 -32.32 20.12 -18.62
C ARG H 115 -33.34 21.20 -18.95
N GLN H 116 -33.33 22.28 -18.16
CA GLN H 116 -34.28 23.36 -18.34
C GLN H 116 -34.07 24.04 -19.68
N GLN H 117 -32.84 24.03 -20.18
CA GLN H 117 -32.59 24.52 -21.54
C GLN H 117 -33.32 23.70 -22.63
N ALA H 118 -33.11 22.39 -22.57
CA ALA H 118 -33.68 21.49 -23.56
C ALA H 118 -35.20 21.49 -23.47
N GLU H 119 -35.71 21.76 -22.27
CA GLU H 119 -37.15 21.86 -22.07
C GLU H 119 -37.74 23.00 -22.89
N ALA H 120 -36.96 24.06 -23.08
CA ALA H 120 -37.39 25.18 -23.90
C ALA H 120 -37.24 24.89 -25.39
N GLU H 121 -36.10 24.29 -25.74
CA GLU H 121 -35.88 23.99 -27.16
C GLU H 121 -36.92 23.00 -27.69
N LEU H 122 -37.35 22.09 -26.83
CA LEU H 122 -38.40 21.14 -27.20
C LEU H 122 -39.71 21.87 -27.48
N LYS H 123 -39.97 22.95 -26.75
CA LYS H 123 -41.16 23.75 -27.00
C LYS H 123 -41.05 24.41 -28.36
N LEU H 124 -39.84 24.87 -28.68
CA LEU H 124 -39.66 25.55 -29.96
C LEU H 124 -39.88 24.58 -31.13
N ALA H 125 -39.26 23.41 -31.05
CA ALA H 125 -39.38 22.43 -32.14
C ALA H 125 -40.81 21.92 -32.30
N ARG H 126 -41.52 21.81 -31.19
CA ARG H 126 -42.89 21.29 -31.22
C ARG H 126 -43.85 22.31 -31.82
N VAL H 127 -43.74 23.56 -31.37
CA VAL H 127 -44.60 24.61 -31.93
C VAL H 127 -44.30 24.77 -33.41
N THR H 128 -43.02 24.63 -33.77
CA THR H 128 -42.64 24.73 -35.17
C THR H 128 -43.24 23.58 -35.99
N TYR H 129 -43.29 22.40 -35.39
CA TYR H 129 -43.82 21.24 -36.10
C TYR H 129 -45.32 21.33 -36.32
N SER H 130 -46.06 21.65 -35.26
CA SER H 130 -47.51 21.75 -35.40
C SER H 130 -47.90 22.90 -36.32
N ARG H 131 -47.15 24.00 -36.21
CA ARG H 131 -47.41 25.17 -37.03
C ARG H 131 -47.02 24.94 -38.48
N GLN H 132 -46.16 23.96 -38.74
CA GLN H 132 -45.95 23.50 -40.11
C GLN H 132 -47.09 22.60 -40.59
N GLN H 133 -47.51 21.65 -39.76
CA GLN H 133 -48.53 20.68 -40.16
C GLN H 133 -49.89 21.30 -40.45
N ARG H 134 -50.24 22.33 -39.67
CA ARG H 134 -51.54 23.00 -39.83
C ARG H 134 -51.65 23.63 -41.21
N LEU H 135 -50.53 24.03 -41.78
CA LEU H 135 -50.52 24.53 -43.14
C LEU H 135 -50.38 23.33 -44.07
N ALA H 136 -49.72 22.29 -43.58
CA ALA H 136 -49.38 21.12 -44.40
C ALA H 136 -50.60 20.33 -44.83
N GLN H 137 -51.71 20.50 -44.13
CA GLN H 137 -52.96 19.90 -44.61
C GLN H 137 -53.37 20.56 -45.94
N THR H 138 -52.87 21.77 -46.19
CA THR H 138 -53.15 22.48 -47.43
C THR H 138 -51.92 22.30 -48.36
N GLN H 139 -51.18 21.24 -48.11
CA GLN H 139 -49.96 20.91 -48.85
C GLN H 139 -48.88 21.98 -48.76
N ALA H 140 -48.41 22.24 -47.55
CA ALA H 140 -47.28 23.13 -47.34
C ALA H 140 -46.02 22.53 -47.94
N VAL H 141 -45.19 23.40 -48.50
CA VAL H 141 -43.81 23.11 -48.92
C VAL H 141 -43.37 21.65 -48.83
N SER H 142 -44.14 20.78 -49.48
CA SER H 142 -43.84 19.34 -49.53
C SER H 142 -43.79 18.67 -48.18
N GLN H 143 -43.45 17.38 -48.21
CA GLN H 143 -43.19 16.61 -47.01
C GLN H 143 -41.78 16.92 -46.54
N GLN H 144 -41.04 17.66 -47.36
CA GLN H 144 -39.65 18.00 -47.09
C GLN H 144 -39.46 18.67 -45.74
N ASP H 145 -40.06 19.85 -45.59
CA ASP H 145 -39.96 20.58 -44.32
C ASP H 145 -40.70 19.86 -43.20
N LEU H 146 -41.70 19.06 -43.55
CA LEU H 146 -42.37 18.24 -42.55
C LEU H 146 -41.39 17.20 -42.00
N ASP H 147 -40.53 16.68 -42.88
CA ASP H 147 -39.48 15.78 -42.45
C ASP H 147 -38.37 16.53 -41.72
N ASN H 148 -38.23 17.82 -42.04
CA ASN H 148 -37.23 18.65 -41.38
C ASN H 148 -37.68 19.10 -40.00
N ALA H 149 -38.96 18.96 -39.73
CA ALA H 149 -39.52 19.34 -38.44
C ALA H 149 -39.73 18.13 -37.57
N ALA H 150 -40.22 17.04 -38.17
CA ALA H 150 -40.52 15.82 -37.42
C ALA H 150 -39.26 15.18 -36.83
N THR H 151 -38.13 15.34 -37.50
CA THR H 151 -36.88 14.74 -37.03
C THR H 151 -36.21 15.57 -35.95
N GLU H 152 -36.22 16.89 -36.09
CA GLU H 152 -35.60 17.77 -35.10
C GLU H 152 -36.32 17.66 -33.77
N MET H 153 -37.63 17.49 -33.82
CA MET H 153 -38.42 17.29 -32.62
C MET H 153 -38.06 15.97 -31.95
N ALA H 154 -37.74 14.96 -32.76
CA ALA H 154 -37.30 13.68 -32.23
C ALA H 154 -35.95 13.85 -31.54
N VAL H 155 -35.14 14.75 -32.07
CA VAL H 155 -33.81 15.00 -31.51
C VAL H 155 -33.91 15.71 -30.18
N LYS H 156 -34.73 16.76 -30.12
CA LYS H 156 -34.95 17.47 -28.87
C LYS H 156 -35.62 16.56 -27.86
N GLN H 157 -36.42 15.61 -28.36
CA GLN H 157 -37.06 14.63 -27.50
C GLN H 157 -36.03 13.70 -26.87
N ALA H 158 -35.10 13.23 -27.68
CA ALA H 158 -34.05 12.35 -27.20
C ALA H 158 -33.06 13.06 -26.27
N GLN H 159 -32.90 14.37 -26.47
CA GLN H 159 -31.92 15.13 -25.71
C GLN H 159 -32.30 15.21 -24.23
N ILE H 160 -33.59 15.41 -23.95
CA ILE H 160 -34.06 15.50 -22.58
C ILE H 160 -33.88 14.18 -21.84
N GLY H 161 -34.03 13.06 -22.57
CA GLY H 161 -33.82 11.77 -21.97
C GLY H 161 -32.34 11.51 -21.75
N THR H 162 -31.52 12.03 -22.66
CA THR H 162 -30.08 11.92 -22.55
C THR H 162 -29.59 12.70 -21.33
N ILE H 163 -30.32 13.75 -20.98
CA ILE H 163 -30.01 14.52 -19.78
C ILE H 163 -30.54 13.81 -18.52
N ASP H 164 -31.74 13.25 -18.63
CA ASP H 164 -32.36 12.57 -17.50
C ASP H 164 -31.54 11.37 -17.08
N ALA H 165 -30.87 10.75 -18.04
CA ALA H 165 -29.95 9.66 -17.73
C ALA H 165 -28.76 10.17 -16.91
N GLN H 166 -28.33 11.39 -17.20
CA GLN H 166 -27.23 12.01 -16.44
C GLN H 166 -27.67 12.31 -15.02
N ILE H 167 -28.92 12.80 -14.89
CA ILE H 167 -29.46 13.07 -13.57
C ILE H 167 -29.58 11.76 -12.80
N LYS H 168 -29.87 10.69 -13.54
CA LYS H 168 -30.01 9.39 -12.93
C LYS H 168 -28.67 8.85 -12.43
N ARG H 169 -27.64 8.96 -13.26
CA ARG H 169 -26.32 8.48 -12.85
C ARG H 169 -25.73 9.31 -11.72
N ASN H 170 -26.04 10.61 -11.68
CA ASN H 170 -25.48 11.43 -10.63
C ASN H 170 -26.26 11.32 -9.32
N GLN H 171 -27.57 11.13 -9.41
CA GLN H 171 -28.33 10.79 -8.21
C GLN H 171 -27.89 9.42 -7.68
N ALA H 172 -27.53 8.53 -8.59
CA ALA H 172 -26.98 7.24 -8.19
C ALA H 172 -25.64 7.42 -7.50
N SER H 173 -24.86 8.40 -7.97
CA SER H 173 -23.59 8.73 -7.34
C SER H 173 -23.77 9.41 -5.99
N LEU H 174 -24.93 10.06 -5.81
CA LEU H 174 -25.19 10.78 -4.57
C LEU H 174 -25.27 9.82 -3.39
N ASP H 175 -25.80 8.63 -3.62
CA ASP H 175 -25.82 7.61 -2.59
C ASP H 175 -24.41 7.14 -2.26
N THR H 176 -23.56 7.13 -3.28
CA THR H 176 -22.14 6.81 -3.09
C THR H 176 -21.46 7.88 -2.26
N ALA H 177 -21.95 9.12 -2.39
CA ALA H 177 -21.40 10.21 -1.62
C ALA H 177 -21.84 10.11 -0.17
N LYS H 178 -23.14 9.91 0.04
CA LYS H 178 -23.70 9.83 1.38
C LYS H 178 -23.25 8.60 2.17
N THR H 179 -23.01 7.49 1.48
CA THR H 179 -22.67 6.25 2.17
C THR H 179 -21.33 6.34 2.88
N ASN H 180 -20.41 7.13 2.35
CA ASN H 180 -19.13 7.37 3.02
C ASN H 180 -19.31 8.13 4.32
N LEU H 181 -20.30 9.01 4.36
CA LEU H 181 -20.59 9.80 5.55
C LEU H 181 -21.04 8.92 6.71
N ASP H 182 -21.77 7.86 6.39
CA ASP H 182 -22.20 6.91 7.41
C ASP H 182 -21.04 6.12 7.99
N TYR H 183 -20.00 5.90 7.18
CA TYR H 183 -18.83 5.18 7.65
C TYR H 183 -18.06 5.97 8.71
N THR H 184 -18.11 7.28 8.64
CA THR H 184 -17.42 8.13 9.60
C THR H 184 -18.00 7.96 11.00
N ARG H 185 -19.30 7.70 11.07
CA ARG H 185 -19.94 7.47 12.36
C ARG H 185 -20.03 5.97 12.65
N ILE H 186 -19.69 5.60 13.88
CA ILE H 186 -19.64 4.21 14.26
C ILE H 186 -20.89 3.79 15.05
N VAL H 187 -21.53 2.72 14.61
CA VAL H 187 -22.66 2.15 15.34
C VAL H 187 -22.34 0.73 15.78
N ALA H 188 -22.87 0.34 16.93
CA ALA H 188 -22.60 -0.99 17.48
C ALA H 188 -23.37 -2.07 16.73
N PRO H 189 -22.65 -3.09 16.25
CA PRO H 189 -23.25 -4.26 15.59
C PRO H 189 -24.24 -5.01 16.49
N MET H 190 -24.00 -5.01 17.80
CA MET H 190 -24.82 -5.80 18.73
C MET H 190 -24.77 -5.27 20.15
N ALA H 191 -25.73 -5.69 20.96
CA ALA H 191 -25.82 -5.26 22.36
C ALA H 191 -24.71 -5.84 23.21
N GLY H 192 -24.37 -5.12 24.29
CA GLY H 192 -23.36 -5.56 25.24
C GLY H 192 -22.65 -4.37 25.87
N GLU H 193 -21.91 -4.62 26.94
CA GLU H 193 -21.11 -3.55 27.54
C GLU H 193 -19.74 -3.44 26.88
N VAL H 194 -19.14 -2.25 26.95
CA VAL H 194 -17.87 -2.00 26.28
C VAL H 194 -16.72 -2.58 27.09
N THR H 195 -16.25 -3.75 26.66
CA THR H 195 -15.21 -4.47 27.38
C THR H 195 -13.87 -3.75 27.40
N GLN H 196 -13.54 -3.01 26.34
CA GLN H 196 -12.25 -2.34 26.26
C GLN H 196 -12.19 -1.28 25.16
N ILE H 197 -11.34 -0.27 25.37
CA ILE H 197 -11.06 0.73 24.34
C ILE H 197 -9.58 0.78 24.02
N THR H 198 -9.22 0.30 22.84
CA THR H 198 -7.85 0.38 22.36
C THR H 198 -7.52 1.78 21.87
N THR H 199 -8.44 2.37 21.12
CA THR H 199 -8.22 3.69 20.53
C THR H 199 -8.82 4.80 21.39
N LEU H 200 -7.96 5.46 22.16
CA LEU H 200 -8.37 6.59 22.99
C LEU H 200 -8.67 7.83 22.15
N GLN H 201 -9.51 8.70 22.70
CA GLN H 201 -10.01 9.86 21.96
C GLN H 201 -8.92 10.83 21.53
N GLY H 202 -9.08 11.37 20.32
CA GLY H 202 -8.17 12.39 19.80
C GLY H 202 -7.04 11.85 18.97
N GLN H 203 -6.80 10.54 19.03
CA GLN H 203 -5.77 9.92 18.24
C GLN H 203 -6.09 9.94 16.75
N THR H 204 -5.09 10.24 15.93
CA THR H 204 -5.22 10.13 14.49
C THR H 204 -5.26 8.66 14.10
N VAL H 205 -6.04 8.30 13.09
CA VAL H 205 -6.12 6.92 12.65
C VAL H 205 -6.30 6.84 11.13
N ILE H 206 -5.67 5.83 10.52
CA ILE H 206 -5.73 5.66 9.08
C ILE H 206 -6.11 4.23 8.74
N ALA H 207 -7.05 4.08 7.81
CA ALA H 207 -7.61 2.77 7.50
C ALA H 207 -7.44 2.41 6.03
N ALA H 208 -6.28 2.73 5.47
CA ALA H 208 -5.99 2.37 4.08
C ALA H 208 -5.52 0.92 4.00
N GLN H 209 -5.31 0.31 5.17
CA GLN H 209 -4.76 -1.03 5.28
C GLN H 209 -5.53 -1.84 6.34
N GLN H 210 -4.87 -2.33 7.39
CA GLN H 210 -5.54 -3.22 8.33
C GLN H 210 -6.62 -2.43 9.07
N ALA H 211 -7.75 -3.08 9.34
CA ALA H 211 -8.85 -2.40 9.99
C ALA H 211 -8.45 -2.05 11.43
N PRO H 212 -8.58 -0.77 11.79
CA PRO H 212 -8.25 -0.33 13.15
C PRO H 212 -9.15 -0.97 14.20
N ASN H 213 -8.60 -1.25 15.37
CA ASN H 213 -9.38 -1.78 16.47
C ASN H 213 -9.77 -0.67 17.44
N ILE H 214 -10.94 -0.08 17.23
CA ILE H 214 -11.39 1.01 18.08
C ILE H 214 -11.79 0.55 19.47
N LEU H 215 -12.71 -0.40 19.54
CA LEU H 215 -13.19 -0.92 20.81
C LEU H 215 -13.90 -2.26 20.66
N THR H 216 -13.75 -3.12 21.65
CA THR H 216 -14.38 -4.43 21.63
C THR H 216 -15.71 -4.44 22.39
N LEU H 217 -16.53 -5.43 22.10
CA LEU H 217 -17.83 -5.60 22.75
C LEU H 217 -18.09 -7.06 23.01
N ALA H 218 -18.91 -7.37 24.02
CA ALA H 218 -19.25 -8.76 24.31
C ALA H 218 -20.56 -8.86 25.08
N ASP H 219 -21.38 -9.86 24.71
CA ASP H 219 -22.62 -10.10 25.43
C ASP H 219 -22.36 -10.97 26.66
N MET H 220 -22.99 -10.63 27.78
CA MET H 220 -22.76 -11.35 29.03
C MET H 220 -24.04 -11.81 29.71
N SER H 221 -25.05 -12.13 28.90
CA SER H 221 -26.26 -12.77 29.41
C SER H 221 -26.02 -14.26 29.62
N ALA H 222 -24.90 -14.73 29.10
CA ALA H 222 -24.49 -16.12 29.24
C ALA H 222 -22.97 -16.20 29.19
N MET H 223 -22.40 -17.29 29.72
CA MET H 223 -20.96 -17.42 29.76
C MET H 223 -20.48 -18.76 29.24
N LEU H 224 -20.01 -18.78 27.99
CA LEU H 224 -19.43 -19.98 27.42
C LEU H 224 -18.15 -20.35 28.15
N VAL H 225 -17.93 -21.65 28.32
CA VAL H 225 -16.68 -22.12 28.91
C VAL H 225 -15.82 -22.83 27.87
N LYS H 226 -14.51 -22.73 28.06
CA LYS H 226 -13.56 -23.50 27.29
C LYS H 226 -12.99 -24.58 28.21
N ALA H 227 -13.64 -25.74 28.19
CA ALA H 227 -13.18 -26.89 28.96
C ALA H 227 -12.19 -27.68 28.13
N GLN H 228 -10.91 -27.50 28.41
CA GLN H 228 -9.85 -28.14 27.62
C GLN H 228 -9.50 -29.55 28.11
N VAL H 229 -10.36 -30.51 27.78
CA VAL H 229 -10.11 -31.92 28.07
C VAL H 229 -8.90 -32.43 27.26
N SER H 230 -8.12 -33.32 27.88
CA SER H 230 -6.94 -33.91 27.25
C SER H 230 -7.30 -34.79 26.06
N GLU H 231 -6.37 -34.92 25.12
CA GLU H 231 -6.58 -35.67 23.89
C GLU H 231 -6.85 -37.16 24.15
N ALA H 232 -6.37 -37.66 25.28
CA ALA H 232 -6.54 -39.07 25.61
C ALA H 232 -8.00 -39.44 25.84
N ASP H 233 -8.80 -38.48 26.26
CA ASP H 233 -10.19 -38.74 26.62
C ASP H 233 -11.21 -38.21 25.61
N VAL H 234 -10.74 -37.60 24.53
CA VAL H 234 -11.63 -36.94 23.59
C VAL H 234 -12.53 -37.94 22.85
N ILE H 235 -12.07 -39.19 22.76
CA ILE H 235 -12.80 -40.22 22.05
C ILE H 235 -14.17 -40.46 22.65
N HIS H 236 -14.27 -40.31 23.98
CA HIS H 236 -15.56 -40.36 24.66
C HIS H 236 -16.25 -39.00 24.54
N LEU H 237 -16.84 -38.55 25.65
CA LEU H 237 -17.39 -37.20 25.74
C LEU H 237 -18.42 -36.93 24.64
N LYS H 238 -19.40 -37.82 24.52
CA LYS H 238 -20.49 -37.62 23.57
C LYS H 238 -21.37 -36.48 24.04
N PRO H 239 -21.88 -35.68 23.09
CA PRO H 239 -22.66 -34.48 23.40
C PRO H 239 -23.94 -34.79 24.19
N GLY H 240 -24.31 -33.89 25.08
CA GLY H 240 -25.43 -34.13 25.98
C GLY H 240 -25.07 -35.20 26.98
N GLN H 241 -24.36 -34.81 28.04
CA GLN H 241 -23.84 -35.78 29.00
C GLN H 241 -23.90 -35.25 30.44
N LYS H 242 -24.34 -34.00 30.60
CA LYS H 242 -24.43 -33.33 31.90
C LYS H 242 -23.06 -33.09 32.54
N ALA H 243 -22.78 -31.85 32.91
CA ALA H 243 -21.51 -31.54 33.56
C ALA H 243 -21.61 -30.29 34.42
N TRP H 244 -20.65 -30.10 35.33
CA TRP H 244 -20.67 -28.97 36.24
C TRP H 244 -19.30 -28.38 36.45
N PHE H 245 -19.23 -27.18 37.02
CA PHE H 245 -17.95 -26.53 37.29
C PHE H 245 -18.04 -25.60 38.50
N THR H 246 -16.87 -25.16 38.96
CA THR H 246 -16.78 -24.22 40.07
C THR H 246 -15.55 -23.32 39.95
N VAL H 247 -15.67 -22.10 40.46
CA VAL H 247 -14.57 -21.15 40.46
C VAL H 247 -13.72 -21.25 41.71
N LEU H 248 -12.43 -20.91 41.58
CA LEU H 248 -11.50 -20.94 42.70
C LEU H 248 -11.84 -19.91 43.78
N GLY H 249 -12.38 -18.78 43.37
CA GLY H 249 -12.55 -17.65 44.28
C GLY H 249 -13.72 -17.72 45.23
N ASP H 250 -14.71 -18.57 44.94
CA ASP H 250 -15.88 -18.67 45.79
C ASP H 250 -15.88 -20.06 46.45
N GLN H 251 -14.83 -20.83 46.14
CA GLN H 251 -14.65 -22.17 46.69
C GLN H 251 -15.81 -23.10 46.38
N LEU H 252 -16.92 -22.92 47.07
CA LEU H 252 -18.04 -23.85 46.94
C LEU H 252 -19.34 -23.15 46.53
N THR H 253 -19.53 -23.04 45.22
CA THR H 253 -20.77 -22.56 44.65
C THR H 253 -20.93 -23.21 43.28
N ARG H 254 -21.48 -24.42 43.27
CA ARG H 254 -21.55 -25.23 42.06
C ARG H 254 -22.42 -24.62 40.97
N TYR H 255 -21.91 -24.62 39.74
CA TYR H 255 -22.74 -24.34 38.57
C TYR H 255 -22.83 -25.60 37.73
N GLU H 256 -23.90 -25.74 36.95
CA GLU H 256 -24.06 -26.96 36.16
C GLU H 256 -24.94 -26.76 34.92
N GLY H 257 -24.76 -27.64 33.95
CA GLY H 257 -25.55 -27.60 32.73
C GLY H 257 -25.19 -28.69 31.74
N GLN H 258 -25.92 -28.72 30.62
CA GLN H 258 -25.62 -29.62 29.51
C GLN H 258 -24.35 -29.19 28.79
N ILE H 259 -23.54 -30.15 28.35
CA ILE H 259 -22.44 -29.84 27.45
C ILE H 259 -23.02 -29.53 26.07
N LYS H 260 -22.41 -28.61 25.34
CA LYS H 260 -22.95 -28.23 24.04
C LYS H 260 -22.37 -29.10 22.93
N ASP H 261 -21.07 -28.99 22.72
CA ASP H 261 -20.38 -29.77 21.70
C ASP H 261 -18.86 -29.75 21.91
N VAL H 262 -18.13 -30.11 20.88
CA VAL H 262 -16.67 -30.13 20.94
C VAL H 262 -16.07 -29.37 19.77
N LEU H 263 -15.13 -28.46 20.04
CA LEU H 263 -14.50 -27.70 18.96
C LEU H 263 -13.56 -28.60 18.14
N PRO H 264 -13.77 -28.62 16.82
CA PRO H 264 -12.98 -29.43 15.91
C PRO H 264 -11.48 -29.14 15.92
N THR H 265 -11.08 -27.89 16.15
CA THR H 265 -9.66 -27.56 16.08
C THR H 265 -8.98 -27.38 17.45
N PRO H 266 -8.08 -28.30 17.79
CA PRO H 266 -7.20 -28.27 18.96
C PRO H 266 -6.17 -27.15 18.89
N GLU H 267 -5.76 -26.62 20.04
CA GLU H 267 -4.59 -25.75 20.10
C GLU H 267 -3.63 -26.22 21.20
N LYS H 268 -2.48 -26.69 20.77
CA LYS H 268 -1.50 -27.29 21.69
C LYS H 268 -0.76 -26.27 22.55
N VAL H 269 -0.36 -26.70 23.74
CA VAL H 269 0.52 -25.92 24.59
C VAL H 269 1.81 -26.71 24.82
N ASN H 270 2.75 -26.54 23.90
CA ASN H 270 3.95 -27.38 23.84
C ASN H 270 3.59 -28.86 23.81
N ASP H 271 3.80 -29.53 24.94
CA ASP H 271 3.48 -30.94 25.05
C ASP H 271 1.97 -31.19 25.15
N ALA H 272 1.54 -32.35 24.66
CA ALA H 272 0.16 -32.83 24.80
C ALA H 272 -0.88 -31.96 24.09
N ILE H 273 -1.55 -32.55 23.11
CA ILE H 273 -2.65 -31.89 22.42
C ILE H 273 -3.89 -31.84 23.33
N PHE H 274 -4.70 -30.79 23.21
CA PHE H 274 -5.91 -30.66 24.01
C PHE H 274 -7.12 -30.28 23.15
N TYR H 275 -8.31 -30.67 23.61
CA TYR H 275 -9.53 -30.35 22.89
C TYR H 275 -10.54 -29.66 23.80
N TYR H 276 -11.24 -28.68 23.25
CA TYR H 276 -12.21 -27.89 24.00
C TYR H 276 -13.59 -28.52 24.10
N ALA H 277 -14.38 -28.00 25.03
CA ALA H 277 -15.80 -28.34 25.15
C ALA H 277 -16.50 -27.13 25.75
N ARG H 278 -17.79 -26.99 25.48
CA ARG H 278 -18.51 -25.79 25.91
C ARG H 278 -19.82 -26.07 26.64
N PHE H 279 -20.18 -25.15 27.52
CA PHE H 279 -21.46 -25.23 28.23
C PHE H 279 -22.33 -24.06 27.80
N GLU H 280 -23.30 -23.72 28.65
CA GLU H 280 -24.04 -22.47 28.50
C GLU H 280 -24.68 -22.11 29.83
N VAL H 281 -23.84 -21.73 30.79
CA VAL H 281 -24.30 -21.39 32.14
C VAL H 281 -25.00 -20.03 32.18
N PRO H 282 -26.17 -19.99 32.84
CA PRO H 282 -26.88 -18.73 33.13
C PRO H 282 -26.06 -17.83 34.04
N ASN H 283 -26.17 -16.52 33.88
CA ASN H 283 -25.38 -15.61 34.71
C ASN H 283 -26.20 -14.51 35.40
N PRO H 284 -26.95 -14.89 36.46
CA PRO H 284 -27.64 -13.94 37.33
C PRO H 284 -26.66 -13.10 38.14
N ASN H 285 -27.08 -11.90 38.52
CA ASN H 285 -26.39 -11.07 39.51
C ASN H 285 -25.09 -10.43 39.02
N GLY H 286 -24.74 -10.67 37.76
CA GLY H 286 -23.58 -10.00 37.17
C GLY H 286 -22.24 -10.59 37.55
N LEU H 287 -22.26 -11.77 38.18
CA LEU H 287 -21.05 -12.43 38.63
C LEU H 287 -20.27 -13.05 37.48
N LEU H 288 -19.10 -13.59 37.80
CA LEU H 288 -18.19 -14.25 36.86
C LEU H 288 -17.56 -13.28 35.86
N ARG H 289 -16.37 -12.81 36.20
CA ARG H 289 -15.56 -11.96 35.31
C ARG H 289 -14.98 -12.80 34.17
N LEU H 290 -14.65 -12.13 33.07
CA LEU H 290 -14.08 -12.80 31.91
C LEU H 290 -12.72 -13.44 32.21
N ASP H 291 -12.46 -14.57 31.55
CA ASP H 291 -11.20 -15.31 31.67
C ASP H 291 -10.88 -15.72 33.10
N MET H 292 -11.91 -15.89 33.92
CA MET H 292 -11.72 -16.43 35.26
C MET H 292 -11.37 -17.91 35.18
N THR H 293 -10.46 -18.37 36.02
CA THR H 293 -10.14 -19.78 36.10
C THR H 293 -11.36 -20.54 36.60
N ALA H 294 -11.60 -21.73 36.04
CA ALA H 294 -12.75 -22.52 36.46
C ALA H 294 -12.46 -24.02 36.42
N GLN H 295 -12.43 -24.65 37.60
CA GLN H 295 -12.30 -26.09 37.69
C GLN H 295 -13.55 -26.75 37.11
N VAL H 296 -13.36 -27.79 36.29
CA VAL H 296 -14.49 -28.37 35.56
C VAL H 296 -14.60 -29.89 35.70
N HIS H 297 -15.75 -30.35 36.17
CA HIS H 297 -15.99 -31.77 36.36
C HIS H 297 -16.87 -32.34 35.26
N ILE H 298 -16.62 -33.59 34.89
CA ILE H 298 -17.39 -34.24 33.83
C ILE H 298 -17.66 -35.70 34.18
N GLN H 299 -18.79 -36.23 33.70
CA GLN H 299 -19.17 -37.61 33.97
C GLN H 299 -18.64 -38.54 32.87
N LEU H 300 -18.44 -39.81 33.23
CA LEU H 300 -17.93 -40.79 32.29
C LEU H 300 -19.02 -41.81 31.92
N THR H 301 -19.04 -42.92 32.64
CA THR H 301 -20.02 -43.98 32.40
C THR H 301 -20.09 -44.95 33.57
N ASP H 302 -21.03 -45.88 33.50
CA ASP H 302 -21.20 -46.87 34.55
C ASP H 302 -21.05 -48.28 34.00
N VAL H 303 -19.83 -48.64 33.60
CA VAL H 303 -19.56 -50.00 33.20
C VAL H 303 -19.74 -50.92 34.40
N LYS H 304 -20.30 -52.10 34.17
CA LYS H 304 -20.50 -53.05 35.24
C LYS H 304 -20.15 -54.45 34.76
N ASN H 305 -20.29 -55.42 35.67
CA ASN H 305 -19.97 -56.82 35.36
C ASN H 305 -18.51 -57.03 35.01
N VAL H 306 -17.95 -56.09 34.25
CA VAL H 306 -16.54 -56.07 33.95
C VAL H 306 -15.75 -55.94 35.25
N LEU H 307 -14.68 -56.71 35.35
CA LEU H 307 -13.83 -56.72 36.53
C LEU H 307 -12.88 -55.53 36.55
N THR H 308 -12.42 -55.15 37.75
CA THR H 308 -11.45 -54.06 37.85
C THR H 308 -10.25 -54.40 38.75
N ILE H 309 -9.07 -54.36 38.15
CA ILE H 309 -7.82 -54.62 38.88
C ILE H 309 -7.31 -53.41 39.66
N PRO H 310 -6.92 -53.63 40.92
CA PRO H 310 -6.22 -52.62 41.71
C PRO H 310 -4.91 -52.21 41.06
N LEU H 311 -4.57 -50.93 41.15
CA LEU H 311 -3.48 -50.37 40.37
C LEU H 311 -2.12 -50.97 40.73
N SER H 312 -1.85 -51.06 42.03
CA SER H 312 -0.55 -51.52 42.51
C SER H 312 -0.29 -52.96 42.12
N ALA H 313 -1.36 -53.72 41.99
CA ALA H 313 -1.26 -55.15 41.75
C ALA H 313 -0.68 -55.48 40.38
N LEU H 314 -0.79 -54.56 39.45
CA LEU H 314 -0.47 -54.82 38.05
C LEU H 314 0.99 -55.15 37.76
N GLY H 315 1.22 -56.10 36.87
CA GLY H 315 2.51 -56.24 36.23
C GLY H 315 2.36 -55.76 34.81
N ASP H 316 3.22 -54.87 34.36
CA ASP H 316 3.02 -54.22 33.07
C ASP H 316 4.24 -54.22 32.16
N PRO H 317 4.56 -55.39 31.60
CA PRO H 317 5.64 -55.60 30.62
C PRO H 317 5.38 -54.87 29.31
N VAL H 318 6.46 -54.42 28.67
CA VAL H 318 6.41 -53.80 27.35
C VAL H 318 5.69 -52.44 27.36
N GLY H 319 4.75 -52.28 28.28
CA GLY H 319 3.87 -51.12 28.30
C GLY H 319 2.69 -51.40 27.41
N ASP H 320 2.71 -52.58 26.81
CA ASP H 320 1.60 -53.08 26.03
C ASP H 320 1.06 -54.30 26.75
N ASN H 321 1.96 -55.21 27.07
CA ASN H 321 1.59 -56.44 27.75
C ASN H 321 1.29 -56.15 29.21
N ARG H 322 0.49 -56.99 29.83
CA ARG H 322 0.06 -56.76 31.21
C ARG H 322 -0.03 -58.07 32.00
N TYR H 323 1.09 -58.58 32.50
CA TYR H 323 1.01 -59.80 33.29
C TYR H 323 0.36 -59.51 34.64
N LYS H 324 -0.41 -60.48 35.13
CA LYS H 324 -1.00 -60.34 36.45
C LYS H 324 -0.96 -61.63 37.25
N VAL H 325 -0.06 -61.68 38.22
CA VAL H 325 0.04 -62.80 39.13
C VAL H 325 -1.21 -62.86 39.99
N LYS H 326 -1.73 -64.06 40.19
CA LYS H 326 -2.93 -64.26 41.00
C LYS H 326 -2.72 -65.54 41.78
N LEU H 327 -3.60 -65.82 42.73
CA LEU H 327 -3.50 -67.09 43.44
C LEU H 327 -4.52 -68.13 42.95
N LEU H 328 -4.06 -69.37 42.76
CA LEU H 328 -4.95 -70.47 42.40
C LEU H 328 -5.49 -71.18 43.63
N ARG H 329 -6.48 -72.05 43.41
CA ARG H 329 -7.02 -72.89 44.47
C ARG H 329 -5.92 -73.81 44.99
N ASN H 330 -4.94 -74.08 44.14
CA ASN H 330 -3.81 -74.92 44.48
C ASN H 330 -2.96 -74.28 45.56
N GLY H 331 -3.13 -72.97 45.72
CA GLY H 331 -2.33 -72.21 46.66
C GLY H 331 -1.07 -71.75 45.98
N GLU H 332 -0.93 -72.14 44.71
CA GLU H 332 0.18 -71.67 43.89
C GLU H 332 -0.24 -70.47 43.06
N THR H 333 0.56 -69.42 43.10
CA THR H 333 0.32 -68.26 42.27
C THR H 333 0.68 -68.51 40.83
N ARG H 334 -0.05 -67.89 39.92
CA ARG H 334 0.25 -67.90 38.49
C ARG H 334 -0.18 -66.59 37.86
N GLU H 335 0.68 -66.03 37.01
CA GLU H 335 0.33 -64.83 36.27
C GLU H 335 -0.51 -65.15 35.04
N ARG H 336 -1.36 -64.21 34.64
CA ARG H 336 -1.96 -64.25 33.31
C ARG H 336 -1.85 -62.90 32.65
N GLU H 337 -1.39 -62.89 31.40
CA GLU H 337 -1.36 -61.68 30.60
C GLU H 337 -2.80 -61.24 30.36
N VAL H 338 -3.05 -59.95 30.44
CA VAL H 338 -4.41 -59.46 30.33
C VAL H 338 -4.49 -58.20 29.48
N THR H 339 -5.63 -58.02 28.84
CA THR H 339 -5.92 -56.76 28.18
C THR H 339 -6.76 -55.89 29.10
N ILE H 340 -6.44 -54.59 29.12
CA ILE H 340 -7.14 -53.65 29.98
C ILE H 340 -7.29 -52.33 29.26
N GLY H 341 -8.52 -51.83 29.21
CA GLY H 341 -8.79 -50.57 28.55
C GLY H 341 -8.70 -49.41 29.51
N ALA H 342 -9.80 -49.16 30.23
CA ALA H 342 -9.88 -48.01 31.11
C ALA H 342 -8.87 -48.06 32.24
N ARG H 343 -8.28 -46.90 32.51
CA ARG H 343 -7.35 -46.74 33.62
C ARG H 343 -7.95 -45.83 34.67
N ASN H 344 -9.12 -46.21 35.17
CA ASN H 344 -9.83 -45.40 36.14
C ASN H 344 -8.94 -45.16 37.35
N ASP H 345 -9.02 -43.95 37.89
CA ASP H 345 -7.99 -43.46 38.79
C ASP H 345 -7.79 -44.32 40.03
N THR H 346 -8.86 -44.96 40.49
CA THR H 346 -8.72 -45.85 41.62
C THR H 346 -8.19 -47.22 41.22
N ASP H 347 -8.75 -47.79 40.16
CA ASP H 347 -8.39 -49.12 39.67
C ASP H 347 -8.58 -49.16 38.16
N VAL H 348 -7.75 -49.94 37.47
CA VAL H 348 -7.92 -50.14 36.04
C VAL H 348 -9.08 -51.10 35.75
N GLU H 349 -9.72 -50.91 34.61
CA GLU H 349 -10.82 -51.77 34.20
C GLU H 349 -10.35 -52.93 33.32
N ILE H 350 -10.18 -54.11 33.93
CA ILE H 350 -9.82 -55.30 33.15
C ILE H 350 -11.03 -55.95 32.49
N VAL H 351 -10.93 -56.16 31.19
CA VAL H 351 -12.00 -56.83 30.46
C VAL H 351 -11.74 -58.32 30.29
N LYS H 352 -10.47 -58.70 30.18
CA LYS H 352 -10.12 -60.08 29.83
C LYS H 352 -8.85 -60.57 30.48
N GLY H 353 -8.67 -61.88 30.48
CA GLY H 353 -7.47 -62.51 31.00
C GLY H 353 -7.53 -62.98 32.45
N LEU H 354 -8.61 -62.63 33.14
CA LEU H 354 -8.80 -63.10 34.51
C LEU H 354 -10.25 -63.43 34.83
N GLU H 355 -10.46 -64.55 35.49
CA GLU H 355 -11.79 -64.97 35.93
C GLU H 355 -12.22 -64.27 37.22
N ALA H 356 -13.54 -64.13 37.39
CA ALA H 356 -14.09 -63.53 38.60
C ALA H 356 -14.00 -64.48 39.78
N GLY H 357 -13.88 -63.91 40.98
CA GLY H 357 -13.82 -64.69 42.20
C GLY H 357 -12.39 -65.08 42.52
N ASP H 358 -11.50 -64.83 41.58
CA ASP H 358 -10.08 -65.13 41.76
C ASP H 358 -9.46 -64.26 42.83
N GLU H 359 -8.65 -64.86 43.70
CA GLU H 359 -7.80 -64.06 44.58
C GLU H 359 -6.67 -63.45 43.79
N VAL H 360 -6.26 -62.24 44.17
CA VAL H 360 -5.18 -61.58 43.45
C VAL H 360 -4.11 -61.07 44.38
N VAL H 361 -2.92 -61.64 44.22
CA VAL H 361 -1.81 -61.35 45.11
C VAL H 361 -1.30 -59.93 44.88
N ILE H 362 -2.05 -58.98 45.42
CA ILE H 362 -1.75 -57.56 45.25
C ILE H 362 -0.43 -57.18 45.91
N GLY H 363 -0.07 -57.88 46.99
CA GLY H 363 1.15 -57.58 47.71
C GLY H 363 2.22 -58.62 47.51
N GLU H 364 3.46 -58.14 47.31
CA GLU H 364 4.67 -58.97 47.22
C GLU H 364 4.48 -60.23 46.35
N ALA H 365 3.86 -60.03 45.19
CA ALA H 365 3.52 -61.12 44.27
C ALA H 365 4.75 -61.78 43.65
N LYS H 366 4.66 -63.10 43.48
CA LYS H 366 5.65 -63.86 42.71
C LYS H 366 4.97 -64.87 41.79
N PRO H 367 5.25 -64.80 40.48
CA PRO H 367 4.67 -65.76 39.54
C PRO H 367 5.11 -67.18 39.85
N GLY H 368 4.22 -68.16 39.68
CA GLY H 368 4.60 -69.55 39.81
C GLY H 368 4.91 -69.97 41.24
N ALA H 369 4.51 -69.15 42.20
CA ALA H 369 4.91 -69.37 43.59
C ALA H 369 3.75 -69.72 44.50
N ALA H 370 3.84 -70.88 45.15
CA ALA H 370 2.87 -71.28 46.15
C ALA H 370 2.95 -70.38 47.38
N GLN H 371 1.81 -70.07 48.00
CA GLN H 371 1.82 -69.27 49.21
C GLN H 371 1.98 -70.17 50.43
N PRO I 32 14.34 -26.70 83.31
CA PRO I 32 13.69 -26.19 82.09
C PRO I 32 12.51 -25.28 82.40
N VAL I 33 12.61 -24.00 82.06
CA VAL I 33 11.53 -23.06 82.33
C VAL I 33 10.29 -23.34 81.49
N PRO I 34 9.12 -23.37 82.15
CA PRO I 34 7.82 -23.55 81.50
C PRO I 34 7.32 -22.24 80.90
N THR I 35 8.23 -21.32 80.65
CA THR I 35 7.87 -19.99 80.17
C THR I 35 7.16 -20.08 78.83
N TYR I 36 6.05 -19.36 78.71
CA TYR I 36 5.24 -19.41 77.50
C TYR I 36 4.90 -18.00 77.03
N GLN I 37 5.11 -17.73 75.75
CA GLN I 37 4.64 -16.48 75.18
C GLN I 37 3.13 -16.47 75.22
N THR I 38 2.55 -15.33 75.60
CA THR I 38 1.11 -15.28 75.81
C THR I 38 0.54 -13.88 75.63
N LEU I 39 -0.78 -13.81 75.46
CA LEU I 39 -1.44 -12.55 75.17
C LEU I 39 -2.80 -12.42 75.86
N ILE I 40 -3.25 -11.19 76.02
CA ILE I 40 -4.57 -10.91 76.56
C ILE I 40 -5.59 -10.77 75.45
N VAL I 41 -6.36 -11.81 75.21
CA VAL I 41 -7.34 -11.78 74.14
C VAL I 41 -8.44 -10.76 74.41
N ARG I 42 -8.87 -10.09 73.35
CA ARG I 42 -9.95 -9.10 73.44
C ARG I 42 -10.89 -9.23 72.25
N PRO I 43 -12.17 -8.84 72.43
CA PRO I 43 -13.13 -8.82 71.33
C PRO I 43 -12.81 -7.72 70.32
N GLY I 44 -11.58 -7.71 69.83
CA GLY I 44 -11.07 -6.62 69.02
C GLY I 44 -11.42 -6.68 67.55
N ASP I 45 -11.13 -5.60 66.85
CA ASP I 45 -11.36 -5.49 65.42
C ASP I 45 -10.31 -6.20 64.59
N LEU I 46 -10.70 -6.66 63.40
CA LEU I 46 -9.74 -7.04 62.38
C LEU I 46 -10.39 -7.01 61.00
N GLN I 47 -10.23 -5.88 60.32
CA GLN I 47 -10.62 -5.77 58.94
C GLN I 47 -9.74 -6.69 58.10
N GLN I 48 -10.32 -7.31 57.08
CA GLN I 48 -9.50 -8.07 56.15
C GLN I 48 -8.63 -7.11 55.37
N SER I 49 -7.43 -7.57 54.99
CA SER I 49 -6.51 -6.74 54.23
C SER I 49 -6.13 -7.41 52.91
N VAL I 50 -6.70 -6.92 51.82
CA VAL I 50 -6.43 -7.46 50.50
C VAL I 50 -5.39 -6.63 49.76
N LEU I 51 -4.32 -6.26 50.46
CA LEU I 51 -3.25 -5.45 49.88
C LEU I 51 -2.82 -6.02 48.52
N ALA I 52 -2.78 -5.14 47.51
CA ALA I 52 -2.40 -5.56 46.16
C ALA I 52 -1.45 -4.54 45.54
N THR I 53 -0.54 -5.02 44.70
CA THR I 53 0.42 -4.16 44.03
C THR I 53 -0.32 -3.22 43.08
N GLY I 54 0.14 -1.98 42.97
CA GLY I 54 -0.58 -0.98 42.19
C GLY I 54 0.27 -0.12 41.27
N LYS I 55 0.02 -0.25 39.98
CA LYS I 55 0.62 0.62 38.96
C LYS I 55 -0.04 1.99 39.01
N LEU I 56 0.63 3.03 38.55
CA LEU I 56 0.06 4.37 38.55
C LEU I 56 0.08 5.00 37.15
N ASP I 57 -0.95 5.77 36.81
CA ASP I 57 -0.98 6.47 35.52
C ASP I 57 -1.90 7.69 35.52
N ALA I 58 -1.80 8.49 34.47
CA ALA I 58 -2.56 9.72 34.33
C ALA I 58 -4.04 9.46 34.11
N LEU I 59 -4.88 10.43 34.49
CA LEU I 59 -6.33 10.31 34.34
C LEU I 59 -6.72 10.15 32.87
N ARG I 60 -5.95 10.75 31.99
CA ARG I 60 -6.16 10.60 30.56
C ARG I 60 -4.85 10.77 29.79
N LYS I 61 -4.70 9.98 28.74
CA LYS I 61 -3.47 9.97 27.95
C LYS I 61 -3.80 9.82 26.47
N VAL I 62 -3.26 10.72 25.65
CA VAL I 62 -3.59 10.74 24.23
C VAL I 62 -2.37 10.85 23.33
N ASP I 63 -2.15 9.84 22.51
CA ASP I 63 -1.13 9.89 21.47
C ASP I 63 -1.62 10.76 20.32
N VAL I 64 -0.69 11.42 19.62
CA VAL I 64 -1.08 12.34 18.54
C VAL I 64 -0.35 12.05 17.24
N GLY I 65 -1.11 12.01 16.15
CA GLY I 65 -0.54 11.76 14.84
C GLY I 65 -0.86 12.81 13.80
N ALA I 66 -0.47 12.56 12.55
CA ALA I 66 -0.73 13.49 11.46
C ALA I 66 -1.11 12.74 10.20
N GLN I 67 -2.17 13.21 9.53
CA GLN I 67 -2.69 12.54 8.36
C GLN I 67 -1.80 12.63 7.12
N VAL I 68 -1.00 13.68 7.02
CA VAL I 68 -0.28 13.96 5.78
C VAL I 68 1.23 13.71 5.83
N SER I 69 1.77 13.27 4.71
CA SER I 69 3.22 13.12 4.55
C SER I 69 3.89 14.48 4.38
N GLY I 70 5.15 14.58 4.80
CA GLY I 70 5.91 15.81 4.60
C GLY I 70 6.93 16.07 5.68
N GLN I 71 8.01 16.75 5.32
CA GLN I 71 9.08 17.05 6.26
C GLN I 71 8.59 17.95 7.39
N LEU I 72 9.02 17.66 8.61
CA LEU I 72 8.62 18.42 9.78
C LEU I 72 9.56 19.60 9.98
N LYS I 73 9.13 20.78 9.51
CA LYS I 73 9.97 21.97 9.56
C LYS I 73 10.28 22.42 10.98
N THR I 74 9.34 22.21 11.90
CA THR I 74 9.52 22.66 13.28
C THR I 74 8.60 21.97 14.28
N LEU I 75 9.01 22.00 15.55
CA LEU I 75 8.22 21.48 16.65
C LEU I 75 8.46 22.37 17.87
N SER I 76 7.66 23.41 18.00
CA SER I 76 7.93 24.49 18.95
C SER I 76 7.92 24.06 20.42
N VAL I 77 7.05 23.13 20.77
CA VAL I 77 6.93 22.72 22.17
C VAL I 77 8.13 21.91 22.66
N ALA I 78 8.54 22.20 23.89
CA ALA I 78 9.51 21.37 24.58
C ALA I 78 8.77 20.47 25.57
N ILE I 79 9.34 19.33 25.89
CA ILE I 79 8.70 18.42 26.83
C ILE I 79 8.61 19.02 28.22
N GLY I 80 7.47 18.78 28.88
CA GLY I 80 7.25 19.28 30.23
C GLY I 80 6.56 20.63 30.22
N ASP I 81 6.50 21.27 29.06
CA ASP I 81 5.75 22.51 28.92
C ASP I 81 4.25 22.26 28.96
N LYS I 82 3.51 23.16 29.60
CA LYS I 82 2.06 23.10 29.57
C LYS I 82 1.54 23.52 28.20
N VAL I 83 0.45 22.89 27.75
CA VAL I 83 -0.20 23.30 26.52
C VAL I 83 -1.72 23.36 26.68
N LYS I 84 -2.29 24.51 26.37
CA LYS I 84 -3.74 24.69 26.35
C LYS I 84 -4.34 24.07 25.10
N LYS I 85 -5.63 23.73 25.16
CA LYS I 85 -6.31 23.05 24.07
C LYS I 85 -6.26 23.88 22.78
N ASP I 86 -6.12 23.17 21.66
CA ASP I 86 -6.03 23.76 20.33
C ASP I 86 -4.83 24.70 20.14
N GLN I 87 -3.80 24.53 20.96
CA GLN I 87 -2.56 25.25 20.76
C GLN I 87 -1.78 24.64 19.61
N LEU I 88 -1.06 25.46 18.86
CA LEU I 88 -0.24 24.96 17.75
C LEU I 88 0.90 24.11 18.29
N LEU I 89 1.27 23.07 17.56
CA LEU I 89 2.37 22.20 17.96
C LEU I 89 3.46 22.14 16.90
N GLY I 90 3.55 21.02 16.21
CA GLY I 90 4.49 20.88 15.11
C GLY I 90 3.94 21.46 13.82
N VAL I 91 4.78 21.60 12.81
CA VAL I 91 4.36 22.13 11.52
C VAL I 91 5.00 21.35 10.38
N ILE I 92 4.21 20.47 9.76
CA ILE I 92 4.65 19.76 8.57
C ILE I 92 4.63 20.73 7.40
N ASP I 93 5.50 20.53 6.41
CA ASP I 93 5.67 21.48 5.31
C ASP I 93 4.39 21.64 4.50
N PRO I 94 3.95 22.89 4.32
CA PRO I 94 2.66 23.20 3.68
C PRO I 94 2.76 23.76 2.26
N GLU I 95 3.90 23.60 1.59
CA GLU I 95 4.05 24.18 0.25
C GLU I 95 3.05 23.61 -0.75
N GLN I 96 2.79 22.31 -0.63
CA GLN I 96 1.96 21.60 -1.60
C GLN I 96 0.51 22.07 -1.52
N ALA I 97 -0.01 22.11 -0.30
CA ALA I 97 -1.41 22.49 -0.08
C ALA I 97 -1.64 23.92 -0.57
N GLU I 98 -0.64 24.77 -0.39
CA GLU I 98 -0.71 26.13 -0.90
C GLU I 98 -0.73 26.11 -2.43
N ASN I 99 -0.04 25.15 -3.01
CA ASN I 99 -0.04 25.04 -4.46
C ASN I 99 -1.42 24.66 -5.00
N GLN I 100 -2.06 23.64 -4.41
CA GLN I 100 -3.41 23.32 -4.86
C GLN I 100 -4.39 24.45 -4.55
N ILE I 101 -4.16 25.20 -3.48
CA ILE I 101 -5.03 26.33 -3.17
C ILE I 101 -4.96 27.40 -4.25
N LYS I 102 -3.74 27.77 -4.65
CA LYS I 102 -3.58 28.77 -5.70
C LYS I 102 -4.16 28.26 -7.02
N GLU I 103 -4.04 26.96 -7.25
CA GLU I 103 -4.59 26.36 -8.46
C GLU I 103 -6.10 26.49 -8.50
N VAL I 104 -6.76 26.12 -7.40
CA VAL I 104 -8.20 26.18 -7.33
C VAL I 104 -8.70 27.63 -7.41
N GLU I 105 -7.96 28.56 -6.81
CA GLU I 105 -8.34 29.96 -6.90
C GLU I 105 -8.24 30.44 -8.35
N ALA I 106 -7.25 29.93 -9.07
CA ALA I 106 -7.14 30.25 -10.48
C ALA I 106 -8.33 29.69 -11.27
N THR I 107 -8.82 28.52 -10.86
CA THR I 107 -10.01 27.96 -11.51
C THR I 107 -11.25 28.82 -11.26
N LEU I 108 -11.39 29.29 -10.03
CA LEU I 108 -12.50 30.17 -9.70
C LEU I 108 -12.41 31.47 -10.48
N MET I 109 -11.18 31.93 -10.75
CA MET I 109 -11.03 33.10 -11.59
C MET I 109 -11.48 32.81 -13.02
N GLU I 110 -11.19 31.59 -13.48
CA GLU I 110 -11.57 31.17 -14.82
C GLU I 110 -13.07 31.22 -15.00
N LEU I 111 -13.79 30.61 -14.06
CA LEU I 111 -15.25 30.66 -14.12
C LEU I 111 -15.76 32.07 -13.88
N ARG I 112 -14.98 32.86 -13.14
CA ARG I 112 -15.34 34.24 -12.85
C ARG I 112 -15.40 35.07 -14.12
N ALA I 113 -14.54 34.75 -15.09
CA ALA I 113 -14.62 35.42 -16.38
C ALA I 113 -15.65 34.77 -17.32
N GLN I 114 -15.67 33.44 -17.29
CA GLN I 114 -16.53 32.71 -18.22
C GLN I 114 -18.00 33.03 -17.95
N ARG I 115 -18.34 33.32 -16.69
CA ARG I 115 -19.66 33.82 -16.37
C ARG I 115 -19.89 35.21 -16.93
N GLN I 116 -18.85 36.02 -16.95
CA GLN I 116 -18.94 37.39 -17.43
C GLN I 116 -19.27 37.41 -18.92
N GLN I 117 -18.84 36.37 -19.63
CA GLN I 117 -19.25 36.24 -21.05
C GLN I 117 -20.77 36.07 -21.22
N ALA I 118 -21.32 35.10 -20.50
CA ALA I 118 -22.74 34.79 -20.58
C ALA I 118 -23.58 35.96 -20.07
N GLU I 119 -22.99 36.73 -19.17
CA GLU I 119 -23.67 37.91 -18.65
C GLU I 119 -23.90 38.92 -19.77
N ALA I 120 -22.98 38.97 -20.73
CA ALA I 120 -23.13 39.87 -21.87
C ALA I 120 -24.10 39.30 -22.90
N GLU I 121 -23.98 38.00 -23.16
CA GLU I 121 -24.88 37.40 -24.16
C GLU I 121 -26.34 37.47 -23.70
N LEU I 122 -26.55 37.38 -22.40
CA LEU I 122 -27.90 37.50 -21.85
C LEU I 122 -28.46 38.89 -22.08
N LYS I 123 -27.59 39.91 -22.03
CA LYS I 123 -28.02 41.27 -22.33
C LYS I 123 -28.41 41.38 -23.79
N LEU I 124 -27.64 40.74 -24.66
CA LEU I 124 -27.92 40.82 -26.09
C LEU I 124 -29.27 40.18 -26.41
N ALA I 125 -29.49 38.97 -25.91
CA ALA I 125 -30.73 38.25 -26.20
C ALA I 125 -31.95 38.96 -25.62
N ARG I 126 -31.78 39.57 -24.45
CA ARG I 126 -32.90 40.22 -23.78
C ARG I 126 -33.29 41.51 -24.49
N VAL I 127 -32.29 42.33 -24.81
CA VAL I 127 -32.57 43.57 -25.53
C VAL I 127 -33.16 43.25 -26.90
N THR I 128 -32.67 42.18 -27.53
CA THR I 128 -33.22 41.76 -28.81
C THR I 128 -34.68 41.31 -28.66
N TYR I 129 -35.00 40.67 -27.54
CA TYR I 129 -36.35 40.19 -27.32
C TYR I 129 -37.34 41.33 -27.08
N SER I 130 -36.98 42.27 -26.21
CA SER I 130 -37.88 43.39 -25.96
C SER I 130 -38.02 44.22 -27.22
N ARG I 131 -36.92 44.34 -27.97
CA ARG I 131 -36.92 45.08 -29.22
C ARG I 131 -37.80 44.40 -30.26
N GLN I 132 -37.96 43.08 -30.15
CA GLN I 132 -38.94 42.40 -31.00
C GLN I 132 -40.38 42.64 -30.53
N GLN I 133 -40.63 42.52 -29.23
CA GLN I 133 -41.99 42.63 -28.71
C GLN I 133 -42.61 44.02 -28.88
N ARG I 134 -41.78 45.05 -28.72
CA ARG I 134 -42.25 46.42 -28.80
C ARG I 134 -42.78 46.72 -30.20
N LEU I 135 -42.23 46.04 -31.20
CA LEU I 135 -42.75 46.16 -32.56
C LEU I 135 -43.88 45.15 -32.73
N ALA I 136 -43.85 44.10 -31.90
CA ALA I 136 -44.76 42.98 -32.03
C ALA I 136 -46.16 43.26 -31.50
N GLN I 137 -46.32 44.38 -30.78
CA GLN I 137 -47.67 44.84 -30.48
C GLN I 137 -48.38 45.33 -31.75
N THR I 138 -47.59 45.64 -32.79
CA THR I 138 -48.12 46.07 -34.08
C THR I 138 -47.97 44.90 -35.06
N GLN I 139 -47.89 43.69 -34.50
CA GLN I 139 -47.72 42.45 -35.25
C GLN I 139 -46.43 42.42 -36.06
N ALA I 140 -45.31 42.42 -35.35
CA ALA I 140 -44.00 42.29 -35.97
C ALA I 140 -43.86 40.94 -36.64
N VAL I 141 -43.15 40.93 -37.78
CA VAL I 141 -42.65 39.72 -38.45
C VAL I 141 -43.07 38.38 -37.84
N SER I 142 -44.38 38.16 -37.80
CA SER I 142 -44.97 36.93 -37.28
C SER I 142 -44.67 36.68 -35.81
N GLN I 143 -45.34 35.67 -35.26
CA GLN I 143 -45.07 35.19 -33.92
C GLN I 143 -43.86 34.26 -33.96
N GLN I 144 -43.42 33.94 -35.18
CA GLN I 144 -42.29 33.05 -35.38
C GLN I 144 -41.02 33.59 -34.72
N ASP I 145 -40.69 34.84 -34.99
CA ASP I 145 -39.49 35.45 -34.44
C ASP I 145 -39.61 35.67 -32.93
N LEU I 146 -40.82 35.84 -32.44
CA LEU I 146 -41.03 35.94 -31.00
C LEU I 146 -40.67 34.62 -30.31
N ASP I 147 -40.94 33.51 -31.00
CA ASP I 147 -40.55 32.20 -30.50
C ASP I 147 -39.08 31.94 -30.77
N ASN I 148 -38.52 32.70 -31.71
CA ASN I 148 -37.10 32.60 -32.02
C ASN I 148 -36.27 33.49 -31.12
N ALA I 149 -36.94 34.30 -30.31
CA ALA I 149 -36.26 35.24 -29.43
C ALA I 149 -36.46 34.85 -27.97
N ALA I 150 -37.70 34.54 -27.60
CA ALA I 150 -38.02 34.22 -26.22
C ALA I 150 -37.31 32.95 -25.75
N THR I 151 -37.10 32.01 -26.66
CA THR I 151 -36.47 30.75 -26.32
C THR I 151 -34.96 30.90 -26.17
N GLU I 152 -34.35 31.76 -26.97
CA GLU I 152 -32.93 32.02 -26.87
C GLU I 152 -32.60 32.67 -25.54
N MET I 153 -33.49 33.54 -25.09
CA MET I 153 -33.34 34.20 -23.80
C MET I 153 -33.40 33.17 -22.67
N ALA I 154 -34.22 32.15 -22.84
CA ALA I 154 -34.29 31.07 -21.87
C ALA I 154 -32.99 30.28 -21.84
N VAL I 155 -32.35 30.18 -23.01
CA VAL I 155 -31.09 29.47 -23.13
C VAL I 155 -29.97 30.23 -22.43
N LYS I 156 -29.89 31.52 -22.70
CA LYS I 156 -28.88 32.36 -22.05
C LYS I 156 -29.16 32.43 -20.55
N GLN I 157 -30.43 32.34 -20.18
CA GLN I 157 -30.80 32.32 -18.77
C GLN I 157 -30.30 31.05 -18.10
N ALA I 158 -30.45 29.94 -18.80
CA ALA I 158 -29.98 28.66 -18.28
C ALA I 158 -28.46 28.57 -18.22
N GLN I 159 -27.79 29.29 -19.11
CA GLN I 159 -26.34 29.21 -19.22
C GLN I 159 -25.65 29.78 -17.97
N ILE I 160 -26.15 30.92 -17.50
CA ILE I 160 -25.55 31.57 -16.34
C ILE I 160 -25.76 30.73 -15.08
N GLY I 161 -26.89 30.02 -15.01
CA GLY I 161 -27.13 29.13 -13.89
C GLY I 161 -26.23 27.92 -13.97
N THR I 162 -26.01 27.46 -15.19
CA THR I 162 -25.15 26.31 -15.44
C THR I 162 -23.72 26.65 -15.04
N ILE I 163 -23.35 27.92 -15.17
CA ILE I 163 -22.03 28.38 -14.74
C ILE I 163 -21.99 28.57 -13.22
N ASP I 164 -23.07 29.07 -12.65
CA ASP I 164 -23.15 29.31 -11.22
C ASP I 164 -23.04 28.01 -10.45
N ALA I 165 -23.54 26.93 -11.06
CA ALA I 165 -23.39 25.62 -10.45
C ALA I 165 -21.93 25.21 -10.41
N GLN I 166 -21.17 25.61 -11.43
CA GLN I 166 -19.74 25.32 -11.49
C GLN I 166 -18.98 26.13 -10.43
N ILE I 167 -19.37 27.39 -10.27
CA ILE I 167 -18.76 28.22 -9.26
C ILE I 167 -19.07 27.64 -7.87
N LYS I 168 -20.26 27.06 -7.76
CA LYS I 168 -20.68 26.45 -6.50
C LYS I 168 -19.87 25.19 -6.19
N ARG I 169 -19.71 24.32 -7.17
CA ARG I 169 -18.97 23.09 -6.96
C ARG I 169 -17.48 23.36 -6.71
N ASN I 170 -16.95 24.41 -7.33
CA ASN I 170 -15.54 24.72 -7.12
C ASN I 170 -15.26 25.48 -5.83
N GLN I 171 -16.19 26.35 -5.42
CA GLN I 171 -16.07 26.95 -4.10
C GLN I 171 -16.21 25.87 -3.03
N ALA I 172 -17.06 24.88 -3.31
CA ALA I 172 -17.18 23.75 -2.41
C ALA I 172 -15.89 22.92 -2.39
N SER I 173 -15.22 22.86 -3.53
CA SER I 173 -13.93 22.19 -3.63
C SER I 173 -12.83 22.96 -2.92
N LEU I 174 -13.01 24.27 -2.80
CA LEU I 174 -12.01 25.11 -2.17
C LEU I 174 -11.84 24.75 -0.70
N ASP I 175 -12.95 24.35 -0.06
CA ASP I 175 -12.88 23.87 1.32
C ASP I 175 -12.11 22.56 1.38
N THR I 176 -12.25 21.75 0.35
CA THR I 176 -11.52 20.49 0.23
C THR I 176 -10.03 20.79 0.07
N ALA I 177 -9.71 21.91 -0.56
CA ALA I 177 -8.33 22.31 -0.73
C ALA I 177 -7.74 22.80 0.57
N LYS I 178 -8.45 23.72 1.22
CA LYS I 178 -7.99 24.32 2.47
C LYS I 178 -7.93 23.35 3.64
N THR I 179 -8.80 22.35 3.65
CA THR I 179 -8.86 21.44 4.79
C THR I 179 -7.58 20.60 4.91
N ASN I 180 -6.94 20.32 3.78
CA ASN I 180 -5.66 19.61 3.82
C ASN I 180 -4.56 20.45 4.45
N LEU I 181 -4.63 21.76 4.26
CA LEU I 181 -3.63 22.66 4.80
C LEU I 181 -3.66 22.68 6.32
N ASP I 182 -4.85 22.54 6.89
CA ASP I 182 -5.00 22.51 8.34
C ASP I 182 -4.39 21.26 8.96
N TYR I 183 -4.37 20.17 8.20
CA TYR I 183 -3.81 18.92 8.69
C TYR I 183 -2.30 19.03 8.89
N THR I 184 -1.66 19.88 8.10
CA THR I 184 -0.23 20.10 8.20
C THR I 184 0.17 20.71 9.54
N ARG I 185 -0.72 21.54 10.09
CA ARG I 185 -0.46 22.19 11.37
C ARG I 185 -1.15 21.47 12.53
N ILE I 186 -0.38 20.64 13.22
CA ILE I 186 -0.89 19.86 14.34
C ILE I 186 -1.32 20.76 15.49
N VAL I 187 -2.46 20.42 16.10
CA VAL I 187 -2.93 21.12 17.30
C VAL I 187 -3.27 20.11 18.39
N ALA I 188 -3.06 20.50 19.64
CA ALA I 188 -3.29 19.60 20.76
C ALA I 188 -4.78 19.39 21.01
N PRO I 189 -5.21 18.11 21.02
CA PRO I 189 -6.59 17.73 21.33
C PRO I 189 -7.05 18.18 22.72
N MET I 190 -6.13 18.20 23.69
CA MET I 190 -6.50 18.47 25.08
C MET I 190 -5.34 19.02 25.90
N ALA I 191 -5.66 19.61 27.05
CA ALA I 191 -4.66 20.18 27.93
C ALA I 191 -3.77 19.11 28.56
N GLY I 192 -2.55 19.50 28.91
CA GLY I 192 -1.60 18.60 29.54
C GLY I 192 -0.17 19.01 29.27
N GLU I 193 0.78 18.23 29.76
CA GLU I 193 2.19 18.47 29.43
C GLU I 193 2.70 17.39 28.49
N VAL I 194 3.73 17.72 27.70
CA VAL I 194 4.23 16.81 26.68
C VAL I 194 5.12 15.74 27.30
N THR I 195 4.54 14.57 27.52
CA THR I 195 5.25 13.46 28.18
C THR I 195 6.43 12.93 27.38
N GLN I 196 6.35 12.95 26.06
CA GLN I 196 7.40 12.36 25.24
C GLN I 196 7.36 12.84 23.79
N ILE I 197 8.51 12.87 23.14
CA ILE I 197 8.58 13.16 21.71
C ILE I 197 9.24 12.01 20.95
N THR I 198 8.41 11.13 20.41
CA THR I 198 8.89 10.03 19.58
C THR I 198 9.54 10.54 18.29
N THR I 199 9.02 11.64 17.76
CA THR I 199 9.48 12.16 16.47
C THR I 199 10.26 13.47 16.63
N LEU I 200 11.59 13.36 16.56
CA LEU I 200 12.46 14.53 16.64
C LEU I 200 12.41 15.39 15.38
N GLN I 201 12.70 16.68 15.53
CA GLN I 201 12.58 17.64 14.44
C GLN I 201 13.47 17.34 13.25
N GLY I 202 12.94 17.58 12.06
CA GLY I 202 13.70 17.45 10.82
C GLY I 202 13.58 16.09 10.17
N GLN I 203 13.02 15.13 10.89
CA GLN I 203 12.81 13.80 10.34
C GLN I 203 11.72 13.83 9.27
N THR I 204 11.96 13.10 8.18
CA THR I 204 10.93 12.90 7.16
C THR I 204 9.87 11.97 7.73
N VAL I 205 8.61 12.18 7.38
CA VAL I 205 7.55 11.32 7.86
C VAL I 205 6.50 11.09 6.78
N ILE I 206 5.99 9.86 6.71
CA ILE I 206 4.99 9.51 5.71
C ILE I 206 3.77 8.88 6.38
N ALA I 207 2.58 9.34 6.00
CA ALA I 207 1.36 8.90 6.65
C ALA I 207 0.41 8.21 5.67
N ALA I 208 0.97 7.48 4.71
CA ALA I 208 0.16 6.74 3.76
C ALA I 208 -0.31 5.44 4.37
N GLN I 209 0.21 5.12 5.55
CA GLN I 209 -0.07 3.88 6.24
C GLN I 209 -0.47 4.16 7.70
N GLN I 210 0.25 3.61 8.68
CA GLN I 210 -0.13 3.80 10.09
C GLN I 210 0.12 5.25 10.47
N ALA I 211 -0.73 5.80 11.34
CA ALA I 211 -0.54 7.17 11.78
C ALA I 211 0.73 7.29 12.61
N PRO I 212 1.63 8.20 12.22
CA PRO I 212 2.89 8.37 12.95
C PRO I 212 2.65 8.85 14.38
N ASN I 213 3.47 8.39 15.31
CA ASN I 213 3.39 8.87 16.68
C ASN I 213 4.31 10.06 16.88
N ILE I 214 3.77 11.27 16.71
CA ILE I 214 4.59 12.47 16.84
C ILE I 214 4.96 12.73 18.30
N LEU I 215 3.96 12.95 19.14
CA LEU I 215 4.20 13.18 20.56
C LEU I 215 2.97 12.82 21.39
N THR I 216 3.21 12.21 22.55
CA THR I 216 2.13 11.83 23.45
C THR I 216 1.79 12.95 24.42
N LEU I 217 0.57 12.91 24.95
CA LEU I 217 0.12 13.90 25.94
C LEU I 217 -0.58 13.19 27.10
N ALA I 218 -0.62 13.84 28.25
CA ALA I 218 -1.30 13.27 29.41
C ALA I 218 -1.76 14.36 30.37
N ASP I 219 -2.90 14.15 31.01
CA ASP I 219 -3.41 15.08 32.00
C ASP I 219 -3.10 14.59 33.41
N MET I 220 -2.35 15.37 34.17
CA MET I 220 -1.91 14.95 35.50
C MET I 220 -2.62 15.71 36.63
N SER I 221 -3.80 16.26 36.33
CA SER I 221 -4.61 16.91 37.35
C SER I 221 -5.08 15.88 38.37
N ALA I 222 -5.16 14.63 37.95
CA ALA I 222 -5.50 13.53 38.82
C ALA I 222 -4.72 12.29 38.40
N MET I 223 -4.57 11.33 39.29
CA MET I 223 -3.77 10.14 38.98
C MET I 223 -4.55 8.85 39.21
N LEU I 224 -5.03 8.26 38.12
CA LEU I 224 -5.67 6.95 38.19
C LEU I 224 -4.67 5.89 38.60
N VAL I 225 -5.14 4.91 39.37
CA VAL I 225 -4.29 3.79 39.75
C VAL I 225 -4.81 2.48 39.17
N LYS I 226 -3.89 1.60 38.82
CA LYS I 226 -4.22 0.25 38.42
C LYS I 226 -3.88 -0.71 39.55
N ALA I 227 -4.88 -0.96 40.39
CA ALA I 227 -4.73 -1.90 41.50
C ALA I 227 -5.13 -3.31 41.05
N GLN I 228 -4.13 -4.14 40.77
CA GLN I 228 -4.39 -5.47 40.25
C GLN I 228 -4.66 -6.52 41.34
N VAL I 229 -5.91 -6.56 41.80
CA VAL I 229 -6.35 -7.57 42.74
C VAL I 229 -6.37 -8.95 42.07
N SER I 230 -6.03 -9.99 42.84
CA SER I 230 -6.01 -11.35 42.34
C SER I 230 -7.41 -11.84 41.98
N GLU I 231 -7.48 -12.79 41.04
CA GLU I 231 -8.75 -13.31 40.55
C GLU I 231 -9.55 -14.01 41.65
N ALA I 232 -8.86 -14.51 42.66
CA ALA I 232 -9.52 -15.22 43.75
C ALA I 232 -10.41 -14.30 44.59
N ASP I 233 -10.07 -13.01 44.63
CA ASP I 233 -10.79 -12.07 45.49
C ASP I 233 -11.73 -11.13 44.72
N VAL I 234 -11.73 -11.24 43.40
CA VAL I 234 -12.49 -10.30 42.56
C VAL I 234 -14.00 -10.45 42.77
N ILE I 235 -14.42 -11.62 43.23
CA ILE I 235 -15.84 -11.90 43.42
C ILE I 235 -16.44 -10.96 44.45
N HIS I 236 -15.64 -10.57 45.44
CA HIS I 236 -16.05 -9.55 46.39
C HIS I 236 -15.88 -8.18 45.77
N LEU I 237 -15.27 -7.27 46.52
CA LEU I 237 -14.87 -5.96 46.02
C LEU I 237 -16.07 -5.21 45.41
N LYS I 238 -17.08 -4.97 46.22
CA LYS I 238 -18.22 -4.15 45.80
C LYS I 238 -17.78 -2.71 45.58
N PRO I 239 -18.29 -2.06 44.52
CA PRO I 239 -17.91 -0.68 44.21
C PRO I 239 -18.28 0.30 45.32
N GLY I 240 -17.45 1.31 45.53
CA GLY I 240 -17.64 2.24 46.63
C GLY I 240 -17.40 1.55 47.96
N GLN I 241 -16.14 1.29 48.29
CA GLN I 241 -15.81 0.50 49.46
C GLN I 241 -14.69 1.13 50.30
N LYS I 242 -14.19 2.28 49.85
CA LYS I 242 -13.09 3.01 50.51
C LYS I 242 -11.78 2.23 50.50
N ALA I 243 -10.71 2.89 50.07
CA ALA I 243 -9.39 2.26 50.04
C ALA I 243 -8.28 3.30 50.12
N TRP I 244 -7.06 2.84 50.42
CA TRP I 244 -5.93 3.75 50.53
C TRP I 244 -4.67 3.10 49.98
N PHE I 245 -3.65 3.91 49.72
CA PHE I 245 -2.39 3.39 49.19
C PHE I 245 -1.21 4.26 49.58
N THR I 246 -0.01 3.72 49.37
CA THR I 246 1.22 4.45 49.65
C THR I 246 2.37 4.01 48.74
N VAL I 247 3.20 4.97 48.32
CA VAL I 247 4.35 4.70 47.48
C VAL I 247 5.55 4.17 48.27
N LEU I 248 6.39 3.37 47.61
CA LEU I 248 7.59 2.84 48.24
C LEU I 248 8.62 3.91 48.58
N GLY I 249 8.68 4.96 47.76
CA GLY I 249 9.74 5.94 47.86
C GLY I 249 9.59 6.97 48.97
N ASP I 250 8.38 7.12 49.51
CA ASP I 250 8.15 8.11 50.54
C ASP I 250 7.83 7.39 51.85
N GLN I 251 7.89 6.06 51.80
CA GLN I 251 7.64 5.21 52.97
C GLN I 251 6.28 5.44 53.59
N LEU I 252 6.16 6.51 54.37
CA LEU I 252 4.93 6.77 55.10
C LEU I 252 4.32 8.13 54.76
N THR I 253 3.42 8.13 53.79
CA THR I 253 2.61 9.30 53.46
C THR I 253 1.34 8.80 52.80
N ARG I 254 0.34 8.50 53.61
CA ARG I 254 -0.87 7.83 53.15
C ARG I 254 -1.68 8.67 52.17
N TYR I 255 -2.16 8.02 51.11
CA TYR I 255 -3.19 8.61 50.25
C TYR I 255 -4.42 7.74 50.34
N GLU I 256 -5.60 8.32 50.08
CA GLU I 256 -6.83 7.55 50.19
C GLU I 256 -7.97 8.09 49.34
N GLY I 257 -8.92 7.21 49.02
CA GLY I 257 -10.07 7.58 48.23
C GLY I 257 -11.03 6.43 47.97
N GLN I 258 -12.15 6.75 47.31
CA GLN I 258 -13.13 5.76 46.90
C GLN I 258 -12.60 4.89 45.76
N ILE I 259 -12.94 3.60 45.77
CA ILE I 259 -12.73 2.78 44.59
C ILE I 259 -13.76 3.20 43.55
N LYS I 260 -13.40 3.13 42.27
CA LYS I 260 -14.31 3.58 41.23
C LYS I 260 -15.06 2.41 40.61
N ASP I 261 -14.32 1.47 40.04
CA ASP I 261 -14.92 0.29 39.41
C ASP I 261 -13.91 -0.82 39.17
N VAL I 262 -14.32 -1.82 38.41
CA VAL I 262 -13.46 -2.95 38.08
C VAL I 262 -13.43 -3.14 36.56
N LEU I 263 -12.23 -3.23 35.98
CA LEU I 263 -12.11 -3.41 34.54
C LEU I 263 -12.59 -4.80 34.12
N PRO I 264 -13.52 -4.84 33.16
CA PRO I 264 -14.04 -6.09 32.60
C PRO I 264 -12.98 -7.01 31.98
N THR I 265 -11.92 -6.45 31.38
CA THR I 265 -10.96 -7.31 30.69
C THR I 265 -9.63 -7.48 31.45
N PRO I 266 -9.38 -8.70 31.93
CA PRO I 266 -8.16 -9.16 32.59
C PRO I 266 -6.94 -9.21 31.67
N GLU I 267 -5.76 -9.02 32.24
CA GLU I 267 -4.52 -9.37 31.54
C GLU I 267 -3.63 -10.13 32.50
N LYS I 268 -2.86 -11.07 31.98
CA LYS I 268 -2.13 -12.02 32.82
C LYS I 268 -0.61 -11.93 32.69
N VAL I 269 0.08 -12.35 33.75
CA VAL I 269 1.52 -12.52 33.73
C VAL I 269 1.89 -14.00 33.87
N ASN I 270 1.84 -14.71 32.74
CA ASN I 270 1.97 -16.16 32.70
C ASN I 270 0.94 -16.81 33.62
N ASP I 271 1.38 -17.28 34.78
CA ASP I 271 0.50 -17.88 35.76
C ASP I 271 -0.39 -16.84 36.44
N ALA I 272 -1.58 -17.27 36.86
CA ALA I 272 -2.50 -16.47 37.68
C ALA I 272 -3.04 -15.21 37.00
N ILE I 273 -4.34 -15.19 36.75
CA ILE I 273 -5.03 -14.04 36.20
C ILE I 273 -5.16 -12.94 37.25
N PHE I 274 -5.16 -11.67 36.82
CA PHE I 274 -5.35 -10.55 37.73
C PHE I 274 -6.34 -9.53 37.17
N TYR I 275 -7.16 -8.97 38.03
CA TYR I 275 -8.13 -7.95 37.61
C TYR I 275 -7.82 -6.59 38.22
N TYR I 276 -7.93 -5.55 37.41
CA TYR I 276 -7.62 -4.20 37.84
C TYR I 276 -8.74 -3.53 38.63
N ALA I 277 -8.39 -2.44 39.30
CA ALA I 277 -9.35 -1.56 39.95
C ALA I 277 -8.77 -0.15 39.95
N ARG I 278 -9.63 0.86 40.05
CA ARG I 278 -9.15 2.24 39.93
C ARG I 278 -9.63 3.14 41.06
N PHE I 279 -8.85 4.17 41.35
CA PHE I 279 -9.23 5.20 42.30
C PHE I 279 -9.36 6.53 41.58
N GLU I 280 -9.18 7.62 42.32
CA GLU I 280 -9.03 8.95 41.72
C GLU I 280 -8.39 9.90 42.73
N VAL I 281 -7.11 9.69 43.02
CA VAL I 281 -6.39 10.51 43.98
C VAL I 281 -6.04 11.89 43.43
N PRO I 282 -6.32 12.94 44.22
CA PRO I 282 -5.88 14.32 43.94
C PRO I 282 -4.37 14.43 43.93
N ASN I 283 -3.81 15.31 43.09
CA ASN I 283 -2.36 15.44 43.02
C ASN I 283 -1.84 16.86 43.17
N PRO I 284 -1.85 17.38 44.41
CA PRO I 284 -1.21 18.66 44.76
C PRO I 284 0.31 18.60 44.65
N ASN I 285 0.93 19.75 44.40
CA ASN I 285 2.38 19.93 44.50
C ASN I 285 3.19 19.25 43.40
N GLY I 286 2.51 18.61 42.45
CA GLY I 286 3.18 18.04 41.29
C GLY I 286 3.88 16.72 41.54
N LEU I 287 3.60 16.11 42.68
CA LEU I 287 4.21 14.84 43.05
C LEU I 287 3.64 13.66 42.28
N LEU I 288 4.23 12.49 42.49
CA LEU I 288 3.79 11.23 41.88
C LEU I 288 4.07 11.18 40.38
N ARG I 289 5.25 10.68 40.03
CA ARG I 289 5.63 10.44 38.65
C ARG I 289 4.84 9.26 38.07
N LEU I 290 4.69 9.24 36.75
CA LEU I 290 3.97 8.18 36.07
C LEU I 290 4.61 6.81 36.28
N ASP I 291 3.78 5.77 36.34
CA ASP I 291 4.20 4.39 36.52
C ASP I 291 5.04 4.16 37.77
N MET I 292 4.82 4.99 38.79
CA MET I 292 5.46 4.78 40.09
C MET I 292 4.83 3.57 40.75
N THR I 293 5.63 2.75 41.42
CA THR I 293 5.11 1.63 42.17
C THR I 293 4.29 2.16 43.34
N ALA I 294 3.17 1.50 43.66
CA ALA I 294 2.35 1.92 44.78
C ALA I 294 1.67 0.75 45.47
N GLN I 295 2.06 0.49 46.72
CA GLN I 295 1.38 -0.52 47.53
C GLN I 295 -0.05 -0.09 47.82
N VAL I 296 -1.01 -1.02 47.69
CA VAL I 296 -2.41 -0.66 47.77
C VAL I 296 -3.20 -1.52 48.75
N HIS I 297 -3.84 -0.86 49.72
CA HIS I 297 -4.63 -1.56 50.73
C HIS I 297 -6.13 -1.44 50.43
N ILE I 298 -6.84 -2.56 50.58
CA ILE I 298 -8.27 -2.59 50.32
C ILE I 298 -9.03 -3.11 51.54
N GLN I 299 -10.15 -2.48 51.84
CA GLN I 299 -10.98 -2.88 52.98
C GLN I 299 -12.00 -3.95 52.58
N LEU I 300 -12.42 -4.75 53.55
CA LEU I 300 -13.38 -5.81 53.30
C LEU I 300 -14.52 -5.77 54.31
N THR I 301 -14.18 -6.00 55.58
CA THR I 301 -15.18 -5.99 56.64
C THR I 301 -14.54 -6.26 58.00
N ASP I 302 -15.08 -5.64 59.04
CA ASP I 302 -14.57 -5.81 60.39
C ASP I 302 -15.71 -5.91 61.40
N VAL I 303 -16.07 -7.14 61.74
CA VAL I 303 -17.14 -7.38 62.71
C VAL I 303 -16.67 -7.11 64.14
N LYS I 304 -17.55 -6.53 64.94
CA LYS I 304 -17.20 -6.12 66.29
C LYS I 304 -18.43 -5.95 67.18
N ASN I 305 -18.28 -6.18 68.48
CA ASN I 305 -17.07 -6.81 69.01
C ASN I 305 -17.08 -8.31 68.78
N VAL I 306 -15.91 -8.88 68.58
CA VAL I 306 -15.77 -10.31 68.44
C VAL I 306 -14.33 -10.71 68.73
N LEU I 307 -14.17 -11.85 69.40
CA LEU I 307 -12.84 -12.32 69.73
C LEU I 307 -12.15 -12.89 68.50
N THR I 308 -10.83 -12.78 68.45
CA THR I 308 -10.07 -13.37 67.36
C THR I 308 -8.86 -14.12 67.88
N ILE I 309 -8.48 -15.16 67.15
CA ILE I 309 -7.35 -15.98 67.53
C ILE I 309 -6.15 -15.77 66.64
N PRO I 310 -5.03 -15.35 67.23
CA PRO I 310 -3.77 -15.32 66.47
C PRO I 310 -3.40 -16.72 66.01
N LEU I 311 -2.85 -16.82 64.81
CA LEU I 311 -2.63 -18.11 64.18
C LEU I 311 -1.33 -18.75 64.62
N SER I 312 -0.60 -18.02 65.45
CA SER I 312 0.72 -18.46 65.87
C SER I 312 0.70 -19.76 66.67
N ALA I 313 -0.42 -20.04 67.34
CA ALA I 313 -0.44 -21.21 68.22
C ALA I 313 -1.70 -22.08 68.06
N LEU I 314 -2.39 -21.93 66.95
CA LEU I 314 -3.61 -22.69 66.71
C LEU I 314 -3.37 -24.20 66.65
N GLY I 315 -4.29 -24.96 67.25
CA GLY I 315 -4.32 -26.40 67.07
C GLY I 315 -5.53 -26.77 66.25
N ASP I 316 -5.33 -27.56 65.22
CA ASP I 316 -6.41 -27.84 64.28
C ASP I 316 -6.60 -29.32 63.97
N PRO I 317 -7.16 -30.07 64.92
CA PRO I 317 -7.53 -31.47 64.72
C PRO I 317 -8.60 -31.62 63.64
N VAL I 318 -8.52 -32.71 62.87
CA VAL I 318 -9.47 -33.01 61.80
C VAL I 318 -9.39 -32.01 60.64
N GLY I 319 -8.92 -30.79 60.94
CA GLY I 319 -8.95 -29.70 59.98
C GLY I 319 -10.28 -29.00 60.07
N ASP I 320 -11.13 -29.50 60.96
CA ASP I 320 -12.40 -28.87 61.25
C ASP I 320 -12.42 -28.51 62.72
N ASN I 321 -12.12 -29.49 63.56
CA ASN I 321 -12.05 -29.26 64.99
C ASN I 321 -10.83 -28.40 65.25
N ARG I 322 -10.83 -27.65 66.34
CA ARG I 322 -9.76 -26.68 66.58
C ARG I 322 -9.38 -26.55 68.05
N TYR I 323 -8.46 -27.38 68.54
CA TYR I 323 -8.03 -27.22 69.92
C TYR I 323 -7.15 -25.99 70.06
N LYS I 324 -7.17 -25.39 71.24
CA LYS I 324 -6.25 -24.29 71.50
C LYS I 324 -5.91 -24.19 72.98
N VAL I 325 -4.64 -24.46 73.27
CA VAL I 325 -4.11 -24.32 74.62
C VAL I 325 -4.06 -22.85 75.04
N LYS I 326 -4.45 -22.57 76.28
CA LYS I 326 -4.37 -21.22 76.84
C LYS I 326 -3.94 -21.30 78.29
N LEU I 327 -3.19 -20.30 78.76
CA LEU I 327 -2.83 -20.26 80.16
C LEU I 327 -4.07 -19.98 81.02
N LEU I 328 -4.18 -20.68 82.16
CA LEU I 328 -5.24 -20.40 83.11
C LEU I 328 -4.74 -19.58 84.31
N ARG I 329 -5.69 -19.09 85.10
CA ARG I 329 -5.38 -18.34 86.32
C ARG I 329 -4.61 -19.20 87.29
N ASN I 330 -4.81 -20.52 87.21
CA ASN I 330 -4.08 -21.47 88.02
C ASN I 330 -2.63 -21.54 87.61
N GLY I 331 -2.33 -21.03 86.42
CA GLY I 331 -1.02 -21.17 85.83
C GLY I 331 -0.96 -22.45 85.02
N GLU I 332 -2.08 -23.18 85.03
CA GLU I 332 -2.24 -24.40 84.24
C GLU I 332 -2.72 -24.11 82.84
N THR I 333 -1.84 -24.28 81.85
CA THR I 333 -2.28 -24.18 80.47
C THR I 333 -3.22 -25.34 80.16
N ARG I 334 -4.32 -25.05 79.46
CA ARG I 334 -5.31 -26.04 79.09
C ARG I 334 -5.93 -25.68 77.75
N GLU I 335 -6.10 -26.67 76.89
CA GLU I 335 -6.71 -26.44 75.58
C GLU I 335 -8.22 -26.45 75.61
N ARG I 336 -8.83 -25.74 74.68
CA ARG I 336 -10.25 -25.93 74.40
C ARG I 336 -10.51 -26.03 72.91
N GLU I 337 -11.39 -26.96 72.54
CA GLU I 337 -11.90 -27.04 71.18
C GLU I 337 -12.70 -25.79 70.89
N VAL I 338 -12.60 -25.28 69.68
CA VAL I 338 -13.34 -24.09 69.32
C VAL I 338 -13.84 -24.19 67.89
N THR I 339 -15.02 -23.65 67.66
CA THR I 339 -15.51 -23.47 66.30
C THR I 339 -15.11 -22.08 65.82
N ILE I 340 -14.64 -22.01 64.58
CA ILE I 340 -14.19 -20.74 64.01
C ILE I 340 -14.67 -20.59 62.58
N GLY I 341 -15.31 -19.46 62.30
CA GLY I 341 -15.80 -19.19 60.96
C GLY I 341 -14.76 -18.46 60.13
N ALA I 342 -14.85 -17.14 60.13
CA ALA I 342 -13.98 -16.32 59.30
C ALA I 342 -12.52 -16.45 59.68
N ARG I 343 -11.67 -16.48 58.66
CA ARG I 343 -10.23 -16.50 58.82
C ARG I 343 -9.64 -15.18 58.39
N ASN I 344 -8.45 -14.88 58.92
CA ASN I 344 -7.84 -13.58 58.68
C ASN I 344 -6.45 -13.77 58.10
N ASP I 345 -5.85 -12.67 57.64
CA ASP I 345 -4.51 -12.74 57.07
C ASP I 345 -3.50 -13.18 58.10
N THR I 346 -3.75 -12.85 59.37
CA THR I 346 -2.84 -13.19 60.44
C THR I 346 -3.53 -13.91 61.58
N ASP I 347 -4.84 -13.73 61.69
CA ASP I 347 -5.60 -14.33 62.78
C ASP I 347 -6.79 -15.09 62.20
N VAL I 348 -7.78 -15.36 63.05
CA VAL I 348 -9.07 -15.92 62.62
C VAL I 348 -10.19 -15.44 63.52
N GLU I 349 -11.40 -15.39 62.97
CA GLU I 349 -12.56 -15.01 63.77
C GLU I 349 -13.14 -16.20 64.51
N ILE I 350 -12.65 -16.44 65.72
CA ILE I 350 -13.30 -17.40 66.58
C ILE I 350 -14.69 -16.92 66.96
N VAL I 351 -15.65 -17.84 66.99
CA VAL I 351 -17.01 -17.49 67.38
C VAL I 351 -17.37 -18.10 68.74
N LYS I 352 -16.83 -19.28 69.04
CA LYS I 352 -17.14 -19.95 70.30
C LYS I 352 -15.96 -20.76 70.83
N GLY I 353 -16.09 -21.20 72.09
CA GLY I 353 -15.10 -22.05 72.70
C GLY I 353 -14.04 -21.36 73.55
N LEU I 354 -14.06 -20.04 73.57
CA LEU I 354 -13.12 -19.27 74.39
C LEU I 354 -13.74 -18.00 74.95
N GLU I 355 -13.07 -17.41 75.95
CA GLU I 355 -13.56 -16.20 76.57
C GLU I 355 -12.59 -15.04 76.43
N ALA I 356 -13.13 -13.83 76.41
CA ALA I 356 -12.32 -12.63 76.28
C ALA I 356 -11.49 -12.40 77.53
N GLY I 357 -10.29 -11.85 77.34
CA GLY I 357 -9.42 -11.49 78.43
C GLY I 357 -8.60 -12.67 78.89
N ASP I 358 -8.86 -13.84 78.31
CA ASP I 358 -8.12 -15.03 78.65
C ASP I 358 -6.68 -14.90 78.20
N GLU I 359 -5.75 -15.28 79.08
CA GLU I 359 -4.36 -15.40 78.69
C GLU I 359 -4.22 -16.58 77.76
N VAL I 360 -3.42 -16.42 76.72
CA VAL I 360 -3.31 -17.48 75.73
C VAL I 360 -1.85 -17.74 75.39
N VAL I 361 -1.37 -18.91 75.80
CA VAL I 361 0.02 -19.26 75.59
C VAL I 361 0.32 -19.38 74.10
N ILE I 362 0.57 -18.23 73.48
CA ILE I 362 0.78 -18.14 72.06
C ILE I 362 2.10 -18.79 71.65
N GLY I 363 3.02 -18.93 72.62
CA GLY I 363 4.28 -19.58 72.36
C GLY I 363 4.36 -20.98 72.95
N GLU I 364 4.78 -21.93 72.12
CA GLU I 364 5.10 -23.32 72.53
C GLU I 364 4.08 -23.95 73.48
N ALA I 365 2.80 -23.76 73.16
CA ALA I 365 1.70 -24.26 73.98
C ALA I 365 1.55 -25.79 73.97
N LYS I 366 1.27 -26.36 75.14
CA LYS I 366 0.81 -27.75 75.25
C LYS I 366 -0.30 -27.86 76.30
N PRO I 367 -1.25 -28.77 76.09
CA PRO I 367 -2.34 -28.95 77.05
C PRO I 367 -1.84 -29.40 78.43
N GLY I 368 -2.46 -28.92 79.50
CA GLY I 368 -2.18 -29.42 80.83
C GLY I 368 -0.85 -28.97 81.41
N ALA I 369 -0.14 -28.11 80.68
CA ALA I 369 1.21 -27.73 81.08
C ALA I 369 1.24 -26.50 81.97
N ALA I 370 1.25 -26.72 83.28
CA ALA I 370 1.35 -25.62 84.24
C ALA I 370 2.68 -24.91 84.10
N GLN I 371 2.68 -23.59 84.24
CA GLN I 371 3.91 -22.82 84.11
C GLN I 371 4.55 -22.57 85.48
N MET J 1 101.82 -54.98 119.20
CA MET J 1 101.35 -54.39 117.95
C MET J 1 99.87 -54.06 118.02
N THR J 2 99.36 -53.42 116.98
CA THR J 2 97.95 -53.04 116.92
C THR J 2 97.10 -54.14 116.28
N PRO J 3 96.11 -54.65 117.02
CA PRO J 3 95.17 -55.65 116.50
C PRO J 3 94.34 -55.10 115.34
N LEU J 4 94.02 -55.94 114.37
CA LEU J 4 93.25 -55.51 113.22
C LEU J 4 91.82 -55.12 113.59
N LEU J 5 91.34 -55.61 114.73
CA LEU J 5 90.08 -55.12 115.25
C LEU J 5 90.21 -54.59 116.67
N GLU J 6 89.42 -53.57 116.98
CA GLU J 6 89.38 -53.00 118.31
C GLU J 6 87.97 -52.53 118.65
N LEU J 7 87.15 -53.44 119.16
CA LEU J 7 85.80 -53.08 119.57
C LEU J 7 85.80 -52.63 121.02
N LYS J 8 86.13 -51.37 121.26
CA LYS J 8 86.14 -50.85 122.62
C LYS J 8 84.91 -49.99 122.97
N ASP J 9 84.17 -50.41 123.99
CA ASP J 9 83.02 -49.70 124.52
C ASP J 9 81.91 -49.46 123.51
N ILE J 10 81.96 -50.21 122.42
CA ILE J 10 80.89 -50.17 121.43
C ILE J 10 79.62 -50.80 121.99
N ARG J 11 78.48 -50.18 121.69
CA ARG J 11 77.18 -50.70 122.07
C ARG J 11 76.06 -50.12 121.23
N ARG J 12 75.30 -50.98 120.57
CA ARG J 12 74.13 -50.54 119.84
C ARG J 12 73.01 -50.21 120.82
N SER J 13 72.11 -49.35 120.40
CA SER J 13 71.00 -48.95 121.25
C SER J 13 69.69 -49.03 120.49
N TYR J 14 69.02 -50.18 120.61
CA TYR J 14 67.75 -50.38 119.91
C TYR J 14 66.58 -49.91 120.75
N PRO J 15 65.84 -48.91 120.22
CA PRO J 15 64.72 -48.29 120.92
C PRO J 15 63.46 -49.13 120.94
N ALA J 16 63.43 -50.17 121.77
CA ALA J 16 62.19 -50.91 121.99
C ALA J 16 61.19 -49.97 122.61
N GLY J 17 59.96 -50.00 122.11
CA GLY J 17 59.02 -48.94 122.44
C GLY J 17 59.66 -47.65 121.98
N ASP J 18 59.65 -46.63 122.83
CA ASP J 18 60.38 -45.41 122.54
C ASP J 18 61.78 -45.39 123.16
N GLU J 19 62.09 -46.38 123.99
CA GLU J 19 63.34 -46.36 124.74
C GLU J 19 64.32 -47.45 124.32
N GLN J 20 65.59 -47.08 124.19
CA GLN J 20 66.63 -48.06 123.88
C GLN J 20 66.79 -49.06 125.02
N VAL J 21 66.87 -50.33 124.65
CA VAL J 21 67.06 -51.41 125.63
C VAL J 21 68.49 -51.90 125.61
N GLU J 22 68.86 -52.65 126.64
CA GLU J 22 70.25 -53.08 126.81
C GLU J 22 70.58 -54.22 125.85
N VAL J 23 70.40 -53.97 124.56
CA VAL J 23 70.80 -54.93 123.56
C VAL J 23 72.32 -55.09 123.60
N LEU J 24 73.00 -54.00 123.98
CA LEU J 24 74.45 -53.99 124.09
C LEU J 24 74.90 -52.93 125.10
N LYS J 25 76.09 -53.14 125.66
CA LYS J 25 76.70 -52.18 126.57
C LYS J 25 78.17 -52.04 126.20
N GLY J 26 78.90 -51.20 126.93
CA GLY J 26 80.30 -50.96 126.63
C GLY J 26 81.13 -52.22 126.74
N ILE J 27 81.83 -52.55 125.66
CA ILE J 27 82.61 -53.78 125.60
C ILE J 27 83.96 -53.49 124.96
N SER J 28 85.02 -54.11 125.48
CA SER J 28 86.35 -53.94 124.90
C SER J 28 86.89 -55.25 124.35
N LEU J 29 87.42 -55.19 123.12
CA LEU J 29 87.94 -56.37 122.43
C LEU J 29 89.03 -55.98 121.45
N ASP J 30 90.00 -56.87 121.28
CA ASP J 30 91.08 -56.68 120.32
C ASP J 30 91.27 -57.96 119.52
N ILE J 31 91.54 -57.82 118.22
CA ILE J 31 91.63 -58.99 117.35
C ILE J 31 92.77 -58.93 116.34
N TYR J 32 93.59 -59.97 116.37
CA TYR J 32 94.69 -60.17 115.43
C TYR J 32 94.26 -60.98 114.21
N ALA J 33 95.18 -61.12 113.25
CA ALA J 33 94.98 -62.06 112.15
C ALA J 33 95.18 -63.50 112.62
N GLY J 34 94.47 -64.43 111.99
CA GLY J 34 94.63 -65.83 112.30
C GLY J 34 93.81 -66.27 113.50
N GLU J 35 93.08 -65.33 114.07
CA GLU J 35 92.23 -65.62 115.23
C GLU J 35 91.13 -66.60 114.87
N MET J 36 90.82 -67.49 115.80
CA MET J 36 89.71 -68.41 115.63
C MET J 36 88.83 -68.31 116.87
N VAL J 37 88.05 -67.22 116.92
CA VAL J 37 87.32 -66.84 118.12
C VAL J 37 85.90 -67.40 118.18
N ALA J 38 85.58 -68.09 119.27
CA ALA J 38 84.21 -68.49 119.56
C ALA J 38 83.41 -67.34 120.14
N ILE J 39 82.10 -67.35 119.90
CA ILE J 39 81.23 -66.35 120.49
C ILE J 39 80.23 -67.05 121.40
N VAL J 40 80.73 -67.67 122.47
CA VAL J 40 79.87 -68.35 123.42
C VAL J 40 79.06 -67.32 124.19
N GLY J 41 77.83 -67.70 124.55
CA GLY J 41 76.97 -66.82 125.31
C GLY J 41 75.51 -67.22 125.20
N ALA J 42 74.67 -66.62 126.03
CA ALA J 42 73.24 -66.89 126.00
C ALA J 42 72.63 -66.44 124.68
N SER J 43 71.68 -67.21 124.18
CA SER J 43 70.98 -66.84 122.95
C SER J 43 70.19 -65.56 123.17
N GLY J 44 70.16 -64.70 122.15
CA GLY J 44 69.40 -63.46 122.24
C GLY J 44 70.13 -62.39 123.03
N SER J 45 71.40 -62.62 123.30
CA SER J 45 72.20 -61.68 124.07
C SER J 45 72.65 -60.50 123.21
N GLY J 46 72.34 -60.58 121.92
CA GLY J 46 72.76 -59.56 120.98
C GLY J 46 74.18 -59.83 120.53
N LYS J 47 74.71 -60.98 120.94
CA LYS J 47 76.01 -61.41 120.44
C LYS J 47 75.87 -61.66 118.95
N SER J 48 74.66 -62.00 118.52
CA SER J 48 74.33 -62.06 117.12
C SER J 48 74.32 -60.66 116.54
N THR J 49 73.74 -59.72 117.29
CA THR J 49 73.76 -58.32 116.91
C THR J 49 75.19 -57.81 116.94
N LEU J 50 75.96 -58.33 117.88
CA LEU J 50 77.36 -57.97 117.98
C LEU J 50 78.09 -58.46 116.74
N MET J 51 77.67 -59.62 116.25
CA MET J 51 78.19 -60.18 115.02
C MET J 51 77.76 -59.30 113.86
N ASN J 52 76.60 -58.67 114.00
CA ASN J 52 76.11 -57.75 112.99
C ASN J 52 77.01 -56.53 112.95
N ILE J 53 77.54 -56.16 114.11
CA ILE J 53 78.57 -55.13 114.18
C ILE J 53 79.83 -55.64 113.51
N LEU J 54 80.11 -56.92 113.71
CA LEU J 54 81.25 -57.56 113.08
C LEU J 54 81.01 -57.61 111.58
N GLY J 55 79.75 -57.72 111.21
CA GLY J 55 79.35 -57.62 109.82
C GLY J 55 79.11 -56.18 109.43
N CYS J 56 79.26 -55.29 110.41
CA CYS J 56 79.04 -53.86 110.22
C CYS J 56 77.66 -53.58 109.65
N LEU J 57 76.68 -54.37 110.08
CA LEU J 57 75.31 -54.24 109.60
C LEU J 57 74.70 -52.92 110.02
N ASP J 58 75.16 -52.38 111.14
CA ASP J 58 74.70 -51.11 111.65
C ASP J 58 75.72 -50.51 112.60
N LYS J 59 75.86 -49.19 112.57
CA LYS J 59 76.70 -48.50 113.53
C LYS J 59 76.06 -48.52 114.91
N ALA J 60 76.90 -48.69 115.94
CA ALA J 60 76.42 -48.72 117.30
C ALA J 60 76.21 -47.33 117.87
N THR J 61 76.73 -46.34 117.15
CA THR J 61 76.74 -44.94 117.60
C THR J 61 77.41 -44.81 118.97
N SER J 62 78.35 -45.69 119.24
CA SER J 62 79.12 -45.66 120.48
C SER J 62 80.40 -46.45 120.32
N GLY J 63 81.46 -45.99 120.94
CA GLY J 63 82.75 -46.66 120.86
C GLY J 63 83.40 -46.39 119.53
N THR J 64 84.53 -47.04 119.28
CA THR J 64 85.22 -46.92 118.00
C THR J 64 85.71 -48.29 117.55
N TYR J 65 84.90 -48.96 116.73
CA TYR J 65 85.24 -50.28 116.25
C TYR J 65 86.20 -50.16 115.07
N ARG J 66 87.48 -50.14 115.40
CA ARG J 66 88.52 -49.79 114.44
C ARG J 66 88.99 -50.98 113.61
N VAL J 67 88.30 -51.21 112.50
CA VAL J 67 88.73 -52.23 111.56
C VAL J 67 90.06 -51.83 110.95
N ALA J 68 91.07 -52.68 111.12
CA ALA J 68 92.43 -52.38 110.67
C ALA J 68 92.87 -51.01 111.14
N GLY J 69 92.39 -50.63 112.33
CA GLY J 69 92.68 -49.32 112.90
C GLY J 69 91.72 -48.24 112.40
N GLN J 70 90.79 -48.62 111.53
CA GLN J 70 89.82 -47.67 111.02
C GLN J 70 88.44 -47.91 111.60
N ASP J 71 87.91 -46.91 112.31
CA ASP J 71 86.62 -47.02 112.96
C ASP J 71 85.50 -47.16 111.94
N VAL J 72 84.52 -47.98 112.28
CA VAL J 72 83.35 -48.20 111.43
C VAL J 72 82.52 -46.92 111.27
N ALA J 73 82.57 -46.05 112.28
CA ALA J 73 81.72 -44.86 112.31
C ALA J 73 82.02 -43.90 111.16
N THR J 74 83.27 -43.87 110.71
CA THR J 74 83.69 -42.95 109.67
C THR J 74 83.27 -43.38 108.27
N LEU J 75 83.45 -44.66 107.99
CA LEU J 75 83.30 -45.18 106.63
C LEU J 75 81.85 -45.31 106.18
N ASP J 76 81.63 -45.18 104.87
CA ASP J 76 80.33 -45.41 104.27
C ASP J 76 79.93 -46.87 104.43
N ALA J 77 78.64 -47.11 104.56
CA ALA J 77 78.14 -48.48 104.61
C ALA J 77 78.48 -49.19 103.30
N ASP J 78 78.45 -48.44 102.21
CA ASP J 78 78.89 -48.96 100.93
C ASP J 78 80.39 -49.23 100.97
N ALA J 79 81.10 -48.34 101.66
CA ALA J 79 82.52 -48.54 101.87
C ALA J 79 82.73 -49.74 102.78
N LEU J 80 81.77 -49.98 103.67
CA LEU J 80 81.84 -51.17 104.53
C LEU J 80 81.68 -52.43 103.70
N ALA J 81 80.83 -52.36 102.69
CA ALA J 81 80.68 -53.48 101.75
C ALA J 81 81.96 -53.64 100.95
N GLN J 82 82.61 -52.52 100.67
CA GLN J 82 83.88 -52.56 99.98
C GLN J 82 84.91 -53.24 100.86
N LEU J 83 84.77 -53.04 102.17
CA LEU J 83 85.60 -53.75 103.14
C LEU J 83 85.27 -55.22 103.12
N ARG J 84 84.00 -55.52 102.86
CA ARG J 84 83.54 -56.90 102.84
C ARG J 84 84.18 -57.65 101.70
N ARG J 85 84.21 -57.02 100.53
CA ARG J 85 84.94 -57.60 99.42
C ARG J 85 86.42 -57.62 99.74
N GLU J 86 86.87 -56.60 100.47
CA GLU J 86 88.26 -56.49 100.87
C GLU J 86 88.63 -57.51 101.94
N HIS J 87 87.64 -57.94 102.73
CA HIS J 87 87.91 -58.81 103.87
C HIS J 87 86.87 -59.87 104.10
N PHE J 88 85.68 -59.43 104.48
CA PHE J 88 84.68 -60.30 105.09
C PHE J 88 84.19 -61.41 104.16
N GLY J 89 83.98 -62.58 104.73
CA GLY J 89 83.51 -63.74 103.99
C GLY J 89 82.63 -64.60 104.89
N PHE J 90 81.40 -64.13 105.08
CA PHE J 90 80.50 -64.69 106.08
C PHE J 90 79.91 -66.04 105.67
N ILE J 91 79.61 -66.88 106.66
CA ILE J 91 79.03 -68.20 106.42
C ILE J 91 77.99 -68.52 107.50
N PHE J 92 76.87 -69.09 107.09
CA PHE J 92 75.78 -69.36 108.01
C PHE J 92 75.41 -70.83 108.10
N GLN J 93 74.67 -71.17 109.14
CA GLN J 93 74.16 -72.52 109.31
C GLN J 93 73.23 -72.92 108.18
N ARG J 94 72.49 -71.94 107.68
CA ARG J 94 71.44 -72.19 106.70
C ARG J 94 71.95 -72.16 105.28
N TYR J 95 73.25 -71.94 105.12
CA TYR J 95 73.94 -72.06 103.83
C TYR J 95 73.24 -71.36 102.68
N HIS J 96 72.71 -70.17 102.93
CA HIS J 96 71.83 -69.53 101.96
C HIS J 96 72.53 -69.32 100.63
N LEU J 97 71.83 -69.69 99.55
CA LEU J 97 72.35 -69.63 98.19
C LEU J 97 71.18 -69.57 97.25
N LEU J 98 71.38 -69.02 96.06
CA LEU J 98 70.34 -69.11 95.05
C LEU J 98 70.11 -70.56 94.68
N SER J 99 68.86 -70.96 94.64
CA SER J 99 68.50 -72.27 94.10
C SER J 99 68.79 -72.22 92.62
N HIS J 100 68.80 -71.01 92.11
CA HIS J 100 69.02 -70.75 90.70
C HIS J 100 70.39 -71.18 90.21
N LEU J 101 71.41 -70.72 90.91
CA LEU J 101 72.78 -70.87 90.43
C LEU J 101 73.37 -72.25 90.62
N THR J 102 74.28 -72.61 89.72
CA THR J 102 75.20 -73.71 89.94
C THR J 102 76.16 -73.25 91.03
N ALA J 103 76.73 -74.19 91.76
CA ALA J 103 77.57 -73.85 92.91
C ALA J 103 78.73 -72.95 92.51
N GLU J 104 79.22 -73.13 91.29
CA GLU J 104 80.31 -72.32 90.78
C GLU J 104 79.86 -70.87 90.71
N GLN J 105 78.58 -70.66 90.39
CA GLN J 105 78.03 -69.33 90.32
C GLN J 105 77.78 -68.78 91.72
N ASN J 106 77.35 -69.67 92.62
CA ASN J 106 77.08 -69.29 93.99
C ASN J 106 78.35 -68.81 94.68
N VAL J 107 79.47 -69.36 94.25
CA VAL J 107 80.77 -68.87 94.70
C VAL J 107 81.16 -67.65 93.87
N GLU J 108 80.68 -67.61 92.63
CA GLU J 108 81.03 -66.55 91.68
C GLU J 108 80.53 -65.17 92.11
N VAL J 109 79.40 -65.15 92.83
CA VAL J 109 78.69 -63.91 93.09
C VAL J 109 79.47 -62.77 93.77
N PRO J 110 80.18 -63.04 94.88
CA PRO J 110 80.79 -61.91 95.59
C PRO J 110 81.76 -61.07 94.76
N ALA J 111 82.50 -61.72 93.86
CA ALA J 111 83.49 -61.02 93.07
C ALA J 111 82.85 -60.34 91.87
N VAL J 112 81.57 -60.64 91.62
CA VAL J 112 80.87 -59.97 90.54
C VAL J 112 80.79 -58.48 90.83
N TYR J 113 80.65 -58.12 92.10
CA TYR J 113 80.60 -56.72 92.48
C TYR J 113 81.96 -56.07 92.27
N ALA J 114 83.01 -56.88 92.37
CA ALA J 114 84.34 -56.46 91.98
C ALA J 114 84.43 -56.47 90.45
N GLY J 115 85.28 -55.62 89.90
CA GLY J 115 85.50 -55.61 88.47
C GLY J 115 86.58 -56.60 88.07
N LEU J 116 86.17 -57.73 87.50
CA LEU J 116 87.12 -58.77 87.13
C LEU J 116 86.59 -59.65 85.99
N GLU J 117 87.50 -60.17 85.18
CA GLU J 117 87.14 -61.07 84.10
C GLU J 117 86.52 -62.33 84.68
N ARG J 118 85.43 -62.78 84.06
CA ARG J 118 84.68 -63.90 84.61
C ARG J 118 85.48 -65.21 84.58
N LYS J 119 86.21 -65.43 83.50
CA LYS J 119 86.85 -66.73 83.29
C LYS J 119 87.93 -67.01 84.33
N GLN J 120 88.67 -65.96 84.67
CA GLN J 120 89.78 -66.07 85.59
C GLN J 120 89.28 -66.49 86.96
N ARG J 121 88.29 -65.75 87.43
CA ARG J 121 87.71 -66.00 88.74
C ARG J 121 86.90 -67.29 88.76
N LEU J 122 86.42 -67.73 87.59
CA LEU J 122 85.83 -69.06 87.50
C LEU J 122 86.89 -70.14 87.70
N LEU J 123 88.09 -69.91 87.16
CA LEU J 123 89.17 -70.85 87.37
C LEU J 123 89.58 -70.86 88.83
N ARG J 124 89.60 -69.68 89.44
CA ARG J 124 89.94 -69.54 90.84
C ARG J 124 88.91 -70.29 91.67
N ALA J 125 87.66 -70.19 91.24
CA ALA J 125 86.57 -70.84 91.94
C ALA J 125 86.69 -72.34 91.81
N GLN J 126 87.13 -72.81 90.66
CA GLN J 126 87.35 -74.24 90.46
C GLN J 126 88.45 -74.71 91.39
N GLU J 127 89.44 -73.85 91.60
CA GLU J 127 90.50 -74.14 92.54
C GLU J 127 89.95 -74.22 93.95
N LEU J 128 88.99 -73.35 94.24
CA LEU J 128 88.32 -73.34 95.53
C LEU J 128 87.50 -74.60 95.73
N LEU J 129 87.00 -75.13 94.63
CA LEU J 129 86.15 -76.31 94.66
C LEU J 129 86.98 -77.55 94.87
N GLN J 130 88.13 -77.60 94.20
CA GLN J 130 89.06 -78.69 94.40
C GLN J 130 89.62 -78.61 95.81
N ARG J 131 89.69 -77.38 96.33
CA ARG J 131 90.03 -77.16 97.72
C ARG J 131 88.94 -77.75 98.62
N LEU J 132 87.70 -77.71 98.13
CA LEU J 132 86.58 -78.33 98.82
C LEU J 132 86.55 -79.82 98.55
N GLY J 133 87.34 -80.24 97.57
CA GLY J 133 87.33 -81.63 97.12
C GLY J 133 86.16 -81.86 96.18
N LEU J 134 85.47 -80.78 95.83
CA LEU J 134 84.29 -80.87 94.99
C LEU J 134 84.61 -80.48 93.55
N GLU J 135 84.12 -81.27 92.59
CA GLU J 135 84.34 -80.98 91.17
C GLU J 135 83.13 -81.36 90.33
N ASP J 136 82.65 -82.59 90.51
CA ASP J 136 81.51 -83.10 89.76
C ASP J 136 80.23 -82.34 90.13
N ARG J 137 80.25 -81.77 91.32
CA ARG J 137 79.08 -81.09 91.88
C ARG J 137 78.90 -79.69 91.31
N THR J 138 79.87 -79.26 90.50
CA THR J 138 79.98 -77.87 90.07
C THR J 138 78.73 -77.38 89.32
N GLU J 139 78.17 -78.23 88.48
CA GLU J 139 77.03 -77.84 87.68
C GLU J 139 75.70 -78.02 88.40
N TYR J 140 75.72 -78.66 89.56
CA TYR J 140 74.48 -78.96 90.25
C TYR J 140 73.86 -77.74 90.93
N TYR J 141 72.55 -77.77 91.04
CA TYR J 141 71.82 -76.83 91.88
C TYR J 141 72.10 -77.18 93.32
N PRO J 142 72.06 -76.18 94.22
CA PRO J 142 72.28 -76.46 95.65
C PRO J 142 71.29 -77.48 96.19
N ALA J 143 70.08 -77.47 95.66
CA ALA J 143 69.06 -78.45 96.04
C ALA J 143 69.51 -79.85 95.65
N GLN J 144 70.31 -79.93 94.60
CA GLN J 144 70.84 -81.20 94.13
C GLN J 144 72.04 -81.61 94.99
N LEU J 145 72.51 -80.68 95.81
CA LEU J 145 73.71 -80.89 96.60
C LEU J 145 73.41 -81.26 98.06
N SER J 146 74.29 -82.04 98.66
CA SER J 146 74.17 -82.34 100.08
C SER J 146 74.52 -81.08 100.88
N GLY J 147 73.92 -80.94 102.04
CA GLY J 147 74.02 -79.72 102.83
C GLY J 147 75.43 -79.35 103.25
N GLY J 148 76.24 -80.35 103.55
CA GLY J 148 77.61 -80.08 103.94
C GLY J 148 78.40 -79.55 102.76
N GLN J 149 78.10 -80.08 101.58
CA GLN J 149 78.71 -79.57 100.35
C GLN J 149 78.25 -78.15 100.07
N GLN J 150 77.01 -77.86 100.44
CA GLN J 150 76.44 -76.54 100.25
C GLN J 150 77.17 -75.56 101.14
N GLN J 151 77.45 -76.01 102.36
CA GLN J 151 78.21 -75.21 103.29
C GLN J 151 79.62 -75.03 102.74
N ARG J 152 80.13 -76.05 102.05
CA ARG J 152 81.44 -75.92 101.42
C ARG J 152 81.39 -74.82 100.38
N VAL J 153 80.25 -74.72 99.69
CA VAL J 153 80.07 -73.68 98.69
C VAL J 153 80.08 -72.34 99.39
N SER J 154 79.54 -72.28 100.59
CA SER J 154 79.61 -71.03 101.37
C SER J 154 81.07 -70.71 101.72
N ILE J 155 81.86 -71.75 101.97
CA ILE J 155 83.27 -71.54 102.26
C ILE J 155 84.03 -71.01 101.06
N ALA J 156 83.86 -71.62 99.90
CA ALA J 156 84.56 -71.15 98.71
C ALA J 156 84.08 -69.76 98.35
N ARG J 157 82.81 -69.51 98.64
CA ARG J 157 82.21 -68.21 98.42
C ARG J 157 82.92 -67.17 99.27
N ALA J 158 83.24 -67.56 100.50
CA ALA J 158 84.03 -66.68 101.37
C ALA J 158 85.44 -66.52 100.83
N LEU J 159 85.96 -67.60 100.25
CA LEU J 159 87.33 -67.65 99.78
C LEU J 159 87.60 -66.77 98.58
N MET J 160 86.58 -66.55 97.76
CA MET J 160 86.77 -65.74 96.57
C MET J 160 87.12 -64.30 96.96
N ASN J 161 86.68 -63.89 98.13
CA ASN J 161 87.03 -62.58 98.68
C ASN J 161 88.41 -62.61 99.33
N GLY J 162 88.96 -63.82 99.46
CA GLY J 162 90.21 -64.02 100.16
C GLY J 162 89.99 -64.40 101.61
N GLY J 163 88.76 -64.26 102.08
CA GLY J 163 88.36 -64.75 103.40
C GLY J 163 89.13 -64.13 104.55
N GLN J 164 89.51 -62.86 104.41
CA GLN J 164 90.36 -62.19 105.39
C GLN J 164 89.69 -62.12 106.76
N VAL J 165 88.37 -62.02 106.75
CA VAL J 165 87.58 -62.06 107.99
C VAL J 165 86.39 -62.96 107.76
N ILE J 166 86.11 -63.87 108.69
CA ILE J 166 85.03 -64.81 108.49
C ILE J 166 84.16 -65.03 109.73
N LEU J 167 82.97 -64.45 109.72
CA LEU J 167 81.94 -64.77 110.68
C LEU J 167 81.30 -66.11 110.32
N ALA J 168 80.81 -66.84 111.31
CA ALA J 168 80.30 -68.18 111.05
C ALA J 168 79.13 -68.57 111.95
N ASP J 169 77.91 -68.39 111.42
CA ASP J 169 76.72 -68.91 112.10
C ASP J 169 76.77 -70.42 112.12
N GLU J 170 76.44 -70.98 113.29
CA GLU J 170 76.40 -72.41 113.58
C GLU J 170 76.93 -73.31 112.48
N PRO J 171 78.27 -73.38 112.35
CA PRO J 171 78.92 -74.09 111.26
C PRO J 171 78.58 -75.58 111.19
N THR J 172 78.35 -76.19 112.35
CA THR J 172 78.16 -77.63 112.40
C THR J 172 76.76 -78.04 112.86
N GLY J 173 75.93 -77.06 113.21
CA GLY J 173 74.67 -77.34 113.86
C GLY J 173 73.56 -77.85 112.97
N ALA J 174 73.72 -77.68 111.66
CA ALA J 174 72.70 -78.10 110.71
C ALA J 174 72.82 -79.59 110.39
N LEU J 175 73.90 -80.21 110.84
CA LEU J 175 74.23 -81.56 110.39
C LEU J 175 75.20 -82.31 111.30
N ASP J 176 75.64 -83.47 110.83
CA ASP J 176 76.42 -84.40 111.63
C ASP J 176 77.79 -83.88 112.05
N SER J 177 78.27 -84.38 113.17
CA SER J 177 79.59 -84.01 113.69
C SER J 177 80.69 -84.50 112.75
N HIS J 178 80.37 -85.49 111.93
CA HIS J 178 81.33 -86.00 110.95
C HIS J 178 81.78 -84.88 110.03
N SER J 179 80.93 -84.58 109.05
CA SER J 179 81.21 -83.53 108.09
C SER J 179 81.28 -82.17 108.77
N GLY J 180 80.57 -82.02 109.88
CA GLY J 180 80.56 -80.75 110.59
C GLY J 180 81.92 -80.42 111.15
N GLU J 181 82.43 -81.28 112.03
CA GLU J 181 83.74 -81.09 112.61
C GLU J 181 84.81 -81.21 111.53
N GLU J 182 84.48 -81.89 110.43
CA GLU J 182 85.38 -81.92 109.29
C GLU J 182 85.58 -80.52 108.74
N VAL J 183 84.47 -79.85 108.48
CA VAL J 183 84.50 -78.48 107.99
C VAL J 183 85.18 -77.59 109.01
N MET J 184 85.00 -77.93 110.29
CA MET J 184 85.69 -77.22 111.35
C MET J 184 87.20 -77.41 111.23
N ALA J 185 87.62 -78.59 110.79
CA ALA J 185 89.03 -78.84 110.55
C ALA J 185 89.52 -78.02 109.37
N ILE J 186 88.65 -77.83 108.37
CA ILE J 186 89.00 -76.93 107.28
C ILE J 186 89.11 -75.51 107.82
N LEU J 187 88.30 -75.17 108.81
CA LEU J 187 88.39 -73.87 109.45
C LEU J 187 89.73 -73.73 110.15
N HIS J 188 90.21 -74.85 110.69
CA HIS J 188 91.54 -74.89 111.26
C HIS J 188 92.60 -74.73 110.19
N GLN J 189 92.28 -75.16 108.97
CA GLN J 189 93.20 -74.98 107.86
C GLN J 189 93.30 -73.52 107.46
N LEU J 190 92.15 -72.85 107.44
CA LEU J 190 92.12 -71.42 107.15
C LEU J 190 92.78 -70.63 108.25
N ARG J 191 92.68 -71.15 109.47
CA ARG J 191 93.42 -70.60 110.59
C ARG J 191 94.91 -70.77 110.36
N ASP J 192 95.25 -71.92 109.77
CA ASP J 192 96.61 -72.21 109.38
C ASP J 192 96.98 -71.36 108.19
N ARG J 193 95.96 -70.98 107.42
CA ARG J 193 96.15 -70.08 106.29
C ARG J 193 96.30 -68.65 106.82
N GLY J 194 95.97 -68.49 108.11
CA GLY J 194 96.23 -67.24 108.80
C GLY J 194 95.13 -66.21 108.68
N HIS J 195 94.10 -66.50 107.90
CA HIS J 195 92.95 -65.62 107.84
C HIS J 195 92.15 -65.68 109.13
N THR J 196 91.66 -64.52 109.56
CA THR J 196 90.83 -64.43 110.76
C THR J 196 89.49 -65.13 110.53
N VAL J 197 89.06 -65.90 111.52
CA VAL J 197 87.77 -66.56 111.48
C VAL J 197 87.09 -66.50 112.85
N ILE J 198 85.77 -66.31 112.87
CA ILE J 198 85.05 -66.19 114.12
C ILE J 198 83.71 -66.90 114.07
N ILE J 199 83.64 -68.07 114.68
CA ILE J 199 82.40 -68.81 114.81
C ILE J 199 81.52 -68.21 115.89
N VAL J 200 80.21 -68.38 115.76
CA VAL J 200 79.29 -67.96 116.81
C VAL J 200 78.41 -69.13 117.24
N THR J 201 78.31 -69.33 118.54
CA THR J 201 77.50 -70.41 119.09
C THR J 201 77.21 -70.24 120.56
N HIS J 202 76.04 -70.71 120.99
CA HIS J 202 75.73 -70.80 122.40
C HIS J 202 76.20 -72.14 122.95
N ASP J 203 76.70 -73.00 122.07
CA ASP J 203 77.14 -74.34 122.45
C ASP J 203 78.64 -74.37 122.74
N PRO J 204 78.99 -74.66 124.00
CA PRO J 204 80.38 -74.86 124.45
C PRO J 204 81.10 -76.01 123.74
N GLN J 205 80.36 -77.05 123.37
CA GLN J 205 80.98 -78.25 122.82
C GLN J 205 81.67 -77.99 121.48
N VAL J 206 80.92 -77.38 120.56
CA VAL J 206 81.50 -76.97 119.29
C VAL J 206 82.50 -75.84 119.53
N ALA J 207 82.29 -75.09 120.60
CA ALA J 207 83.17 -73.98 120.95
C ALA J 207 84.53 -74.48 121.39
N ALA J 208 84.59 -75.75 121.80
CA ALA J 208 85.84 -76.36 122.23
C ALA J 208 86.82 -76.40 121.08
N GLN J 209 86.29 -76.45 119.86
CA GLN J 209 87.11 -76.45 118.67
C GLN J 209 87.87 -75.14 118.51
N ALA J 210 87.26 -74.05 118.97
CA ALA J 210 87.83 -72.72 118.82
C ALA J 210 89.01 -72.48 119.76
N GLU J 211 89.94 -71.65 119.32
CA GLU J 211 91.12 -71.33 120.12
C GLU J 211 90.85 -70.23 121.14
N ARG J 212 89.71 -69.54 121.01
CA ARG J 212 89.43 -68.39 121.84
C ARG J 212 87.94 -68.19 122.08
N VAL J 213 87.41 -68.85 123.11
CA VAL J 213 86.03 -68.61 123.53
C VAL J 213 85.92 -67.26 124.20
N ILE J 214 84.78 -66.60 124.04
CA ILE J 214 84.51 -65.32 124.69
C ILE J 214 83.04 -65.26 125.06
N GLU J 215 82.72 -65.24 126.36
CA GLU J 215 81.32 -65.20 126.73
C GLU J 215 80.83 -63.80 127.06
N ILE J 216 79.68 -63.48 126.47
CA ILE J 216 78.99 -62.22 126.68
C ILE J 216 77.64 -62.45 127.38
N ARG J 217 77.26 -61.52 128.25
CA ARG J 217 75.92 -61.53 128.81
C ARG J 217 75.53 -60.13 129.27
N ASP J 218 74.23 -59.86 129.18
CA ASP J 218 73.66 -58.59 129.64
C ASP J 218 74.33 -57.39 128.98
N GLY J 219 74.64 -57.52 127.69
CA GLY J 219 75.19 -56.42 126.93
C GLY J 219 76.68 -56.26 127.03
N GLU J 220 77.33 -57.12 127.80
CA GLU J 220 78.79 -57.08 127.93
C GLU J 220 79.40 -58.46 128.06
N ILE J 221 80.63 -58.59 127.55
CA ILE J 221 81.36 -59.83 127.68
C ILE J 221 81.65 -60.10 129.16
N VAL J 222 81.09 -61.20 129.68
CA VAL J 222 81.39 -61.58 131.04
C VAL J 222 82.84 -62.03 131.12
N ARG J 223 83.36 -62.56 130.01
CA ARG J 223 84.77 -62.95 129.97
C ARG J 223 85.33 -63.13 128.56
N ASN J 224 86.64 -63.02 128.46
CA ASN J 224 87.38 -63.26 127.22
C ASN J 224 88.56 -64.20 127.47
N PRO J 225 88.29 -65.50 127.63
CA PRO J 225 89.35 -66.48 127.83
C PRO J 225 89.76 -67.16 126.52
N PRO J 226 90.95 -66.83 126.01
CA PRO J 226 91.49 -67.44 124.78
C PRO J 226 91.62 -68.96 124.91
N GLY J 246 81.47 -47.62 88.81
CA GLY J 246 82.04 -47.81 87.49
C GLY J 246 81.04 -48.41 86.51
N TRP J 247 81.17 -48.02 85.25
CA TRP J 247 80.29 -48.53 84.21
C TRP J 247 80.69 -49.92 83.73
N ARG J 248 81.87 -50.36 84.16
CA ARG J 248 82.33 -51.72 83.84
C ARG J 248 81.41 -52.75 84.45
N GLN J 249 81.11 -52.57 85.73
CA GLN J 249 80.22 -53.48 86.44
C GLN J 249 78.77 -53.21 86.05
N PHE J 250 78.53 -52.07 85.41
CA PHE J 250 77.20 -51.77 84.91
C PHE J 250 76.89 -52.57 83.65
N VAL J 251 77.83 -52.63 82.72
CA VAL J 251 77.63 -53.40 81.49
C VAL J 251 77.83 -54.89 81.72
N SER J 252 78.80 -55.23 82.57
CA SER J 252 78.97 -56.61 83.00
C SER J 252 77.73 -56.99 83.77
N GLY J 253 77.11 -56.02 84.41
CA GLY J 253 75.84 -56.23 85.05
C GLY J 253 74.78 -56.47 83.99
N PHE J 254 74.89 -55.77 82.86
CA PHE J 254 73.89 -55.91 81.81
C PHE J 254 73.88 -57.33 81.28
N ASN J 255 75.04 -57.85 80.91
CA ASN J 255 75.09 -59.18 80.33
C ASN J 255 75.03 -60.33 81.35
N GLU J 256 75.77 -60.20 82.45
CA GLU J 256 75.75 -61.25 83.46
C GLU J 256 74.39 -61.34 84.14
N ALA J 257 73.74 -60.21 84.37
CA ALA J 257 72.39 -60.25 84.92
C ALA J 257 71.39 -60.42 83.80
N LEU J 258 71.87 -60.38 82.56
CA LEU J 258 71.06 -60.88 81.46
C LEU J 258 70.93 -62.39 81.62
N THR J 259 72.05 -63.02 81.95
CA THR J 259 72.03 -64.45 82.20
C THR J 259 71.23 -64.77 83.45
N MET J 260 71.40 -63.92 84.47
CA MET J 260 70.67 -64.06 85.72
C MET J 260 69.20 -63.89 85.46
N ALA J 261 68.88 -63.04 84.50
CA ALA J 261 67.51 -62.81 84.10
C ALA J 261 66.95 -64.04 83.42
N TRP J 262 67.77 -64.65 82.57
CA TRP J 262 67.33 -65.84 81.85
C TRP J 262 67.03 -66.95 82.85
N ARG J 263 67.82 -66.97 83.91
CA ARG J 263 67.63 -67.96 84.95
C ARG J 263 66.38 -67.67 85.77
N ALA J 264 66.18 -66.40 86.12
CA ALA J 264 65.02 -66.04 86.91
C ALA J 264 63.73 -66.29 86.13
N LEU J 265 63.80 -66.11 84.83
CA LEU J 265 62.70 -66.46 83.95
C LEU J 265 62.55 -67.97 83.89
N ALA J 266 63.67 -68.67 84.00
CA ALA J 266 63.65 -70.12 83.99
C ALA J 266 62.93 -70.62 85.23
N ALA J 267 62.97 -69.82 86.29
CA ALA J 267 62.23 -70.13 87.50
C ALA J 267 60.72 -70.13 87.24
N ASN J 268 60.29 -69.31 86.28
CA ASN J 268 58.88 -69.20 85.97
C ASN J 268 58.63 -68.94 84.50
N LYS J 269 58.93 -69.93 83.68
CA LYS J 269 58.78 -69.81 82.24
C LYS J 269 57.34 -69.56 81.85
N MET J 270 56.40 -70.11 82.62
CA MET J 270 55.00 -69.97 82.31
C MET J 270 54.50 -68.57 82.64
N ARG J 271 54.89 -68.08 83.81
CA ARG J 271 54.52 -66.74 84.23
C ARG J 271 55.12 -65.75 83.27
N THR J 272 56.33 -66.07 82.83
CA THR J 272 57.05 -65.28 81.86
C THR J 272 56.28 -65.29 80.57
N LEU J 273 55.65 -66.43 80.28
CA LEU J 273 54.89 -66.58 79.05
C LEU J 273 53.68 -65.69 79.05
N LEU J 274 52.91 -65.73 80.13
CA LEU J 274 51.70 -64.93 80.20
C LEU J 274 52.05 -63.44 80.20
N THR J 275 53.17 -63.13 80.84
CA THR J 275 53.62 -61.76 80.95
C THR J 275 53.98 -61.21 79.58
N MET J 276 54.86 -61.94 78.92
CA MET J 276 55.35 -61.53 77.62
C MET J 276 54.21 -61.49 76.62
N LEU J 277 53.26 -62.40 76.75
CA LEU J 277 52.12 -62.40 75.85
C LEU J 277 51.30 -61.14 76.06
N GLY J 278 51.23 -60.72 77.32
CA GLY J 278 50.48 -59.53 77.66
C GLY J 278 51.15 -58.34 77.01
N ILE J 279 52.47 -58.40 76.92
CA ILE J 279 53.21 -57.36 76.21
C ILE J 279 52.95 -57.41 74.70
N ILE J 280 53.06 -58.63 74.17
CA ILE J 280 53.08 -58.89 72.75
C ILE J 280 51.80 -58.48 72.07
N ILE J 281 50.67 -58.89 72.65
CA ILE J 281 49.39 -58.60 72.03
C ILE J 281 49.21 -57.09 72.01
N GLY J 282 49.72 -56.46 73.06
CA GLY J 282 49.63 -55.03 73.20
C GLY J 282 50.34 -54.32 72.06
N ILE J 283 51.66 -54.48 72.01
CA ILE J 283 52.46 -53.76 71.04
C ILE J 283 52.11 -54.14 69.61
N ALA J 284 51.78 -55.41 69.40
CA ALA J 284 51.43 -55.87 68.08
C ALA J 284 50.17 -55.16 67.62
N SER J 285 49.23 -55.03 68.55
CA SER J 285 48.01 -54.29 68.27
C SER J 285 48.30 -52.81 68.03
N VAL J 286 49.31 -52.29 68.72
CA VAL J 286 49.68 -50.90 68.55
C VAL J 286 50.06 -50.65 67.11
N VAL J 287 51.13 -51.33 66.69
CA VAL J 287 51.66 -51.11 65.35
C VAL J 287 50.60 -51.48 64.32
N SER J 288 49.79 -52.47 64.67
CA SER J 288 48.73 -52.91 63.78
C SER J 288 47.80 -51.77 63.47
N ILE J 289 47.17 -51.23 64.51
CA ILE J 289 46.17 -50.21 64.32
C ILE J 289 46.77 -48.94 63.74
N VAL J 290 48.03 -48.66 64.09
CA VAL J 290 48.69 -47.49 63.56
C VAL J 290 48.83 -47.60 62.05
N VAL J 291 49.38 -48.73 61.61
CA VAL J 291 49.63 -48.92 60.21
C VAL J 291 48.35 -49.01 59.41
N VAL J 292 47.37 -49.76 59.91
CA VAL J 292 46.14 -49.94 59.15
C VAL J 292 45.35 -48.64 59.06
N GLY J 293 45.35 -47.87 60.14
CA GLY J 293 44.61 -46.62 60.13
C GLY J 293 45.30 -45.64 59.22
N ASP J 294 46.62 -45.68 59.23
CA ASP J 294 47.39 -44.81 58.37
C ASP J 294 47.17 -45.16 56.91
N ALA J 295 46.98 -46.44 56.64
CA ALA J 295 46.86 -46.92 55.27
C ALA J 295 45.49 -46.57 54.71
N ALA J 296 44.46 -46.81 55.51
CA ALA J 296 43.12 -46.45 55.08
C ALA J 296 43.04 -44.94 54.91
N LYS J 297 43.76 -44.23 55.77
CA LYS J 297 43.84 -42.79 55.65
C LYS J 297 44.50 -42.43 54.34
N GLN J 298 45.50 -43.22 53.94
CA GLN J 298 46.15 -42.97 52.67
C GLN J 298 45.18 -43.20 51.54
N MET J 299 44.27 -44.15 51.73
CA MET J 299 43.31 -44.48 50.69
C MET J 299 42.34 -43.33 50.47
N VAL J 300 41.69 -42.93 51.56
CA VAL J 300 40.69 -41.88 51.45
C VAL J 300 41.31 -40.55 51.06
N LEU J 301 42.50 -40.25 51.56
CA LEU J 301 43.18 -39.02 51.18
C LEU J 301 43.57 -39.06 49.71
N ALA J 302 44.01 -40.23 49.26
CA ALA J 302 44.40 -40.38 47.87
C ALA J 302 43.19 -40.13 47.00
N ASP J 303 42.03 -40.54 47.48
CA ASP J 303 40.79 -40.23 46.80
C ASP J 303 40.54 -38.72 46.81
N ILE J 304 40.95 -38.07 47.90
CA ILE J 304 40.69 -36.65 48.05
C ILE J 304 41.77 -35.80 47.37
N ARG J 305 43.02 -36.20 47.54
CA ARG J 305 44.14 -35.46 46.99
C ARG J 305 44.27 -35.79 45.51
N SER J 306 43.43 -36.72 45.07
CA SER J 306 43.37 -37.09 43.66
C SER J 306 43.07 -35.84 42.86
N ILE J 307 42.29 -34.95 43.47
CA ILE J 307 42.27 -33.58 43.01
C ILE J 307 43.37 -32.91 43.79
N GLY J 308 44.38 -32.39 43.09
CA GLY J 308 45.63 -32.04 43.70
C GLY J 308 45.67 -30.81 44.58
N THR J 309 46.44 -29.81 44.16
CA THR J 309 46.70 -28.63 44.96
C THR J 309 47.27 -27.49 44.12
N ASN J 310 46.43 -26.51 43.79
CA ASN J 310 45.01 -26.55 44.14
C ASN J 310 44.07 -26.34 42.96
N THR J 311 42.98 -25.63 43.23
CA THR J 311 41.93 -25.42 42.23
C THR J 311 41.07 -24.22 42.61
N ILE J 312 41.00 -23.24 41.73
CA ILE J 312 40.16 -22.08 41.95
C ILE J 312 39.23 -21.91 40.75
N ASP J 313 38.18 -22.72 40.67
CA ASP J 313 37.27 -22.64 39.54
C ASP J 313 36.60 -21.28 39.51
N VAL J 314 36.58 -20.68 38.33
CA VAL J 314 36.08 -19.33 38.20
C VAL J 314 34.57 -19.33 38.08
N TYR J 315 33.92 -18.41 38.80
CA TYR J 315 32.46 -18.38 38.82
C TYR J 315 31.91 -16.98 38.61
N PRO J 316 30.72 -16.90 37.99
CA PRO J 316 29.97 -15.68 37.76
C PRO J 316 28.79 -15.50 38.73
N GLY J 317 28.06 -14.41 38.58
CA GLY J 317 26.85 -14.19 39.36
C GLY J 317 27.06 -13.72 40.79
N LYS J 318 27.12 -14.68 41.70
CA LYS J 318 27.48 -14.47 43.10
C LYS J 318 28.02 -15.78 43.67
N ASP J 319 27.17 -16.79 43.70
CA ASP J 319 27.57 -18.14 44.08
C ASP J 319 26.80 -19.19 43.29
N PHE J 320 26.69 -20.39 43.84
CA PHE J 320 26.20 -21.55 43.09
C PHE J 320 24.75 -21.43 42.61
N GLY J 321 23.91 -20.75 43.38
CA GLY J 321 22.49 -20.69 43.07
C GLY J 321 22.04 -19.60 42.12
N ASP J 322 22.95 -18.71 41.72
CA ASP J 322 22.57 -17.53 40.95
C ASP J 322 22.20 -17.89 39.52
N ASP J 323 21.42 -17.05 38.87
CA ASP J 323 21.00 -17.28 37.50
C ASP J 323 21.55 -16.25 36.51
N ASP J 324 20.79 -15.18 36.27
CA ASP J 324 21.12 -14.22 35.22
C ASP J 324 22.52 -13.60 35.35
N PRO J 325 22.86 -13.05 36.53
CA PRO J 325 24.23 -12.54 36.66
C PRO J 325 25.26 -13.64 36.44
N GLN J 326 24.90 -14.85 36.85
CA GLN J 326 25.73 -16.03 36.61
C GLN J 326 25.60 -16.48 35.16
N TYR J 327 24.45 -16.21 34.55
CA TYR J 327 24.23 -16.58 33.16
C TYR J 327 25.16 -15.76 32.28
N GLN J 328 25.14 -14.45 32.50
CA GLN J 328 26.13 -13.58 31.88
C GLN J 328 27.49 -13.91 32.46
N GLN J 329 28.51 -13.92 31.63
CA GLN J 329 29.87 -14.19 32.11
C GLN J 329 30.89 -13.29 31.47
N ALA J 330 31.41 -12.34 32.25
CA ALA J 330 32.53 -11.54 31.82
C ALA J 330 33.81 -12.32 32.10
N LEU J 331 34.00 -13.41 31.36
CA LEU J 331 35.11 -14.30 31.61
C LEU J 331 35.78 -14.75 30.32
N LYS J 332 36.67 -13.92 29.80
CA LYS J 332 37.47 -14.31 28.66
C LYS J 332 38.38 -15.45 29.05
N TYR J 333 38.57 -16.40 28.14
CA TYR J 333 39.58 -17.43 28.35
C TYR J 333 40.96 -16.80 28.22
N ASP J 334 41.00 -15.66 27.54
CA ASP J 334 42.21 -14.88 27.41
C ASP J 334 42.63 -14.35 28.76
N ASP J 335 41.66 -14.22 29.65
CA ASP J 335 41.90 -13.68 30.97
C ASP J 335 42.94 -14.53 31.67
N LEU J 336 42.92 -15.82 31.33
CA LEU J 336 43.80 -16.80 31.94
C LEU J 336 45.26 -16.44 31.74
N ILE J 337 45.55 -15.76 30.64
CA ILE J 337 46.91 -15.39 30.31
C ILE J 337 47.60 -14.73 31.49
N ALA J 338 47.13 -13.54 31.84
CA ALA J 338 47.66 -12.84 32.99
C ALA J 338 47.40 -13.65 34.25
N ILE J 339 46.30 -14.38 34.25
CA ILE J 339 45.98 -15.22 35.39
C ILE J 339 47.03 -16.32 35.52
N GLN J 340 47.53 -16.79 34.38
CA GLN J 340 48.55 -17.83 34.41
C GLN J 340 49.90 -17.18 34.63
N LYS J 341 49.94 -15.86 34.48
CA LYS J 341 51.19 -15.12 34.57
C LYS J 341 51.77 -15.12 35.99
N GLN J 342 50.92 -15.34 36.99
CA GLN J 342 51.38 -15.29 38.37
C GLN J 342 52.25 -16.48 38.73
N PRO J 343 53.46 -16.19 39.22
CA PRO J 343 54.53 -17.18 39.42
C PRO J 343 54.16 -18.31 40.36
N TRP J 344 53.37 -18.01 41.39
CA TRP J 344 53.02 -19.02 42.37
C TRP J 344 52.15 -20.09 41.74
N VAL J 345 51.41 -19.71 40.71
CA VAL J 345 50.57 -20.66 40.02
C VAL J 345 51.44 -21.69 39.33
N ALA J 346 51.07 -22.96 39.48
CA ALA J 346 51.70 -24.01 38.70
C ALA J 346 51.05 -24.08 37.34
N SER J 347 49.71 -24.06 37.35
CA SER J 347 48.92 -24.11 36.14
C SER J 347 47.49 -23.73 36.43
N ALA J 348 46.75 -23.39 35.38
CA ALA J 348 45.33 -23.13 35.53
C ALA J 348 44.63 -23.43 34.22
N THR J 349 43.46 -24.06 34.30
CA THR J 349 42.80 -24.50 33.07
C THR J 349 41.32 -24.16 32.99
N PRO J 350 40.87 -23.82 31.78
CA PRO J 350 39.49 -23.53 31.36
C PRO J 350 38.55 -24.72 31.47
N ALA J 351 37.26 -24.45 31.73
CA ALA J 351 36.25 -25.50 31.73
C ALA J 351 34.91 -25.02 31.20
N VAL J 352 34.27 -25.87 30.41
CA VAL J 352 32.97 -25.56 29.81
C VAL J 352 32.31 -26.85 29.34
N SER J 353 31.00 -26.82 29.13
CA SER J 353 30.25 -28.02 28.80
C SER J 353 28.93 -27.70 28.11
N GLN J 354 28.52 -28.54 27.17
CA GLN J 354 27.24 -28.39 26.47
C GLN J 354 26.62 -29.70 26.05
N ASN J 355 25.48 -30.04 26.63
CA ASN J 355 24.68 -31.13 26.10
C ASN J 355 24.07 -30.74 24.76
N LEU J 356 24.09 -31.67 23.81
CA LEU J 356 23.59 -31.43 22.47
C LEU J 356 23.15 -32.73 21.81
N ARG J 357 22.26 -32.64 20.83
CA ARG J 357 21.82 -33.81 20.11
C ARG J 357 22.98 -34.41 19.33
N LEU J 358 23.05 -35.75 19.30
CA LEU J 358 24.05 -36.44 18.51
C LEU J 358 23.44 -37.46 17.57
N ARG J 359 23.40 -37.10 16.29
CA ARG J 359 23.01 -37.99 15.23
C ARG J 359 24.14 -38.99 14.98
N TYR J 360 23.80 -40.22 14.60
CA TYR J 360 24.82 -41.18 14.18
C TYR J 360 24.24 -42.44 13.51
N ASN J 361 24.53 -42.58 12.23
CA ASN J 361 24.10 -43.76 11.46
C ASN J 361 22.61 -43.98 11.60
N ASN J 362 22.22 -44.60 12.70
CA ASN J 362 20.83 -44.84 13.00
C ASN J 362 20.50 -44.29 14.37
N VAL J 363 21.33 -44.66 15.35
CA VAL J 363 21.15 -44.16 16.71
C VAL J 363 21.34 -42.65 16.74
N ASP J 364 20.42 -41.96 17.40
CA ASP J 364 20.28 -40.52 17.28
C ASP J 364 19.79 -39.90 18.58
N VAL J 365 20.70 -39.60 19.48
CA VAL J 365 20.30 -39.12 20.80
C VAL J 365 21.17 -38.00 21.32
N ALA J 366 20.56 -37.12 22.11
CA ALA J 366 21.28 -36.03 22.76
C ALA J 366 22.19 -36.58 23.86
N ALA J 367 23.27 -35.85 24.14
CA ALA J 367 24.21 -36.24 25.18
C ALA J 367 24.96 -35.04 25.73
N SER J 368 25.30 -35.09 27.01
CA SER J 368 26.11 -34.04 27.61
C SER J 368 27.56 -34.17 27.17
N ALA J 369 28.24 -33.02 27.12
CA ALA J 369 29.62 -32.99 26.65
C ALA J 369 30.41 -31.98 27.46
N ASN J 370 31.73 -32.05 27.41
CA ASN J 370 32.54 -31.25 28.33
C ASN J 370 33.84 -30.70 27.74
N GLY J 371 33.84 -29.42 27.40
CA GLY J 371 35.05 -28.76 26.95
C GLY J 371 36.00 -28.56 28.11
N VAL J 372 37.18 -29.16 28.00
CA VAL J 372 38.11 -29.25 29.12
C VAL J 372 39.58 -29.33 28.70
N SER J 373 40.44 -29.22 29.70
CA SER J 373 41.88 -29.39 29.52
C SER J 373 42.25 -30.84 29.27
N GLY J 374 43.42 -31.04 28.65
CA GLY J 374 43.90 -32.38 28.39
C GLY J 374 44.46 -33.02 29.64
N ASP J 375 44.64 -32.20 30.68
CA ASP J 375 45.11 -32.70 31.95
C ASP J 375 43.96 -33.27 32.75
N TYR J 376 42.75 -33.11 32.21
CA TYR J 376 41.52 -33.49 32.90
C TYR J 376 41.57 -34.91 33.45
N PHE J 377 41.45 -35.88 32.57
CA PHE J 377 41.44 -37.27 32.98
C PHE J 377 42.78 -37.60 33.61
N ASN J 378 43.80 -36.85 33.22
CA ASN J 378 45.11 -36.98 33.81
C ASN J 378 45.07 -36.61 35.28
N VAL J 379 44.79 -35.34 35.58
CA VAL J 379 44.83 -34.88 36.97
C VAL J 379 43.74 -35.55 37.80
N TYR J 380 42.59 -35.83 37.20
CA TYR J 380 41.58 -36.62 37.88
C TYR J 380 42.03 -38.07 37.99
N GLY J 381 42.94 -38.47 37.11
CA GLY J 381 43.46 -39.81 37.15
C GLY J 381 42.44 -40.79 36.61
N MET J 382 41.44 -40.26 35.89
CA MET J 382 40.37 -41.09 35.37
C MET J 382 40.93 -42.13 34.42
N THR J 383 40.50 -43.37 34.59
CA THR J 383 41.00 -44.46 33.75
C THR J 383 40.35 -44.46 32.38
N PHE J 384 41.10 -44.91 31.38
CA PHE J 384 40.59 -44.96 30.02
C PHE J 384 40.01 -46.32 29.69
N SER J 385 38.80 -46.34 29.17
CA SER J 385 38.27 -47.54 28.58
C SER J 385 39.11 -47.85 27.35
N GLU J 386 39.55 -46.79 26.68
CA GLU J 386 40.33 -46.92 25.46
C GLU J 386 40.92 -45.57 25.04
N GLY J 387 42.02 -45.62 24.30
CA GLY J 387 42.59 -44.40 23.73
C GLY J 387 43.30 -43.58 24.78
N ASN J 388 43.61 -42.35 24.43
CA ASN J 388 44.30 -41.45 25.35
C ASN J 388 43.59 -40.11 25.42
N THR J 389 44.18 -39.15 26.12
CA THR J 389 43.60 -37.82 26.17
C THR J 389 43.99 -37.12 24.88
N PHE J 390 44.77 -36.03 24.98
CA PHE J 390 45.26 -35.35 23.80
C PHE J 390 46.42 -34.42 24.08
N ASN J 391 47.24 -34.21 23.08
CA ASN J 391 48.37 -33.31 23.15
C ASN J 391 47.91 -31.87 23.15
N GLN J 392 48.70 -31.01 23.78
CA GLN J 392 48.40 -29.58 23.78
C GLN J 392 48.54 -29.01 22.38
N GLU J 393 49.38 -29.65 21.58
CA GLU J 393 49.59 -29.26 20.21
C GLU J 393 48.29 -29.44 19.44
N GLN J 394 47.72 -30.63 19.59
CA GLN J 394 46.44 -30.91 18.98
C GLN J 394 45.31 -30.30 19.77
N LEU J 395 45.59 -29.89 20.99
CA LEU J 395 44.67 -29.02 21.69
C LEU J 395 44.57 -27.72 20.91
N ASN J 396 45.69 -27.31 20.35
CA ASN J 396 45.70 -26.17 19.44
C ASN J 396 45.35 -26.60 18.03
N GLY J 397 45.36 -27.91 17.80
CA GLY J 397 45.15 -28.45 16.48
C GLY J 397 43.68 -28.47 16.09
N ARG J 398 42.81 -28.31 17.07
CA ARG J 398 41.37 -28.34 16.85
C ARG J 398 40.95 -29.59 16.07
N ALA J 399 41.50 -30.73 16.46
CA ALA J 399 41.11 -32.00 15.88
C ALA J 399 39.73 -32.39 16.38
N GLN J 400 39.01 -33.15 15.58
CA GLN J 400 37.65 -33.56 15.94
C GLN J 400 37.70 -34.78 16.87
N VAL J 401 38.76 -34.85 17.66
CA VAL J 401 38.94 -35.91 18.64
C VAL J 401 38.01 -35.69 19.83
N VAL J 402 37.60 -36.77 20.48
CA VAL J 402 36.61 -36.66 21.55
C VAL J 402 36.51 -37.89 22.44
N VAL J 403 36.19 -37.65 23.71
CA VAL J 403 36.03 -38.72 24.70
C VAL J 403 34.56 -38.94 25.05
N LEU J 404 34.18 -40.20 25.24
CA LEU J 404 32.78 -40.55 25.46
C LEU J 404 32.59 -41.51 26.63
N ASP J 405 31.36 -41.61 27.12
CA ASP J 405 31.00 -42.61 28.11
C ASP J 405 31.12 -44.00 27.53
N SER J 406 31.54 -44.95 28.36
CA SER J 406 31.52 -46.34 27.95
C SER J 406 30.08 -46.75 27.69
N ASN J 407 29.18 -46.23 28.51
CA ASN J 407 27.76 -46.51 28.36
C ASN J 407 27.24 -45.94 27.06
N THR J 408 27.82 -44.81 26.67
CA THR J 408 27.43 -44.18 25.43
C THR J 408 27.77 -45.12 24.30
N ARG J 409 28.91 -45.79 24.41
CA ARG J 409 29.28 -46.79 23.43
C ARG J 409 28.32 -47.97 23.50
N ARG J 410 27.85 -48.24 24.71
CA ARG J 410 26.95 -49.36 24.91
C ARG J 410 25.68 -49.13 24.13
N GLN J 411 25.28 -47.86 24.03
CA GLN J 411 24.10 -47.56 23.26
C GLN J 411 24.42 -47.49 21.78
N LEU J 412 25.47 -46.75 21.45
CA LEU J 412 25.86 -46.54 20.07
C LEU J 412 26.29 -47.82 19.39
N PHE J 413 26.92 -48.70 20.17
CA PHE J 413 27.63 -49.83 19.60
C PHE J 413 27.24 -51.14 20.24
N PRO J 414 26.09 -51.68 19.83
CA PRO J 414 25.72 -53.04 20.23
C PRO J 414 26.79 -54.02 19.76
N HIS J 415 27.39 -53.68 18.64
CA HIS J 415 28.44 -54.47 18.01
C HIS J 415 29.70 -54.54 18.87
N LYS J 416 29.93 -53.49 19.66
CA LYS J 416 31.20 -53.27 20.34
C LYS J 416 32.33 -53.13 19.32
N ALA J 417 32.07 -52.31 18.31
CA ALA J 417 33.07 -51.99 17.30
C ALA J 417 34.17 -51.13 17.89
N ASP J 418 35.36 -51.18 17.29
CA ASP J 418 36.46 -50.35 17.77
C ASP J 418 36.10 -48.87 17.65
N VAL J 419 36.46 -48.11 18.67
CA VAL J 419 36.10 -46.71 18.74
C VAL J 419 36.96 -45.81 17.86
N VAL J 420 38.27 -46.03 17.87
CA VAL J 420 39.19 -45.08 17.28
C VAL J 420 39.01 -44.95 15.78
N GLY J 421 39.13 -43.72 15.29
CA GLY J 421 39.05 -43.45 13.87
C GLY J 421 37.62 -43.27 13.40
N GLU J 422 36.67 -43.67 14.25
CA GLU J 422 35.27 -43.48 13.93
C GLU J 422 34.89 -42.03 14.10
N VAL J 423 33.88 -41.59 13.36
CA VAL J 423 33.41 -40.22 13.48
C VAL J 423 31.92 -40.19 13.80
N ILE J 424 31.53 -39.31 14.71
CA ILE J 424 30.14 -39.10 15.05
C ILE J 424 29.93 -37.60 15.20
N LEU J 425 28.87 -37.07 14.60
CA LEU J 425 28.60 -35.66 14.79
C LEU J 425 28.18 -35.40 16.21
N VAL J 426 28.67 -34.30 16.76
CA VAL J 426 28.13 -33.72 17.96
C VAL J 426 27.40 -32.47 17.55
N GLY J 427 26.17 -32.31 18.07
CA GLY J 427 25.34 -31.19 17.68
C GLY J 427 25.20 -31.18 16.17
N ASN J 428 26.20 -30.62 15.51
CA ASN J 428 26.27 -30.62 14.06
C ASN J 428 27.65 -31.04 13.56
N MET J 429 28.69 -30.53 14.19
CA MET J 429 30.04 -30.77 13.69
C MET J 429 30.41 -32.23 13.82
N PRO J 430 30.97 -32.80 12.75
CA PRO J 430 31.47 -34.17 12.80
C PRO J 430 32.62 -34.26 13.79
N ALA J 431 32.75 -35.39 14.47
CA ALA J 431 33.81 -35.55 15.46
C ALA J 431 34.44 -36.93 15.44
N ARG J 432 35.71 -37.01 15.07
CA ARG J 432 36.38 -38.29 15.00
C ARG J 432 36.73 -38.79 16.38
N VAL J 433 35.92 -39.70 16.89
CA VAL J 433 36.10 -40.25 18.23
C VAL J 433 37.40 -41.03 18.33
N ILE J 434 38.05 -40.94 19.48
CA ILE J 434 39.20 -41.78 19.76
C ILE J 434 39.11 -42.35 21.16
N GLY J 435 39.41 -41.53 22.16
CA GLY J 435 39.41 -41.99 23.54
C GLY J 435 38.03 -42.17 24.12
N VAL J 436 37.93 -43.10 25.06
CA VAL J 436 36.78 -43.26 25.95
C VAL J 436 37.30 -43.73 27.30
N ALA J 437 36.68 -43.26 28.37
CA ALA J 437 37.24 -43.49 29.69
C ALA J 437 36.25 -44.14 30.64
N GLU J 438 36.72 -45.16 31.35
CA GLU J 438 35.94 -45.77 32.41
C GLU J 438 35.88 -44.85 33.61
N GLU J 439 34.75 -44.87 34.32
CA GLU J 439 34.60 -44.08 35.53
C GLU J 439 35.55 -44.58 36.62
N LYS J 440 36.13 -43.65 37.37
CA LYS J 440 37.01 -44.02 38.46
C LYS J 440 36.24 -44.16 39.79
N GLN J 441 34.96 -43.81 39.79
CA GLN J 441 34.12 -44.04 40.95
C GLN J 441 33.01 -45.04 40.63
N SER J 442 32.49 -45.68 41.67
CA SER J 442 31.27 -46.45 41.54
C SER J 442 30.11 -45.48 41.35
N MET J 443 29.55 -45.02 42.47
CA MET J 443 28.49 -44.02 42.47
C MET J 443 27.34 -44.42 41.55
N PHE J 444 26.89 -45.65 41.72
CA PHE J 444 25.81 -46.20 40.90
C PHE J 444 24.50 -45.47 41.15
N GLY J 445 24.39 -44.84 42.32
CA GLY J 445 23.16 -44.13 42.67
C GLY J 445 23.07 -42.83 41.91
N SER J 446 24.18 -42.41 41.32
CA SER J 446 24.19 -41.24 40.46
C SER J 446 23.35 -41.46 39.21
N SER J 447 23.26 -42.72 38.78
CA SER J 447 22.50 -43.09 37.58
C SER J 447 22.93 -42.24 36.40
N LYS J 448 24.23 -42.23 36.16
CA LYS J 448 24.82 -41.32 35.18
C LYS J 448 24.26 -41.51 33.79
N VAL J 449 24.02 -40.39 33.11
CA VAL J 449 23.54 -40.43 31.75
C VAL J 449 24.71 -40.21 30.81
N LEU J 450 24.39 -39.97 29.55
CA LEU J 450 25.42 -39.82 28.54
C LEU J 450 26.28 -38.60 28.81
N ARG J 451 27.60 -38.76 28.70
CA ARG J 451 28.54 -37.69 28.97
C ARG J 451 29.73 -37.78 28.02
N VAL J 452 30.26 -36.63 27.63
CA VAL J 452 31.22 -36.55 26.54
C VAL J 452 32.30 -35.52 26.84
N TRP J 453 33.49 -35.68 26.26
CA TRP J 453 34.58 -34.77 26.57
C TRP J 453 35.34 -34.30 25.34
N LEU J 454 35.65 -33.01 25.34
CA LEU J 454 36.31 -32.36 24.22
C LEU J 454 37.43 -31.51 24.73
N PRO J 455 38.44 -31.24 23.90
CA PRO J 455 39.27 -30.11 24.28
C PRO J 455 38.40 -28.87 24.32
N TYR J 456 38.61 -28.00 25.29
CA TYR J 456 37.74 -26.84 25.43
C TYR J 456 37.93 -25.90 24.26
N SER J 457 39.12 -25.94 23.68
CA SER J 457 39.42 -25.06 22.57
C SER J 457 38.52 -25.38 21.40
N THR J 458 38.18 -26.65 21.25
CA THR J 458 37.32 -27.06 20.16
C THR J 458 35.86 -26.75 20.46
N MET J 459 35.42 -27.10 21.66
CA MET J 459 34.04 -26.90 22.05
C MET J 459 33.69 -25.42 22.07
N SER J 460 34.33 -24.71 22.98
CA SER J 460 34.12 -23.28 23.15
C SER J 460 34.48 -22.56 21.89
N GLY J 461 35.41 -23.13 21.13
CA GLY J 461 35.83 -22.54 19.91
C GLY J 461 34.87 -22.83 18.78
N ARG J 462 35.11 -23.91 18.07
CA ARG J 462 34.47 -24.13 16.79
C ARG J 462 33.12 -24.83 16.84
N VAL J 463 32.55 -24.99 18.03
CA VAL J 463 31.11 -25.27 18.12
C VAL J 463 30.42 -24.43 19.19
N MET J 464 31.06 -23.35 19.62
CA MET J 464 30.40 -22.38 20.49
C MET J 464 30.81 -20.97 20.12
N GLY J 465 32.10 -20.69 20.25
CA GLY J 465 32.66 -19.40 19.88
C GLY J 465 32.59 -18.36 20.98
N GLN J 466 31.96 -18.68 22.09
CA GLN J 466 31.89 -17.72 23.19
C GLN J 466 33.24 -17.65 23.88
N SER J 467 33.58 -16.48 24.41
CA SER J 467 34.81 -16.33 25.18
C SER J 467 34.63 -16.78 26.61
N TRP J 468 33.37 -16.96 27.02
CA TRP J 468 33.04 -17.13 28.43
C TRP J 468 32.74 -18.56 28.83
N LEU J 469 33.78 -19.27 29.20
CA LEU J 469 33.67 -20.67 29.63
C LEU J 469 33.04 -20.78 31.00
N ASN J 470 32.49 -21.95 31.28
CA ASN J 470 31.75 -22.16 32.52
C ASN J 470 32.59 -21.95 33.77
N SER J 471 33.88 -22.30 33.69
CA SER J 471 34.78 -22.15 34.83
C SER J 471 36.23 -22.31 34.41
N ILE J 472 37.14 -21.95 35.30
CA ILE J 472 38.56 -22.18 35.05
C ILE J 472 39.27 -22.69 36.31
N THR J 473 39.75 -23.93 36.23
CA THR J 473 40.55 -24.51 37.31
C THR J 473 41.83 -23.73 37.47
N VAL J 474 42.26 -23.53 38.71
CA VAL J 474 43.48 -22.79 38.98
C VAL J 474 44.35 -23.48 40.03
N ARG J 475 45.43 -24.10 39.57
CA ARG J 475 46.30 -24.85 40.47
C ARG J 475 47.55 -24.08 40.87
N VAL J 476 47.70 -23.84 42.17
CA VAL J 476 48.89 -23.19 42.72
C VAL J 476 50.06 -24.14 42.84
N LYS J 477 51.27 -23.58 42.88
CA LYS J 477 52.48 -24.36 43.11
C LYS J 477 52.98 -24.06 44.53
N GLU J 478 54.21 -24.48 44.83
CA GLU J 478 54.94 -24.12 46.06
C GLU J 478 54.44 -24.81 47.33
N GLY J 479 53.37 -25.58 47.22
CA GLY J 479 52.75 -26.14 48.40
C GLY J 479 51.98 -25.04 49.10
N PHE J 480 51.72 -23.98 48.35
CA PHE J 480 51.20 -22.71 48.85
C PHE J 480 49.80 -22.83 49.48
N ASP J 481 49.56 -22.06 50.53
CA ASP J 481 48.30 -22.13 51.28
C ASP J 481 47.08 -21.68 50.47
N SER J 482 45.96 -22.37 50.70
CA SER J 482 44.72 -22.06 50.01
C SER J 482 44.18 -20.68 50.36
N ALA J 483 44.41 -20.26 51.59
CA ALA J 483 43.83 -19.02 52.08
C ALA J 483 44.42 -17.81 51.36
N GLU J 484 45.74 -17.81 51.27
CA GLU J 484 46.45 -16.68 50.70
C GLU J 484 46.34 -16.68 49.18
N ALA J 485 46.50 -15.51 48.58
CA ALA J 485 46.49 -15.28 47.14
C ALA J 485 45.13 -15.44 46.50
N GLU J 486 44.27 -16.29 47.05
CA GLU J 486 42.94 -16.42 46.51
C GLU J 486 42.24 -15.08 46.65
N GLN J 487 42.54 -14.39 47.74
CA GLN J 487 42.10 -13.02 47.91
C GLN J 487 42.87 -12.10 46.96
N GLN J 488 44.10 -12.47 46.65
CA GLN J 488 44.91 -11.66 45.76
C GLN J 488 44.44 -11.84 44.33
N LEU J 489 44.02 -13.05 44.01
CA LEU J 489 43.35 -13.31 42.76
C LEU J 489 42.02 -12.61 42.75
N THR J 490 41.44 -12.45 43.92
CA THR J 490 40.17 -11.76 44.06
C THR J 490 40.36 -10.29 43.68
N ARG J 491 41.45 -9.73 44.18
CA ARG J 491 41.84 -8.37 43.85
C ARG J 491 42.17 -8.30 42.38
N LEU J 492 42.71 -9.40 41.87
CA LEU J 492 43.09 -9.50 40.47
C LEU J 492 41.86 -9.41 39.58
N LEU J 493 40.75 -9.96 40.07
CA LEU J 493 39.51 -9.90 39.32
C LEU J 493 38.81 -8.61 39.62
N SER J 494 39.25 -7.97 40.69
CA SER J 494 38.75 -6.65 41.06
C SER J 494 39.49 -5.64 40.22
N LEU J 495 40.51 -6.14 39.52
CA LEU J 495 41.35 -5.31 38.67
C LEU J 495 41.02 -5.49 37.21
N ARG J 496 41.33 -6.67 36.68
CA ARG J 496 41.18 -6.94 35.26
C ARG J 496 39.70 -6.84 34.88
N HIS J 497 38.84 -7.16 35.83
CA HIS J 497 37.47 -6.71 35.76
C HIS J 497 37.30 -5.60 36.78
N GLY J 498 36.36 -4.70 36.54
CA GLY J 498 36.21 -3.53 37.39
C GLY J 498 35.37 -3.77 38.63
N LYS J 499 34.90 -5.00 38.81
CA LYS J 499 33.93 -5.28 39.86
C LYS J 499 34.15 -6.61 40.58
N LYS J 500 33.46 -6.75 41.70
CA LYS J 500 33.53 -7.92 42.56
C LYS J 500 32.82 -9.11 41.89
N ASP J 501 33.56 -9.87 41.08
CA ASP J 501 32.95 -10.94 40.30
C ASP J 501 33.68 -12.27 40.36
N PHE J 502 34.52 -12.47 41.36
CA PHE J 502 35.33 -13.68 41.45
C PHE J 502 34.45 -14.91 41.70
N PHE J 503 33.66 -14.86 42.76
CA PHE J 503 32.63 -15.85 43.04
C PHE J 503 33.17 -17.27 43.15
N THR J 504 34.50 -17.39 43.19
CA THR J 504 35.14 -18.69 43.15
C THR J 504 35.05 -19.44 44.47
N TRP J 505 35.08 -20.77 44.37
CA TRP J 505 35.18 -21.61 45.55
C TRP J 505 36.54 -22.26 45.64
N ASN J 506 36.96 -22.60 46.85
CA ASN J 506 38.21 -23.31 47.06
C ASN J 506 38.08 -24.39 48.12
N MET J 507 41.97 -25.76 47.23
CA MET J 507 41.08 -26.67 47.92
C MET J 507 41.67 -27.05 49.27
N ASP J 508 42.80 -26.44 49.60
CA ASP J 508 43.56 -26.84 50.78
C ASP J 508 42.82 -26.43 52.05
N GLY J 509 41.78 -25.61 51.92
CA GLY J 509 40.95 -25.32 53.06
C GLY J 509 40.30 -26.61 53.55
N VAL J 510 39.36 -27.09 52.75
CA VAL J 510 38.64 -28.32 53.09
C VAL J 510 39.59 -29.49 53.18
N LEU J 511 40.64 -29.46 52.36
CA LEU J 511 41.62 -30.53 52.38
C LEU J 511 42.33 -30.58 53.71
N LYS J 512 42.88 -29.46 54.13
CA LYS J 512 43.65 -29.44 55.36
C LYS J 512 42.75 -29.73 56.55
N THR J 513 41.51 -29.27 56.48
CA THR J 513 40.65 -29.47 57.64
C THR J 513 40.23 -30.94 57.76
N VAL J 514 39.93 -31.59 56.63
CA VAL J 514 39.58 -33.01 56.72
C VAL J 514 40.84 -33.82 57.07
N GLU J 515 42.00 -33.29 56.71
CA GLU J 515 43.26 -33.91 57.08
C GLU J 515 43.44 -33.88 58.59
N LYS J 516 43.21 -32.72 59.18
CA LYS J 516 43.30 -32.59 60.62
C LYS J 516 42.25 -33.46 61.28
N THR J 517 41.12 -33.61 60.60
CA THR J 517 40.04 -34.41 61.15
C THR J 517 40.42 -35.88 61.22
N THR J 518 40.94 -36.38 60.12
CA THR J 518 41.27 -37.79 60.01
C THR J 518 42.44 -38.12 60.92
N ARG J 519 43.44 -37.25 60.92
CA ARG J 519 44.59 -37.46 61.78
C ARG J 519 44.14 -37.39 63.22
N THR J 520 43.12 -36.58 63.48
CA THR J 520 42.57 -36.46 64.83
C THR J 520 41.93 -37.78 65.23
N LEU J 521 41.27 -38.40 64.26
CA LEU J 521 40.66 -39.70 64.51
C LEU J 521 41.75 -40.70 64.82
N GLN J 522 42.89 -40.54 64.13
CA GLN J 522 44.04 -41.38 64.38
C GLN J 522 44.52 -41.14 65.79
N LEU J 523 44.40 -39.90 66.24
CA LEU J 523 44.89 -39.52 67.55
C LEU J 523 44.05 -40.19 68.62
N PHE J 524 42.74 -40.06 68.49
CA PHE J 524 41.84 -40.64 69.48
C PHE J 524 42.01 -42.15 69.52
N LEU J 525 41.94 -42.76 68.34
CA LEU J 525 41.97 -44.21 68.26
C LEU J 525 43.27 -44.80 68.77
N THR J 526 44.37 -44.31 68.21
CA THR J 526 45.67 -44.85 68.57
C THR J 526 45.99 -44.54 70.01
N LEU J 527 45.57 -43.38 70.51
CA LEU J 527 45.90 -43.03 71.88
C LEU J 527 45.14 -43.90 72.86
N VAL J 528 43.84 -44.06 72.67
CA VAL J 528 43.09 -44.87 73.62
C VAL J 528 43.55 -46.32 73.54
N ALA J 529 43.95 -46.74 72.34
CA ALA J 529 44.42 -48.10 72.18
C ALA J 529 45.69 -48.29 72.98
N VAL J 530 46.66 -47.41 72.76
CA VAL J 530 47.96 -47.52 73.40
C VAL J 530 47.85 -47.38 74.91
N ILE J 531 46.92 -46.54 75.36
CA ILE J 531 46.71 -46.37 76.79
C ILE J 531 46.21 -47.68 77.36
N SER J 532 45.27 -48.30 76.66
CA SER J 532 44.69 -49.56 77.12
C SER J 532 45.75 -50.64 77.18
N LEU J 533 46.68 -50.59 76.24
CA LEU J 533 47.72 -51.60 76.14
C LEU J 533 48.75 -51.41 77.23
N VAL J 534 49.05 -50.17 77.55
CA VAL J 534 49.93 -49.87 78.66
C VAL J 534 49.28 -50.36 79.94
N VAL J 535 47.96 -50.23 80.00
CA VAL J 535 47.21 -50.75 81.14
C VAL J 535 47.37 -52.25 81.18
N GLY J 536 47.49 -52.85 80.00
CA GLY J 536 47.75 -54.27 79.92
C GLY J 536 49.13 -54.58 80.48
N GLY J 537 50.06 -53.66 80.27
CA GLY J 537 51.42 -53.87 80.73
C GLY J 537 51.62 -53.58 82.20
N ILE J 538 50.67 -52.88 82.82
CA ILE J 538 50.84 -52.42 84.18
C ILE J 538 50.96 -53.56 85.20
N GLY J 539 50.26 -54.66 84.94
CA GLY J 539 50.18 -55.73 85.91
C GLY J 539 51.50 -56.48 85.98
N VAL J 540 52.32 -56.26 84.96
CA VAL J 540 53.65 -56.86 84.93
C VAL J 540 54.44 -56.33 86.12
N MET J 541 54.17 -55.09 86.50
CA MET J 541 54.80 -54.51 87.67
C MET J 541 54.41 -55.29 88.92
N ASN J 542 53.14 -55.70 88.96
CA ASN J 542 52.66 -56.47 90.08
C ASN J 542 53.37 -57.80 90.09
N ILE J 543 53.62 -58.33 88.90
CA ILE J 543 54.24 -59.63 88.77
C ILE J 543 55.64 -59.59 89.31
N MET J 544 56.38 -58.59 88.87
CA MET J 544 57.75 -58.41 89.29
C MET J 544 57.81 -58.15 90.78
N LEU J 545 56.79 -57.45 91.27
CA LEU J 545 56.73 -57.15 92.69
C LEU J 545 56.61 -58.44 93.46
N VAL J 546 55.83 -59.35 92.91
CA VAL J 546 55.66 -60.65 93.53
C VAL J 546 56.96 -61.41 93.51
N SER J 547 57.63 -61.36 92.37
CA SER J 547 58.84 -62.14 92.18
C SER J 547 59.91 -61.69 93.16
N VAL J 548 60.06 -60.38 93.27
CA VAL J 548 61.02 -59.81 94.18
C VAL J 548 60.63 -60.11 95.61
N THR J 549 59.32 -60.14 95.86
CA THR J 549 58.84 -60.44 97.20
C THR J 549 59.25 -61.84 97.58
N GLU J 550 59.27 -62.72 96.59
CA GLU J 550 59.73 -64.08 96.76
C GLU J 550 61.23 -64.14 97.01
N ARG J 551 61.92 -63.12 96.52
CA ARG J 551 63.38 -63.10 96.54
C ARG J 551 63.91 -62.55 97.85
N THR J 552 63.02 -62.33 98.81
CA THR J 552 63.35 -61.60 100.02
C THR J 552 64.62 -62.13 100.70
N ARG J 553 64.66 -63.44 100.94
CA ARG J 553 65.85 -64.05 101.48
C ARG J 553 67.00 -63.99 100.49
N GLU J 554 66.68 -64.08 99.21
CA GLU J 554 67.69 -63.96 98.17
C GLU J 554 68.22 -62.53 98.17
N ILE J 555 67.32 -61.60 98.45
CA ILE J 555 67.71 -60.20 98.56
C ILE J 555 68.68 -60.06 99.71
N GLY J 556 68.41 -60.81 100.77
CA GLY J 556 69.25 -60.73 101.94
C GLY J 556 70.61 -61.34 101.74
N ILE J 557 70.69 -62.43 100.98
CA ILE J 557 71.98 -63.06 100.72
C ILE J 557 72.77 -62.21 99.73
N ARG J 558 72.07 -61.50 98.87
CA ARG J 558 72.72 -60.61 97.92
C ARG J 558 73.26 -59.37 98.61
N MET J 559 72.52 -58.86 99.59
CA MET J 559 73.04 -57.76 100.38
C MET J 559 74.16 -58.26 101.27
N ALA J 560 74.09 -59.54 101.60
CA ALA J 560 75.08 -60.19 102.46
C ALA J 560 76.43 -60.25 101.78
N VAL J 561 76.42 -60.31 100.46
CA VAL J 561 77.67 -60.32 99.70
C VAL J 561 78.02 -58.90 99.28
N GLY J 562 77.44 -57.92 99.97
CA GLY J 562 77.86 -56.54 99.83
C GLY J 562 77.36 -55.80 98.61
N ALA J 563 76.23 -56.21 98.07
CA ALA J 563 75.63 -55.50 96.94
C ALA J 563 75.23 -54.08 97.34
N ARG J 564 75.42 -53.14 96.42
CA ARG J 564 74.95 -51.78 96.63
C ARG J 564 73.44 -51.74 96.56
N ALA J 565 72.83 -50.82 97.30
CA ALA J 565 71.38 -50.73 97.36
C ALA J 565 70.81 -50.44 95.98
N SER J 566 71.58 -49.72 95.18
CA SER J 566 71.21 -49.44 93.81
C SER J 566 71.14 -50.71 92.96
N ASP J 567 72.01 -51.66 93.28
CA ASP J 567 72.27 -52.79 92.40
C ASP J 567 71.06 -53.68 92.17
N VAL J 568 70.23 -53.82 93.19
CA VAL J 568 69.04 -54.64 93.05
C VAL J 568 68.06 -53.96 92.12
N LEU J 569 67.91 -52.64 92.27
CA LEU J 569 67.06 -51.87 91.38
C LEU J 569 67.58 -52.01 89.96
N GLN J 570 68.90 -52.07 89.86
CA GLN J 570 69.55 -52.21 88.57
C GLN J 570 69.10 -53.50 87.93
N GLN J 571 69.49 -54.61 88.54
CA GLN J 571 69.28 -55.91 87.93
C GLN J 571 67.80 -56.20 87.71
N PHE J 572 66.97 -55.77 88.63
CA PHE J 572 65.56 -56.10 88.57
C PHE J 572 64.88 -55.30 87.46
N LEU J 573 65.16 -54.01 87.45
CA LEU J 573 64.56 -53.16 86.43
C LEU J 573 65.06 -53.55 85.05
N ILE J 574 66.32 -53.96 84.99
CA ILE J 574 66.90 -54.40 83.74
C ILE J 574 66.22 -55.65 83.25
N GLU J 575 65.90 -56.54 84.19
CA GLU J 575 65.20 -57.75 83.80
C GLU J 575 63.80 -57.44 83.32
N ALA J 576 63.17 -56.47 83.95
CA ALA J 576 61.81 -56.11 83.62
C ALA J 576 61.75 -55.51 82.22
N VAL J 577 62.58 -54.51 81.98
CA VAL J 577 62.62 -53.86 80.68
C VAL J 577 63.09 -54.84 79.63
N LEU J 578 63.88 -55.82 80.06
CA LEU J 578 64.29 -56.90 79.18
C LEU J 578 63.08 -57.66 78.70
N VAL J 579 62.19 -57.98 79.63
CA VAL J 579 60.98 -58.69 79.27
C VAL J 579 60.15 -57.82 78.35
N CYS J 580 60.19 -56.51 78.59
CA CYS J 580 59.44 -55.57 77.79
C CYS J 580 59.94 -55.54 76.35
N LEU J 581 61.26 -55.72 76.20
CA LEU J 581 61.86 -55.60 74.89
C LEU J 581 61.77 -56.88 74.10
N VAL J 582 61.95 -58.02 74.77
CA VAL J 582 61.78 -59.30 74.09
C VAL J 582 60.31 -59.49 73.71
N GLY J 583 59.42 -58.98 74.56
CA GLY J 583 58.01 -59.07 74.28
C GLY J 583 57.67 -58.07 73.20
N GLY J 584 58.51 -57.04 73.08
CA GLY J 584 58.35 -56.07 72.02
C GLY J 584 58.83 -56.61 70.69
N ALA J 585 59.78 -57.53 70.76
CA ALA J 585 60.34 -58.13 69.56
C ALA J 585 59.41 -59.19 69.01
N LEU J 586 58.92 -60.05 69.90
CA LEU J 586 57.94 -61.04 69.49
C LEU J 586 56.65 -60.33 69.12
N GLY J 587 56.39 -59.20 69.77
CA GLY J 587 55.19 -58.43 69.53
C GLY J 587 55.21 -57.81 68.15
N ILE J 588 56.30 -57.14 67.81
CA ILE J 588 56.43 -56.55 66.49
C ILE J 588 56.48 -57.65 65.45
N THR J 589 57.00 -58.80 65.83
CA THR J 589 57.06 -59.94 64.92
C THR J 589 55.67 -60.36 64.52
N LEU J 590 54.83 -60.56 65.54
CA LEU J 590 53.45 -60.95 65.31
C LEU J 590 52.72 -59.86 64.56
N SER J 591 53.08 -58.61 64.83
CA SER J 591 52.45 -57.49 64.15
C SER J 591 52.75 -57.55 62.66
N LEU J 592 53.98 -57.93 62.34
CA LEU J 592 54.37 -58.10 60.95
C LEU J 592 53.64 -59.29 60.34
N LEU J 593 53.37 -60.30 61.17
CA LEU J 593 52.62 -61.45 60.70
C LEU J 593 51.24 -61.00 60.29
N ILE J 594 50.68 -60.10 61.08
CA ILE J 594 49.38 -59.52 60.78
C ILE J 594 49.50 -58.66 59.52
N ALA J 595 50.67 -58.08 59.33
CA ALA J 595 50.89 -57.19 58.19
C ALA J 595 50.82 -57.97 56.89
N PHE J 596 51.55 -59.08 56.84
CA PHE J 596 51.48 -59.95 55.66
C PHE J 596 50.10 -60.58 55.56
N THR J 597 49.48 -60.76 56.71
CA THR J 597 48.13 -61.32 56.76
C THR J 597 47.18 -60.38 56.04
N LEU J 598 47.48 -59.10 56.13
CA LEU J 598 46.69 -58.10 55.44
C LEU J 598 47.18 -57.88 54.02
N GLN J 599 48.40 -58.34 53.73
CA GLN J 599 48.81 -58.41 52.35
C GLN J 599 47.96 -59.46 51.66
N LEU J 600 47.58 -60.47 52.41
CA LEU J 600 46.74 -61.55 51.89
C LEU J 600 45.36 -61.03 51.49
N PHE J 601 44.90 -60.01 52.21
CA PHE J 601 43.64 -59.36 51.87
C PHE J 601 43.92 -57.99 51.27
N LEU J 602 43.84 -57.90 49.95
CA LEU J 602 44.19 -56.66 49.27
C LEU J 602 43.06 -56.23 48.35
N PRO J 603 42.03 -55.60 48.92
CA PRO J 603 40.97 -54.98 48.13
C PRO J 603 41.40 -53.60 47.66
N GLY J 604 42.67 -53.52 47.24
CA GLY J 604 43.29 -52.27 46.89
C GLY J 604 43.99 -51.67 48.11
N TRP J 605 43.70 -52.25 49.27
CA TRP J 605 44.34 -51.81 50.51
C TRP J 605 45.81 -52.17 50.48
N GLU J 606 46.66 -51.26 50.95
CA GLU J 606 48.09 -51.40 50.74
C GLU J 606 48.90 -51.32 52.02
N ILE J 607 49.88 -52.21 52.14
CA ILE J 607 50.80 -52.22 53.27
C ILE J 607 51.81 -51.07 53.15
N GLY J 608 52.29 -50.58 54.29
CA GLY J 608 53.29 -49.53 54.32
C GLY J 608 54.02 -49.46 55.65
N PHE J 609 55.29 -49.88 55.64
CA PHE J 609 56.12 -49.86 56.84
C PHE J 609 56.40 -48.46 57.35
N SER J 610 56.43 -48.30 58.66
CA SER J 610 56.74 -47.03 59.29
C SER J 610 57.76 -47.23 60.40
N PRO J 611 59.04 -47.41 60.03
CA PRO J 611 60.11 -47.82 60.94
C PRO J 611 60.27 -46.86 62.12
N LEU J 612 60.01 -45.59 61.90
CA LEU J 612 60.07 -44.62 62.99
C LEU J 612 59.04 -44.98 64.06
N ALA J 613 57.87 -45.46 63.63
CA ALA J 613 56.86 -45.90 64.57
C ALA J 613 57.31 -47.16 65.28
N LEU J 614 58.13 -47.94 64.58
CA LEU J 614 58.66 -49.18 65.15
C LEU J 614 59.59 -48.86 66.31
N LEU J 615 60.56 -47.98 66.05
CA LEU J 615 61.51 -47.59 67.08
C LEU J 615 60.81 -46.83 68.21
N LEU J 616 59.79 -46.04 67.88
CA LEU J 616 59.02 -45.37 68.92
C LEU J 616 58.28 -46.38 69.78
N ALA J 617 57.83 -47.47 69.17
CA ALA J 617 57.20 -48.53 69.93
C ALA J 617 58.20 -49.20 70.84
N PHE J 618 59.44 -49.29 70.37
CA PHE J 618 60.49 -49.93 71.16
C PHE J 618 60.79 -49.10 72.39
N LEU J 619 61.00 -47.81 72.16
CA LEU J 619 61.31 -46.90 73.24
C LEU J 619 60.13 -46.77 74.18
N CYS J 620 58.92 -46.92 73.63
CA CYS J 620 57.73 -46.86 74.45
C CYS J 620 57.67 -48.08 75.37
N SER J 621 58.04 -49.24 74.84
CA SER J 621 58.08 -50.44 75.65
C SER J 621 59.12 -50.26 76.75
N THR J 622 60.19 -49.56 76.39
CA THR J 622 61.27 -49.32 77.31
C THR J 622 60.82 -48.44 78.47
N VAL J 623 60.25 -47.29 78.13
CA VAL J 623 59.84 -46.32 79.14
C VAL J 623 58.70 -46.85 80.00
N THR J 624 57.83 -47.67 79.41
CA THR J 624 56.83 -48.34 80.24
C THR J 624 57.52 -49.32 81.16
N GLY J 625 58.61 -49.90 80.68
CA GLY J 625 59.34 -50.87 81.45
C GLY J 625 59.94 -50.23 82.69
N ILE J 626 60.65 -49.12 82.51
CA ILE J 626 61.21 -48.42 83.64
C ILE J 626 60.09 -47.86 84.51
N LEU J 627 58.99 -47.47 83.88
CA LEU J 627 57.88 -46.88 84.59
C LEU J 627 57.28 -47.87 85.57
N PHE J 628 57.30 -49.13 85.19
CA PHE J 628 56.71 -50.15 86.03
C PHE J 628 57.73 -50.69 87.04
N GLY J 629 58.94 -50.94 86.57
CA GLY J 629 59.95 -51.58 87.41
C GLY J 629 60.68 -50.68 88.38
N TRP J 630 60.50 -49.37 88.24
CA TRP J 630 61.26 -48.42 89.05
C TRP J 630 60.93 -48.52 90.53
N LEU J 631 59.69 -48.16 90.87
CA LEU J 631 59.28 -48.06 92.26
C LEU J 631 59.42 -49.35 93.10
N PRO J 632 58.89 -50.49 92.62
CA PRO J 632 58.97 -51.67 93.49
C PRO J 632 60.40 -52.06 93.87
N ALA J 633 61.32 -51.90 92.92
CA ALA J 633 62.71 -52.27 93.17
C ALA J 633 63.40 -51.16 93.94
N ARG J 634 62.79 -49.99 93.94
CA ARG J 634 63.23 -48.90 94.80
C ARG J 634 62.92 -49.26 96.23
N ASN J 635 61.73 -49.80 96.44
CA ASN J 635 61.33 -50.29 97.74
C ASN J 635 62.21 -51.46 98.14
N ALA J 636 62.63 -52.22 97.14
CA ALA J 636 63.57 -53.30 97.39
C ALA J 636 64.90 -52.72 97.84
N ALA J 637 65.27 -51.57 97.28
CA ALA J 637 66.50 -50.89 97.66
C ALA J 637 66.41 -50.36 99.08
N ARG J 638 65.19 -50.04 99.48
CA ARG J 638 64.93 -49.55 100.83
C ARG J 638 65.24 -50.60 101.88
N LEU J 639 65.13 -51.86 101.50
CA LEU J 639 65.17 -52.97 102.44
C LEU J 639 66.51 -53.20 103.13
N ASP J 640 66.47 -53.53 104.41
CA ASP J 640 67.64 -53.96 105.16
C ASP J 640 67.98 -55.43 104.91
N PRO J 641 69.27 -55.76 104.83
CA PRO J 641 69.70 -57.17 104.73
C PRO J 641 69.22 -57.97 105.93
N VAL J 642 69.17 -57.30 107.08
CA VAL J 642 68.90 -57.95 108.35
C VAL J 642 67.53 -58.60 108.35
N ASP J 643 66.51 -57.80 108.04
CA ASP J 643 65.15 -58.30 107.98
C ASP J 643 65.01 -59.27 106.83
N ALA J 644 65.85 -59.11 105.81
CA ALA J 644 65.79 -59.95 104.63
C ALA J 644 66.39 -61.32 104.88
N LEU J 645 67.10 -61.45 106.00
CA LEU J 645 67.72 -62.72 106.34
C LEU J 645 67.10 -63.38 107.55
N ALA J 646 67.09 -62.67 108.68
CA ALA J 646 66.66 -63.23 109.94
C ALA J 646 65.18 -63.64 109.92
N ARG J 647 64.40 -62.97 109.08
CA ARG J 647 62.96 -63.24 109.00
C ARG J 647 62.69 -64.65 108.51
N GLU J 648 61.65 -65.27 109.07
CA GLU J 648 61.31 -66.65 108.74
C GLU J 648 59.85 -66.78 108.31
N MET K 1 35.40 -110.07 119.04
CA MET K 1 34.63 -109.20 118.16
C MET K 1 35.46 -108.75 116.97
N THR K 2 34.83 -108.02 116.05
CA THR K 2 35.51 -107.54 114.85
C THR K 2 36.12 -106.16 115.09
N PRO K 3 37.45 -106.05 114.91
CA PRO K 3 38.14 -104.76 115.02
C PRO K 3 37.69 -103.77 113.95
N LEU K 4 37.65 -102.49 114.30
CA LEU K 4 37.20 -101.45 113.37
C LEU K 4 38.13 -101.31 112.16
N LEU K 5 39.38 -101.72 112.32
CA LEU K 5 40.29 -101.81 111.20
C LEU K 5 40.81 -103.22 111.03
N GLU K 6 41.03 -103.61 109.78
CA GLU K 6 41.58 -104.91 109.48
C GLU K 6 42.57 -104.81 108.33
N LEU K 7 43.80 -104.45 108.65
CA LEU K 7 44.85 -104.38 107.64
C LEU K 7 45.53 -105.72 107.54
N LYS K 8 45.02 -106.59 106.68
CA LYS K 8 45.64 -107.89 106.46
C LYS K 8 46.25 -108.03 105.07
N ASP K 9 47.56 -108.26 105.04
CA ASP K 9 48.32 -108.47 103.80
C ASP K 9 48.27 -107.29 102.84
N ILE K 10 47.77 -106.16 103.32
CA ILE K 10 47.79 -104.94 102.53
C ILE K 10 49.24 -104.47 102.32
N ARG K 11 49.53 -104.01 101.11
CA ARG K 11 50.84 -103.46 100.80
C ARG K 11 50.79 -102.51 99.61
N ARG K 12 51.50 -101.40 99.74
CA ARG K 12 51.70 -100.52 98.61
C ARG K 12 53.04 -100.82 97.94
N SER K 13 53.16 -100.39 96.70
CA SER K 13 54.43 -100.41 96.00
C SER K 13 54.38 -99.32 94.94
N TYR K 14 55.49 -98.62 94.76
CA TYR K 14 55.50 -97.50 93.82
C TYR K 14 56.67 -97.57 92.86
N PRO K 15 56.45 -97.12 91.62
CA PRO K 15 57.42 -97.32 90.53
C PRO K 15 58.76 -96.64 90.76
N ALA K 16 59.81 -97.33 90.30
CA ALA K 16 61.16 -96.80 90.28
C ALA K 16 61.98 -97.68 89.34
N GLY K 17 62.51 -97.09 88.29
CA GLY K 17 63.08 -97.88 87.21
C GLY K 17 61.94 -98.50 86.44
N ASP K 18 60.81 -97.81 86.43
CA ASP K 18 59.58 -98.27 85.81
C ASP K 18 59.11 -99.60 86.39
N GLU K 19 59.36 -99.78 87.69
CA GLU K 19 58.83 -100.93 88.40
C GLU K 19 58.63 -100.55 89.86
N GLN K 20 57.55 -101.05 90.46
CA GLN K 20 57.24 -100.71 91.84
C GLN K 20 58.27 -101.28 92.81
N VAL K 21 58.64 -100.46 93.79
CA VAL K 21 59.58 -100.88 94.82
C VAL K 21 58.86 -101.34 96.07
N GLU K 22 59.58 -102.07 96.91
CA GLU K 22 59.00 -102.68 98.09
C GLU K 22 58.89 -101.68 99.23
N VAL K 23 58.15 -100.62 99.01
CA VAL K 23 57.88 -99.66 100.09
C VAL K 23 57.07 -100.36 101.16
N LEU K 24 56.30 -101.36 100.76
CA LEU K 24 55.48 -102.15 101.67
C LEU K 24 55.28 -103.57 101.17
N LYS K 25 55.07 -104.48 102.10
CA LYS K 25 54.79 -105.88 101.79
C LYS K 25 53.60 -106.33 102.65
N GLY K 26 53.12 -107.54 102.42
CA GLY K 26 51.90 -108.00 103.08
C GLY K 26 51.96 -107.97 104.60
N ILE K 27 51.01 -107.29 105.22
CA ILE K 27 51.01 -107.10 106.66
C ILE K 27 49.63 -107.36 107.25
N SER K 28 49.58 -108.08 108.37
CA SER K 28 48.32 -108.32 109.05
C SER K 28 48.17 -107.44 110.29
N LEU K 29 47.11 -106.65 110.33
CA LEU K 29 46.84 -105.76 111.44
C LEU K 29 45.35 -105.59 111.72
N ASP K 30 45.01 -105.48 113.00
CA ASP K 30 43.63 -105.29 113.45
C ASP K 30 43.59 -104.22 114.54
N ILE K 31 42.54 -103.43 114.56
CA ILE K 31 42.47 -102.28 115.48
C ILE K 31 41.10 -102.09 116.13
N TYR K 32 41.11 -101.95 117.45
CA TYR K 32 39.90 -101.66 118.22
C TYR K 32 39.72 -100.16 118.46
N ALA K 33 38.58 -99.81 119.03
CA ALA K 33 38.37 -98.43 119.51
C ALA K 33 39.21 -98.19 120.77
N GLY K 34 39.66 -96.95 120.94
CA GLY K 34 40.38 -96.57 122.14
C GLY K 34 41.85 -96.93 122.07
N GLU K 35 42.27 -97.51 120.97
CA GLU K 35 43.66 -97.90 120.79
C GLU K 35 44.58 -96.68 120.78
N MET K 36 45.75 -96.82 121.36
CA MET K 36 46.75 -95.78 121.34
C MET K 36 48.05 -96.38 120.80
N VAL K 37 48.09 -96.57 119.49
CA VAL K 37 49.14 -97.33 118.84
C VAL K 37 50.33 -96.49 118.38
N ALA K 38 51.52 -96.88 118.81
CA ALA K 38 52.76 -96.31 118.29
C ALA K 38 53.13 -96.94 116.95
N ILE K 39 53.82 -96.18 116.10
CA ILE K 39 54.30 -96.72 114.84
C ILE K 39 55.82 -96.64 114.84
N VAL K 40 56.46 -97.41 115.72
CA VAL K 40 57.91 -97.45 115.78
C VAL K 40 58.46 -98.15 114.56
N GLY K 41 59.63 -97.71 114.10
CA GLY K 41 60.27 -98.32 112.95
C GLY K 41 61.30 -97.41 112.33
N ALA K 42 62.09 -97.95 111.40
CA ALA K 42 63.09 -97.16 110.70
C ALA K 42 62.43 -96.08 109.86
N SER K 43 63.06 -94.92 109.79
CA SER K 43 62.55 -93.82 108.98
C SER K 43 62.60 -94.22 107.50
N GLY K 44 61.58 -93.80 106.74
CA GLY K 44 61.56 -94.08 105.32
C GLY K 44 61.16 -95.51 105.01
N SER K 45 60.63 -96.20 106.00
CA SER K 45 60.24 -97.60 105.83
C SER K 45 58.89 -97.70 105.11
N GLY K 46 58.28 -96.55 104.86
CA GLY K 46 56.97 -96.52 104.24
C GLY K 46 55.91 -96.68 105.30
N LYS K 47 56.34 -96.70 106.56
CA LYS K 47 55.39 -96.71 107.66
C LYS K 47 54.63 -95.39 107.64
N SER K 48 55.28 -94.36 107.10
CA SER K 48 54.61 -93.11 106.82
C SER K 48 53.62 -93.30 105.69
N THR K 49 54.05 -94.04 104.68
CA THR K 49 53.17 -94.38 103.57
C THR K 49 52.06 -95.31 104.08
N LEU K 50 52.42 -96.12 105.06
CA LEU K 50 51.43 -96.98 105.71
C LEU K 50 50.42 -96.13 106.44
N MET K 51 50.89 -95.03 107.00
CA MET K 51 50.03 -94.06 107.65
C MET K 51 49.14 -93.41 106.59
N ASN K 52 49.69 -93.30 105.38
CA ASN K 52 48.93 -92.77 104.26
C ASN K 52 47.83 -93.74 103.88
N ILE K 53 48.07 -95.03 104.12
CA ILE K 53 47.01 -96.02 103.99
C ILE K 53 45.99 -95.78 105.09
N LEU K 54 46.52 -95.47 106.28
CA LEU K 54 45.68 -95.16 107.41
C LEU K 54 44.93 -93.87 107.14
N GLY K 55 45.57 -92.99 106.38
CA GLY K 55 44.93 -91.78 105.90
C GLY K 55 44.16 -92.04 104.63
N CYS K 56 44.28 -93.26 104.12
CA CYS K 56 43.61 -93.67 102.89
C CYS K 56 43.97 -92.75 101.73
N LEU K 57 45.21 -92.28 101.73
CA LEU K 57 45.69 -91.36 100.70
C LEU K 57 45.73 -92.03 99.34
N ASP K 58 45.90 -93.34 99.33
CA ASP K 58 45.92 -94.11 98.10
C ASP K 58 45.60 -95.57 98.41
N LYS K 59 44.92 -96.24 97.47
CA LYS K 59 44.69 -97.68 97.59
C LYS K 59 45.99 -98.44 97.42
N ALA K 60 46.18 -99.47 98.25
CA ALA K 60 47.39 -100.28 98.19
C ALA K 60 47.33 -101.28 97.05
N THR K 61 46.15 -101.45 96.49
CA THR K 61 45.88 -102.45 95.46
C THR K 61 46.28 -103.85 95.92
N SER K 62 46.18 -104.08 97.23
CA SER K 62 46.49 -105.38 97.80
C SER K 62 45.85 -105.50 99.18
N GLY K 63 45.39 -106.69 99.51
CA GLY K 63 44.78 -106.93 100.80
C GLY K 63 43.38 -106.35 100.85
N THR K 64 42.79 -106.34 102.04
CA THR K 64 41.48 -105.74 102.25
C THR K 64 41.47 -104.95 103.54
N TYR K 65 41.79 -103.66 103.44
CA TYR K 65 41.88 -102.81 104.61
C TYR K 65 40.48 -102.36 105.01
N ARG K 66 39.84 -103.17 105.86
CA ARG K 66 38.43 -103.02 106.14
C ARG K 66 38.14 -102.03 107.25
N VAL K 67 37.99 -100.77 106.87
CA VAL K 67 37.58 -99.73 107.80
C VAL K 67 36.16 -100.01 108.27
N ALA K 68 35.98 -100.16 109.57
CA ALA K 68 34.69 -100.52 110.15
C ALA K 68 34.10 -101.74 109.44
N GLY K 69 34.97 -102.64 109.01
CA GLY K 69 34.55 -103.81 108.26
C GLY K 69 34.39 -103.54 106.78
N GLN K 70 34.62 -102.31 106.36
CA GLN K 70 34.51 -101.95 104.95
C GLN K 70 35.87 -101.68 104.33
N ASP K 71 36.21 -102.46 103.31
CA ASP K 71 37.51 -102.36 102.66
C ASP K 71 37.65 -101.01 101.95
N VAL K 72 38.86 -100.47 101.99
CA VAL K 72 39.17 -99.20 101.35
C VAL K 72 39.03 -99.29 99.83
N ALA K 73 39.25 -100.48 99.28
CA ALA K 73 39.27 -100.67 97.84
C ALA K 73 37.92 -100.37 97.18
N THR K 74 36.84 -100.59 97.91
CA THR K 74 35.50 -100.41 97.37
C THR K 74 35.09 -98.95 97.29
N LEU K 75 35.35 -98.22 98.35
CA LEU K 75 34.83 -96.86 98.51
C LEU K 75 35.54 -95.82 97.64
N ASP K 76 34.81 -94.77 97.27
CA ASP K 76 35.38 -93.64 96.56
C ASP K 76 36.38 -92.92 97.45
N ALA K 77 37.41 -92.34 96.84
CA ALA K 77 38.36 -91.54 97.60
C ALA K 77 37.63 -90.36 98.22
N ASP K 78 36.64 -89.84 97.51
CA ASP K 78 35.79 -88.80 98.07
C ASP K 78 34.96 -89.37 99.20
N ALA K 79 34.54 -90.61 99.03
CA ALA K 79 33.85 -91.32 100.10
C ALA K 79 34.80 -91.56 101.25
N LEU K 80 36.08 -91.73 100.94
CA LEU K 80 37.09 -91.87 101.98
C LEU K 80 37.23 -90.58 102.76
N ALA K 81 37.10 -89.46 102.07
CA ALA K 81 37.10 -88.15 102.74
C ALA K 81 35.86 -88.02 103.59
N GLN K 82 34.77 -88.61 103.11
CA GLN K 82 33.53 -88.64 103.88
C GLN K 82 33.73 -89.44 105.15
N LEU K 83 34.56 -90.48 105.04
CA LEU K 83 34.96 -91.26 106.19
C LEU K 83 35.82 -90.42 107.11
N ARG K 84 36.59 -89.52 106.52
CA ARG K 84 37.49 -88.67 107.29
C ARG K 84 36.68 -87.72 108.15
N ARG K 85 35.65 -87.13 107.57
CA ARG K 85 34.73 -86.33 108.36
C ARG K 85 34.00 -87.22 109.35
N GLU K 86 33.71 -88.45 108.92
CA GLU K 86 33.04 -89.43 109.75
C GLU K 86 33.93 -89.93 110.89
N HIS K 87 35.24 -89.89 110.68
CA HIS K 87 36.16 -90.48 111.64
C HIS K 87 37.45 -89.70 111.83
N PHE K 88 38.26 -89.68 110.77
CA PHE K 88 39.65 -89.29 110.86
C PHE K 88 39.85 -87.84 111.30
N GLY K 89 40.87 -87.63 112.14
CA GLY K 89 41.22 -86.32 112.64
C GLY K 89 42.72 -86.20 112.82
N PHE K 90 43.40 -86.02 111.70
CA PHE K 90 44.86 -86.12 111.65
C PHE K 90 45.56 -84.93 112.27
N ILE K 91 46.76 -85.16 112.81
CA ILE K 91 47.56 -84.12 113.44
C ILE K 91 49.03 -84.32 113.14
N PHE K 92 49.75 -83.24 112.85
CA PHE K 92 51.14 -83.34 112.45
C PHE K 92 52.09 -82.58 113.36
N GLN K 93 53.37 -82.90 113.24
CA GLN K 93 54.41 -82.21 114.00
C GLN K 93 54.45 -80.72 113.64
N ARG K 94 54.18 -80.42 112.38
CA ARG K 94 54.37 -79.07 111.85
C ARG K 94 53.11 -78.23 111.98
N TYR K 95 52.09 -78.78 112.62
CA TYR K 95 50.88 -78.04 113.01
C TYR K 95 50.30 -77.18 111.90
N HIS K 96 50.29 -77.69 110.67
CA HIS K 96 49.96 -76.86 109.52
C HIS K 96 48.58 -76.25 109.65
N LEU K 97 48.51 -74.95 109.38
CA LEU K 97 47.28 -74.17 109.52
C LEU K 97 47.40 -72.95 108.62
N LEU K 98 46.26 -72.40 108.20
CA LEU K 98 46.31 -71.14 107.48
C LEU K 98 46.85 -70.06 108.39
N SER K 99 47.77 -69.26 107.86
CA SER K 99 48.19 -68.04 108.53
C SER K 99 47.02 -67.09 108.47
N HIS K 100 46.17 -67.35 107.47
CA HIS K 100 44.99 -66.55 107.22
C HIS K 100 44.02 -66.53 108.39
N LEU K 101 43.62 -67.72 108.82
CA LEU K 101 42.55 -67.87 109.78
C LEU K 101 42.95 -67.61 111.24
N THR K 102 41.97 -67.15 112.01
CA THR K 102 42.06 -67.19 113.46
C THR K 102 41.92 -68.65 113.83
N ALA K 103 42.45 -69.03 114.99
CA ALA K 103 42.51 -70.44 115.37
C ALA K 103 41.12 -71.07 115.43
N GLU K 104 40.13 -70.26 115.76
CA GLU K 104 38.76 -70.73 115.79
C GLU K 104 38.33 -71.16 114.40
N GLN K 105 38.82 -70.45 113.40
CA GLN K 105 38.52 -70.78 112.02
C GLN K 105 39.33 -72.00 111.58
N ASN K 106 40.56 -72.07 112.06
CA ASN K 106 41.45 -73.19 111.74
C ASN K 106 40.86 -74.50 112.25
N VAL K 107 40.11 -74.40 113.35
CA VAL K 107 39.38 -75.55 113.85
C VAL K 107 38.06 -75.66 113.08
N GLU K 108 37.55 -74.51 112.63
CA GLU K 108 36.26 -74.45 111.94
C GLU K 108 36.24 -75.19 110.61
N VAL K 109 37.39 -75.26 109.96
CA VAL K 109 37.47 -75.74 108.58
C VAL K 109 36.90 -77.14 108.29
N PRO K 110 37.27 -78.17 109.08
CA PRO K 110 36.83 -79.52 108.70
C PRO K 110 35.30 -79.68 108.61
N ALA K 111 34.57 -78.98 109.47
CA ALA K 111 33.12 -79.11 109.49
C ALA K 111 32.50 -78.25 108.41
N VAL K 112 33.29 -77.40 107.78
CA VAL K 112 32.77 -76.62 106.67
C VAL K 112 32.38 -77.56 105.54
N TYR K 113 33.15 -78.63 105.36
CA TYR K 113 32.84 -79.63 104.37
C TYR K 113 31.61 -80.43 104.78
N ALA K 114 31.37 -80.46 106.08
CA ALA K 114 30.10 -80.94 106.60
C ALA K 114 29.04 -79.86 106.41
N GLY K 115 27.78 -80.27 106.30
CA GLY K 115 26.70 -79.31 106.21
C GLY K 115 26.16 -78.96 107.58
N LEU K 116 26.54 -77.80 108.09
CA LEU K 116 26.14 -77.40 109.44
C LEU K 116 26.13 -75.88 109.62
N GLU K 117 25.26 -75.40 110.50
CA GLU K 117 25.19 -73.98 110.82
C GLU K 117 26.50 -73.54 111.46
N ARG K 118 26.96 -72.34 111.09
CA ARG K 118 28.27 -71.88 111.53
C ARG K 118 28.33 -71.60 113.02
N LYS K 119 27.31 -70.95 113.57
CA LYS K 119 27.37 -70.50 114.95
C LYS K 119 27.44 -71.65 115.95
N GLN K 120 26.74 -72.73 115.61
CA GLN K 120 26.65 -73.88 116.49
C GLN K 120 28.02 -74.52 116.64
N ARG K 121 28.63 -74.80 115.50
CA ARG K 121 29.94 -75.42 115.47
C ARG K 121 31.02 -74.47 115.96
N LEU K 122 30.77 -73.16 115.87
CA LEU K 122 31.66 -72.19 116.52
C LEU K 122 31.58 -72.33 118.03
N LEU K 123 30.38 -72.56 118.56
CA LEU K 123 30.24 -72.76 119.99
C LEU K 123 30.92 -74.05 120.40
N ARG K 124 30.78 -75.07 119.56
CA ARG K 124 31.39 -76.36 119.81
C ARG K 124 32.90 -76.19 119.82
N ALA K 125 33.39 -75.34 118.91
CA ALA K 125 34.80 -75.07 118.79
C ALA K 125 35.32 -74.35 120.01
N GLN K 126 34.50 -73.44 120.54
CA GLN K 126 34.87 -72.72 121.75
C GLN K 126 34.96 -73.70 122.91
N GLU K 127 34.09 -74.71 122.89
CA GLU K 127 34.14 -75.76 123.87
C GLU K 127 35.43 -76.56 123.73
N LEU K 128 35.84 -76.77 122.48
CA LEU K 128 37.08 -77.47 122.19
C LEU K 128 38.28 -76.66 122.65
N LEU K 129 38.14 -75.34 122.62
CA LEU K 129 39.22 -74.44 123.00
C LEU K 129 39.37 -74.39 124.50
N GLN K 130 38.24 -74.35 125.19
CA GLN K 130 38.24 -74.42 126.63
C GLN K 130 38.74 -75.79 127.07
N ARG K 131 38.50 -76.79 126.23
CA ARG K 131 39.07 -78.12 126.41
C ARG K 131 40.58 -78.04 126.27
N LEU K 132 41.04 -77.13 125.41
CA LEU K 132 42.47 -76.88 125.24
C LEU K 132 42.96 -75.96 126.35
N GLY K 133 42.02 -75.36 127.06
CA GLY K 133 42.35 -74.37 128.07
C GLY K 133 42.59 -73.03 127.41
N LEU K 134 42.34 -72.96 126.11
CA LEU K 134 42.59 -71.75 125.34
C LEU K 134 41.31 -70.96 125.10
N GLU K 135 41.36 -69.64 125.30
CA GLU K 135 40.20 -68.79 125.06
C GLU K 135 40.61 -67.44 124.50
N ASP K 136 41.56 -66.79 125.16
CA ASP K 136 42.06 -65.49 124.73
C ASP K 136 42.75 -65.57 123.38
N ARG K 137 43.26 -66.76 123.07
CA ARG K 137 44.04 -66.98 121.87
C ARG K 137 43.16 -67.13 120.63
N THR K 138 41.85 -67.15 120.86
CA THR K 138 40.89 -67.50 119.82
C THR K 138 40.96 -66.60 118.59
N GLU K 139 41.17 -65.31 118.81
CA GLU K 139 41.19 -64.37 117.69
C GLU K 139 42.57 -64.24 117.05
N TYR K 140 43.57 -64.83 117.66
CA TYR K 140 44.93 -64.65 117.16
C TYR K 140 45.22 -65.45 115.90
N TYR K 141 46.12 -64.92 115.10
CA TYR K 141 46.71 -65.66 114.00
C TYR K 141 47.61 -66.73 114.58
N PRO K 142 47.78 -67.85 113.86
CA PRO K 142 48.68 -68.90 114.35
C PRO K 142 50.09 -68.40 114.57
N ALA K 143 50.52 -67.45 113.76
CA ALA K 143 51.83 -66.83 113.92
C ALA K 143 51.92 -66.10 115.25
N GLN K 144 50.77 -65.62 115.72
CA GLN K 144 50.69 -64.94 117.00
C GLN K 144 50.65 -65.95 118.14
N LEU K 145 50.48 -67.22 117.78
CA LEU K 145 50.31 -68.29 118.76
C LEU K 145 51.59 -69.07 119.01
N SER K 146 51.75 -69.57 120.23
CA SER K 146 52.87 -70.46 120.53
C SER K 146 52.61 -71.82 119.90
N GLY K 147 53.69 -72.51 119.55
CA GLY K 147 53.59 -73.72 118.75
C GLY K 147 52.81 -74.85 119.39
N GLY K 148 52.92 -74.98 120.70
CA GLY K 148 52.19 -76.02 121.40
C GLY K 148 50.70 -75.72 121.37
N GLN K 149 50.38 -74.44 121.49
CA GLN K 149 48.98 -74.02 121.37
C GLN K 149 48.47 -74.24 119.96
N GLN K 150 49.35 -74.10 118.98
CA GLN K 150 49.02 -74.31 117.59
C GLN K 150 48.69 -75.78 117.38
N GLN K 151 49.48 -76.62 118.02
CA GLN K 151 49.24 -78.04 117.98
C GLN K 151 47.92 -78.34 118.67
N ARG K 152 47.60 -77.56 119.71
CA ARG K 152 46.32 -77.73 120.37
C ARG K 152 45.20 -77.41 119.40
N VAL K 153 45.45 -76.42 118.54
CA VAL K 153 44.48 -76.06 117.53
C VAL K 153 44.31 -77.22 116.56
N SER K 154 45.40 -77.94 116.29
CA SER K 154 45.29 -79.13 115.47
C SER K 154 44.45 -80.20 116.17
N ILE K 155 44.57 -80.26 117.50
CA ILE K 155 43.77 -81.21 118.26
C ILE K 155 42.29 -80.88 118.21
N ALA K 156 41.92 -79.62 118.46
CA ALA K 156 40.52 -79.24 118.43
C ALA K 156 39.98 -79.39 117.01
N ARG K 157 40.86 -79.17 116.05
CA ARG K 157 40.53 -79.33 114.65
C ARG K 157 40.16 -80.79 114.39
N ALA K 158 40.90 -81.70 115.00
CA ALA K 158 40.56 -83.11 114.92
C ALA K 158 39.25 -83.39 115.65
N LEU K 159 39.04 -82.68 116.74
CA LEU K 159 37.90 -82.90 117.62
C LEU K 159 36.57 -82.51 117.00
N MET K 160 36.59 -81.53 116.09
CA MET K 160 35.36 -81.07 115.49
C MET K 160 34.72 -82.19 114.66
N ASN K 161 35.55 -83.10 114.18
CA ASN K 161 35.06 -84.29 113.48
C ASN K 161 34.63 -85.36 114.45
N GLY K 162 34.92 -85.14 115.73
CA GLY K 162 34.67 -86.12 116.77
C GLY K 162 35.90 -86.96 117.04
N GLY K 163 36.91 -86.86 116.18
CA GLY K 163 38.21 -87.46 116.43
C GLY K 163 38.18 -88.98 116.56
N GLN K 164 37.28 -89.62 115.83
CA GLN K 164 37.05 -91.06 115.97
C GLN K 164 38.30 -91.86 115.64
N VAL K 165 39.11 -91.34 114.71
CA VAL K 165 40.40 -91.93 114.37
C VAL K 165 41.43 -90.82 114.25
N ILE K 166 42.59 -90.98 114.88
CA ILE K 166 43.57 -89.91 114.88
C ILE K 166 45.00 -90.39 114.62
N LEU K 167 45.49 -90.12 113.41
CA LEU K 167 46.91 -90.26 113.10
C LEU K 167 47.66 -89.07 113.68
N ALA K 168 48.93 -89.27 114.03
CA ALA K 168 49.68 -88.23 114.71
C ALA K 168 51.16 -88.21 114.34
N ASP K 169 51.53 -87.35 113.39
CA ASP K 169 52.93 -87.11 113.10
C ASP K 169 53.60 -86.45 114.30
N GLU K 170 54.79 -86.95 114.63
CA GLU K 170 55.64 -86.49 115.74
C GLU K 170 55.00 -85.47 116.66
N PRO K 171 54.11 -85.93 117.54
CA PRO K 171 53.31 -85.05 118.40
C PRO K 171 54.16 -84.16 119.31
N THR K 172 55.30 -84.65 119.75
CA THR K 172 56.10 -83.93 120.74
C THR K 172 57.47 -83.48 120.20
N GLY K 173 57.78 -83.85 118.96
CA GLY K 173 59.12 -83.66 118.44
C GLY K 173 59.47 -82.25 118.02
N ALA K 174 58.47 -81.41 117.87
CA ALA K 174 58.70 -80.02 117.43
C ALA K 174 59.07 -79.13 118.62
N LEU K 175 58.95 -79.65 119.83
CA LEU K 175 59.07 -78.82 121.01
C LEU K 175 59.36 -79.59 122.31
N ASP K 176 59.30 -78.88 123.42
CA ASP K 176 59.71 -79.40 124.71
C ASP K 176 58.87 -80.57 125.23
N SER K 177 59.50 -81.42 126.03
CA SER K 177 58.82 -82.56 126.64
C SER K 177 57.74 -82.10 127.60
N HIS K 178 57.87 -80.86 128.09
CA HIS K 178 56.88 -80.29 128.98
C HIS K 178 55.50 -80.30 128.32
N SER K 179 55.29 -79.32 127.46
CA SER K 179 54.03 -79.20 126.74
C SER K 179 53.82 -80.38 125.81
N GLY K 180 54.91 -80.99 125.34
CA GLY K 180 54.80 -82.12 124.45
C GLY K 180 54.14 -83.30 125.12
N GLU K 181 54.76 -83.80 126.18
CA GLU K 181 54.21 -84.91 126.92
C GLU K 181 52.90 -84.50 127.58
N GLU K 182 52.72 -83.20 127.78
CA GLU K 182 51.44 -82.71 128.27
C GLU K 182 50.34 -83.02 127.26
N VAL K 183 50.59 -82.65 126.02
CA VAL K 183 49.65 -82.91 124.94
C VAL K 183 49.48 -84.41 124.80
N MET K 184 50.54 -85.17 125.07
CA MET K 184 50.47 -86.61 125.08
C MET K 184 49.52 -87.10 126.17
N ALA K 185 49.49 -86.39 127.29
CA ALA K 185 48.56 -86.72 128.35
C ALA K 185 47.13 -86.42 127.92
N ILE K 186 46.97 -85.36 127.12
CA ILE K 186 45.66 -85.08 126.54
C ILE K 186 45.28 -86.21 125.57
N LEU K 187 46.29 -86.77 124.90
CA LEU K 187 46.07 -87.91 124.03
C LEU K 187 45.59 -89.09 124.84
N HIS K 188 46.13 -89.20 126.05
CA HIS K 188 45.66 -90.20 126.99
C HIS K 188 44.24 -89.92 127.42
N GLN K 189 43.86 -88.65 127.43
CA GLN K 189 42.50 -88.27 127.77
C GLN K 189 41.53 -88.69 126.67
N LEU K 190 41.95 -88.48 125.42
CA LEU K 190 41.15 -88.91 124.28
C LEU K 190 41.09 -90.42 124.21
N ARG K 191 42.15 -91.07 124.67
CA ARG K 191 42.15 -92.51 124.82
C ARG K 191 41.13 -92.90 125.87
N ASP K 192 41.05 -92.08 126.92
CA ASP K 192 40.06 -92.24 127.97
C ASP K 192 38.69 -91.89 127.42
N ARG K 193 38.68 -91.03 126.40
CA ARG K 193 37.45 -90.68 125.72
C ARG K 193 37.06 -91.82 124.78
N GLY K 194 38.01 -92.73 124.58
CA GLY K 194 37.74 -93.96 123.86
C GLY K 194 37.90 -93.88 122.35
N HIS K 195 38.20 -92.69 121.84
CA HIS K 195 38.51 -92.55 120.43
C HIS K 195 39.85 -93.17 120.10
N THR K 196 39.93 -93.83 118.95
CA THR K 196 41.17 -94.42 118.50
C THR K 196 42.18 -93.35 118.15
N VAL K 197 43.43 -93.54 118.55
CA VAL K 197 44.51 -92.62 118.23
C VAL K 197 45.77 -93.40 117.90
N ILE K 198 46.54 -92.93 116.92
CA ILE K 198 47.75 -93.63 116.50
C ILE K 198 48.88 -92.66 116.18
N ILE K 199 49.82 -92.55 117.11
CA ILE K 199 51.01 -91.73 116.89
C ILE K 199 52.00 -92.46 115.99
N VAL K 200 52.82 -91.70 115.27
CA VAL K 200 53.88 -92.30 114.48
C VAL K 200 55.23 -91.68 114.87
N THR K 201 56.21 -92.55 115.10
CA THR K 201 57.55 -92.10 115.47
C THR K 201 58.59 -93.20 115.31
N HIS K 202 59.81 -92.78 114.96
CA HIS K 202 60.94 -93.69 114.98
C HIS K 202 61.58 -93.70 116.36
N ASP K 203 61.08 -92.84 117.25
CA ASP K 203 61.64 -92.71 118.59
C ASP K 203 60.89 -93.57 119.59
N PRO K 204 61.60 -94.56 120.16
CA PRO K 204 61.10 -95.41 121.24
C PRO K 204 60.70 -94.66 122.50
N GLN K 205 61.39 -93.56 122.81
CA GLN K 205 61.17 -92.86 124.07
C GLN K 205 59.79 -92.26 124.16
N VAL K 206 59.40 -91.51 123.14
CA VAL K 206 58.05 -90.98 123.06
C VAL K 206 57.07 -92.14 122.86
N ALA K 207 57.55 -93.21 122.24
CA ALA K 207 56.72 -94.38 121.98
C ALA K 207 56.35 -95.09 123.28
N ALA K 208 57.14 -94.84 124.32
CA ALA K 208 56.90 -95.43 125.63
C ALA K 208 55.56 -94.95 126.18
N GLN K 209 55.16 -93.76 125.77
CA GLN K 209 53.87 -93.20 126.15
C GLN K 209 52.71 -94.02 125.59
N ALA K 210 52.91 -94.61 124.42
CA ALA K 210 51.86 -95.36 123.74
C ALA K 210 51.62 -96.72 124.40
N GLU K 211 50.38 -97.19 124.31
CA GLU K 211 50.01 -98.48 124.88
C GLU K 211 50.34 -99.64 123.96
N ARG K 212 50.67 -99.36 122.71
CA ARG K 212 50.86 -100.40 121.71
C ARG K 212 51.88 -100.02 120.64
N VAL K 213 53.15 -100.29 120.91
CA VAL K 213 54.19 -100.11 119.91
C VAL K 213 54.08 -101.20 118.85
N ILE K 214 54.42 -100.87 117.61
CA ILE K 214 54.44 -101.84 116.53
C ILE K 214 55.58 -101.52 115.59
N GLU K 215 56.58 -102.39 115.49
CA GLU K 215 57.70 -102.08 114.62
C GLU K 215 57.61 -102.78 113.27
N ILE K 216 57.82 -101.98 112.22
CA ILE K 216 57.85 -102.43 110.85
C ILE K 216 59.25 -102.30 110.25
N ARG K 217 59.62 -103.23 109.38
CA ARG K 217 60.83 -103.07 108.59
C ARG K 217 60.74 -103.91 107.33
N ASP K 218 61.40 -103.43 106.28
CA ASP K 218 61.46 -104.13 105.00
C ASP K 218 60.07 -104.42 104.44
N GLY K 219 59.15 -103.48 104.64
CA GLY K 219 57.81 -103.57 104.08
C GLY K 219 56.83 -104.38 104.91
N GLU K 220 57.29 -104.91 106.03
CA GLU K 220 56.42 -105.67 106.93
C GLU K 220 56.74 -105.43 108.40
N ILE K 221 55.71 -105.51 109.23
CA ILE K 221 55.91 -105.36 110.67
C ILE K 221 56.79 -106.49 111.19
N VAL K 222 57.94 -106.13 111.74
CA VAL K 222 58.79 -107.13 112.36
C VAL K 222 58.11 -107.61 113.64
N ARG K 223 57.31 -106.74 114.25
CA ARG K 223 56.54 -107.14 115.43
C ARG K 223 55.37 -106.21 115.74
N ASN K 224 54.41 -106.77 116.48
CA ASN K 224 53.26 -106.01 116.99
C ASN K 224 53.06 -106.29 118.48
N PRO K 225 53.92 -105.70 119.33
CA PRO K 225 53.78 -105.88 120.78
C PRO K 225 53.01 -104.73 121.43
N PRO K 226 51.78 -105.01 121.89
CA PRO K 226 50.95 -104.02 122.58
C PRO K 226 51.62 -103.50 123.84
N GLY K 246 25.68 -81.55 98.14
CA GLY K 246 24.77 -80.60 98.74
C GLY K 246 25.06 -79.17 98.34
N TRP K 247 24.03 -78.47 97.88
CA TRP K 247 24.16 -77.08 97.46
C TRP K 247 24.26 -76.12 98.64
N ARG K 248 23.94 -76.63 99.83
CA ARG K 248 24.02 -75.81 101.04
C ARG K 248 25.45 -75.38 101.31
N GLN K 249 26.40 -76.28 101.06
CA GLN K 249 27.80 -75.98 101.29
C GLN K 249 28.37 -75.22 100.10
N PHE K 250 27.58 -75.15 99.03
CA PHE K 250 27.98 -74.36 97.86
C PHE K 250 27.70 -72.88 98.08
N VAL K 251 26.55 -72.57 98.68
CA VAL K 251 26.22 -71.18 99.00
C VAL K 251 26.91 -70.73 100.28
N SER K 252 27.00 -71.65 101.25
CA SER K 252 27.82 -71.40 102.42
C SER K 252 29.26 -71.29 101.95
N GLY K 253 29.57 -71.95 100.85
CA GLY K 253 30.86 -71.80 100.23
C GLY K 253 30.97 -70.42 99.64
N PHE K 254 29.86 -69.91 99.09
CA PHE K 254 29.88 -68.59 98.47
C PHE K 254 30.22 -67.52 99.50
N ASN K 255 29.50 -67.51 100.61
CA ASN K 255 29.73 -66.48 101.61
C ASN K 255 30.95 -66.72 102.51
N GLU K 256 31.13 -67.95 102.97
CA GLU K 256 32.27 -68.24 103.84
C GLU K 256 33.58 -68.10 103.07
N ALA K 257 33.60 -68.54 101.82
CA ALA K 257 34.81 -68.36 101.02
C ALA K 257 34.81 -66.96 100.41
N LEU K 258 33.71 -66.23 100.58
CA LEU K 258 33.75 -64.80 100.34
C LEU K 258 34.63 -64.17 101.40
N THR K 259 34.42 -64.61 102.64
CA THR K 259 35.24 -64.11 103.74
C THR K 259 36.68 -64.59 103.58
N MET K 260 36.82 -65.83 103.13
CA MET K 260 38.13 -66.41 102.90
C MET K 260 38.83 -65.66 101.79
N ALA K 261 38.03 -65.18 100.85
CA ALA K 261 38.54 -64.38 99.76
C ALA K 261 39.02 -63.04 100.28
N TRP K 262 38.25 -62.45 101.18
CA TRP K 262 38.61 -61.16 101.74
C TRP K 262 39.92 -61.28 102.49
N ARG K 263 40.10 -62.42 103.13
CA ARG K 263 41.32 -62.68 103.88
C ARG K 263 42.49 -62.92 102.95
N ALA K 264 42.25 -63.66 101.87
CA ALA K 264 43.31 -63.95 100.93
C ALA K 264 43.77 -62.66 100.25
N LEU K 265 42.82 -61.75 100.03
CA LEU K 265 43.14 -60.43 99.53
C LEU K 265 43.89 -59.64 100.59
N ALA K 266 43.55 -59.90 101.85
CA ALA K 266 44.22 -59.23 102.95
C ALA K 266 45.68 -59.64 102.98
N ALA K 267 45.96 -60.84 102.48
CA ALA K 267 47.33 -61.30 102.36
C ALA K 267 48.11 -60.43 101.37
N ASN K 268 47.41 -59.87 100.39
CA ASN K 268 48.05 -59.06 99.37
C ASN K 268 47.17 -57.92 98.90
N LYS K 269 46.91 -56.97 99.78
CA LYS K 269 46.04 -55.85 99.46
C LYS K 269 46.57 -55.03 98.29
N MET K 270 47.90 -54.96 98.18
CA MET K 270 48.51 -54.14 97.14
C MET K 270 48.39 -54.84 95.79
N ARG K 271 48.67 -56.13 95.79
CA ARG K 271 48.59 -56.93 94.58
C ARG K 271 47.15 -56.93 94.10
N THR K 272 46.26 -56.98 95.09
CA THR K 272 44.84 -56.93 94.86
C THR K 272 44.49 -55.59 94.24
N LEU K 273 45.21 -54.57 94.67
CA LEU K 273 44.96 -53.23 94.19
C LEU K 273 45.33 -53.11 92.72
N LEU K 274 46.51 -53.57 92.37
CA LEU K 274 46.97 -53.49 90.99
C LEU K 274 46.09 -54.34 90.09
N THR K 275 45.66 -55.47 90.63
CA THR K 275 44.85 -56.40 89.87
C THR K 275 43.51 -55.79 89.56
N MET K 276 42.84 -55.33 90.60
CA MET K 276 41.52 -54.76 90.48
C MET K 276 41.58 -53.52 89.62
N LEU K 277 42.67 -52.76 89.72
CA LEU K 277 42.81 -51.57 88.91
C LEU K 277 42.93 -51.94 87.45
N GLY K 278 43.58 -53.08 87.20
CA GLY K 278 43.74 -53.57 85.86
C GLY K 278 42.39 -53.91 85.30
N ILE K 279 41.52 -54.41 86.17
CA ILE K 279 40.14 -54.67 85.76
C ILE K 279 39.38 -53.38 85.49
N ILE K 280 39.49 -52.47 86.44
CA ILE K 280 38.69 -51.26 86.52
C ILE K 280 38.91 -50.36 85.34
N ILE K 281 40.17 -50.12 85.01
CA ILE K 281 40.46 -49.21 83.91
C ILE K 281 39.91 -49.81 82.63
N GLY K 282 39.97 -51.13 82.56
CA GLY K 282 39.49 -51.85 81.40
C GLY K 282 38.01 -51.62 81.20
N ILE K 283 37.21 -52.09 82.16
CA ILE K 283 35.77 -52.02 82.01
C ILE K 283 35.26 -50.58 81.93
N ALA K 284 35.89 -49.70 82.69
CA ALA K 284 35.48 -48.30 82.70
C ALA K 284 35.69 -47.73 81.31
N SER K 285 36.81 -48.12 80.70
CA SER K 285 37.09 -47.70 79.34
C SER K 285 36.09 -48.31 78.36
N VAL K 286 35.65 -49.53 78.66
CA VAL K 286 34.68 -50.20 77.81
C VAL K 286 33.44 -49.35 77.71
N VAL K 287 32.80 -49.19 78.86
CA VAL K 287 31.52 -48.48 78.91
C VAL K 287 31.72 -47.05 78.42
N SER K 288 32.91 -46.51 78.70
CA SER K 288 33.23 -45.17 78.28
C SER K 288 33.11 -45.04 76.78
N ILE K 289 33.97 -45.75 76.07
CA ILE K 289 34.01 -45.61 74.62
C ILE K 289 32.71 -46.04 73.97
N VAL K 290 32.04 -47.04 74.57
CA VAL K 290 30.79 -47.51 74.02
C VAL K 290 29.76 -46.40 74.07
N VAL K 291 29.58 -45.82 75.25
CA VAL K 291 28.56 -44.81 75.43
C VAL K 291 28.88 -43.54 74.64
N VAL K 292 30.13 -43.09 74.70
CA VAL K 292 30.46 -41.83 74.05
C VAL K 292 30.37 -41.96 72.52
N GLY K 293 30.79 -43.12 72.01
CA GLY K 293 30.78 -43.31 70.58
C GLY K 293 29.34 -43.45 70.13
N ASP K 294 28.55 -44.09 70.97
CA ASP K 294 27.13 -44.23 70.68
C ASP K 294 26.44 -42.87 70.67
N ALA K 295 26.90 -41.97 71.53
CA ALA K 295 26.26 -40.68 71.68
C ALA K 295 26.58 -39.78 70.51
N ALA K 296 27.86 -39.73 70.12
CA ALA K 296 28.24 -38.94 68.96
C ALA K 296 27.55 -39.51 67.73
N LYS K 297 27.42 -40.83 67.73
CA LYS K 297 26.72 -41.51 66.66
C LYS K 297 25.28 -41.06 66.64
N GLN K 298 24.70 -40.86 67.82
CA GLN K 298 23.35 -40.35 67.91
C GLN K 298 23.29 -38.96 67.35
N MET K 299 24.36 -38.20 67.53
CA MET K 299 24.36 -36.82 67.08
C MET K 299 24.32 -36.76 65.56
N VAL K 300 25.27 -37.44 64.93
CA VAL K 300 25.33 -37.40 63.48
C VAL K 300 24.14 -38.10 62.82
N LEU K 301 23.72 -39.22 63.40
CA LEU K 301 22.60 -39.95 62.84
C LEU K 301 21.31 -39.16 62.98
N ALA K 302 21.10 -38.53 64.11
CA ALA K 302 19.90 -37.72 64.29
C ALA K 302 19.95 -36.54 63.33
N ASP K 303 21.16 -36.06 63.08
CA ASP K 303 21.33 -34.98 62.12
C ASP K 303 20.92 -35.39 60.72
N ILE K 304 21.16 -36.66 60.39
CA ILE K 304 20.87 -37.12 59.03
C ILE K 304 19.43 -37.58 58.86
N ARG K 305 18.92 -38.29 59.85
CA ARG K 305 17.59 -38.88 59.82
C ARG K 305 16.57 -37.81 60.13
N SER K 306 17.07 -36.63 60.43
CA SER K 306 16.23 -35.48 60.68
C SER K 306 15.37 -35.22 59.46
N ILE K 307 15.89 -35.58 58.31
CA ILE K 307 15.10 -35.57 57.09
C ILE K 307 14.04 -36.66 57.22
N GLY K 308 12.83 -36.36 56.78
CA GLY K 308 11.69 -37.24 57.03
C GLY K 308 11.81 -38.63 56.42
N THR K 309 12.03 -39.62 57.27
CA THR K 309 12.23 -40.98 56.82
C THR K 309 10.91 -41.68 56.48
N ASN K 310 16.10 -39.78 52.78
CA ASN K 310 14.74 -39.69 53.31
C ASN K 310 13.80 -38.95 52.38
N THR K 311 14.27 -38.62 51.18
CA THR K 311 13.48 -37.85 50.23
C THR K 311 13.37 -38.51 48.85
N ILE K 312 12.20 -38.39 48.23
CA ILE K 312 11.99 -38.84 46.86
C ILE K 312 11.45 -37.67 46.03
N ASP K 313 12.30 -36.66 45.82
CA ASP K 313 11.92 -35.52 44.99
C ASP K 313 11.73 -35.89 43.53
N VAL K 314 10.67 -35.35 42.94
CA VAL K 314 10.40 -35.57 41.54
C VAL K 314 11.47 -34.93 40.67
N TYR K 315 11.94 -35.67 39.67
CA TYR K 315 12.98 -35.17 38.77
C TYR K 315 12.57 -35.41 37.33
N PRO K 316 11.61 -34.61 36.85
CA PRO K 316 11.02 -34.81 35.51
C PRO K 316 11.96 -34.38 34.39
N GLY K 317 12.93 -35.24 34.09
CA GLY K 317 13.88 -34.98 33.03
C GLY K 317 14.67 -36.21 32.68
N LYS K 318 15.80 -36.40 33.37
CA LYS K 318 16.56 -37.64 33.39
C LYS K 318 17.28 -37.77 34.71
N ASP K 319 18.25 -36.89 34.93
CA ASP K 319 18.92 -36.78 36.21
C ASP K 319 19.41 -35.35 36.42
N PHE K 320 20.29 -35.16 37.38
CA PHE K 320 20.67 -33.83 37.83
C PHE K 320 21.33 -32.98 36.74
N GLY K 321 22.01 -33.64 35.81
CA GLY K 321 22.71 -32.93 34.75
C GLY K 321 21.85 -32.55 33.56
N ASP K 322 20.59 -33.00 33.55
CA ASP K 322 19.73 -32.82 32.39
C ASP K 322 19.32 -31.36 32.22
N ASP K 323 18.99 -30.98 30.98
CA ASP K 323 18.53 -29.62 30.71
C ASP K 323 17.12 -29.61 30.12
N ASP K 324 17.01 -29.60 28.79
CA ASP K 324 15.72 -29.39 28.13
C ASP K 324 14.65 -30.44 28.52
N PRO K 325 14.97 -31.75 28.44
CA PRO K 325 13.95 -32.69 28.93
C PRO K 325 13.62 -32.45 30.39
N GLN K 326 14.61 -32.02 31.17
CA GLN K 326 14.39 -31.61 32.54
C GLN K 326 13.71 -30.25 32.58
N TYR K 327 13.91 -29.46 31.52
CA TYR K 327 13.33 -28.14 31.47
C TYR K 327 11.85 -28.25 31.23
N GLN K 328 11.48 -29.04 30.22
CA GLN K 328 10.09 -29.41 30.04
C GLN K 328 9.69 -30.26 31.24
N GLN K 329 8.52 -29.97 31.82
CA GLN K 329 8.07 -30.69 33.01
C GLN K 329 6.57 -30.84 33.02
N ALA K 330 6.13 -32.10 33.01
CA ALA K 330 4.71 -32.43 33.02
C ALA K 330 4.20 -32.64 34.44
N LEU K 331 4.99 -32.23 35.42
CA LEU K 331 4.65 -32.46 36.81
C LEU K 331 3.30 -31.82 37.17
N LYS K 332 2.53 -32.51 38.00
CA LYS K 332 1.25 -31.99 38.45
C LYS K 332 1.05 -32.21 39.93
N TYR K 333 0.68 -31.14 40.62
CA TYR K 333 0.36 -31.22 42.04
C TYR K 333 -0.93 -32.01 42.23
N ASP K 334 -1.73 -32.06 41.18
CA ASP K 334 -2.96 -32.83 41.21
C ASP K 334 -2.61 -34.29 41.45
N ASP K 335 -1.46 -34.66 40.92
CA ASP K 335 -1.01 -36.03 40.97
C ASP K 335 -0.87 -36.42 42.43
N LEU K 336 -0.50 -35.43 43.24
CA LEU K 336 -0.20 -35.64 44.65
C LEU K 336 -1.38 -36.23 45.37
N ILE K 337 -2.57 -35.99 44.82
CA ILE K 337 -3.77 -36.64 45.33
C ILE K 337 -3.55 -38.14 45.39
N ALA K 338 -3.48 -38.77 44.23
CA ALA K 338 -3.36 -40.22 44.17
C ALA K 338 -1.98 -40.62 44.64
N ILE K 339 -1.04 -39.70 44.56
CA ILE K 339 0.28 -39.95 45.09
C ILE K 339 0.21 -40.12 46.60
N GLN K 340 -0.67 -39.38 47.24
CA GLN K 340 -0.79 -39.45 48.68
C GLN K 340 -1.71 -40.60 49.06
N LYS K 341 -2.34 -41.20 48.05
CA LYS K 341 -3.30 -42.27 48.25
C LYS K 341 -2.66 -43.50 48.89
N GLN K 342 -1.38 -43.71 48.64
CA GLN K 342 -0.71 -44.89 49.18
C GLN K 342 -0.49 -44.74 50.68
N PRO K 343 -0.99 -45.70 51.46
CA PRO K 343 -1.04 -45.65 52.92
C PRO K 343 0.32 -45.47 53.59
N TRP K 344 1.36 -46.07 53.01
CA TRP K 344 2.69 -45.97 53.60
C TRP K 344 3.20 -44.55 53.52
N VAL K 345 2.68 -43.81 52.55
CA VAL K 345 3.09 -42.44 52.34
C VAL K 345 2.49 -41.59 53.44
N ALA K 346 3.29 -41.33 54.48
CA ALA K 346 2.83 -40.50 55.57
C ALA K 346 2.54 -39.11 55.04
N SER K 347 3.35 -38.69 54.07
CA SER K 347 3.18 -37.41 53.42
C SER K 347 4.05 -37.31 52.18
N ALA K 348 3.64 -36.42 51.28
CA ALA K 348 4.47 -36.04 50.15
C ALA K 348 4.16 -34.59 49.84
N THR K 349 5.18 -33.79 49.55
CA THR K 349 4.98 -32.35 49.49
C THR K 349 5.55 -31.69 48.24
N PRO K 350 4.83 -30.65 47.76
CA PRO K 350 5.22 -29.79 46.64
C PRO K 350 6.50 -29.03 46.92
N ALA K 351 7.28 -28.77 45.88
CA ALA K 351 8.52 -28.03 46.01
C ALA K 351 8.88 -27.32 44.72
N VAL K 352 9.05 -26.00 44.80
CA VAL K 352 9.43 -25.20 43.64
C VAL K 352 9.99 -23.87 44.13
N SER K 353 10.78 -23.20 43.29
CA SER K 353 11.47 -22.00 43.70
C SER K 353 11.98 -21.19 42.53
N GLN K 354 12.21 -19.90 42.76
CA GLN K 354 12.89 -19.07 41.78
C GLN K 354 13.36 -17.77 42.39
N ASN K 355 14.45 -17.23 41.86
CA ASN K 355 14.87 -15.88 42.20
C ASN K 355 14.05 -14.83 41.47
N LEU K 356 13.89 -13.68 42.11
CA LEU K 356 13.21 -12.53 41.53
C LEU K 356 13.78 -11.26 42.14
N ARG K 357 13.72 -10.16 41.41
CA ARG K 357 14.21 -8.90 41.93
C ARG K 357 13.39 -8.50 43.14
N LEU K 358 14.08 -7.95 44.14
CA LEU K 358 13.41 -7.45 45.32
C LEU K 358 13.31 -5.93 45.31
N ARG K 359 12.11 -5.42 45.56
CA ARG K 359 11.93 -3.98 45.72
C ARG K 359 11.46 -3.69 47.13
N TYR K 360 12.06 -2.71 47.80
CA TYR K 360 11.54 -2.28 49.09
C TYR K 360 12.05 -0.92 49.53
N ASN K 361 11.13 0.02 49.71
CA ASN K 361 11.47 1.37 50.15
C ASN K 361 12.58 1.96 49.33
N ASN K 362 13.80 1.86 49.84
CA ASN K 362 14.98 2.35 49.17
C ASN K 362 15.84 1.20 48.69
N VAL K 363 15.97 0.19 49.54
CA VAL K 363 16.75 -0.99 49.18
C VAL K 363 16.11 -1.73 48.01
N ASP K 364 16.96 -2.11 47.06
CA ASP K 364 16.52 -2.62 45.78
C ASP K 364 17.52 -3.65 45.28
N VAL K 365 17.16 -4.93 45.40
CA VAL K 365 18.09 -6.00 45.07
C VAL K 365 17.41 -7.10 44.26
N ALA K 366 17.79 -8.34 44.54
CA ALA K 366 17.15 -9.52 43.99
C ALA K 366 17.43 -10.68 44.93
N ALA K 367 16.57 -11.69 44.93
CA ALA K 367 16.72 -12.80 45.86
C ALA K 367 16.01 -14.07 45.40
N SER K 368 16.60 -15.21 45.72
CA SER K 368 15.95 -16.50 45.50
C SER K 368 14.82 -16.69 46.49
N ALA K 369 13.75 -17.34 46.05
CA ALA K 369 12.59 -17.57 46.92
C ALA K 369 12.09 -18.98 46.74
N ASN K 370 11.44 -19.53 47.76
CA ASN K 370 11.18 -20.96 47.80
C ASN K 370 9.76 -21.34 48.19
N GLY K 371 8.91 -21.53 47.17
CA GLY K 371 7.57 -22.05 47.39
C GLY K 371 7.60 -23.51 47.78
N VAL K 372 7.19 -23.77 49.03
CA VAL K 372 7.32 -25.09 49.63
C VAL K 372 6.25 -25.34 50.68
N SER K 373 6.20 -26.58 51.18
CA SER K 373 5.32 -26.96 52.26
C SER K 373 5.74 -26.32 53.58
N GLY K 374 4.79 -26.18 54.50
CA GLY K 374 5.05 -25.53 55.77
C GLY K 374 5.73 -26.45 56.76
N ASP K 375 5.87 -27.71 56.39
CA ASP K 375 6.57 -28.66 57.24
C ASP K 375 8.06 -28.52 57.03
N TYR K 376 8.42 -27.67 56.08
CA TYR K 376 9.80 -27.46 55.68
C TYR K 376 10.73 -27.23 56.87
N PHE K 377 10.64 -26.05 57.47
CA PHE K 377 11.50 -25.70 58.58
C PHE K 377 11.26 -26.64 59.74
N ASN K 378 10.05 -27.19 59.77
CA ASN K 378 9.70 -28.19 60.76
C ASN K 378 10.56 -29.43 60.57
N VAL K 379 10.38 -30.11 59.44
CA VAL K 379 11.11 -31.35 59.21
C VAL K 379 12.61 -31.11 59.08
N TYR K 380 12.99 -29.96 58.52
CA TYR K 380 14.39 -29.59 58.48
C TYR K 380 14.83 -29.11 59.84
N GLY K 381 13.88 -28.81 60.70
CA GLY K 381 14.20 -28.51 62.09
C GLY K 381 14.81 -27.15 62.21
N MET K 382 14.74 -26.37 61.14
CA MET K 382 15.37 -25.07 61.09
C MET K 382 14.76 -24.13 62.13
N THR K 383 15.60 -23.44 62.88
CA THR K 383 15.13 -22.52 63.91
C THR K 383 14.68 -21.19 63.33
N PHE K 384 13.70 -20.57 63.98
CA PHE K 384 13.21 -19.28 63.54
C PHE K 384 13.93 -18.13 64.20
N SER K 385 14.34 -17.16 63.40
CA SER K 385 14.79 -15.89 63.93
C SER K 385 13.60 -15.21 64.59
N GLU K 386 12.43 -15.42 64.01
CA GLU K 386 11.22 -14.78 64.48
C GLU K 386 9.99 -15.39 63.81
N GLY K 387 8.85 -15.28 64.46
CA GLY K 387 7.59 -15.69 63.86
C GLY K 387 7.46 -17.19 63.80
N ASN K 388 6.53 -17.66 62.98
CA ASN K 388 6.29 -19.08 62.82
C ASN K 388 6.25 -19.45 61.35
N THR K 389 5.92 -20.70 61.06
CA THR K 389 5.78 -21.12 59.68
C THR K 389 4.41 -20.63 59.20
N PHE K 390 3.50 -21.55 58.92
CA PHE K 390 2.14 -21.19 58.56
C PHE K 390 1.18 -22.36 58.63
N ASN K 391 -0.09 -22.04 58.89
CA ASN K 391 -1.15 -23.02 58.92
C ASN K 391 -1.48 -23.48 57.53
N GLN K 392 -1.97 -24.71 57.42
CA GLN K 392 -2.39 -25.23 56.13
C GLN K 392 -3.61 -24.47 55.64
N GLU K 393 -4.37 -23.93 56.58
CA GLU K 393 -5.54 -23.14 56.22
C GLU K 393 -5.09 -21.89 55.51
N GLN K 394 -4.13 -21.20 56.10
CA GLN K 394 -3.57 -20.01 55.47
C GLN K 394 -2.61 -20.41 54.36
N LEU K 395 -2.19 -21.67 54.36
CA LEU K 395 -1.56 -22.20 53.16
C LEU K 395 -2.57 -22.18 52.04
N ASN K 396 -3.81 -22.49 52.38
CA ASN K 396 -4.90 -22.37 51.43
C ASN K 396 -5.41 -20.95 51.37
N GLY K 397 -4.99 -20.15 52.34
CA GLY K 397 -5.47 -18.78 52.44
C GLY K 397 -4.79 -17.84 51.48
N ARG K 398 -3.71 -18.31 50.86
CA ARG K 398 -2.94 -17.50 49.93
C ARG K 398 -2.54 -16.17 50.53
N ALA K 399 -2.13 -16.21 51.79
CA ALA K 399 -1.65 -15.02 52.48
C ALA K 399 -0.29 -14.60 51.92
N GLN K 400 0.03 -13.32 52.08
CA GLN K 400 1.26 -12.79 51.55
C GLN K 400 2.40 -12.97 52.55
N VAL K 401 2.21 -13.91 53.47
CA VAL K 401 3.22 -14.27 54.46
C VAL K 401 4.46 -14.85 53.79
N VAL K 402 5.62 -14.62 54.39
CA VAL K 402 6.88 -15.07 53.76
C VAL K 402 8.06 -15.11 54.74
N VAL K 403 9.00 -16.02 54.47
CA VAL K 403 10.20 -16.19 55.28
C VAL K 403 11.46 -15.81 54.51
N LEU K 404 12.41 -15.17 55.20
CA LEU K 404 13.61 -14.65 54.54
C LEU K 404 14.89 -14.98 55.30
N ASP K 405 16.03 -14.84 54.62
CA ASP K 405 17.34 -14.95 55.27
C ASP K 405 17.53 -13.85 56.29
N SER K 406 18.16 -14.20 57.41
CA SER K 406 18.46 -13.23 58.43
C SER K 406 19.41 -12.17 57.88
N ASN K 407 20.41 -12.64 57.14
CA ASN K 407 21.38 -11.74 56.55
C ASN K 407 20.72 -10.84 55.52
N THR K 408 19.73 -11.39 54.85
CA THR K 408 18.98 -10.63 53.87
C THR K 408 18.29 -9.49 54.58
N ARG K 409 17.78 -9.77 55.77
CA ARG K 409 17.15 -8.74 56.57
C ARG K 409 18.18 -7.72 57.00
N ARG K 410 19.40 -8.21 57.23
CA ARG K 410 20.48 -7.33 57.65
C ARG K 410 20.75 -6.33 56.56
N GLN K 411 20.57 -6.79 55.33
CA GLN K 411 20.68 -5.90 54.20
C GLN K 411 19.51 -4.95 54.19
N LEU K 412 18.32 -5.52 54.34
CA LEU K 412 17.08 -4.77 54.30
C LEU K 412 16.98 -3.82 55.46
N PHE K 413 17.49 -4.23 56.60
CA PHE K 413 17.22 -3.56 57.85
C PHE K 413 18.48 -3.26 58.62
N PRO K 414 19.19 -2.20 58.23
CA PRO K 414 20.30 -1.68 59.04
C PRO K 414 19.77 -1.30 60.41
N HIS K 415 18.52 -0.87 60.43
CA HIS K 415 17.83 -0.43 61.62
C HIS K 415 17.62 -1.53 62.65
N LYS K 416 17.56 -2.76 62.18
CA LYS K 416 17.07 -3.91 62.96
C LYS K 416 15.61 -3.69 63.33
N ALA K 417 14.82 -3.24 62.36
CA ALA K 417 13.38 -3.06 62.54
C ALA K 417 12.69 -4.41 62.73
N ASP K 418 11.58 -4.40 63.47
CA ASP K 418 10.81 -5.62 63.65
C ASP K 418 10.25 -6.08 62.31
N VAL K 419 10.29 -7.40 62.09
CA VAL K 419 9.87 -7.97 60.82
C VAL K 419 8.37 -8.15 60.68
N VAL K 420 7.71 -8.59 61.75
CA VAL K 420 6.33 -9.03 61.65
C VAL K 420 5.39 -7.89 61.28
N GLY K 421 4.43 -8.20 60.41
CA GLY K 421 3.41 -7.25 60.01
C GLY K 421 3.88 -6.34 58.89
N GLU K 422 5.17 -6.36 58.63
CA GLU K 422 5.72 -5.56 57.55
C GLU K 422 5.39 -6.18 56.21
N VAL K 423 5.30 -5.36 55.18
CA VAL K 423 5.04 -5.86 53.84
C VAL K 423 6.14 -5.43 52.89
N ILE K 424 6.58 -6.38 52.06
CA ILE K 424 7.58 -6.12 51.04
C ILE K 424 7.18 -6.88 49.79
N LEU K 425 7.18 -6.23 48.62
CA LEU K 425 6.88 -6.95 47.41
C LEU K 425 8.02 -7.89 47.10
N VAL K 426 7.68 -9.07 46.59
CA VAL K 426 8.64 -9.90 45.91
C VAL K 426 8.38 -9.79 44.41
N GLY K 427 9.44 -9.69 43.63
CA GLY K 427 9.31 -9.52 42.20
C GLY K 427 8.43 -8.33 41.89
N ASN K 428 7.13 -8.52 42.02
CA ASN K 428 6.16 -7.45 41.87
C ASN K 428 5.06 -7.53 42.92
N MET K 429 4.60 -8.74 43.19
CA MET K 429 3.48 -8.92 44.10
C MET K 429 3.85 -8.56 45.50
N PRO K 430 3.01 -7.75 46.17
CA PRO K 430 3.26 -7.38 47.56
C PRO K 430 3.23 -8.61 48.46
N ALA K 431 4.03 -8.61 49.51
CA ALA K 431 4.07 -9.77 50.41
C ALA K 431 4.31 -9.38 51.87
N ARG K 432 3.31 -9.58 52.71
CA ARG K 432 3.44 -9.21 54.12
C ARG K 432 4.33 -10.21 54.86
N VAL K 433 5.57 -9.79 55.12
CA VAL K 433 6.51 -10.63 55.84
C VAL K 433 6.06 -10.85 57.27
N ILE K 434 6.33 -12.04 57.79
CA ILE K 434 6.14 -12.29 59.21
C ILE K 434 7.33 -13.07 59.77
N GLY K 435 7.32 -14.38 59.60
CA GLY K 435 8.40 -15.20 60.12
C GLY K 435 9.67 -15.11 59.30
N VAL K 436 10.79 -15.30 59.99
CA VAL K 436 12.09 -15.51 59.35
C VAL K 436 12.91 -16.47 60.21
N ALA K 437 13.66 -17.33 59.56
CA ALA K 437 14.33 -18.42 60.25
C ALA K 437 15.83 -18.25 60.29
N GLU K 438 16.41 -18.49 61.45
CA GLU K 438 17.85 -18.58 61.56
C GLU K 438 18.33 -19.86 60.90
N GLU K 439 19.46 -19.77 60.22
CA GLU K 439 20.05 -20.95 59.58
C GLU K 439 20.52 -21.92 60.64
N LYS K 440 20.36 -23.21 60.36
CA LYS K 440 20.87 -24.24 61.25
C LYS K 440 22.31 -24.60 60.91
N GLN K 441 22.61 -24.62 59.62
CA GLN K 441 23.95 -24.98 59.15
C GLN K 441 24.96 -23.87 59.38
N SER K 442 26.21 -24.27 59.61
CA SER K 442 27.31 -23.33 59.69
C SER K 442 28.32 -23.58 58.58
N MET K 443 28.00 -24.54 57.70
CA MET K 443 28.90 -24.92 56.61
C MET K 443 28.80 -23.97 55.43
N PHE K 444 27.87 -23.03 55.49
CA PHE K 444 27.62 -22.10 54.40
C PHE K 444 28.87 -21.31 54.02
N GLY K 445 29.48 -21.66 52.90
CA GLY K 445 30.62 -20.93 52.40
C GLY K 445 30.22 -19.70 51.63
N SER K 446 28.92 -19.57 51.36
CA SER K 446 28.41 -18.43 50.61
C SER K 446 27.04 -18.01 51.12
N SER K 447 27.03 -17.14 52.12
CA SER K 447 25.79 -16.62 52.68
C SER K 447 25.28 -15.46 51.84
N LYS K 448 26.03 -15.10 50.81
CA LYS K 448 25.68 -13.98 49.94
C LYS K 448 24.38 -14.32 49.20
N VAL K 449 24.09 -15.61 49.11
CA VAL K 449 22.82 -16.07 48.57
C VAL K 449 21.69 -15.52 49.44
N LEU K 450 20.61 -15.11 48.80
CA LEU K 450 19.53 -14.44 49.51
C LEU K 450 18.27 -15.29 49.47
N ARG K 451 18.31 -16.41 50.19
CA ARG K 451 17.21 -17.36 50.21
C ARG K 451 15.96 -16.77 50.85
N VAL K 452 14.81 -17.13 50.30
CA VAL K 452 13.53 -16.63 50.79
C VAL K 452 12.53 -17.78 50.71
N TRP K 453 11.51 -17.78 51.57
CA TRP K 453 10.59 -18.89 51.59
C TRP K 453 9.13 -18.49 51.58
N LEU K 454 8.37 -19.20 50.77
CA LEU K 454 6.96 -18.94 50.59
C LEU K 454 6.20 -20.25 50.68
N PRO K 455 4.94 -20.20 51.07
CA PRO K 455 4.13 -21.37 50.76
C PRO K 455 4.08 -21.51 49.24
N TYR K 456 4.10 -22.73 48.74
CA TYR K 456 4.12 -22.94 47.30
C TYR K 456 2.81 -22.48 46.70
N SER K 457 1.75 -22.55 47.49
CA SER K 457 0.44 -22.17 47.01
C SER K 457 0.46 -20.70 46.66
N THR K 458 1.24 -19.93 47.39
CA THR K 458 1.35 -18.51 47.10
C THR K 458 2.19 -18.28 45.85
N MET K 459 3.32 -18.98 45.78
CA MET K 459 4.20 -18.87 44.62
C MET K 459 3.46 -19.24 43.36
N SER K 460 3.29 -20.53 43.16
CA SER K 460 2.68 -21.05 41.95
C SER K 460 1.27 -20.54 41.79
N GLY K 461 0.60 -20.29 42.91
CA GLY K 461 -0.78 -19.86 42.83
C GLY K 461 -0.92 -18.40 42.45
N ARG K 462 0.15 -17.63 42.60
CA ARG K 462 0.11 -16.23 42.19
C ARG K 462 1.46 -15.55 42.05
N VAL K 463 2.46 -16.28 41.56
CA VAL K 463 3.60 -15.65 40.91
C VAL K 463 3.94 -16.47 39.67
N MET K 464 3.31 -17.62 39.52
CA MET K 464 3.61 -18.51 38.41
C MET K 464 2.38 -18.94 37.64
N GLY K 465 1.54 -19.75 38.29
CA GLY K 465 0.36 -20.29 37.67
C GLY K 465 0.64 -21.59 36.93
N GLN K 466 1.90 -22.00 36.92
CA GLN K 466 2.27 -23.24 36.24
C GLN K 466 1.85 -24.44 37.07
N SER K 467 1.62 -25.56 36.41
CA SER K 467 1.23 -26.78 37.11
C SER K 467 2.44 -27.52 37.70
N TRP K 468 3.50 -27.58 36.92
CA TRP K 468 4.71 -28.31 37.34
C TRP K 468 5.54 -27.55 38.35
N LEU K 469 6.21 -28.31 39.21
CA LEU K 469 7.09 -27.74 40.23
C LEU K 469 8.48 -28.29 40.06
N ASN K 470 9.42 -27.79 40.84
CA ASN K 470 10.79 -28.28 40.75
C ASN K 470 10.91 -29.74 41.15
N SER K 471 10.10 -30.13 42.14
CA SER K 471 10.18 -31.46 42.71
C SER K 471 9.04 -31.70 43.70
N ILE K 472 8.86 -32.95 44.10
CA ILE K 472 7.97 -33.28 45.21
C ILE K 472 8.57 -34.32 46.13
N THR K 473 8.78 -33.93 47.39
CA THR K 473 9.28 -34.84 48.41
C THR K 473 8.30 -35.95 48.66
N VAL K 474 8.79 -37.16 48.91
CA VAL K 474 7.90 -38.27 49.21
C VAL K 474 8.37 -39.02 50.46
N ARG K 475 7.87 -38.58 51.60
CA ARG K 475 8.14 -39.26 52.86
C ARG K 475 7.25 -40.48 53.01
N VAL K 476 7.70 -41.47 53.77
CA VAL K 476 6.93 -42.68 53.99
C VAL K 476 6.85 -43.02 55.48
N LYS K 477 5.89 -43.87 55.84
CA LYS K 477 5.70 -44.26 57.22
C LYS K 477 5.91 -45.77 57.35
N GLU K 478 5.34 -46.37 58.39
CA GLU K 478 5.34 -47.82 58.64
C GLU K 478 6.70 -48.36 59.05
N GLY K 479 7.73 -47.53 58.95
CA GLY K 479 9.10 -48.00 59.09
C GLY K 479 9.46 -48.70 57.79
N PHE K 480 8.61 -48.46 56.78
CA PHE K 480 8.63 -49.17 55.51
C PHE K 480 9.91 -48.90 54.71
N ASP K 481 10.41 -49.93 54.04
CA ASP K 481 11.65 -49.82 53.27
C ASP K 481 11.56 -48.89 52.07
N SER K 482 12.60 -48.07 51.91
CA SER K 482 12.68 -47.16 50.76
C SER K 482 12.85 -47.92 49.46
N ALA K 483 13.50 -49.08 49.54
CA ALA K 483 13.80 -49.86 48.35
C ALA K 483 12.51 -50.32 47.68
N GLU K 484 11.49 -50.53 48.51
CA GLU K 484 10.20 -50.93 48.01
C GLU K 484 9.37 -49.67 47.77
N ALA K 485 8.25 -49.83 47.07
CA ALA K 485 7.31 -48.76 46.76
C ALA K 485 7.83 -47.77 45.72
N GLU K 486 9.11 -47.44 45.75
CA GLU K 486 9.64 -46.51 44.77
C GLU K 486 9.50 -47.12 43.38
N GLN K 487 9.67 -48.44 43.33
CA GLN K 487 9.40 -49.18 42.10
C GLN K 487 7.90 -49.25 41.87
N GLN K 488 7.12 -49.25 42.95
CA GLN K 488 5.67 -49.29 42.83
C GLN K 488 5.23 -47.93 42.32
N LEU K 489 5.84 -46.90 42.91
CA LEU K 489 5.65 -45.55 42.45
C LEU K 489 6.26 -45.38 41.07
N THR K 490 7.23 -46.22 40.74
CA THR K 490 7.84 -46.12 39.42
C THR K 490 6.83 -46.43 38.34
N ARG K 491 6.20 -47.59 38.46
CA ARG K 491 5.17 -47.99 37.50
C ARG K 491 3.97 -47.07 37.66
N LEU K 492 3.80 -46.57 38.87
CA LEU K 492 2.66 -45.73 39.19
C LEU K 492 2.73 -44.46 38.36
N LEU K 493 3.90 -43.85 38.32
CA LEU K 493 4.09 -42.62 37.59
C LEU K 493 4.29 -42.93 36.12
N SER K 494 4.60 -44.20 35.86
CA SER K 494 4.73 -44.68 34.50
C SER K 494 3.34 -44.86 33.92
N LEU K 495 2.35 -44.83 34.80
CA LEU K 495 0.95 -44.98 34.43
C LEU K 495 0.22 -43.65 34.41
N ARG K 496 0.26 -42.95 35.54
CA ARG K 496 -0.47 -41.71 35.71
C ARG K 496 0.05 -40.68 34.74
N HIS K 497 1.34 -40.77 34.44
CA HIS K 497 1.87 -40.18 33.23
C HIS K 497 2.05 -41.31 32.23
N GLY K 498 1.98 -40.99 30.95
CA GLY K 498 2.01 -42.03 29.93
C GLY K 498 3.40 -42.61 29.75
N LYS K 499 4.40 -41.92 30.29
CA LYS K 499 5.78 -42.33 30.14
C LYS K 499 6.58 -42.10 31.41
N LYS K 500 7.58 -42.94 31.61
CA LYS K 500 8.50 -42.78 32.74
C LYS K 500 9.29 -41.47 32.59
N ASP K 501 9.38 -40.70 33.66
CA ASP K 501 9.87 -39.31 33.59
C ASP K 501 10.28 -38.77 34.95
N PHE K 502 9.64 -39.30 35.99
CA PHE K 502 9.79 -38.77 37.34
C PHE K 502 11.24 -38.85 37.82
N PHE K 503 11.91 -39.94 37.45
CA PHE K 503 13.37 -40.07 37.59
C PHE K 503 13.91 -39.63 38.94
N THR K 504 13.16 -39.97 39.99
CA THR K 504 13.45 -39.53 41.35
C THR K 504 14.65 -40.25 41.96
N TRP K 505 15.32 -39.57 42.89
CA TRP K 505 16.43 -40.17 43.61
C TRP K 505 16.00 -40.86 44.90
N ASN K 506 16.58 -42.03 45.16
CA ASN K 506 16.19 -42.86 46.29
C ASN K 506 16.46 -42.26 47.66
N MET K 507 15.51 -42.51 48.57
CA MET K 507 15.56 -42.01 49.93
C MET K 507 16.08 -43.07 50.89
N ASP K 508 16.41 -42.63 52.10
CA ASP K 508 16.45 -43.51 53.28
C ASP K 508 17.44 -44.68 53.18
N GLY K 509 17.52 -45.30 52.01
CA GLY K 509 18.43 -46.42 51.82
C GLY K 509 19.86 -45.97 52.02
N VAL K 510 20.14 -44.74 51.59
CA VAL K 510 21.44 -44.16 51.86
C VAL K 510 21.62 -43.97 53.36
N LEU K 511 20.55 -43.61 54.05
CA LEU K 511 20.59 -43.54 55.49
C LEU K 511 20.82 -44.92 56.07
N LYS K 512 20.25 -45.92 55.40
CA LYS K 512 20.36 -47.28 55.88
C LYS K 512 21.82 -47.70 55.85
N THR K 513 22.44 -47.53 54.68
CA THR K 513 23.82 -47.96 54.51
C THR K 513 24.79 -47.15 55.34
N VAL K 514 24.55 -45.84 55.51
CA VAL K 514 25.47 -45.08 56.33
C VAL K 514 25.30 -45.47 57.79
N GLU K 515 24.09 -45.87 58.17
CA GLU K 515 23.86 -46.37 59.51
C GLU K 515 24.63 -47.66 59.74
N LYS K 516 24.61 -48.54 58.75
CA LYS K 516 25.37 -49.77 58.83
C LYS K 516 26.85 -49.45 58.91
N THR K 517 27.24 -48.37 58.24
CA THR K 517 28.64 -47.99 58.19
C THR K 517 29.11 -47.52 59.55
N THR K 518 28.33 -46.63 60.15
CA THR K 518 28.72 -46.02 61.41
C THR K 518 28.68 -47.07 62.51
N ARG K 519 27.64 -47.90 62.49
CA ARG K 519 27.55 -48.95 63.49
C ARG K 519 28.70 -49.92 63.29
N THR K 520 29.14 -50.06 62.04
CA THR K 520 30.27 -50.94 61.74
C THR K 520 31.52 -50.36 62.37
N LEU K 521 31.64 -49.04 62.33
CA LEU K 521 32.77 -48.39 62.94
C LEU K 521 32.72 -48.60 64.45
N GLN K 522 31.50 -48.62 64.97
CA GLN K 522 31.30 -48.88 66.38
C GLN K 522 31.78 -50.28 66.68
N LEU K 523 31.54 -51.18 65.73
CA LEU K 523 31.90 -52.57 65.91
C LEU K 523 33.40 -52.71 65.97
N PHE K 524 34.08 -52.12 65.02
CA PHE K 524 35.54 -52.22 64.97
C PHE K 524 36.14 -51.64 66.23
N LEU K 525 35.77 -50.39 66.52
CA LEU K 525 36.36 -49.66 67.63
C LEU K 525 36.11 -50.35 68.96
N THR K 526 34.84 -50.58 69.25
CA THR K 526 34.48 -51.15 70.54
C THR K 526 35.02 -52.55 70.68
N LEU K 527 35.06 -53.31 69.59
CA LEU K 527 35.51 -54.68 69.70
C LEU K 527 37.00 -54.75 69.95
N VAL K 528 37.79 -54.00 69.19
CA VAL K 528 39.23 -54.05 69.40
C VAL K 528 39.57 -53.51 70.77
N ALA K 529 38.80 -52.52 71.22
CA ALA K 529 39.04 -51.94 72.52
C ALA K 529 38.81 -52.98 73.59
N VAL K 530 37.64 -53.60 73.55
CA VAL K 530 37.26 -54.57 74.56
C VAL K 530 38.19 -55.77 74.56
N ILE K 531 38.64 -56.17 73.37
CA ILE K 531 39.57 -57.29 73.27
C ILE K 531 40.87 -56.92 73.96
N SER K 532 41.32 -55.70 73.73
CA SER K 532 42.55 -55.24 74.35
C SER K 532 42.42 -55.21 75.87
N LEU K 533 41.22 -54.87 76.32
CA LEU K 533 40.94 -54.77 77.74
C LEU K 533 40.90 -56.16 78.38
N VAL K 534 40.39 -57.12 77.63
CA VAL K 534 40.41 -58.50 78.08
C VAL K 534 41.84 -58.97 78.18
N VAL K 535 42.66 -58.50 77.24
CA VAL K 535 44.07 -58.81 77.28
C VAL K 535 44.67 -58.20 78.54
N GLY K 536 44.11 -57.08 78.96
CA GLY K 536 44.54 -56.47 80.20
C GLY K 536 44.13 -57.34 81.37
N GLY K 537 43.00 -58.03 81.23
CA GLY K 537 42.51 -58.87 82.31
C GLY K 537 43.18 -60.23 82.37
N ILE K 538 43.86 -60.62 81.31
CA ILE K 538 44.41 -61.96 81.20
C ILE K 538 45.48 -62.26 82.26
N GLY K 539 46.24 -61.25 82.64
CA GLY K 539 47.38 -61.48 83.51
C GLY K 539 46.93 -61.77 84.91
N VAL K 540 45.67 -61.45 85.18
CA VAL K 540 45.08 -61.73 86.47
C VAL K 540 45.10 -63.23 86.70
N MET K 541 44.97 -63.98 85.61
CA MET K 541 45.05 -65.43 85.69
C MET K 541 46.43 -65.84 86.15
N ASN K 542 47.44 -65.13 85.66
CA ASN K 542 48.80 -65.41 86.05
C ASN K 542 48.95 -65.12 87.54
N ILE K 543 48.27 -64.07 87.98
CA ILE K 543 48.37 -63.61 89.35
C ILE K 543 47.81 -64.67 90.27
N MET K 544 46.61 -65.14 89.93
CA MET K 544 45.94 -66.15 90.72
C MET K 544 46.73 -67.43 90.71
N LEU K 545 47.36 -67.69 89.57
CA LEU K 545 48.17 -68.89 89.43
C LEU K 545 49.32 -68.83 90.41
N VAL K 546 49.88 -67.64 90.56
CA VAL K 546 50.96 -67.44 91.50
C VAL K 546 50.46 -67.63 92.92
N SER K 547 49.28 -67.08 93.18
CA SER K 547 48.74 -67.10 94.53
C SER K 547 48.51 -68.52 94.97
N VAL K 548 47.88 -69.30 94.09
CA VAL K 548 47.61 -70.70 94.37
C VAL K 548 48.92 -71.46 94.48
N THR K 549 49.90 -71.04 93.69
CA THR K 549 51.20 -71.71 93.71
C THR K 549 51.79 -71.54 95.09
N GLU K 550 51.54 -70.39 95.69
CA GLU K 550 51.96 -70.11 97.05
C GLU K 550 51.19 -70.95 98.05
N ARG K 551 49.98 -71.34 97.66
CA ARG K 551 49.05 -72.00 98.56
C ARG K 551 49.28 -73.50 98.61
N THR K 552 50.35 -73.95 97.98
CA THR K 552 50.59 -75.37 97.77
C THR K 552 50.46 -76.18 99.06
N ARG K 553 51.16 -75.74 100.10
CA ARG K 553 51.03 -76.39 101.39
C ARG K 553 49.64 -76.18 101.97
N GLU K 554 49.04 -75.02 101.71
CA GLU K 554 47.68 -74.76 102.13
C GLU K 554 46.73 -75.68 101.38
N ILE K 555 47.09 -75.94 100.13
CA ILE K 555 46.31 -76.86 99.32
C ILE K 555 46.38 -78.23 99.97
N GLY K 556 47.54 -78.55 100.50
CA GLY K 556 47.72 -79.84 101.12
C GLY K 556 46.99 -79.98 102.44
N ILE K 557 46.94 -78.90 103.21
CA ILE K 557 46.23 -78.97 104.49
C ILE K 557 44.73 -78.96 104.26
N ARG K 558 44.31 -78.40 103.12
CA ARG K 558 42.90 -78.38 102.77
C ARG K 558 42.45 -79.73 102.26
N MET K 559 43.30 -80.38 101.47
CA MET K 559 42.99 -81.73 101.04
C MET K 559 43.08 -82.67 102.24
N ALA K 560 43.91 -82.28 103.20
CA ALA K 560 44.11 -83.06 104.42
C ALA K 560 42.85 -83.13 105.25
N VAL K 561 42.03 -82.09 105.16
CA VAL K 561 40.77 -82.07 105.88
C VAL K 561 39.64 -82.55 104.97
N GLY K 562 40.02 -83.28 103.94
CA GLY K 562 39.06 -84.00 103.12
C GLY K 562 38.26 -83.19 102.11
N ALA K 563 38.85 -82.08 101.66
CA ALA K 563 38.21 -81.28 100.62
C ALA K 563 38.06 -82.06 99.33
N ARG K 564 36.94 -81.88 98.65
CA ARG K 564 36.73 -82.47 97.32
C ARG K 564 37.62 -81.76 96.31
N ALA K 565 38.06 -82.50 95.30
CA ALA K 565 38.97 -81.94 94.30
C ALA K 565 38.31 -80.77 93.57
N SER K 566 37.00 -80.83 93.45
CA SER K 566 36.24 -79.73 92.86
C SER K 566 36.31 -78.48 93.69
N ASP K 567 36.38 -78.66 95.02
CA ASP K 567 36.16 -77.56 95.95
C ASP K 567 37.18 -76.44 95.84
N VAL K 568 38.41 -76.79 95.53
CA VAL K 568 39.44 -75.79 95.38
C VAL K 568 39.18 -74.95 94.14
N LEU K 569 38.77 -75.62 93.06
CA LEU K 569 38.42 -74.92 91.84
C LEU K 569 37.25 -73.99 92.12
N GLN K 570 36.38 -74.46 93.00
CA GLN K 570 35.20 -73.70 93.39
C GLN K 570 35.65 -72.42 94.03
N GLN K 571 36.30 -72.52 95.18
CA GLN K 571 36.63 -71.36 95.98
C GLN K 571 37.55 -70.40 95.24
N PHE K 572 38.47 -70.95 94.48
CA PHE K 572 39.48 -70.12 93.83
C PHE K 572 38.85 -69.36 92.67
N LEU K 573 38.10 -70.07 91.85
CA LEU K 573 37.46 -69.43 90.71
C LEU K 573 36.44 -68.40 91.18
N ILE K 574 35.76 -68.73 92.28
CA ILE K 574 34.79 -67.81 92.83
C ILE K 574 35.48 -66.56 93.33
N GLU K 575 36.67 -66.73 93.90
CA GLU K 575 37.42 -65.58 94.35
C GLU K 575 37.86 -64.72 93.19
N ALA K 576 38.25 -65.38 92.10
CA ALA K 576 38.74 -64.67 90.93
C ALA K 576 37.63 -63.85 90.30
N VAL K 577 36.51 -64.50 90.04
CA VAL K 577 35.38 -63.82 89.42
C VAL K 577 34.84 -62.77 90.37
N LEU K 578 35.04 -62.99 91.68
CA LEU K 578 34.70 -62.00 92.67
C LEU K 578 35.51 -60.74 92.44
N VAL K 579 36.81 -60.92 92.22
CA VAL K 579 37.66 -59.78 91.96
C VAL K 579 37.22 -59.10 90.68
N CYS K 580 36.77 -59.92 89.73
CA CYS K 580 36.32 -59.40 88.45
C CYS K 580 35.08 -58.54 88.62
N LEU K 581 34.23 -58.92 89.56
CA LEU K 581 32.96 -58.23 89.72
C LEU K 581 33.11 -56.98 90.56
N VAL K 582 33.91 -57.04 91.61
CA VAL K 582 34.16 -55.85 92.40
C VAL K 582 34.95 -54.82 91.58
N GLY K 583 35.82 -55.32 90.71
CA GLY K 583 36.57 -54.45 89.84
C GLY K 583 35.65 -53.93 88.76
N GLY K 584 34.58 -54.68 88.49
CA GLY K 584 33.57 -54.26 87.55
C GLY K 584 32.67 -53.20 88.14
N ALA K 585 32.52 -53.23 89.45
CA ALA K 585 31.67 -52.28 90.14
C ALA K 585 32.39 -50.95 90.30
N LEU K 586 33.65 -51.04 90.74
CA LEU K 586 34.44 -49.83 90.83
C LEU K 586 34.70 -49.28 89.44
N GLY K 587 34.78 -50.19 88.47
CA GLY K 587 35.04 -49.81 87.10
C GLY K 587 33.88 -49.07 86.49
N ILE K 588 32.69 -49.62 86.63
CA ILE K 588 31.50 -48.94 86.13
C ILE K 588 31.30 -47.64 86.88
N THR K 589 31.71 -47.63 88.14
CA THR K 589 31.57 -46.43 88.96
C THR K 589 32.41 -45.31 88.37
N LEU K 590 33.67 -45.63 88.11
CA LEU K 590 34.58 -44.65 87.52
C LEU K 590 34.09 -44.25 86.14
N SER K 591 33.51 -45.20 85.43
CA SER K 591 32.99 -44.93 84.09
C SER K 591 31.87 -43.90 84.17
N LEU K 592 31.04 -44.02 85.19
CA LEU K 592 29.97 -43.06 85.42
C LEU K 592 30.57 -41.72 85.81
N LEU K 593 31.70 -41.76 86.50
CA LEU K 593 32.38 -40.53 86.87
C LEU K 593 32.82 -39.81 85.61
N ILE K 594 33.28 -40.60 84.65
CA ILE K 594 33.65 -40.06 83.35
C ILE K 594 32.42 -39.55 82.64
N ALA K 595 31.28 -40.18 82.91
CA ALA K 595 30.04 -39.82 82.24
C ALA K 595 29.61 -38.43 82.66
N PHE K 596 29.61 -38.18 83.97
CA PHE K 596 29.31 -36.85 84.48
C PHE K 596 30.40 -35.89 84.06
N THR K 597 31.61 -36.41 83.93
CA THR K 597 32.76 -35.60 83.55
C THR K 597 32.53 -35.03 82.15
N LEU K 598 31.88 -35.82 81.31
CA LEU K 598 31.53 -35.35 79.98
C LEU K 598 30.20 -34.62 79.97
N GLN K 599 29.42 -34.75 81.04
CA GLN K 599 28.29 -33.87 81.21
C GLN K 599 28.81 -32.47 81.43
N LEU K 600 29.98 -32.39 82.07
CA LEU K 600 30.65 -31.11 82.31
C LEU K 600 31.09 -30.50 80.99
N PHE K 601 31.42 -31.35 80.04
CA PHE K 601 31.76 -30.90 78.69
C PHE K 601 30.69 -31.36 77.72
N LEU K 602 29.58 -30.65 77.68
CA LEU K 602 28.46 -31.06 76.85
C LEU K 602 28.04 -29.92 75.95
N PRO K 603 28.76 -29.73 74.84
CA PRO K 603 28.36 -28.77 73.81
C PRO K 603 27.28 -29.38 72.92
N GLY K 604 26.21 -29.84 73.55
CA GLY K 604 25.17 -30.58 72.86
C GLY K 604 25.52 -32.05 72.78
N TRP K 605 26.65 -32.42 73.35
CA TRP K 605 27.10 -33.80 73.33
C TRP K 605 26.38 -34.59 74.41
N GLU K 606 25.10 -34.84 74.17
CA GLU K 606 24.20 -35.38 75.19
C GLU K 606 24.58 -36.77 75.68
N ILE K 607 24.48 -36.95 77.00
CA ILE K 607 24.70 -38.23 77.66
C ILE K 607 23.49 -39.15 77.46
N GLY K 608 23.73 -40.46 77.47
CA GLY K 608 22.66 -41.44 77.37
C GLY K 608 23.04 -42.80 77.94
N PHE K 609 22.43 -43.16 79.06
CA PHE K 609 22.70 -44.44 79.71
C PHE K 609 22.21 -45.62 78.88
N SER K 610 22.96 -46.72 78.95
CA SER K 610 22.60 -47.94 78.25
C SER K 610 22.74 -49.15 79.16
N PRO K 611 21.77 -49.34 80.07
CA PRO K 611 21.85 -50.32 81.16
C PRO K 611 22.06 -51.74 80.67
N LEU K 612 21.53 -52.06 79.50
CA LEU K 612 21.76 -53.37 78.92
C LEU K 612 23.25 -53.58 78.66
N ALA K 613 23.94 -52.52 78.25
CA ALA K 613 25.37 -52.59 78.05
C ALA K 613 26.08 -52.75 79.39
N LEU K 614 25.46 -52.22 80.43
CA LEU K 614 26.00 -52.31 81.77
C LEU K 614 25.99 -53.76 82.24
N LEU K 615 24.83 -54.38 82.14
CA LEU K 615 24.70 -55.77 82.55
C LEU K 615 25.52 -56.71 81.65
N LEU K 616 25.62 -56.37 80.37
CA LEU K 616 26.47 -57.15 79.47
C LEU K 616 27.93 -57.01 79.85
N ALA K 617 28.31 -55.84 80.36
CA ALA K 617 29.66 -55.64 80.85
C ALA K 617 29.89 -56.48 82.08
N PHE K 618 28.85 -56.61 82.90
CA PHE K 618 28.95 -57.39 84.12
C PHE K 618 29.17 -58.86 83.79
N LEU K 619 28.33 -59.37 82.90
CA LEU K 619 28.40 -60.76 82.50
C LEU K 619 29.70 -61.01 81.76
N CYS K 620 30.19 -59.99 81.07
CA CYS K 620 31.45 -60.12 80.35
C CYS K 620 32.61 -60.25 81.35
N SER K 621 32.55 -59.47 82.41
CA SER K 621 33.56 -59.55 83.45
C SER K 621 33.51 -60.93 84.08
N THR K 622 32.29 -61.45 84.17
CA THR K 622 32.09 -62.76 84.77
C THR K 622 32.71 -63.85 83.91
N VAL K 623 32.36 -63.86 82.63
CA VAL K 623 32.81 -64.91 81.73
C VAL K 623 34.32 -64.83 81.51
N THR K 624 34.87 -63.63 81.53
CA THR K 624 36.32 -63.50 81.49
C THR K 624 36.91 -64.05 82.76
N GLY K 625 36.16 -63.89 83.85
CA GLY K 625 36.62 -64.36 85.14
C GLY K 625 36.73 -65.86 85.16
N ILE K 626 35.68 -66.55 84.74
CA ILE K 626 35.74 -68.01 84.68
C ILE K 626 36.75 -68.44 83.62
N LEU K 627 36.87 -67.65 82.56
CA LEU K 627 37.77 -67.99 81.47
C LEU K 627 39.20 -68.02 81.95
N PHE K 628 39.51 -67.14 82.89
CA PHE K 628 40.87 -67.06 83.38
C PHE K 628 41.10 -68.01 84.54
N GLY K 629 40.14 -68.09 85.46
CA GLY K 629 40.33 -68.86 86.68
C GLY K 629 40.04 -70.35 86.55
N TRP K 630 39.50 -70.78 85.42
CA TRP K 630 39.11 -72.17 85.28
C TRP K 630 40.30 -73.12 85.29
N LEU K 631 41.15 -73.01 84.27
CA LEU K 631 42.25 -73.94 84.07
C LEU K 631 43.26 -74.05 85.22
N PRO K 632 43.80 -72.92 85.72
CA PRO K 632 44.81 -73.07 86.76
C PRO K 632 44.33 -73.82 88.00
N ALA K 633 43.08 -73.57 88.38
CA ALA K 633 42.53 -74.21 89.56
C ALA K 633 42.10 -75.62 89.23
N ARG K 634 41.95 -75.90 87.94
CA ARG K 634 41.74 -77.25 87.48
C ARG K 634 43.01 -78.05 87.70
N ASN K 635 44.13 -77.42 87.38
CA ASN K 635 45.43 -78.01 87.62
C ASN K 635 45.65 -78.17 89.10
N ALA K 636 45.09 -77.24 89.86
CA ALA K 636 45.12 -77.35 91.31
C ALA K 636 44.31 -78.55 91.76
N ALA K 637 43.22 -78.83 91.05
CA ALA K 637 42.37 -79.97 91.36
C ALA K 637 43.10 -81.26 91.03
N ARG K 638 44.00 -81.18 90.05
CA ARG K 638 44.79 -82.33 89.64
C ARG K 638 45.73 -82.79 90.75
N LEU K 639 46.11 -81.85 91.61
CA LEU K 639 47.18 -82.07 92.58
C LEU K 639 46.85 -83.09 93.68
N ASP K 640 47.85 -83.89 94.04
CA ASP K 640 47.78 -84.78 95.20
C ASP K 640 48.06 -84.05 96.51
N PRO K 641 47.34 -84.41 97.59
CA PRO K 641 47.64 -83.85 98.90
C PRO K 641 49.06 -84.15 99.34
N VAL K 642 49.55 -85.32 98.91
CA VAL K 642 50.84 -85.84 99.36
C VAL K 642 51.97 -84.91 98.99
N ASP K 643 52.05 -84.59 97.70
CA ASP K 643 53.08 -83.71 97.21
C ASP K 643 52.86 -82.31 97.76
N ALA K 644 51.60 -81.99 98.06
CA ALA K 644 51.26 -80.67 98.56
C ALA K 644 51.64 -80.51 100.02
N LEU K 645 51.97 -81.62 100.67
CA LEU K 645 52.35 -81.59 102.07
C LEU K 645 53.82 -81.90 102.29
N ALA K 646 54.24 -83.09 101.88
CA ALA K 646 55.59 -83.58 102.17
C ALA K 646 56.68 -82.73 101.53
N ARG K 647 56.34 -82.07 100.42
CA ARG K 647 57.31 -81.26 99.69
C ARG K 647 57.75 -80.07 100.52
N GLU K 648 59.03 -79.72 100.40
CA GLU K 648 59.62 -78.65 101.19
C GLU K 648 60.31 -77.62 100.32
#